data_2LT9
#
_entry.id   2LT9
#
_entity_poly.entity_id   1
_entity_poly.type   'polypeptide(L)'
_entity_poly.pdbx_seq_one_letter_code
;MASHHHHHHHAGIFTFECDTIHVSESIGVMEVKVLRTSGARGTVIVPFRTVEGTAKGGGEDFEDAYGELEFKNDETVKTI
RVKIVDEEEYERQENFFIALGEPKWMERGISEVTDRKLTVEEEEAKRIAEMGKPVLGEHPKLEVIIEESYEFKSTVD
;
_entity_poly.pdbx_strand_id   A
#
# COMPACT_ATOMS: atom_id res chain seq x y z
N HIS A 10 -15.78 3.60 -9.07
CA HIS A 10 -14.65 2.79 -9.52
C HIS A 10 -13.95 2.13 -8.36
N ALA A 11 -13.11 1.16 -8.67
CA ALA A 11 -12.31 0.48 -7.65
C ALA A 11 -11.54 1.52 -6.82
N GLY A 12 -11.55 1.35 -5.51
CA GLY A 12 -11.09 2.39 -4.62
C GLY A 12 -9.63 2.80 -4.65
N ILE A 13 -9.41 4.00 -4.14
CA ILE A 13 -8.08 4.55 -3.93
C ILE A 13 -7.45 3.78 -2.79
N PHE A 14 -6.17 3.49 -2.89
CA PHE A 14 -5.42 2.82 -1.80
C PHE A 14 -4.38 3.76 -1.25
N THR A 15 -4.33 3.86 0.07
CA THR A 15 -3.47 4.82 0.73
C THR A 15 -3.19 4.29 2.14
N PHE A 16 -2.18 4.82 2.79
CA PHE A 16 -1.85 4.44 4.16
C PHE A 16 -2.39 5.51 5.09
N GLU A 17 -2.34 5.19 6.37
CA GLU A 17 -2.82 6.06 7.44
C GLU A 17 -2.01 7.34 7.63
N CYS A 18 -0.69 7.20 7.65
CA CYS A 18 0.21 8.29 8.01
C CYS A 18 1.33 8.39 6.99
N ASP A 19 2.12 9.44 7.08
CA ASP A 19 3.29 9.61 6.22
C ASP A 19 4.58 9.31 6.97
N THR A 20 4.53 9.32 8.30
CA THR A 20 5.70 9.20 9.13
C THR A 20 5.38 8.36 10.37
N ILE A 21 6.27 7.44 10.66
CA ILE A 21 6.20 6.51 11.79
C ILE A 21 7.62 6.29 12.36
N HIS A 22 7.72 5.81 13.59
CA HIS A 22 8.99 5.40 14.17
C HIS A 22 8.86 3.98 14.72
N VAL A 23 9.82 3.14 14.42
CA VAL A 23 9.93 1.82 15.09
C VAL A 23 11.32 1.71 15.70
N SER A 24 11.59 0.56 16.32
CA SER A 24 12.91 0.22 16.84
C SER A 24 13.10 -1.19 16.31
N GLU A 25 14.32 -1.68 16.23
CA GLU A 25 14.59 -3.03 15.72
C GLU A 25 13.81 -4.09 16.50
N SER A 26 13.80 -3.89 17.80
CA SER A 26 13.24 -4.80 18.77
C SER A 26 11.72 -4.98 18.69
N ILE A 27 11.07 -4.23 17.82
CA ILE A 27 9.66 -4.39 17.57
C ILE A 27 9.41 -5.75 16.91
N GLY A 28 10.42 -6.27 16.22
CA GLY A 28 10.26 -7.54 15.54
C GLY A 28 9.70 -7.36 14.15
N VAL A 29 8.48 -6.84 14.07
CA VAL A 29 7.85 -6.63 12.78
C VAL A 29 6.93 -5.41 12.82
N MET A 30 7.15 -4.52 11.88
CA MET A 30 6.41 -3.28 11.76
C MET A 30 5.13 -3.51 10.94
N GLU A 31 4.10 -2.71 11.17
CA GLU A 31 2.88 -2.78 10.36
C GLU A 31 2.36 -1.42 9.97
N VAL A 32 1.82 -1.34 8.75
CA VAL A 32 1.11 -0.17 8.28
C VAL A 32 -0.29 -0.65 7.98
N LYS A 33 -1.29 0.17 8.22
CA LYS A 33 -2.65 -0.19 7.83
C LYS A 33 -2.89 0.46 6.48
N VAL A 34 -3.41 -0.32 5.56
CA VAL A 34 -3.71 0.15 4.22
C VAL A 34 -5.22 0.31 4.12
N LEU A 35 -5.66 1.51 3.80
CA LEU A 35 -7.07 1.81 3.72
C LEU A 35 -7.50 1.87 2.26
N ARG A 36 -8.80 1.73 2.05
CA ARG A 36 -9.39 1.74 0.72
C ARG A 36 -10.70 2.52 0.81
N THR A 37 -10.92 3.44 -0.11
CA THR A 37 -12.13 4.29 -0.06
C THR A 37 -13.39 3.49 -0.46
N SER A 38 -14.54 4.16 -0.48
CA SER A 38 -15.85 3.57 -0.81
C SER A 38 -15.99 3.10 -2.26
N GLY A 39 -14.89 3.23 -2.98
CA GLY A 39 -14.74 2.68 -4.32
C GLY A 39 -14.57 1.17 -4.28
N ALA A 40 -14.70 0.59 -3.11
CA ALA A 40 -14.48 -0.84 -2.89
C ALA A 40 -15.53 -1.76 -3.50
N ARG A 41 -15.65 -1.72 -4.82
CA ARG A 41 -16.57 -2.57 -5.55
C ARG A 41 -15.72 -3.67 -6.14
N GLY A 42 -15.95 -4.89 -5.69
CA GLY A 42 -15.17 -6.03 -6.15
C GLY A 42 -13.86 -6.18 -5.42
N THR A 43 -13.06 -7.14 -5.88
CA THR A 43 -11.79 -7.47 -5.28
C THR A 43 -10.68 -6.90 -6.14
N VAL A 44 -9.76 -6.27 -5.47
CA VAL A 44 -8.57 -5.67 -6.06
C VAL A 44 -7.39 -6.27 -5.31
N ILE A 45 -6.31 -6.58 -6.01
CA ILE A 45 -5.09 -7.07 -5.39
C ILE A 45 -4.09 -5.92 -5.45
N VAL A 46 -3.34 -5.70 -4.40
CA VAL A 46 -2.36 -4.58 -4.36
C VAL A 46 -1.00 -5.02 -3.82
N PRO A 47 0.05 -4.98 -4.63
CA PRO A 47 1.40 -5.24 -4.12
C PRO A 47 2.01 -4.13 -3.32
N PHE A 48 2.97 -4.51 -2.49
CA PHE A 48 3.77 -3.58 -1.72
C PHE A 48 5.19 -4.10 -1.74
N ARG A 49 6.14 -3.25 -1.35
CA ARG A 49 7.54 -3.66 -1.22
C ARG A 49 8.29 -2.66 -0.35
N THR A 50 9.32 -3.10 0.33
CA THR A 50 10.10 -2.25 1.22
C THR A 50 11.12 -1.43 0.40
N VAL A 51 11.22 -0.15 0.71
CA VAL A 51 12.04 0.80 -0.04
C VAL A 51 12.86 1.56 0.98
N GLU A 52 14.13 1.28 1.05
CA GLU A 52 15.00 2.04 1.95
C GLU A 52 15.24 3.43 1.38
N GLY A 53 15.54 4.36 2.28
CA GLY A 53 15.90 5.71 1.90
C GLY A 53 17.38 5.79 2.13
N THR A 54 17.76 5.85 3.40
CA THR A 54 19.13 5.50 3.77
C THR A 54 19.07 4.29 4.71
N ALA A 55 19.53 3.14 4.23
CA ALA A 55 19.66 1.94 5.05
C ALA A 55 20.59 1.00 4.29
N LYS A 56 20.80 -0.21 4.79
CA LYS A 56 21.65 -1.15 4.07
C LYS A 56 20.75 -2.04 3.18
N GLY A 57 19.55 -2.33 3.67
CA GLY A 57 18.56 -3.08 2.92
C GLY A 57 18.80 -4.57 2.80
N GLY A 58 17.91 -5.25 2.09
CA GLY A 58 18.07 -6.68 1.85
C GLY A 58 17.58 -7.46 3.04
N GLY A 59 18.52 -7.95 3.85
CA GLY A 59 18.19 -8.61 5.10
C GLY A 59 18.92 -7.93 6.25
N GLU A 60 19.48 -6.76 5.97
CA GLU A 60 20.50 -6.18 6.85
C GLU A 60 20.06 -5.17 7.92
N ASP A 61 19.14 -4.25 7.60
CA ASP A 61 18.52 -3.41 8.63
C ASP A 61 17.03 -3.75 8.74
N PHE A 62 16.52 -4.33 7.67
CA PHE A 62 15.22 -4.97 7.67
C PHE A 62 15.29 -6.09 6.66
N GLU A 63 14.25 -6.90 6.62
CA GLU A 63 14.07 -7.86 5.52
C GLU A 63 13.16 -7.24 4.48
N ASP A 64 13.60 -7.24 3.23
CA ASP A 64 12.82 -6.69 2.13
C ASP A 64 11.57 -7.49 1.99
N ALA A 65 10.51 -6.80 2.34
CA ALA A 65 9.23 -7.39 2.52
C ALA A 65 8.28 -6.94 1.43
N TYR A 66 8.03 -7.84 0.50
CA TYR A 66 7.16 -7.55 -0.62
C TYR A 66 6.18 -8.69 -0.83
N GLY A 67 4.95 -8.34 -1.17
CA GLY A 67 3.93 -9.35 -1.41
C GLY A 67 2.72 -8.67 -1.97
N GLU A 68 1.63 -9.41 -2.10
CA GLU A 68 0.37 -8.84 -2.58
C GLU A 68 -0.69 -9.01 -1.51
N LEU A 69 -1.60 -8.06 -1.48
CA LEU A 69 -2.68 -8.02 -0.52
C LEU A 69 -3.96 -8.05 -1.30
N GLU A 70 -4.87 -8.93 -0.96
CA GLU A 70 -6.16 -8.95 -1.63
C GLU A 70 -7.11 -8.10 -0.79
N PHE A 71 -7.83 -7.23 -1.47
CA PHE A 71 -8.82 -6.37 -0.82
C PHE A 71 -10.16 -6.68 -1.45
N LYS A 72 -11.08 -7.17 -0.64
CA LYS A 72 -12.44 -7.47 -1.10
C LYS A 72 -13.33 -6.34 -0.61
N ASN A 73 -14.62 -6.44 -0.91
CA ASN A 73 -15.62 -5.43 -0.57
C ASN A 73 -15.54 -4.78 0.84
N ASP A 74 -15.74 -5.57 1.89
CA ASP A 74 -15.76 -5.03 3.28
C ASP A 74 -14.35 -4.86 3.84
N GLU A 75 -13.47 -5.67 3.28
CA GLU A 75 -12.01 -5.74 3.54
C GLU A 75 -11.15 -4.49 3.38
N THR A 76 -11.77 -3.33 3.36
CA THR A 76 -11.12 -2.09 2.96
C THR A 76 -10.13 -1.59 4.01
N VAL A 77 -9.87 -2.42 5.01
CA VAL A 77 -8.74 -2.22 5.90
C VAL A 77 -7.88 -3.50 5.83
N LYS A 78 -6.59 -3.33 5.65
CA LYS A 78 -5.65 -4.44 5.50
C LYS A 78 -4.34 -3.94 6.07
N THR A 79 -3.34 -4.80 6.18
CA THR A 79 -2.07 -4.41 6.76
C THR A 79 -0.88 -5.01 6.04
N ILE A 80 0.26 -4.34 6.14
CA ILE A 80 1.54 -4.82 5.58
C ILE A 80 2.49 -5.03 6.71
N ARG A 81 3.08 -6.20 6.77
CA ARG A 81 4.07 -6.54 7.81
C ARG A 81 5.47 -6.61 7.22
N VAL A 82 6.40 -5.92 7.87
CA VAL A 82 7.82 -5.93 7.48
C VAL A 82 8.69 -6.26 8.69
N LYS A 83 9.32 -7.43 8.69
CA LYS A 83 10.18 -7.85 9.78
C LYS A 83 11.42 -6.97 9.83
N ILE A 84 11.77 -6.51 11.02
CA ILE A 84 12.96 -5.70 11.23
C ILE A 84 13.98 -6.66 11.79
N VAL A 85 15.24 -6.47 11.44
CA VAL A 85 16.32 -7.30 11.97
C VAL A 85 16.98 -6.53 13.11
N ASP A 86 17.38 -7.25 14.14
CA ASP A 86 17.84 -6.66 15.41
C ASP A 86 19.31 -7.04 15.65
N GLU A 87 20.16 -6.02 15.83
CA GLU A 87 21.59 -6.23 16.07
C GLU A 87 22.09 -5.47 17.31
N GLU A 88 21.36 -4.42 17.72
CA GLU A 88 21.63 -3.65 18.96
C GLU A 88 22.98 -2.88 19.03
N GLU A 89 23.07 -2.00 20.02
CA GLU A 89 24.24 -1.12 20.26
C GLU A 89 24.63 -0.25 19.04
N TYR A 90 23.69 -0.06 18.13
CA TYR A 90 23.97 0.65 16.89
C TYR A 90 24.04 2.18 17.02
N GLU A 91 25.05 2.77 16.40
CA GLU A 91 25.26 4.22 16.45
C GLU A 91 24.59 4.98 15.29
N ARG A 92 23.69 4.33 14.55
CA ARG A 92 23.08 4.96 13.37
C ARG A 92 21.58 4.77 13.25
N GLN A 93 20.90 5.87 12.92
CA GLN A 93 19.47 5.86 12.62
C GLN A 93 19.29 5.26 11.22
N GLU A 94 18.37 4.31 11.08
CA GLU A 94 18.06 3.71 9.77
C GLU A 94 16.71 4.28 9.31
N ASN A 95 16.50 4.35 8.00
CA ASN A 95 15.28 4.96 7.44
C ASN A 95 14.81 4.22 6.19
N PHE A 96 13.54 3.86 6.21
CA PHE A 96 12.94 3.16 5.08
C PHE A 96 11.45 3.44 5.00
N PHE A 97 10.85 3.08 3.89
CA PHE A 97 9.42 3.27 3.67
C PHE A 97 8.92 2.06 2.92
N ILE A 98 7.62 1.93 2.76
CA ILE A 98 7.05 0.82 1.99
C ILE A 98 6.10 1.44 0.98
N ALA A 99 6.37 1.22 -0.29
CA ALA A 99 5.54 1.78 -1.35
C ALA A 99 4.70 0.68 -1.97
N LEU A 100 3.54 1.07 -2.47
CA LEU A 100 2.65 0.15 -3.15
C LEU A 100 3.02 0.12 -4.62
N GLY A 101 2.83 -1.04 -5.23
CA GLY A 101 3.18 -1.23 -6.62
C GLY A 101 2.14 -0.65 -7.56
N GLU A 102 1.13 -1.46 -7.83
CA GLU A 102 0.01 -1.08 -8.70
C GLU A 102 -1.23 -1.84 -8.28
N PRO A 103 -2.30 -1.13 -7.91
CA PRO A 103 -3.52 -1.87 -7.60
C PRO A 103 -4.15 -2.45 -8.87
N LYS A 104 -4.55 -3.72 -8.83
CA LYS A 104 -5.08 -4.41 -10.00
C LYS A 104 -6.41 -5.05 -9.63
N TRP A 105 -7.41 -4.94 -10.47
CA TRP A 105 -8.76 -5.42 -10.15
C TRP A 105 -8.83 -6.88 -10.44
N MET A 106 -8.85 -7.70 -9.40
CA MET A 106 -9.21 -9.05 -9.67
C MET A 106 -10.41 -9.52 -8.86
N GLU A 107 -11.48 -9.09 -9.44
CA GLU A 107 -12.75 -9.74 -9.50
C GLU A 107 -13.30 -9.17 -10.77
N ARG A 108 -13.15 -9.63 -12.01
CA ARG A 108 -13.81 -8.93 -13.20
C ARG A 108 -13.15 -9.41 -14.47
N GLY A 109 -11.83 -9.28 -14.52
CA GLY A 109 -11.10 -9.59 -15.73
C GLY A 109 -11.19 -8.49 -16.76
N ILE A 110 -10.63 -7.32 -16.42
CA ILE A 110 -10.58 -6.20 -17.36
C ILE A 110 -9.77 -6.68 -18.57
N SER A 111 -10.31 -6.47 -19.77
CA SER A 111 -9.67 -6.94 -20.99
C SER A 111 -10.04 -5.96 -22.11
N GLU A 112 -9.49 -6.20 -23.29
CA GLU A 112 -9.75 -5.35 -24.45
C GLU A 112 -11.20 -5.50 -24.91
N VAL A 113 -11.74 -4.43 -25.48
CA VAL A 113 -13.12 -4.41 -25.95
C VAL A 113 -13.21 -5.04 -27.35
N THR A 114 -13.24 -6.36 -27.40
CA THR A 114 -13.38 -7.05 -28.68
C THR A 114 -14.80 -6.83 -29.20
N ASP A 115 -15.77 -6.98 -28.31
CA ASP A 115 -17.17 -6.67 -28.62
C ASP A 115 -17.91 -6.37 -27.32
N ARG A 116 -18.55 -5.21 -27.29
CA ARG A 116 -19.48 -4.82 -26.22
C ARG A 116 -20.54 -3.95 -26.86
N LYS A 117 -21.43 -4.58 -27.62
CA LYS A 117 -22.51 -3.86 -28.27
C LYS A 117 -23.43 -3.27 -27.20
N LEU A 118 -23.49 -1.95 -27.13
CA LEU A 118 -24.23 -1.24 -26.09
C LEU A 118 -24.97 -0.09 -26.75
N THR A 119 -25.68 0.71 -25.96
CA THR A 119 -26.29 1.94 -26.48
C THR A 119 -25.19 3.02 -26.52
N VAL A 120 -25.48 4.17 -27.11
CA VAL A 120 -24.47 5.20 -27.35
C VAL A 120 -23.87 5.71 -26.05
N GLU A 121 -24.74 5.97 -25.09
CA GLU A 121 -24.34 6.50 -23.81
C GLU A 121 -23.39 5.55 -23.11
N GLU A 122 -23.73 4.28 -23.20
CA GLU A 122 -22.98 3.24 -22.55
C GLU A 122 -21.70 2.91 -23.26
N GLU A 123 -21.59 3.28 -24.54
CA GLU A 123 -20.41 2.93 -25.31
C GLU A 123 -19.15 3.42 -24.62
N GLU A 124 -19.13 4.65 -24.12
CA GLU A 124 -18.07 5.00 -23.18
C GLU A 124 -18.45 4.69 -21.72
N ALA A 125 -19.63 5.10 -21.26
CA ALA A 125 -19.93 5.08 -19.83
C ALA A 125 -19.85 3.69 -19.20
N LYS A 126 -20.42 2.70 -19.87
CA LYS A 126 -20.40 1.34 -19.35
C LYS A 126 -19.01 0.77 -19.55
N ARG A 127 -18.39 1.08 -20.68
CA ARG A 127 -17.04 0.60 -20.96
C ARG A 127 -16.06 1.04 -19.88
N ILE A 128 -16.08 2.32 -19.54
CA ILE A 128 -15.20 2.87 -18.51
C ILE A 128 -15.49 2.19 -17.16
N ALA A 129 -16.76 2.01 -16.85
CA ALA A 129 -17.15 1.38 -15.59
C ALA A 129 -16.69 -0.07 -15.53
N GLU A 130 -16.66 -0.73 -16.68
CA GLU A 130 -16.18 -2.10 -16.79
C GLU A 130 -14.67 -2.19 -16.66
N MET A 131 -13.95 -1.09 -16.89
CA MET A 131 -12.50 -1.13 -16.69
C MET A 131 -12.23 -1.02 -15.20
N GLY A 132 -12.98 -0.13 -14.56
CA GLY A 132 -12.99 -0.04 -13.11
C GLY A 132 -11.65 0.22 -12.45
N LYS A 133 -10.67 0.69 -13.22
CA LYS A 133 -9.27 0.69 -12.76
C LYS A 133 -9.01 1.46 -11.45
N PRO A 134 -8.50 0.76 -10.41
CA PRO A 134 -8.11 1.49 -9.20
C PRO A 134 -6.83 2.26 -9.39
N VAL A 135 -6.57 3.16 -8.47
CA VAL A 135 -5.33 3.94 -8.47
C VAL A 135 -4.82 4.15 -7.03
N LEU A 136 -3.56 4.52 -6.89
CA LEU A 136 -3.00 4.88 -5.60
C LEU A 136 -3.51 6.25 -5.17
N GLY A 137 -3.41 6.51 -3.87
CA GLY A 137 -3.92 7.74 -3.28
C GLY A 137 -2.87 8.78 -2.97
N GLU A 138 -3.19 9.61 -1.98
CA GLU A 138 -2.31 10.69 -1.55
C GLU A 138 -1.11 10.18 -0.75
N HIS A 139 -1.33 9.16 0.08
CA HIS A 139 -0.29 8.65 0.98
C HIS A 139 -0.07 7.14 0.83
N PRO A 140 0.22 6.63 -0.37
CA PRO A 140 0.43 5.19 -0.56
C PRO A 140 1.79 4.67 -0.06
N LYS A 141 2.34 5.37 0.91
CA LYS A 141 3.65 5.05 1.47
C LYS A 141 3.73 5.61 2.88
N LEU A 142 4.49 4.96 3.74
CA LEU A 142 4.71 5.41 5.12
C LEU A 142 6.20 5.38 5.39
N GLU A 143 6.76 6.51 5.81
CA GLU A 143 8.18 6.60 6.14
C GLU A 143 8.42 6.21 7.59
N VAL A 144 9.29 5.22 7.78
CA VAL A 144 9.62 4.67 9.09
C VAL A 144 11.06 5.01 9.38
N ILE A 145 11.27 5.46 10.60
CA ILE A 145 12.59 5.76 11.10
C ILE A 145 12.81 4.73 12.19
N ILE A 146 13.98 4.11 12.19
CA ILE A 146 14.35 3.16 13.24
C ILE A 146 15.19 3.99 14.23
N GLU A 147 14.64 4.21 15.42
CA GLU A 147 15.18 5.16 16.40
C GLU A 147 14.52 4.86 17.75
N GLU A 148 15.04 5.41 18.83
CA GLU A 148 14.42 5.26 20.15
C GLU A 148 13.05 5.95 20.16
N SER A 149 12.05 5.26 20.69
CA SER A 149 10.70 5.79 20.89
C SER A 149 10.07 6.41 19.62
N TYR A 150 9.13 7.32 19.83
CA TYR A 150 8.40 7.94 18.74
C TYR A 150 7.93 9.33 19.17
N GLU A 151 7.51 10.12 18.20
CA GLU A 151 6.98 11.46 18.46
C GLU A 151 5.67 11.53 17.68
N PHE A 152 4.65 12.14 18.26
CA PHE A 152 3.35 12.24 17.62
C PHE A 152 2.67 13.53 18.04
N LYS A 153 1.80 14.04 17.18
CA LYS A 153 1.10 15.30 17.42
C LYS A 153 -0.22 15.25 16.68
N SER A 154 -1.16 16.09 17.07
CA SER A 154 -2.46 16.17 16.41
C SER A 154 -2.99 17.58 16.61
N THR A 155 -3.93 17.98 15.77
CA THR A 155 -4.55 19.30 15.84
C THR A 155 -5.85 19.14 15.07
N VAL A 156 -6.81 20.03 15.34
CA VAL A 156 -8.16 20.04 14.74
C VAL A 156 -9.02 18.86 15.27
N ASP A 157 -10.29 19.13 15.50
CA ASP A 157 -11.25 18.15 16.02
C ASP A 157 -11.61 17.11 14.97
N HIS A 10 -16.34 1.97 -9.53
CA HIS A 10 -14.99 2.51 -9.45
C HIS A 10 -14.29 1.97 -8.23
N ALA A 11 -13.32 1.09 -8.43
CA ALA A 11 -12.59 0.46 -7.34
C ALA A 11 -11.88 1.53 -6.49
N GLY A 12 -11.87 1.33 -5.18
CA GLY A 12 -11.36 2.35 -4.28
C GLY A 12 -9.89 2.70 -4.38
N ILE A 13 -9.61 3.96 -4.08
CA ILE A 13 -8.24 4.47 -3.96
C ILE A 13 -7.64 3.84 -2.71
N PHE A 14 -6.38 3.44 -2.79
CA PHE A 14 -5.67 2.88 -1.64
C PHE A 14 -4.59 3.84 -1.16
N THR A 15 -4.48 3.96 0.15
CA THR A 15 -3.55 4.89 0.76
C THR A 15 -3.25 4.37 2.17
N PHE A 16 -2.17 4.83 2.78
CA PHE A 16 -1.84 4.45 4.15
C PHE A 16 -2.34 5.51 5.10
N GLU A 17 -2.30 5.17 6.38
CA GLU A 17 -2.78 6.05 7.45
C GLU A 17 -1.96 7.31 7.62
N CYS A 18 -0.65 7.18 7.49
CA CYS A 18 0.25 8.31 7.68
C CYS A 18 1.36 8.15 6.67
N ASP A 19 2.25 9.14 6.63
CA ASP A 19 3.43 9.09 5.78
C ASP A 19 4.70 9.16 6.62
N THR A 20 4.55 9.19 7.94
CA THR A 20 5.67 9.17 8.87
C THR A 20 5.30 8.27 10.08
N ILE A 21 6.19 7.34 10.38
CA ILE A 21 6.06 6.38 11.49
C ILE A 21 7.48 6.16 12.03
N HIS A 22 7.59 5.66 13.25
CA HIS A 22 8.88 5.25 13.80
C HIS A 22 8.63 3.89 14.43
N VAL A 23 9.57 2.96 14.28
CA VAL A 23 9.51 1.69 15.03
C VAL A 23 10.85 1.48 15.70
N SER A 24 10.88 0.63 16.70
CA SER A 24 12.12 0.21 17.33
C SER A 24 12.34 -1.20 16.82
N GLU A 25 13.58 -1.64 16.71
CA GLU A 25 13.91 -3.02 16.33
C GLU A 25 13.21 -4.03 17.23
N SER A 26 13.04 -3.65 18.48
CA SER A 26 12.44 -4.50 19.50
C SER A 26 10.97 -4.83 19.20
N ILE A 27 10.38 -4.13 18.23
CA ILE A 27 9.01 -4.42 17.82
C ILE A 27 8.96 -5.78 17.12
N GLY A 28 10.05 -6.16 16.46
CA GLY A 28 10.06 -7.40 15.71
C GLY A 28 9.49 -7.26 14.32
N VAL A 29 8.22 -6.87 14.28
CA VAL A 29 7.50 -6.74 13.02
C VAL A 29 6.74 -5.42 12.97
N MET A 30 7.09 -4.60 12.00
CA MET A 30 6.46 -3.30 11.77
C MET A 30 5.16 -3.53 10.99
N GLU A 31 4.21 -2.62 11.14
CA GLU A 31 2.98 -2.70 10.34
C GLU A 31 2.46 -1.35 9.85
N VAL A 32 2.04 -1.31 8.59
CA VAL A 32 1.38 -0.12 8.04
C VAL A 32 -0.05 -0.47 7.75
N LYS A 33 -0.93 0.45 8.09
CA LYS A 33 -2.36 0.24 8.00
C LYS A 33 -2.80 0.80 6.66
N VAL A 34 -3.35 -0.05 5.82
CA VAL A 34 -3.76 0.30 4.45
C VAL A 34 -5.27 0.48 4.38
N LEU A 35 -5.71 1.69 4.05
CA LEU A 35 -7.11 2.03 3.95
C LEU A 35 -7.51 2.19 2.49
N ARG A 36 -8.80 2.13 2.24
CA ARG A 36 -9.35 2.33 0.91
C ARG A 36 -10.52 3.32 1.02
N THR A 37 -10.73 4.14 0.00
CA THR A 37 -11.88 5.10 -0.05
C THR A 37 -13.19 4.34 -0.28
N SER A 38 -14.33 5.02 -0.21
CA SER A 38 -15.66 4.38 -0.40
C SER A 38 -15.96 3.77 -1.80
N GLY A 39 -14.92 3.44 -2.55
CA GLY A 39 -15.05 2.84 -3.86
C GLY A 39 -14.97 1.32 -3.89
N ALA A 40 -15.24 0.63 -2.79
CA ALA A 40 -15.03 -0.84 -2.80
C ALA A 40 -16.04 -1.59 -3.65
N ARG A 41 -15.64 -1.88 -4.87
CA ARG A 41 -16.47 -2.60 -5.82
C ARG A 41 -15.66 -3.78 -6.30
N GLY A 42 -16.04 -4.96 -5.85
CA GLY A 42 -15.36 -6.17 -6.25
C GLY A 42 -14.15 -6.55 -5.43
N THR A 43 -13.29 -7.34 -6.04
CA THR A 43 -12.09 -7.86 -5.41
C THR A 43 -10.90 -7.28 -6.16
N VAL A 44 -9.95 -6.79 -5.40
CA VAL A 44 -8.78 -6.06 -5.90
C VAL A 44 -7.54 -6.66 -5.23
N ILE A 45 -6.41 -6.69 -5.92
CA ILE A 45 -5.16 -7.14 -5.32
C ILE A 45 -4.17 -5.97 -5.39
N VAL A 46 -3.37 -5.76 -4.34
CA VAL A 46 -2.41 -4.64 -4.33
C VAL A 46 -1.01 -5.05 -3.81
N PRO A 47 0.01 -4.99 -4.69
CA PRO A 47 1.39 -5.23 -4.23
C PRO A 47 2.04 -4.13 -3.45
N PHE A 48 3.01 -4.52 -2.65
CA PHE A 48 3.83 -3.60 -1.88
C PHE A 48 5.26 -4.12 -1.86
N ARG A 49 6.22 -3.27 -1.53
CA ARG A 49 7.62 -3.68 -1.34
C ARG A 49 8.34 -2.61 -0.51
N THR A 50 9.38 -3.01 0.21
CA THR A 50 10.10 -2.08 1.09
C THR A 50 11.16 -1.33 0.28
N VAL A 51 11.31 -0.05 0.56
CA VAL A 51 12.15 0.86 -0.21
C VAL A 51 12.93 1.61 0.81
N GLU A 52 14.20 1.39 0.79
CA GLU A 52 15.08 2.01 1.72
C GLU A 52 15.39 3.45 1.31
N GLY A 53 15.62 4.29 2.31
CA GLY A 53 15.91 5.70 2.07
C GLY A 53 17.38 5.92 2.36
N THR A 54 17.72 5.99 3.63
CA THR A 54 19.11 5.79 4.04
C THR A 54 19.04 4.55 4.92
N ALA A 55 19.60 3.46 4.41
CA ALA A 55 19.66 2.20 5.13
C ALA A 55 20.59 1.32 4.32
N LYS A 56 21.13 0.27 4.93
CA LYS A 56 21.90 -0.72 4.21
C LYS A 56 20.89 -1.75 3.67
N GLY A 57 19.73 -1.82 4.32
CA GLY A 57 18.61 -2.61 3.85
C GLY A 57 18.86 -4.09 3.55
N GLY A 58 17.99 -4.66 2.73
CA GLY A 58 18.15 -6.03 2.27
C GLY A 58 17.75 -7.02 3.34
N GLY A 59 18.73 -7.45 4.11
CA GLY A 59 18.50 -8.31 5.26
C GLY A 59 19.06 -7.70 6.54
N GLU A 60 19.56 -6.47 6.51
CA GLU A 60 20.25 -5.88 7.69
C GLU A 60 19.34 -4.99 8.55
N ASP A 61 18.70 -4.03 7.92
CA ASP A 61 17.87 -3.06 8.64
C ASP A 61 16.48 -3.64 8.81
N PHE A 62 16.10 -4.37 7.80
CA PHE A 62 14.83 -5.04 7.74
C PHE A 62 15.05 -6.10 6.70
N GLU A 63 14.17 -7.06 6.65
CA GLU A 63 14.12 -7.97 5.51
C GLU A 63 13.11 -7.35 4.55
N ASP A 64 13.44 -7.29 3.27
CA ASP A 64 12.56 -6.65 2.28
C ASP A 64 11.23 -7.32 2.28
N ALA A 65 10.29 -6.53 2.74
CA ALA A 65 8.95 -6.95 2.93
C ALA A 65 8.12 -6.58 1.73
N TYR A 66 7.83 -7.59 0.94
CA TYR A 66 7.07 -7.44 -0.29
C TYR A 66 6.08 -8.57 -0.48
N GLY A 67 4.98 -8.26 -1.14
CA GLY A 67 3.98 -9.28 -1.43
C GLY A 67 2.77 -8.64 -2.05
N GLU A 68 1.67 -9.36 -2.12
CA GLU A 68 0.42 -8.80 -2.62
C GLU A 68 -0.65 -8.97 -1.55
N LEU A 69 -1.56 -8.01 -1.53
CA LEU A 69 -2.63 -7.98 -0.54
C LEU A 69 -3.96 -8.11 -1.25
N GLU A 70 -4.73 -9.11 -0.89
CA GLU A 70 -6.06 -9.26 -1.45
C GLU A 70 -7.02 -8.37 -0.66
N PHE A 71 -7.75 -7.55 -1.38
CA PHE A 71 -8.76 -6.67 -0.80
C PHE A 71 -10.09 -7.07 -1.41
N LYS A 72 -11.13 -7.12 -0.60
CA LYS A 72 -12.46 -7.48 -1.09
C LYS A 72 -13.40 -6.41 -0.58
N ASN A 73 -14.65 -6.46 -1.02
CA ASN A 73 -15.72 -5.56 -0.59
C ASN A 73 -15.67 -5.08 0.88
N ASP A 74 -15.74 -6.01 1.82
CA ASP A 74 -15.66 -5.69 3.27
C ASP A 74 -14.21 -5.52 3.76
N GLU A 75 -13.35 -6.39 3.22
CA GLU A 75 -11.90 -6.52 3.60
C GLU A 75 -10.99 -5.32 3.34
N THR A 76 -11.59 -4.18 3.15
CA THR A 76 -10.91 -2.98 2.73
C THR A 76 -10.02 -2.34 3.78
N VAL A 77 -9.80 -3.07 4.87
CA VAL A 77 -8.86 -2.67 5.90
C VAL A 77 -7.79 -3.76 5.88
N LYS A 78 -6.54 -3.38 5.70
CA LYS A 78 -5.47 -4.36 5.58
C LYS A 78 -4.18 -3.81 6.13
N THR A 79 -3.17 -4.66 6.23
CA THR A 79 -1.90 -4.27 6.80
C THR A 79 -0.73 -4.92 6.07
N ILE A 80 0.42 -4.26 6.12
CA ILE A 80 1.67 -4.80 5.54
C ILE A 80 2.62 -4.99 6.69
N ARG A 81 3.24 -6.16 6.73
CA ARG A 81 4.18 -6.54 7.79
C ARG A 81 5.60 -6.65 7.25
N VAL A 82 6.57 -6.23 8.04
CA VAL A 82 8.00 -6.28 7.68
C VAL A 82 8.72 -6.79 8.93
N LYS A 83 9.78 -7.59 8.78
CA LYS A 83 10.58 -8.04 9.93
C LYS A 83 11.71 -7.03 10.11
N ILE A 84 11.88 -6.51 11.31
CA ILE A 84 12.96 -5.55 11.60
C ILE A 84 14.12 -6.35 12.14
N VAL A 85 15.27 -6.21 11.51
CA VAL A 85 16.41 -7.07 11.78
C VAL A 85 17.39 -6.50 12.81
N ASP A 86 17.93 -7.41 13.62
CA ASP A 86 18.90 -7.13 14.66
C ASP A 86 20.24 -6.71 14.01
N GLU A 87 20.94 -5.74 14.62
CA GLU A 87 22.18 -5.21 14.05
C GLU A 87 23.37 -6.21 14.06
N GLU A 88 24.22 -6.14 13.03
CA GLU A 88 25.46 -6.94 13.00
C GLU A 88 26.62 -6.24 12.24
N GLU A 89 26.34 -5.60 11.11
CA GLU A 89 27.39 -4.96 10.30
C GLU A 89 27.34 -3.42 10.32
N TYR A 90 26.16 -2.86 10.49
CA TYR A 90 25.97 -1.41 10.35
C TYR A 90 25.68 -0.63 11.63
N GLU A 91 25.85 0.68 11.55
CA GLU A 91 25.58 1.61 12.65
C GLU A 91 24.56 2.63 12.14
N ARG A 92 24.05 3.45 13.08
CA ARG A 92 23.17 4.63 12.85
C ARG A 92 21.68 4.27 12.81
N GLN A 93 20.85 5.26 13.13
CA GLN A 93 19.42 5.22 12.88
C GLN A 93 19.28 5.01 11.38
N GLU A 94 18.48 4.05 10.96
CA GLU A 94 18.25 3.82 9.53
C GLU A 94 16.77 4.08 9.26
N ASN A 95 16.43 4.24 7.99
CA ASN A 95 15.08 4.62 7.58
C ASN A 95 14.68 3.97 6.26
N PHE A 96 13.42 3.59 6.17
CA PHE A 96 12.88 3.02 4.95
C PHE A 96 11.43 3.40 4.82
N PHE A 97 10.84 3.10 3.68
CA PHE A 97 9.43 3.30 3.45
C PHE A 97 8.92 2.09 2.71
N ILE A 98 7.62 1.93 2.56
CA ILE A 98 7.08 0.80 1.80
C ILE A 98 6.15 1.40 0.78
N ALA A 99 6.39 1.14 -0.49
CA ALA A 99 5.58 1.73 -1.55
C ALA A 99 4.75 0.65 -2.19
N LEU A 100 3.58 1.04 -2.64
CA LEU A 100 2.66 0.12 -3.30
C LEU A 100 2.99 0.11 -4.78
N GLY A 101 2.87 -1.06 -5.40
CA GLY A 101 3.12 -1.19 -6.83
C GLY A 101 2.05 -0.49 -7.64
N GLU A 102 0.96 -1.20 -7.86
CA GLU A 102 -0.21 -0.63 -8.51
C GLU A 102 -1.39 -1.52 -8.14
N PRO A 103 -2.49 -0.93 -7.67
CA PRO A 103 -3.63 -1.78 -7.36
C PRO A 103 -4.27 -2.32 -8.66
N LYS A 104 -4.64 -3.59 -8.64
CA LYS A 104 -5.18 -4.25 -9.84
C LYS A 104 -6.48 -4.93 -9.48
N TRP A 105 -7.41 -4.98 -10.39
CA TRP A 105 -8.72 -5.58 -10.11
C TRP A 105 -8.63 -7.07 -10.30
N MET A 106 -8.79 -7.85 -9.24
CA MET A 106 -9.14 -9.21 -9.54
C MET A 106 -10.43 -9.64 -8.87
N GLU A 107 -11.36 -9.21 -9.63
CA GLU A 107 -12.69 -9.60 -9.86
C GLU A 107 -12.72 -9.06 -11.30
N ARG A 108 -13.70 -9.44 -12.13
CA ARG A 108 -13.89 -8.85 -13.49
C ARG A 108 -12.86 -9.34 -14.52
N GLY A 109 -11.61 -9.46 -14.14
CA GLY A 109 -10.57 -9.89 -15.06
C GLY A 109 -10.30 -8.82 -16.09
N ILE A 110 -10.39 -7.58 -15.67
CA ILE A 110 -10.29 -6.46 -16.60
C ILE A 110 -8.91 -6.41 -17.29
N SER A 111 -8.96 -6.09 -18.58
CA SER A 111 -7.76 -5.87 -19.39
C SER A 111 -8.15 -4.79 -20.38
N GLU A 112 -9.29 -5.00 -21.02
CA GLU A 112 -9.94 -4.01 -21.87
C GLU A 112 -11.40 -4.46 -21.83
N VAL A 113 -12.32 -3.61 -22.24
CA VAL A 113 -13.74 -3.96 -22.27
C VAL A 113 -14.29 -3.48 -23.61
N THR A 114 -14.80 -4.43 -24.39
CA THR A 114 -15.22 -4.16 -25.76
C THR A 114 -16.71 -4.42 -25.96
N ASP A 115 -17.20 -4.06 -27.14
CA ASP A 115 -18.59 -4.32 -27.58
C ASP A 115 -19.66 -3.77 -26.62
N ARG A 116 -19.38 -2.62 -26.02
CA ARG A 116 -20.36 -1.95 -25.17
C ARG A 116 -21.11 -0.94 -26.01
N LYS A 117 -21.71 -1.45 -27.06
CA LYS A 117 -22.49 -0.63 -28.00
C LYS A 117 -23.74 -0.13 -27.27
N LEU A 118 -23.81 1.17 -27.11
CA LEU A 118 -24.79 1.83 -26.25
C LEU A 118 -25.10 3.15 -26.93
N THR A 119 -25.87 4.02 -26.28
CA THR A 119 -26.01 5.41 -26.74
C THR A 119 -24.62 5.99 -26.61
N VAL A 120 -24.31 6.96 -27.43
CA VAL A 120 -22.93 7.33 -27.69
C VAL A 120 -22.23 7.89 -26.45
N GLU A 121 -23.02 8.42 -25.53
CA GLU A 121 -22.48 8.92 -24.27
C GLU A 121 -21.98 7.75 -23.45
N GLU A 122 -22.82 6.72 -23.39
CA GLU A 122 -22.53 5.53 -22.59
C GLU A 122 -21.52 4.63 -23.27
N GLU A 123 -21.34 4.76 -24.56
CA GLU A 123 -20.38 3.95 -25.29
C GLU A 123 -18.99 4.14 -24.71
N GLU A 124 -18.62 5.38 -24.39
CA GLU A 124 -17.41 5.58 -23.58
C GLU A 124 -17.72 5.53 -22.08
N ALA A 125 -18.73 6.25 -21.61
CA ALA A 125 -18.93 6.42 -20.17
C ALA A 125 -19.14 5.11 -19.40
N LYS A 126 -19.93 4.21 -19.95
CA LYS A 126 -20.18 2.93 -19.28
C LYS A 126 -18.95 2.06 -19.41
N ARG A 127 -18.33 2.09 -20.57
CA ARG A 127 -17.11 1.34 -20.84
C ARG A 127 -15.98 1.74 -19.89
N ILE A 128 -15.75 3.03 -19.71
CA ILE A 128 -14.73 3.52 -18.80
C ILE A 128 -15.05 3.08 -17.38
N ALA A 129 -16.32 3.16 -17.01
CA ALA A 129 -16.75 2.75 -15.68
C ALA A 129 -16.54 1.25 -15.49
N GLU A 130 -16.71 0.47 -16.55
CA GLU A 130 -16.47 -0.97 -16.51
C GLU A 130 -14.98 -1.32 -16.41
N MET A 131 -14.10 -0.39 -16.75
CA MET A 131 -12.66 -0.62 -16.59
C MET A 131 -12.36 -0.64 -15.09
N GLY A 132 -12.98 0.29 -14.38
CA GLY A 132 -12.98 0.28 -12.92
C GLY A 132 -11.63 0.33 -12.22
N LYS A 133 -10.55 0.63 -12.93
CA LYS A 133 -9.22 0.49 -12.39
C LYS A 133 -8.94 1.30 -11.13
N PRO A 134 -8.56 0.63 -10.03
CA PRO A 134 -8.19 1.40 -8.85
C PRO A 134 -6.87 2.11 -9.06
N VAL A 135 -6.65 3.13 -8.25
CA VAL A 135 -5.40 3.92 -8.29
C VAL A 135 -4.93 4.26 -6.87
N LEU A 136 -3.68 4.69 -6.74
CA LEU A 136 -3.11 5.08 -5.46
C LEU A 136 -3.60 6.45 -4.98
N GLY A 137 -3.49 6.68 -3.69
CA GLY A 137 -3.95 7.91 -3.06
C GLY A 137 -2.91 8.95 -2.72
N GLU A 138 -3.24 9.73 -1.71
CA GLU A 138 -2.39 10.82 -1.23
C GLU A 138 -1.13 10.32 -0.51
N HIS A 139 -1.28 9.26 0.30
CA HIS A 139 -0.16 8.73 1.09
C HIS A 139 0.00 7.21 0.91
N PRO A 140 0.28 6.72 -0.31
CA PRO A 140 0.44 5.28 -0.54
C PRO A 140 1.81 4.73 -0.10
N LYS A 141 2.40 5.38 0.90
CA LYS A 141 3.72 5.06 1.40
C LYS A 141 3.81 5.59 2.81
N LEU A 142 4.54 4.89 3.66
CA LEU A 142 4.71 5.29 5.05
C LEU A 142 6.22 5.24 5.32
N GLU A 143 6.81 6.35 5.75
CA GLU A 143 8.24 6.41 6.06
C GLU A 143 8.46 6.01 7.50
N VAL A 144 9.29 5.00 7.71
CA VAL A 144 9.60 4.46 9.03
C VAL A 144 11.04 4.80 9.31
N ILE A 145 11.29 5.15 10.56
CA ILE A 145 12.61 5.45 11.07
C ILE A 145 12.78 4.44 12.16
N ILE A 146 13.91 3.75 12.18
CA ILE A 146 14.17 2.80 13.25
C ILE A 146 14.90 3.54 14.39
N GLU A 147 14.16 3.72 15.48
CA GLU A 147 14.56 4.56 16.62
C GLU A 147 13.58 4.24 17.76
N GLU A 148 13.95 4.51 19.02
CA GLU A 148 13.04 4.29 20.16
C GLU A 148 11.91 5.34 20.18
N SER A 149 10.89 5.11 19.36
CA SER A 149 9.79 6.04 19.19
C SER A 149 8.65 5.35 18.44
N TYR A 150 7.50 6.03 18.35
CA TYR A 150 6.30 5.47 17.71
C TYR A 150 5.65 6.58 16.88
N GLU A 151 4.67 6.24 16.05
CA GLU A 151 3.95 7.25 15.28
C GLU A 151 3.12 8.17 16.17
N PHE A 152 2.72 9.30 15.62
CA PHE A 152 1.79 10.19 16.31
C PHE A 152 0.41 9.56 16.20
N LYS A 153 -0.47 9.85 17.16
CA LYS A 153 -1.83 9.28 17.15
C LYS A 153 -2.74 9.82 16.04
N SER A 154 -2.19 10.69 15.19
CA SER A 154 -2.91 11.38 14.09
C SER A 154 -4.09 12.17 14.65
N THR A 155 -4.92 12.72 13.78
CA THR A 155 -6.13 13.43 14.23
C THR A 155 -7.10 13.43 13.06
N VAL A 156 -8.38 13.58 13.37
CA VAL A 156 -9.42 13.71 12.36
C VAL A 156 -10.31 14.80 12.91
N ASP A 157 -10.56 15.80 12.10
CA ASP A 157 -11.31 17.00 12.50
C ASP A 157 -12.04 17.43 11.24
N HIS A 10 -16.45 1.09 -10.03
CA HIS A 10 -15.02 1.33 -10.12
C HIS A 10 -14.38 0.77 -8.88
N ALA A 11 -13.07 0.65 -8.90
CA ALA A 11 -12.32 0.24 -7.72
C ALA A 11 -11.77 1.51 -7.05
N GLY A 12 -11.61 1.48 -5.73
CA GLY A 12 -11.21 2.67 -5.00
C GLY A 12 -9.73 2.96 -4.88
N ILE A 13 -9.45 4.13 -4.30
CA ILE A 13 -8.10 4.60 -4.00
C ILE A 13 -7.52 3.75 -2.87
N PHE A 14 -6.22 3.48 -2.92
CA PHE A 14 -5.50 2.79 -1.84
C PHE A 14 -4.43 3.68 -1.27
N THR A 15 -4.39 3.78 0.05
CA THR A 15 -3.50 4.71 0.72
C THR A 15 -3.23 4.19 2.12
N PHE A 16 -2.22 4.72 2.80
CA PHE A 16 -1.89 4.32 4.15
C PHE A 16 -2.44 5.33 5.15
N GLU A 17 -2.43 4.92 6.40
CA GLU A 17 -2.94 5.73 7.52
C GLU A 17 -2.10 6.94 7.84
N CYS A 18 -0.80 6.78 7.68
CA CYS A 18 0.16 7.81 8.03
C CYS A 18 1.20 7.85 6.91
N ASP A 19 2.02 8.89 6.91
CA ASP A 19 3.13 9.00 5.97
C ASP A 19 4.48 9.16 6.69
N THR A 20 4.46 9.18 8.01
CA THR A 20 5.65 9.24 8.84
C THR A 20 5.30 8.37 10.07
N ILE A 21 6.25 7.55 10.51
CA ILE A 21 6.10 6.62 11.64
C ILE A 21 7.48 6.39 12.26
N HIS A 22 7.52 5.92 13.50
CA HIS A 22 8.77 5.50 14.13
C HIS A 22 8.58 4.09 14.69
N VAL A 23 9.53 3.21 14.42
CA VAL A 23 9.58 1.88 15.09
C VAL A 23 10.93 1.75 15.78
N SER A 24 11.14 0.61 16.41
CA SER A 24 12.42 0.22 16.99
C SER A 24 12.60 -1.17 16.44
N GLU A 25 13.82 -1.64 16.33
CA GLU A 25 14.11 -3.02 15.90
C GLU A 25 13.40 -4.03 16.79
N SER A 26 13.30 -3.68 18.07
CA SER A 26 12.72 -4.52 19.10
C SER A 26 11.22 -4.78 18.89
N ILE A 27 10.61 -4.07 17.96
CA ILE A 27 9.22 -4.32 17.60
C ILE A 27 9.10 -5.69 16.91
N GLY A 28 10.19 -6.15 16.31
CA GLY A 28 10.16 -7.42 15.61
C GLY A 28 9.68 -7.27 14.19
N VAL A 29 8.44 -6.83 14.04
CA VAL A 29 7.86 -6.64 12.73
C VAL A 29 6.92 -5.43 12.74
N MET A 30 7.20 -4.50 11.84
CA MET A 30 6.45 -3.27 11.71
C MET A 30 5.19 -3.51 10.88
N GLU A 31 4.16 -2.71 11.11
CA GLU A 31 2.93 -2.80 10.34
C GLU A 31 2.43 -1.43 9.89
N VAL A 32 1.91 -1.37 8.68
CA VAL A 32 1.22 -0.16 8.18
C VAL A 32 -0.19 -0.58 7.90
N LYS A 33 -1.15 0.25 8.23
CA LYS A 33 -2.54 -0.04 7.90
C LYS A 33 -2.83 0.57 6.55
N VAL A 34 -3.37 -0.25 5.66
CA VAL A 34 -3.68 0.13 4.30
C VAL A 34 -5.19 0.27 4.18
N LEU A 35 -5.65 1.44 3.78
CA LEU A 35 -7.06 1.72 3.64
C LEU A 35 -7.45 1.73 2.17
N ARG A 36 -8.74 1.60 1.94
CA ARG A 36 -9.32 1.65 0.60
C ARG A 36 -10.58 2.49 0.71
N THR A 37 -10.77 3.43 -0.20
CA THR A 37 -11.94 4.33 -0.12
C THR A 37 -13.23 3.57 -0.43
N SER A 38 -14.37 4.22 -0.26
CA SER A 38 -15.70 3.63 -0.48
C SER A 38 -16.02 3.27 -1.95
N GLY A 39 -15.01 3.42 -2.79
CA GLY A 39 -15.06 2.95 -4.16
C GLY A 39 -14.75 1.47 -4.22
N ALA A 40 -14.84 0.79 -3.08
CA ALA A 40 -14.45 -0.61 -2.97
C ALA A 40 -15.45 -1.60 -3.61
N ARG A 41 -15.62 -1.50 -4.91
CA ARG A 41 -16.51 -2.41 -5.62
C ARG A 41 -15.65 -3.54 -6.16
N GLY A 42 -15.94 -4.74 -5.71
CA GLY A 42 -15.20 -5.92 -6.15
C GLY A 42 -13.90 -6.12 -5.41
N THR A 43 -13.14 -7.10 -5.87
CA THR A 43 -11.86 -7.48 -5.27
C THR A 43 -10.73 -6.93 -6.11
N VAL A 44 -9.79 -6.33 -5.43
CA VAL A 44 -8.58 -5.75 -6.00
C VAL A 44 -7.43 -6.43 -5.26
N ILE A 45 -6.32 -6.65 -5.95
CA ILE A 45 -5.12 -7.14 -5.31
C ILE A 45 -4.10 -5.99 -5.36
N VAL A 46 -3.34 -5.78 -4.29
CA VAL A 46 -2.37 -4.66 -4.27
C VAL A 46 -0.98 -5.07 -3.76
N PRO A 47 0.04 -4.99 -4.62
CA PRO A 47 1.41 -5.24 -4.14
C PRO A 47 2.04 -4.12 -3.35
N PHE A 48 3.00 -4.50 -2.52
CA PHE A 48 3.83 -3.59 -1.78
C PHE A 48 5.25 -4.10 -1.83
N ARG A 49 6.19 -3.25 -1.44
CA ARG A 49 7.61 -3.61 -1.36
C ARG A 49 8.32 -2.63 -0.44
N THR A 50 9.46 -3.02 0.10
CA THR A 50 10.24 -2.13 0.94
C THR A 50 11.16 -1.26 0.11
N VAL A 51 11.32 -0.01 0.50
CA VAL A 51 12.17 0.95 -0.17
C VAL A 51 13.02 1.52 0.90
N GLU A 52 14.29 1.25 0.79
CA GLU A 52 15.26 1.72 1.73
C GLU A 52 15.74 3.13 1.36
N GLY A 53 15.97 3.95 2.39
CA GLY A 53 16.48 5.30 2.19
C GLY A 53 17.92 5.29 2.64
N THR A 54 18.12 5.29 3.94
CA THR A 54 19.40 4.89 4.53
C THR A 54 19.07 3.66 5.34
N ALA A 55 19.58 2.51 4.90
CA ALA A 55 19.38 1.22 5.56
C ALA A 55 20.31 0.30 4.80
N LYS A 56 20.62 -0.86 5.35
CA LYS A 56 21.41 -1.85 4.62
C LYS A 56 20.49 -2.63 3.68
N GLY A 57 19.22 -2.75 4.07
CA GLY A 57 18.22 -3.45 3.26
C GLY A 57 18.45 -4.95 3.13
N GLY A 58 17.67 -5.59 2.27
CA GLY A 58 17.87 -7.01 1.99
C GLY A 58 17.41 -7.88 3.14
N GLY A 59 18.37 -8.44 3.86
CA GLY A 59 18.09 -9.18 5.09
C GLY A 59 18.86 -8.58 6.24
N GLU A 60 19.45 -7.42 5.99
CA GLU A 60 20.44 -6.84 6.90
C GLU A 60 19.94 -5.81 7.93
N ASP A 61 19.13 -4.83 7.49
CA ASP A 61 18.53 -3.86 8.43
C ASP A 61 17.05 -4.21 8.61
N PHE A 62 16.47 -4.69 7.53
CA PHE A 62 15.11 -5.19 7.57
C PHE A 62 15.13 -6.29 6.56
N GLU A 63 14.14 -7.17 6.63
CA GLU A 63 13.95 -8.17 5.60
C GLU A 63 13.01 -7.58 4.56
N ASP A 64 13.46 -7.54 3.31
CA ASP A 64 12.68 -6.93 2.23
C ASP A 64 11.39 -7.65 2.07
N ALA A 65 10.38 -6.92 2.45
CA ALA A 65 9.05 -7.39 2.55
C ALA A 65 8.21 -6.92 1.39
N TYR A 66 7.95 -7.83 0.47
CA TYR A 66 7.11 -7.55 -0.68
C TYR A 66 6.13 -8.68 -0.87
N GLY A 67 4.92 -8.34 -1.23
CA GLY A 67 3.89 -9.35 -1.43
C GLY A 67 2.66 -8.67 -1.95
N GLU A 68 1.54 -9.37 -2.03
CA GLU A 68 0.29 -8.79 -2.50
C GLU A 68 -0.79 -8.92 -1.45
N LEU A 69 -1.69 -7.95 -1.45
CA LEU A 69 -2.76 -7.87 -0.49
C LEU A 69 -4.11 -7.97 -1.17
N GLU A 70 -4.90 -8.96 -0.81
CA GLU A 70 -6.24 -9.08 -1.36
C GLU A 70 -7.16 -8.11 -0.61
N PHE A 71 -7.84 -7.28 -1.37
CA PHE A 71 -8.83 -6.35 -0.85
C PHE A 71 -10.16 -6.66 -1.51
N LYS A 72 -11.15 -7.08 -0.73
CA LYS A 72 -12.51 -7.30 -1.23
C LYS A 72 -13.37 -6.15 -0.73
N ASN A 73 -14.67 -6.23 -0.97
CA ASN A 73 -15.63 -5.18 -0.62
C ASN A 73 -15.49 -4.57 0.79
N ASP A 74 -15.75 -5.35 1.84
CA ASP A 74 -15.74 -4.84 3.23
C ASP A 74 -14.32 -4.76 3.80
N GLU A 75 -13.47 -5.57 3.20
CA GLU A 75 -12.02 -5.71 3.48
C GLU A 75 -11.15 -4.46 3.35
N THR A 76 -11.74 -3.27 3.35
CA THR A 76 -11.04 -2.03 3.02
C THR A 76 -10.05 -1.60 4.10
N VAL A 77 -9.73 -2.53 5.00
CA VAL A 77 -8.68 -2.34 5.99
C VAL A 77 -7.77 -3.56 5.89
N LYS A 78 -6.49 -3.32 5.63
CA LYS A 78 -5.51 -4.40 5.53
C LYS A 78 -4.21 -3.90 6.10
N THR A 79 -3.20 -4.75 6.17
CA THR A 79 -1.94 -4.37 6.75
C THR A 79 -0.76 -4.99 6.01
N ILE A 80 0.38 -4.33 6.09
CA ILE A 80 1.64 -4.82 5.51
C ILE A 80 2.56 -5.04 6.67
N ARG A 81 3.21 -6.20 6.69
CA ARG A 81 4.18 -6.55 7.73
C ARG A 81 5.59 -6.61 7.18
N VAL A 82 6.52 -5.93 7.84
CA VAL A 82 7.94 -5.95 7.46
C VAL A 82 8.78 -6.29 8.69
N LYS A 83 9.43 -7.44 8.68
CA LYS A 83 10.28 -7.83 9.81
C LYS A 83 11.54 -6.97 9.83
N ILE A 84 11.91 -6.51 11.01
CA ILE A 84 13.11 -5.70 11.20
C ILE A 84 14.22 -6.66 11.65
N VAL A 85 15.44 -6.39 11.24
CA VAL A 85 16.60 -7.23 11.57
C VAL A 85 17.37 -6.54 12.70
N ASP A 86 17.93 -7.34 13.60
CA ASP A 86 18.58 -6.85 14.83
C ASP A 86 20.05 -7.27 14.82
N GLU A 87 20.95 -6.31 15.01
CA GLU A 87 22.41 -6.55 15.01
C GLU A 87 23.09 -5.45 15.84
N GLU A 88 24.20 -5.78 16.51
CA GLU A 88 24.88 -4.85 17.44
C GLU A 88 25.81 -3.83 16.74
N GLU A 89 25.78 -3.74 15.42
CA GLU A 89 26.73 -2.90 14.68
C GLU A 89 26.64 -1.37 14.86
N TYR A 90 25.44 -0.81 15.04
CA TYR A 90 25.29 0.66 15.02
C TYR A 90 24.38 1.28 16.08
N GLU A 91 24.65 2.54 16.38
CA GLU A 91 23.84 3.36 17.28
C GLU A 91 23.15 4.46 16.45
N ARG A 92 22.86 4.13 15.20
CA ARG A 92 22.37 5.11 14.23
C ARG A 92 20.85 5.11 14.04
N GLN A 93 20.34 6.27 13.64
CA GLN A 93 18.93 6.40 13.22
C GLN A 93 18.86 5.85 11.79
N GLU A 94 17.91 4.97 11.53
CA GLU A 94 17.76 4.38 10.20
C GLU A 94 16.42 4.81 9.58
N ASN A 95 16.30 4.73 8.26
CA ASN A 95 15.13 5.27 7.53
C ASN A 95 14.78 4.42 6.31
N PHE A 96 13.54 3.97 6.27
CA PHE A 96 13.04 3.19 5.13
C PHE A 96 11.54 3.41 5.03
N PHE A 97 10.96 3.03 3.91
CA PHE A 97 9.54 3.23 3.66
C PHE A 97 9.00 2.07 2.86
N ILE A 98 7.68 1.98 2.69
CA ILE A 98 7.08 0.90 1.92
C ILE A 98 6.14 1.53 0.92
N ALA A 99 6.39 1.31 -0.35
CA ALA A 99 5.57 1.90 -1.40
C ALA A 99 4.74 0.79 -2.03
N LEU A 100 3.58 1.15 -2.52
CA LEU A 100 2.69 0.23 -3.18
C LEU A 100 3.05 0.17 -4.65
N GLY A 101 2.85 -1.00 -5.24
CA GLY A 101 3.16 -1.20 -6.64
C GLY A 101 2.08 -0.61 -7.53
N GLU A 102 1.07 -1.42 -7.78
CA GLU A 102 -0.08 -1.05 -8.59
C GLU A 102 -1.29 -1.84 -8.17
N PRO A 103 -2.34 -1.15 -7.72
CA PRO A 103 -3.53 -1.93 -7.42
C PRO A 103 -4.17 -2.45 -8.72
N LYS A 104 -4.57 -3.73 -8.72
CA LYS A 104 -5.10 -4.39 -9.91
C LYS A 104 -6.42 -5.03 -9.53
N TRP A 105 -7.43 -4.92 -10.39
CA TRP A 105 -8.76 -5.43 -10.06
C TRP A 105 -8.81 -6.88 -10.37
N MET A 106 -8.87 -7.71 -9.33
CA MET A 106 -9.24 -9.05 -9.62
C MET A 106 -10.44 -9.52 -8.84
N GLU A 107 -11.51 -9.08 -9.42
CA GLU A 107 -12.77 -9.72 -9.50
C GLU A 107 -13.33 -9.13 -10.75
N ARG A 108 -13.17 -9.59 -11.98
CA ARG A 108 -13.82 -8.91 -13.17
C ARG A 108 -13.17 -9.44 -14.43
N GLY A 109 -11.85 -9.39 -14.45
CA GLY A 109 -11.10 -9.80 -15.63
C GLY A 109 -11.11 -8.69 -16.67
N ILE A 110 -10.52 -7.56 -16.32
CA ILE A 110 -10.45 -6.42 -17.24
C ILE A 110 -9.75 -6.89 -18.52
N SER A 111 -10.45 -6.74 -19.64
CA SER A 111 -9.99 -7.20 -20.94
C SER A 111 -10.51 -6.22 -21.96
N GLU A 112 -9.95 -6.26 -23.17
CA GLU A 112 -10.47 -5.43 -24.25
C GLU A 112 -11.84 -5.96 -24.66
N VAL A 113 -12.73 -5.06 -25.03
CA VAL A 113 -14.10 -5.41 -25.41
C VAL A 113 -14.44 -4.66 -26.69
N THR A 114 -15.38 -5.20 -27.46
CA THR A 114 -15.75 -4.63 -28.75
C THR A 114 -17.16 -4.03 -28.74
N ASP A 115 -18.17 -4.85 -28.96
CA ASP A 115 -19.54 -4.36 -29.09
C ASP A 115 -20.25 -4.12 -27.76
N ARG A 116 -19.94 -2.99 -27.13
CA ARG A 116 -20.60 -2.57 -25.89
C ARG A 116 -21.81 -1.74 -26.26
N LYS A 117 -22.70 -2.36 -27.01
CA LYS A 117 -23.92 -1.71 -27.53
C LYS A 117 -24.84 -1.21 -26.42
N LEU A 118 -24.74 0.10 -26.18
CA LEU A 118 -25.45 0.78 -25.11
C LEU A 118 -25.85 2.12 -25.70
N THR A 119 -26.51 2.97 -24.93
CA THR A 119 -26.75 4.35 -25.36
C THR A 119 -25.37 5.01 -25.44
N VAL A 120 -25.25 6.06 -26.24
CA VAL A 120 -23.95 6.71 -26.49
C VAL A 120 -23.18 7.03 -25.21
N GLU A 121 -23.87 7.60 -24.24
CA GLU A 121 -23.27 7.96 -22.96
C GLU A 121 -22.65 6.74 -22.28
N GLU A 122 -23.40 5.66 -22.20
CA GLU A 122 -22.95 4.46 -21.52
C GLU A 122 -21.97 3.66 -22.35
N GLU A 123 -21.96 3.89 -23.65
CA GLU A 123 -21.04 3.17 -24.53
C GLU A 123 -19.62 3.35 -24.05
N GLU A 124 -19.22 4.58 -23.70
CA GLU A 124 -17.95 4.77 -23.02
C GLU A 124 -18.08 4.63 -21.51
N ALA A 125 -19.06 5.29 -20.89
CA ALA A 125 -19.11 5.38 -19.43
C ALA A 125 -19.18 4.03 -18.73
N LYS A 126 -19.93 3.08 -19.29
CA LYS A 126 -20.03 1.76 -18.69
C LYS A 126 -18.80 0.95 -19.03
N ARG A 127 -18.30 1.11 -20.24
CA ARG A 127 -17.10 0.41 -20.69
C ARG A 127 -15.90 0.78 -19.83
N ILE A 128 -15.72 2.07 -19.58
CA ILE A 128 -14.64 2.56 -18.71
C ILE A 128 -14.85 2.03 -17.29
N ALA A 129 -16.10 2.02 -16.85
CA ALA A 129 -16.43 1.54 -15.51
C ALA A 129 -16.13 0.03 -15.37
N GLU A 130 -16.23 -0.69 -16.47
CA GLU A 130 -15.90 -2.11 -16.51
C GLU A 130 -14.39 -2.34 -16.52
N MET A 131 -13.61 -1.31 -16.85
CA MET A 131 -12.16 -1.43 -16.72
C MET A 131 -11.85 -1.22 -15.24
N GLY A 132 -12.53 -0.24 -14.65
CA GLY A 132 -12.57 -0.10 -13.20
C GLY A 132 -11.26 0.09 -12.49
N LYS A 133 -10.19 0.43 -13.21
CA LYS A 133 -8.85 0.39 -12.67
C LYS A 133 -8.63 1.26 -11.43
N PRO A 134 -8.25 0.64 -10.30
CA PRO A 134 -7.95 1.44 -9.12
C PRO A 134 -6.64 2.17 -9.26
N VAL A 135 -6.45 3.15 -8.40
CA VAL A 135 -5.23 3.96 -8.37
C VAL A 135 -4.76 4.18 -6.94
N LEU A 136 -3.51 4.62 -6.79
CA LEU A 136 -2.94 4.96 -5.51
C LEU A 136 -3.48 6.29 -5.00
N GLY A 137 -3.35 6.51 -3.70
CA GLY A 137 -3.89 7.69 -3.05
C GLY A 137 -2.92 8.79 -2.77
N GLU A 138 -3.26 9.55 -1.74
CA GLU A 138 -2.49 10.72 -1.32
C GLU A 138 -1.29 10.31 -0.46
N HIS A 139 -1.43 9.22 0.28
CA HIS A 139 -0.34 8.71 1.13
C HIS A 139 -0.11 7.20 0.94
N PRO A 140 0.24 6.73 -0.28
CA PRO A 140 0.46 5.30 -0.51
C PRO A 140 1.82 4.78 -0.02
N LYS A 141 2.37 5.45 0.98
CA LYS A 141 3.67 5.12 1.56
C LYS A 141 3.71 5.62 2.97
N LEU A 142 4.43 4.90 3.82
CA LEU A 142 4.61 5.26 5.20
C LEU A 142 6.11 5.29 5.42
N GLU A 143 6.64 6.43 5.85
CA GLU A 143 8.07 6.59 6.09
C GLU A 143 8.39 6.24 7.52
N VAL A 144 9.28 5.29 7.73
CA VAL A 144 9.59 4.76 9.06
C VAL A 144 10.99 5.12 9.41
N ILE A 145 11.14 5.55 10.65
CA ILE A 145 12.41 5.90 11.22
C ILE A 145 12.60 4.88 12.32
N ILE A 146 13.77 4.26 12.37
CA ILE A 146 14.07 3.30 13.42
C ILE A 146 14.76 4.07 14.53
N GLU A 147 13.99 4.36 15.57
CA GLU A 147 14.38 5.20 16.70
C GLU A 147 13.25 5.09 17.74
N GLU A 148 13.59 4.98 19.03
CA GLU A 148 12.55 4.97 20.07
C GLU A 148 11.98 6.39 20.26
N SER A 149 10.91 6.67 19.53
CA SER A 149 10.26 7.98 19.55
C SER A 149 8.92 7.76 18.84
N TYR A 150 8.14 8.82 18.68
CA TYR A 150 6.90 8.76 17.90
C TYR A 150 6.70 10.14 17.30
N GLU A 151 5.95 10.21 16.22
CA GLU A 151 5.71 11.49 15.53
C GLU A 151 4.42 11.34 14.72
N PHE A 152 3.88 12.48 14.29
CA PHE A 152 2.69 12.55 13.43
C PHE A 152 1.42 11.93 14.03
N LYS A 153 0.34 11.97 13.26
CA LYS A 153 -0.95 11.39 13.64
C LYS A 153 -1.45 11.81 15.03
N SER A 154 -1.60 13.12 15.19
CA SER A 154 -2.16 13.69 16.41
C SER A 154 -3.56 13.13 16.66
N THR A 155 -3.92 12.98 17.93
CA THR A 155 -5.23 12.45 18.31
C THR A 155 -6.31 13.53 18.27
N VAL A 156 -5.89 14.77 18.12
CA VAL A 156 -6.80 15.91 18.05
C VAL A 156 -6.35 16.82 16.90
N ASP A 157 -7.26 17.66 16.43
CA ASP A 157 -6.99 18.62 15.36
C ASP A 157 -7.95 19.77 15.66
N HIS A 10 -15.74 2.46 -10.52
CA HIS A 10 -14.50 3.02 -9.99
C HIS A 10 -14.10 2.26 -8.74
N ALA A 11 -13.10 1.38 -8.88
CA ALA A 11 -12.55 0.65 -7.75
C ALA A 11 -11.90 1.64 -6.77
N GLY A 12 -11.85 1.28 -5.49
CA GLY A 12 -11.35 2.20 -4.49
C GLY A 12 -9.88 2.57 -4.59
N ILE A 13 -9.60 3.79 -4.15
CA ILE A 13 -8.24 4.29 -4.00
C ILE A 13 -7.67 3.67 -2.75
N PHE A 14 -6.37 3.32 -2.77
CA PHE A 14 -5.70 2.75 -1.59
C PHE A 14 -4.62 3.68 -1.10
N THR A 15 -4.52 3.80 0.21
CA THR A 15 -3.60 4.75 0.84
C THR A 15 -3.30 4.26 2.26
N PHE A 16 -2.23 4.76 2.87
CA PHE A 16 -1.84 4.36 4.22
C PHE A 16 -2.36 5.36 5.23
N GLU A 17 -2.25 4.99 6.50
CA GLU A 17 -2.70 5.82 7.63
C GLU A 17 -1.90 7.11 7.83
N CYS A 18 -0.58 6.99 7.84
CA CYS A 18 0.30 8.10 8.18
C CYS A 18 1.42 8.21 7.14
N ASP A 19 2.21 9.26 7.23
CA ASP A 19 3.34 9.46 6.32
C ASP A 19 4.66 9.16 7.02
N THR A 20 4.65 9.11 8.35
CA THR A 20 5.85 8.95 9.14
C THR A 20 5.51 8.07 10.34
N ILE A 21 6.36 7.10 10.59
CA ILE A 21 6.26 6.12 11.67
C ILE A 21 7.63 6.09 12.34
N HIS A 22 7.68 5.86 13.64
CA HIS A 22 8.94 5.58 14.31
C HIS A 22 8.79 4.17 14.88
N VAL A 23 9.68 3.27 14.51
CA VAL A 23 9.73 1.93 15.10
C VAL A 23 11.07 1.79 15.77
N SER A 24 11.23 0.72 16.52
CA SER A 24 12.53 0.35 17.09
C SER A 24 12.75 -1.02 16.50
N GLU A 25 13.96 -1.54 16.49
CA GLU A 25 14.22 -2.89 15.97
C GLU A 25 13.50 -3.91 16.85
N SER A 26 13.39 -3.55 18.12
CA SER A 26 12.79 -4.37 19.16
C SER A 26 11.31 -4.64 18.94
N ILE A 27 10.71 -3.95 17.97
CA ILE A 27 9.32 -4.17 17.61
C ILE A 27 9.17 -5.55 16.95
N GLY A 28 10.24 -6.05 16.36
CA GLY A 28 10.16 -7.33 15.68
C GLY A 28 9.70 -7.16 14.25
N VAL A 29 8.47 -6.72 14.09
CA VAL A 29 7.90 -6.54 12.76
C VAL A 29 6.97 -5.32 12.75
N MET A 30 7.26 -4.41 11.84
CA MET A 30 6.48 -3.19 11.68
C MET A 30 5.24 -3.47 10.87
N GLU A 31 4.20 -2.68 11.07
CA GLU A 31 2.97 -2.83 10.31
C GLU A 31 2.43 -1.48 9.87
N VAL A 32 1.93 -1.43 8.64
CA VAL A 32 1.20 -0.27 8.15
C VAL A 32 -0.19 -0.76 7.88
N LYS A 33 -1.16 0.08 8.17
CA LYS A 33 -2.55 -0.23 7.87
C LYS A 33 -2.84 0.40 6.53
N VAL A 34 -3.38 -0.39 5.62
CA VAL A 34 -3.75 0.08 4.30
C VAL A 34 -5.27 0.25 4.25
N LEU A 35 -5.70 1.48 4.01
CA LEU A 35 -7.11 1.82 3.96
C LEU A 35 -7.51 2.04 2.52
N ARG A 36 -8.82 1.99 2.26
CA ARG A 36 -9.34 2.24 0.94
C ARG A 36 -10.51 3.24 1.05
N THR A 37 -10.67 4.08 0.03
CA THR A 37 -11.78 5.06 -0.03
C THR A 37 -13.15 4.40 -0.23
N SER A 38 -14.22 5.17 -0.20
CA SER A 38 -15.59 4.65 -0.40
C SER A 38 -15.90 4.21 -1.85
N GLY A 39 -14.91 3.61 -2.51
CA GLY A 39 -15.05 3.14 -3.88
C GLY A 39 -14.97 1.63 -4.05
N ALA A 40 -15.13 0.83 -2.98
CA ALA A 40 -14.96 -0.61 -3.12
C ALA A 40 -16.02 -1.26 -3.99
N ARG A 41 -15.62 -1.69 -5.17
CA ARG A 41 -16.51 -2.35 -6.11
C ARG A 41 -15.82 -3.63 -6.56
N GLY A 42 -16.05 -4.71 -5.84
CA GLY A 42 -15.39 -5.97 -6.18
C GLY A 42 -14.10 -6.15 -5.42
N THR A 43 -13.24 -7.00 -5.96
CA THR A 43 -11.98 -7.37 -5.34
C THR A 43 -10.83 -6.81 -6.14
N VAL A 44 -9.91 -6.24 -5.41
CA VAL A 44 -8.69 -5.62 -5.94
C VAL A 44 -7.51 -6.25 -5.20
N ILE A 45 -6.42 -6.54 -5.91
CA ILE A 45 -5.21 -7.04 -5.29
C ILE A 45 -4.20 -5.89 -5.33
N VAL A 46 -3.43 -5.70 -4.26
CA VAL A 46 -2.45 -4.60 -4.22
C VAL A 46 -1.08 -5.04 -3.69
N PRO A 47 -0.05 -5.03 -4.56
CA PRO A 47 1.31 -5.30 -4.07
C PRO A 47 1.94 -4.19 -3.27
N PHE A 48 2.90 -4.58 -2.44
CA PHE A 48 3.73 -3.65 -1.72
C PHE A 48 5.14 -4.14 -1.78
N ARG A 49 6.09 -3.28 -1.43
CA ARG A 49 7.49 -3.64 -1.39
C ARG A 49 8.22 -2.67 -0.48
N THR A 50 9.33 -3.12 0.06
CA THR A 50 10.17 -2.28 0.89
C THR A 50 11.05 -1.41 0.01
N VAL A 51 11.27 -0.18 0.43
CA VAL A 51 12.11 0.76 -0.25
C VAL A 51 12.95 1.31 0.85
N GLU A 52 14.23 1.18 0.66
CA GLU A 52 15.18 1.67 1.61
C GLU A 52 15.55 3.12 1.28
N GLY A 53 15.78 3.93 2.31
CA GLY A 53 16.18 5.31 2.11
C GLY A 53 17.61 5.43 2.53
N THR A 54 17.84 5.38 3.83
CA THR A 54 19.17 5.07 4.35
C THR A 54 18.98 3.78 5.12
N ALA A 55 19.54 2.69 4.59
CA ALA A 55 19.48 1.36 5.18
C ALA A 55 20.32 0.49 4.27
N LYS A 56 20.67 -0.71 4.71
CA LYS A 56 21.43 -1.64 3.87
C LYS A 56 20.46 -2.52 3.06
N GLY A 57 19.29 -2.77 3.63
CA GLY A 57 18.27 -3.58 2.98
C GLY A 57 18.53 -5.07 3.00
N GLY A 58 17.78 -5.81 2.19
CA GLY A 58 18.00 -7.25 2.07
C GLY A 58 17.54 -8.01 3.30
N GLY A 59 18.50 -8.49 4.07
CA GLY A 59 18.24 -9.14 5.34
C GLY A 59 18.99 -8.46 6.46
N GLU A 60 19.54 -7.29 6.18
CA GLU A 60 20.52 -6.67 7.07
C GLU A 60 19.96 -5.65 8.08
N ASP A 61 19.13 -4.70 7.63
CA ASP A 61 18.50 -3.73 8.56
C ASP A 61 17.05 -4.10 8.78
N PHE A 62 16.48 -4.67 7.73
CA PHE A 62 15.11 -5.12 7.75
C PHE A 62 15.13 -6.21 6.72
N GLU A 63 14.09 -7.02 6.69
CA GLU A 63 13.95 -8.03 5.65
C GLU A 63 13.13 -7.44 4.50
N ASP A 64 13.59 -7.69 3.28
CA ASP A 64 12.90 -7.23 2.05
C ASP A 64 11.51 -7.85 1.96
N ALA A 65 10.55 -7.12 2.48
CA ALA A 65 9.19 -7.59 2.56
C ALA A 65 8.33 -7.03 1.44
N TYR A 66 8.02 -7.90 0.49
CA TYR A 66 7.16 -7.54 -0.62
C TYR A 66 6.17 -8.66 -0.84
N GLY A 67 4.94 -8.31 -1.18
CA GLY A 67 3.94 -9.33 -1.43
C GLY A 67 2.70 -8.67 -1.96
N GLU A 68 1.62 -9.43 -2.11
CA GLU A 68 0.35 -8.87 -2.56
C GLU A 68 -0.71 -9.03 -1.49
N LEU A 69 -1.62 -8.07 -1.45
CA LEU A 69 -2.68 -8.04 -0.48
C LEU A 69 -4.00 -8.11 -1.21
N GLU A 70 -4.84 -9.06 -0.84
CA GLU A 70 -6.16 -9.17 -1.46
C GLU A 70 -7.14 -8.32 -0.67
N PHE A 71 -7.78 -7.37 -1.34
CA PHE A 71 -8.82 -6.54 -0.73
C PHE A 71 -10.12 -6.86 -1.44
N LYS A 72 -11.10 -7.41 -0.72
CA LYS A 72 -12.41 -7.67 -1.27
C LYS A 72 -13.30 -6.54 -0.79
N ASN A 73 -14.56 -6.57 -1.17
CA ASN A 73 -15.54 -5.55 -0.78
C ASN A 73 -15.53 -5.12 0.69
N ASP A 74 -15.67 -6.06 1.61
CA ASP A 74 -15.62 -5.78 3.05
C ASP A 74 -14.17 -5.68 3.55
N GLU A 75 -13.35 -6.55 2.98
CA GLU A 75 -11.92 -6.75 3.36
C GLU A 75 -10.97 -5.59 3.08
N THR A 76 -11.53 -4.43 2.86
CA THR A 76 -10.81 -3.23 2.44
C THR A 76 -9.95 -2.60 3.52
N VAL A 77 -9.74 -3.35 4.59
CA VAL A 77 -8.83 -2.95 5.66
C VAL A 77 -7.78 -4.06 5.70
N LYS A 78 -6.52 -3.72 5.53
CA LYS A 78 -5.46 -4.72 5.50
C LYS A 78 -4.18 -4.13 6.05
N THR A 79 -3.17 -4.97 6.19
CA THR A 79 -1.91 -4.53 6.74
C THR A 79 -0.72 -5.09 5.99
N ILE A 80 0.40 -4.38 6.07
CA ILE A 80 1.67 -4.80 5.49
C ILE A 80 2.61 -5.03 6.63
N ARG A 81 3.28 -6.18 6.65
CA ARG A 81 4.25 -6.51 7.70
C ARG A 81 5.68 -6.54 7.16
N VAL A 82 6.59 -5.88 7.85
CA VAL A 82 8.02 -5.90 7.49
C VAL A 82 8.87 -6.19 8.73
N LYS A 83 9.54 -7.34 8.77
CA LYS A 83 10.39 -7.70 9.91
C LYS A 83 11.60 -6.77 9.96
N ILE A 84 11.96 -6.33 11.15
CA ILE A 84 13.11 -5.46 11.34
C ILE A 84 14.22 -6.38 11.86
N VAL A 85 15.42 -6.23 11.34
CA VAL A 85 16.55 -7.07 11.72
C VAL A 85 17.29 -6.39 12.87
N ASP A 86 17.80 -7.19 13.81
CA ASP A 86 18.42 -6.72 15.04
C ASP A 86 19.92 -7.03 15.11
N GLU A 87 20.72 -6.05 15.51
CA GLU A 87 22.18 -6.16 15.65
C GLU A 87 22.59 -5.04 16.64
N GLU A 88 23.72 -5.21 17.35
CA GLU A 88 24.14 -4.24 18.38
C GLU A 88 25.40 -3.42 18.00
N GLU A 89 25.91 -3.60 16.79
CA GLU A 89 27.22 -3.01 16.43
C GLU A 89 27.31 -1.48 16.40
N TYR A 90 26.27 -0.78 15.92
CA TYR A 90 26.38 0.66 15.68
C TYR A 90 25.13 1.50 15.98
N GLU A 91 25.35 2.65 16.61
CA GLU A 91 24.28 3.60 16.92
C GLU A 91 23.92 4.42 15.67
N ARG A 92 22.73 4.25 15.13
CA ARG A 92 22.30 5.03 13.96
C ARG A 92 20.79 5.21 13.88
N GLN A 93 20.36 6.39 13.43
CA GLN A 93 18.97 6.57 13.04
C GLN A 93 18.91 6.08 11.60
N GLU A 94 18.10 5.07 11.35
CA GLU A 94 18.02 4.44 10.04
C GLU A 94 16.58 4.65 9.52
N ASN A 95 16.35 4.55 8.22
CA ASN A 95 15.05 4.94 7.65
C ASN A 95 14.67 4.10 6.44
N PHE A 96 13.42 3.67 6.40
CA PHE A 96 12.94 2.97 5.20
C PHE A 96 11.50 3.32 4.96
N PHE A 97 10.92 2.89 3.86
CA PHE A 97 9.51 3.15 3.57
C PHE A 97 8.93 1.99 2.76
N ILE A 98 7.61 1.95 2.61
CA ILE A 98 6.97 0.90 1.82
C ILE A 98 6.03 1.55 0.85
N ALA A 99 6.27 1.35 -0.43
CA ALA A 99 5.41 1.92 -1.46
C ALA A 99 4.58 0.78 -2.04
N LEU A 100 3.32 1.03 -2.40
CA LEU A 100 2.53 0.03 -3.10
C LEU A 100 2.98 0.02 -4.55
N GLY A 101 2.80 -1.12 -5.21
CA GLY A 101 3.13 -1.25 -6.61
C GLY A 101 2.11 -0.51 -7.46
N GLU A 102 1.00 -1.18 -7.71
CA GLU A 102 -0.14 -0.59 -8.39
C GLU A 102 -1.34 -1.45 -8.02
N PRO A 103 -2.44 -0.83 -7.59
CA PRO A 103 -3.60 -1.67 -7.29
C PRO A 103 -4.20 -2.24 -8.60
N LYS A 104 -4.55 -3.52 -8.58
CA LYS A 104 -5.06 -4.20 -9.78
C LYS A 104 -6.38 -4.86 -9.47
N TRP A 105 -7.35 -4.76 -10.35
CA TRP A 105 -8.69 -5.26 -10.07
C TRP A 105 -8.76 -6.73 -10.36
N MET A 106 -8.86 -7.55 -9.33
CA MET A 106 -9.26 -8.88 -9.63
C MET A 106 -10.49 -9.34 -8.90
N GLU A 107 -11.53 -8.91 -9.50
CA GLU A 107 -12.80 -9.56 -9.62
C GLU A 107 -13.28 -8.99 -10.91
N ARG A 108 -13.10 -9.46 -12.13
CA ARG A 108 -13.68 -8.76 -13.35
C ARG A 108 -12.97 -9.32 -14.56
N GLY A 109 -11.65 -9.35 -14.50
CA GLY A 109 -10.85 -9.79 -15.63
C GLY A 109 -10.79 -8.71 -16.67
N ILE A 110 -10.29 -7.55 -16.25
CA ILE A 110 -10.18 -6.39 -17.12
C ILE A 110 -9.45 -6.73 -18.42
N SER A 111 -10.13 -6.46 -19.52
CA SER A 111 -9.60 -6.65 -20.86
C SER A 111 -10.31 -5.61 -21.71
N GLU A 112 -9.71 -5.19 -22.82
CA GLU A 112 -10.40 -4.32 -23.75
C GLU A 112 -11.21 -5.21 -24.68
N VAL A 113 -12.30 -4.70 -25.23
CA VAL A 113 -13.19 -5.52 -26.05
C VAL A 113 -13.81 -4.61 -27.13
N THR A 114 -13.95 -5.12 -28.35
CA THR A 114 -14.37 -4.28 -29.49
C THR A 114 -15.50 -4.84 -30.35
N ASP A 115 -15.97 -6.05 -30.07
CA ASP A 115 -17.10 -6.61 -30.83
C ASP A 115 -18.41 -5.98 -30.35
N ARG A 116 -18.36 -5.44 -29.14
CA ARG A 116 -19.53 -4.86 -28.49
C ARG A 116 -19.77 -3.43 -28.94
N LYS A 117 -20.22 -3.30 -30.18
CA LYS A 117 -20.54 -2.00 -30.75
C LYS A 117 -21.72 -1.41 -29.99
N LEU A 118 -21.54 -0.17 -29.57
CA LEU A 118 -22.54 0.58 -28.81
C LEU A 118 -22.68 1.88 -29.58
N THR A 119 -23.43 2.84 -29.07
CA THR A 119 -23.38 4.19 -29.63
C THR A 119 -21.97 4.65 -29.34
N VAL A 120 -21.45 5.50 -30.20
CA VAL A 120 -20.01 5.68 -30.27
C VAL A 120 -19.44 6.27 -29.00
N GLU A 121 -20.26 6.98 -28.26
CA GLU A 121 -19.88 7.53 -26.97
C GLU A 121 -19.66 6.40 -25.99
N GLU A 122 -20.63 5.50 -25.93
CA GLU A 122 -20.61 4.36 -25.04
C GLU A 122 -19.56 3.34 -25.43
N GLU A 123 -19.19 3.30 -26.71
CA GLU A 123 -18.22 2.30 -27.13
C GLU A 123 -16.91 2.47 -26.37
N GLU A 124 -16.43 3.70 -26.20
CA GLU A 124 -15.28 3.90 -25.33
C GLU A 124 -15.71 4.11 -23.89
N ALA A 125 -16.72 4.93 -23.62
CA ALA A 125 -17.07 5.29 -22.25
C ALA A 125 -17.40 4.05 -21.40
N LYS A 126 -18.17 3.13 -21.95
CA LYS A 126 -18.55 1.92 -21.23
C LYS A 126 -17.35 1.01 -21.07
N ARG A 127 -16.58 0.89 -22.14
CA ARG A 127 -15.35 0.08 -22.13
C ARG A 127 -14.36 0.57 -21.07
N ILE A 128 -14.13 1.87 -21.01
CA ILE A 128 -13.25 2.47 -20.01
C ILE A 128 -13.81 2.23 -18.61
N ALA A 129 -15.12 2.37 -18.47
CA ALA A 129 -15.78 2.15 -17.19
C ALA A 129 -15.64 0.69 -16.75
N GLU A 130 -15.59 -0.21 -17.71
CA GLU A 130 -15.42 -1.63 -17.44
C GLU A 130 -13.97 -1.98 -17.12
N MET A 131 -13.03 -1.10 -17.47
CA MET A 131 -11.65 -1.32 -17.04
C MET A 131 -11.60 -1.06 -15.55
N GLY A 132 -12.30 -0.02 -15.10
CA GLY A 132 -12.58 0.18 -13.67
C GLY A 132 -11.39 0.31 -12.75
N LYS A 133 -10.21 0.51 -13.32
CA LYS A 133 -8.96 0.38 -12.57
C LYS A 133 -8.86 1.30 -11.36
N PRO A 134 -8.48 0.74 -10.20
CA PRO A 134 -8.20 1.58 -9.03
C PRO A 134 -6.90 2.34 -9.24
N VAL A 135 -6.70 3.34 -8.41
CA VAL A 135 -5.46 4.15 -8.46
C VAL A 135 -4.90 4.38 -7.05
N LEU A 136 -3.67 4.87 -6.99
CA LEU A 136 -2.98 5.13 -5.73
C LEU A 136 -3.56 6.38 -5.07
N GLY A 137 -3.44 6.47 -3.76
CA GLY A 137 -3.98 7.59 -3.00
C GLY A 137 -3.06 8.75 -2.73
N GLU A 138 -3.43 9.50 -1.71
CA GLU A 138 -2.71 10.68 -1.26
C GLU A 138 -1.48 10.30 -0.45
N HIS A 139 -1.57 9.18 0.26
CA HIS A 139 -0.45 8.67 1.08
C HIS A 139 -0.16 7.18 0.82
N PRO A 140 0.19 6.80 -0.41
CA PRO A 140 0.46 5.39 -0.72
C PRO A 140 1.85 4.90 -0.26
N LYS A 141 2.34 5.49 0.82
CA LYS A 141 3.63 5.15 1.40
C LYS A 141 3.64 5.64 2.83
N LEU A 142 4.43 4.99 3.67
CA LEU A 142 4.64 5.40 5.05
C LEU A 142 6.13 5.31 5.29
N GLU A 143 6.71 6.37 5.85
CA GLU A 143 8.14 6.48 6.09
C GLU A 143 8.54 6.16 7.52
N VAL A 144 9.42 5.19 7.68
CA VAL A 144 9.85 4.71 8.98
C VAL A 144 11.20 5.25 9.32
N ILE A 145 11.34 5.53 10.59
CA ILE A 145 12.57 5.96 11.20
C ILE A 145 12.77 4.96 12.31
N ILE A 146 13.96 4.39 12.40
CA ILE A 146 14.29 3.49 13.48
C ILE A 146 14.82 4.36 14.64
N GLU A 147 14.16 4.20 15.78
CA GLU A 147 14.40 4.92 17.03
C GLU A 147 14.14 6.43 17.00
N GLU A 148 14.37 7.08 18.14
CA GLU A 148 14.11 8.51 18.36
C GLU A 148 12.62 8.85 18.25
N SER A 149 12.29 10.14 18.37
CA SER A 149 10.92 10.60 18.38
C SER A 149 10.79 11.84 17.51
N TYR A 150 9.56 12.33 17.33
CA TYR A 150 9.33 13.55 16.58
C TYR A 150 7.94 14.04 16.94
N GLU A 151 7.66 15.33 16.73
CA GLU A 151 6.29 15.84 16.89
C GLU A 151 5.80 16.29 15.53
N PHE A 152 4.59 15.90 15.19
CA PHE A 152 4.01 16.24 13.89
C PHE A 152 3.08 17.43 14.12
N LYS A 153 3.67 18.49 14.67
CA LYS A 153 2.94 19.69 15.03
C LYS A 153 2.48 20.44 13.78
N SER A 154 1.18 20.45 13.56
CA SER A 154 0.60 21.13 12.42
C SER A 154 0.45 22.62 12.73
N THR A 155 0.68 23.46 11.74
CA THR A 155 0.51 24.89 11.87
C THR A 155 -0.28 25.35 10.65
N VAL A 156 -0.90 26.52 10.74
CA VAL A 156 -1.67 27.10 9.64
C VAL A 156 -1.37 28.58 9.66
N ASP A 157 -1.70 29.26 8.57
CA ASP A 157 -1.53 30.70 8.41
C ASP A 157 -2.64 31.08 7.46
N HIS A 10 -15.78 2.82 -9.72
CA HIS A 10 -14.46 3.34 -9.41
C HIS A 10 -13.92 2.44 -8.32
N ALA A 11 -13.01 1.54 -8.67
CA ALA A 11 -12.39 0.70 -7.65
C ALA A 11 -11.64 1.62 -6.68
N GLY A 12 -11.71 1.30 -5.39
CA GLY A 12 -11.23 2.22 -4.38
C GLY A 12 -9.77 2.62 -4.45
N ILE A 13 -9.52 3.85 -4.02
CA ILE A 13 -8.18 4.41 -3.91
C ILE A 13 -7.50 3.71 -2.74
N PHE A 14 -6.21 3.41 -2.88
CA PHE A 14 -5.44 2.78 -1.80
C PHE A 14 -4.42 3.74 -1.26
N THR A 15 -4.38 3.83 0.05
CA THR A 15 -3.55 4.82 0.72
C THR A 15 -3.29 4.28 2.11
N PHE A 16 -2.31 4.82 2.81
CA PHE A 16 -2.01 4.41 4.17
C PHE A 16 -2.54 5.46 5.12
N GLU A 17 -2.54 5.11 6.39
CA GLU A 17 -3.02 5.97 7.46
C GLU A 17 -2.14 7.19 7.70
N CYS A 18 -0.83 6.99 7.64
CA CYS A 18 0.13 8.04 7.94
C CYS A 18 1.24 7.95 6.92
N ASP A 19 2.08 8.98 6.87
CA ASP A 19 3.22 9.01 5.97
C ASP A 19 4.55 9.19 6.71
N THR A 20 4.52 9.19 8.04
CA THR A 20 5.71 9.30 8.88
C THR A 20 5.43 8.44 10.14
N ILE A 21 6.38 7.61 10.52
CA ILE A 21 6.29 6.70 11.68
C ILE A 21 7.70 6.47 12.25
N HIS A 22 7.78 6.02 13.48
CA HIS A 22 9.04 5.58 14.09
C HIS A 22 8.83 4.19 14.66
N VAL A 23 9.74 3.27 14.37
CA VAL A 23 9.77 1.97 15.04
C VAL A 23 11.13 1.82 15.71
N SER A 24 11.26 0.77 16.49
CA SER A 24 12.55 0.35 17.04
C SER A 24 12.72 -1.03 16.43
N GLU A 25 13.93 -1.55 16.36
CA GLU A 25 14.16 -2.89 15.81
C GLU A 25 13.51 -3.96 16.69
N SER A 26 13.44 -3.68 17.98
CA SER A 26 12.89 -4.59 18.99
C SER A 26 11.39 -4.80 18.82
N ILE A 27 10.78 -4.05 17.92
CA ILE A 27 9.37 -4.25 17.59
C ILE A 27 9.19 -5.62 16.92
N GLY A 28 10.24 -6.11 16.27
CA GLY A 28 10.15 -7.37 15.57
C GLY A 28 9.62 -7.18 14.17
N VAL A 29 8.35 -6.82 14.10
CA VAL A 29 7.66 -6.68 12.83
C VAL A 29 6.86 -5.38 12.83
N MET A 30 7.21 -4.49 11.92
CA MET A 30 6.49 -3.24 11.75
C MET A 30 5.24 -3.51 10.92
N GLU A 31 4.21 -2.69 11.11
CA GLU A 31 3.00 -2.82 10.31
C GLU A 31 2.56 -1.50 9.75
N VAL A 32 2.09 -1.59 8.52
CA VAL A 32 1.55 -0.46 7.82
C VAL A 32 0.08 -0.74 7.67
N LYS A 33 -0.75 0.22 8.07
CA LYS A 33 -2.18 0.10 7.96
C LYS A 33 -2.58 0.65 6.58
N VAL A 34 -3.23 -0.18 5.78
CA VAL A 34 -3.62 0.18 4.42
C VAL A 34 -5.13 0.29 4.31
N LEU A 35 -5.61 1.43 3.87
CA LEU A 35 -7.03 1.65 3.69
C LEU A 35 -7.38 1.63 2.21
N ARG A 36 -8.67 1.44 1.95
CA ARG A 36 -9.23 1.51 0.62
C ARG A 36 -10.47 2.37 0.77
N THR A 37 -10.68 3.32 -0.14
CA THR A 37 -11.83 4.21 -0.03
C THR A 37 -13.14 3.43 -0.23
N SER A 38 -14.26 4.05 0.07
CA SER A 38 -15.59 3.41 -0.03
C SER A 38 -16.04 3.08 -1.46
N GLY A 39 -15.15 3.28 -2.41
CA GLY A 39 -15.35 2.88 -3.78
C GLY A 39 -14.97 1.42 -3.93
N ALA A 40 -15.17 0.62 -2.89
CA ALA A 40 -14.66 -0.75 -2.88
C ALA A 40 -15.48 -1.73 -3.74
N ARG A 41 -15.52 -1.44 -5.02
CA ARG A 41 -16.21 -2.23 -6.00
C ARG A 41 -15.38 -3.47 -6.30
N GLY A 42 -15.84 -4.62 -5.83
CA GLY A 42 -15.17 -5.86 -6.12
C GLY A 42 -13.86 -6.11 -5.41
N THR A 43 -13.12 -7.05 -5.95
CA THR A 43 -11.87 -7.51 -5.38
C THR A 43 -10.73 -6.94 -6.20
N VAL A 44 -9.79 -6.37 -5.50
CA VAL A 44 -8.59 -5.75 -6.04
C VAL A 44 -7.42 -6.37 -5.30
N ILE A 45 -6.33 -6.66 -5.98
CA ILE A 45 -5.13 -7.17 -5.34
C ILE A 45 -4.11 -6.00 -5.37
N VAL A 46 -3.35 -5.80 -4.29
CA VAL A 46 -2.38 -4.70 -4.25
C VAL A 46 -1.00 -5.10 -3.74
N PRO A 47 0.03 -5.03 -4.61
CA PRO A 47 1.40 -5.27 -4.14
C PRO A 47 2.03 -4.17 -3.33
N PHE A 48 3.00 -4.55 -2.52
CA PHE A 48 3.84 -3.63 -1.78
C PHE A 48 5.25 -4.15 -1.78
N ARG A 49 6.21 -3.32 -1.39
CA ARG A 49 7.59 -3.76 -1.18
C ARG A 49 8.27 -2.79 -0.24
N THR A 50 9.30 -3.24 0.45
CA THR A 50 10.06 -2.38 1.36
C THR A 50 11.07 -1.58 0.53
N VAL A 51 11.16 -0.29 0.78
CA VAL A 51 11.89 0.65 -0.04
C VAL A 51 12.84 1.32 0.90
N GLU A 52 14.08 1.07 0.67
CA GLU A 52 15.12 1.62 1.48
C GLU A 52 15.52 3.02 1.05
N GLY A 53 15.75 3.89 2.03
CA GLY A 53 16.22 5.24 1.76
C GLY A 53 17.67 5.28 2.19
N THR A 54 17.90 5.35 3.49
CA THR A 54 19.23 5.05 4.04
C THR A 54 19.09 3.83 4.95
N ALA A 55 19.66 2.73 4.49
CA ALA A 55 19.70 1.46 5.20
C ALA A 55 20.54 0.56 4.28
N LYS A 56 20.91 -0.61 4.76
CA LYS A 56 21.69 -1.57 3.97
C LYS A 56 20.75 -2.38 3.07
N GLY A 57 19.55 -2.58 3.58
CA GLY A 57 18.51 -3.37 2.93
C GLY A 57 18.79 -4.85 2.87
N GLY A 58 17.98 -5.54 2.07
CA GLY A 58 18.13 -6.96 1.92
C GLY A 58 17.62 -7.68 3.14
N GLY A 59 18.54 -8.21 3.93
CA GLY A 59 18.23 -8.83 5.21
C GLY A 59 18.98 -8.21 6.38
N GLU A 60 19.55 -7.04 6.21
CA GLU A 60 20.52 -6.51 7.19
C GLU A 60 19.97 -5.54 8.26
N ASP A 61 19.17 -4.56 7.88
CA ASP A 61 18.51 -3.67 8.87
C ASP A 61 17.05 -4.04 8.92
N PHE A 62 16.55 -4.52 7.79
CA PHE A 62 15.20 -5.03 7.72
C PHE A 62 15.24 -6.08 6.65
N GLU A 63 14.20 -6.90 6.63
CA GLU A 63 14.01 -7.85 5.53
C GLU A 63 13.11 -7.24 4.47
N ASP A 64 13.58 -7.22 3.23
CA ASP A 64 12.77 -6.68 2.13
C ASP A 64 11.54 -7.52 1.99
N ALA A 65 10.47 -6.87 2.34
CA ALA A 65 9.20 -7.49 2.51
C ALA A 65 8.24 -7.05 1.44
N TYR A 66 7.99 -7.95 0.50
CA TYR A 66 7.13 -7.66 -0.63
C TYR A 66 6.14 -8.78 -0.85
N GLY A 67 4.91 -8.42 -1.17
CA GLY A 67 3.88 -9.40 -1.40
C GLY A 67 2.66 -8.70 -1.94
N GLU A 68 1.54 -9.41 -2.03
CA GLU A 68 0.29 -8.81 -2.50
C GLU A 68 -0.81 -8.94 -1.47
N LEU A 69 -1.70 -7.96 -1.48
CA LEU A 69 -2.77 -7.88 -0.52
C LEU A 69 -4.12 -8.01 -1.20
N GLU A 70 -4.89 -9.02 -0.83
CA GLU A 70 -6.23 -9.22 -1.38
C GLU A 70 -7.23 -8.30 -0.67
N PHE A 71 -7.78 -7.34 -1.41
CA PHE A 71 -8.80 -6.42 -0.89
C PHE A 71 -10.12 -6.72 -1.56
N LYS A 72 -11.19 -6.69 -0.79
CA LYS A 72 -12.54 -6.96 -1.29
C LYS A 72 -13.45 -5.86 -0.78
N ASN A 73 -14.74 -5.99 -1.04
CA ASN A 73 -15.74 -5.01 -0.62
C ASN A 73 -15.65 -4.55 0.86
N ASP A 74 -15.78 -5.47 1.81
CA ASP A 74 -15.77 -5.14 3.25
C ASP A 74 -14.34 -5.00 3.75
N GLU A 75 -13.49 -5.81 3.13
CA GLU A 75 -12.04 -5.95 3.36
C GLU A 75 -11.16 -4.70 3.19
N THR A 76 -11.75 -3.53 3.20
CA THR A 76 -11.06 -2.28 2.87
C THR A 76 -10.06 -1.83 3.91
N VAL A 77 -9.79 -2.69 4.88
CA VAL A 77 -8.75 -2.46 5.88
C VAL A 77 -7.80 -3.64 5.81
N LYS A 78 -6.51 -3.36 5.65
CA LYS A 78 -5.51 -4.42 5.56
C LYS A 78 -4.22 -3.91 6.13
N THR A 79 -3.24 -4.79 6.25
CA THR A 79 -1.96 -4.42 6.80
C THR A 79 -0.80 -5.06 6.05
N ILE A 80 0.33 -4.37 6.06
CA ILE A 80 1.58 -4.86 5.49
C ILE A 80 2.49 -5.10 6.66
N ARG A 81 3.19 -6.22 6.66
CA ARG A 81 4.13 -6.57 7.72
C ARG A 81 5.54 -6.64 7.17
N VAL A 82 6.49 -6.05 7.88
CA VAL A 82 7.90 -6.06 7.48
C VAL A 82 8.73 -6.40 8.72
N LYS A 83 9.56 -7.43 8.65
CA LYS A 83 10.39 -7.79 9.80
C LYS A 83 11.62 -6.89 9.84
N ILE A 84 11.95 -6.41 11.02
CA ILE A 84 13.12 -5.58 11.22
C ILE A 84 14.23 -6.51 11.71
N VAL A 85 15.46 -6.24 11.30
CA VAL A 85 16.62 -7.05 11.67
C VAL A 85 17.49 -6.27 12.66
N ASP A 86 18.06 -6.98 13.62
CA ASP A 86 18.93 -6.42 14.66
C ASP A 86 20.39 -6.33 14.17
N GLU A 87 21.15 -5.42 14.78
CA GLU A 87 22.56 -5.19 14.43
C GLU A 87 23.38 -5.14 15.73
N GLU A 88 24.64 -5.51 15.66
CA GLU A 88 25.51 -5.49 16.83
C GLU A 88 26.21 -4.13 16.98
N GLU A 89 25.98 -3.49 18.12
CA GLU A 89 26.57 -2.18 18.48
C GLU A 89 26.14 -1.04 17.54
N TYR A 90 26.97 -0.01 17.38
CA TYR A 90 26.66 1.21 16.63
C TYR A 90 25.45 1.96 17.20
N GLU A 91 24.81 2.79 16.38
CA GLU A 91 23.64 3.57 16.79
C GLU A 91 22.70 3.78 15.60
N ARG A 92 23.10 4.63 14.65
CA ARG A 92 22.36 4.92 13.40
C ARG A 92 20.94 5.51 13.58
N GLN A 93 20.39 5.98 12.47
CA GLN A 93 19.00 6.46 12.40
C GLN A 93 18.56 6.12 11.00
N GLU A 94 18.12 4.88 10.81
CA GLU A 94 17.88 4.41 9.46
C GLU A 94 16.46 4.68 9.04
N ASN A 95 16.29 4.82 7.73
CA ASN A 95 15.06 5.30 7.14
C ASN A 95 14.70 4.43 5.96
N PHE A 96 13.47 3.97 5.98
CA PHE A 96 12.94 3.16 4.91
C PHE A 96 11.45 3.43 4.87
N PHE A 97 10.81 3.04 3.79
CA PHE A 97 9.39 3.26 3.60
C PHE A 97 8.86 2.09 2.82
N ILE A 98 7.55 1.97 2.68
CA ILE A 98 6.98 0.87 1.90
C ILE A 98 6.01 1.49 0.92
N ALA A 99 6.24 1.29 -0.37
CA ALA A 99 5.40 1.89 -1.39
C ALA A 99 4.59 0.76 -2.03
N LEU A 100 3.33 1.01 -2.34
CA LEU A 100 2.54 0.02 -3.07
C LEU A 100 2.97 0.06 -4.53
N GLY A 101 2.83 -1.07 -5.19
CA GLY A 101 3.15 -1.17 -6.60
C GLY A 101 2.07 -0.50 -7.44
N GLU A 102 1.04 -1.27 -7.72
CA GLU A 102 -0.13 -0.82 -8.47
C GLU A 102 -1.31 -1.66 -8.08
N PRO A 103 -2.38 -1.05 -7.58
CA PRO A 103 -3.55 -1.88 -7.35
C PRO A 103 -4.13 -2.42 -8.67
N LYS A 104 -4.48 -3.69 -8.69
CA LYS A 104 -5.00 -4.36 -9.89
C LYS A 104 -6.32 -5.01 -9.54
N TRP A 105 -7.31 -4.88 -10.40
CA TRP A 105 -8.65 -5.37 -10.12
C TRP A 105 -8.71 -6.82 -10.43
N MET A 106 -8.81 -7.66 -9.41
CA MET A 106 -9.18 -9.00 -9.73
C MET A 106 -10.43 -9.44 -8.99
N GLU A 107 -11.45 -8.96 -9.60
CA GLU A 107 -12.76 -9.51 -9.71
C GLU A 107 -13.17 -8.91 -10.98
N ARG A 108 -13.08 -9.38 -12.22
CA ARG A 108 -13.66 -8.64 -13.42
C ARG A 108 -12.90 -9.13 -14.64
N GLY A 109 -11.58 -8.97 -14.60
CA GLY A 109 -10.75 -9.30 -15.74
C GLY A 109 -10.78 -8.15 -16.73
N ILE A 110 -10.12 -7.05 -16.36
CA ILE A 110 -10.08 -5.86 -17.21
C ILE A 110 -9.49 -6.21 -18.58
N SER A 111 -10.30 -5.99 -19.61
CA SER A 111 -9.92 -6.25 -20.99
C SER A 111 -10.97 -5.48 -21.80
N GLU A 112 -10.70 -5.21 -23.06
CA GLU A 112 -11.69 -4.54 -23.90
C GLU A 112 -12.43 -5.60 -24.70
N VAL A 113 -13.74 -5.46 -24.80
CA VAL A 113 -14.56 -6.35 -25.61
C VAL A 113 -15.16 -5.52 -26.74
N THR A 114 -14.38 -5.34 -27.79
CA THR A 114 -14.77 -4.53 -28.96
C THR A 114 -15.86 -5.22 -29.80
N ASP A 115 -16.28 -6.39 -29.34
CA ASP A 115 -17.40 -7.13 -29.94
C ASP A 115 -18.73 -6.51 -29.47
N ARG A 116 -18.64 -5.42 -28.72
CA ARG A 116 -19.83 -4.72 -28.23
C ARG A 116 -19.90 -3.35 -28.88
N LYS A 117 -21.08 -3.00 -29.36
CA LYS A 117 -21.33 -1.69 -29.95
C LYS A 117 -22.47 -1.09 -29.17
N LEU A 118 -22.33 0.17 -28.80
CA LEU A 118 -23.27 0.85 -27.92
C LEU A 118 -23.48 2.22 -28.53
N THR A 119 -24.37 3.02 -27.95
CA THR A 119 -24.47 4.43 -28.34
C THR A 119 -23.14 5.02 -27.94
N VAL A 120 -22.71 6.04 -28.67
CA VAL A 120 -21.32 6.43 -28.67
C VAL A 120 -20.83 6.90 -27.31
N GLU A 121 -21.76 7.42 -26.52
CA GLU A 121 -21.46 7.84 -25.16
C GLU A 121 -21.07 6.64 -24.32
N GLU A 122 -21.89 5.60 -24.44
CA GLU A 122 -21.71 4.38 -23.66
C GLU A 122 -20.56 3.56 -24.18
N GLU A 123 -20.21 3.73 -25.44
CA GLU A 123 -19.13 2.95 -26.02
C GLU A 123 -17.83 3.25 -25.28
N GLU A 124 -17.60 4.50 -24.90
CA GLU A 124 -16.49 4.77 -23.99
C GLU A 124 -16.93 4.66 -22.53
N ALA A 125 -18.04 5.26 -22.14
CA ALA A 125 -18.41 5.36 -20.72
C ALA A 125 -18.54 4.00 -20.04
N LYS A 126 -19.24 3.06 -20.68
CA LYS A 126 -19.40 1.74 -20.09
C LYS A 126 -18.06 1.03 -20.11
N ARG A 127 -17.32 1.18 -21.19
CA ARG A 127 -16.03 0.51 -21.33
C ARG A 127 -15.04 0.96 -20.27
N ILE A 128 -14.91 2.26 -20.08
CA ILE A 128 -14.04 2.82 -19.06
C ILE A 128 -14.46 2.33 -17.68
N ALA A 129 -15.75 2.31 -17.43
CA ALA A 129 -16.29 1.85 -16.15
C ALA A 129 -15.93 0.38 -15.90
N GLU A 130 -15.88 -0.41 -16.97
CA GLU A 130 -15.51 -1.81 -16.88
C GLU A 130 -14.00 -2.01 -16.81
N MET A 131 -13.21 -1.00 -17.18
CA MET A 131 -11.78 -1.11 -16.94
C MET A 131 -11.56 -0.90 -15.45
N GLY A 132 -12.29 0.07 -14.89
CA GLY A 132 -12.42 0.21 -13.45
C GLY A 132 -11.14 0.39 -12.65
N LYS A 133 -10.04 0.75 -13.30
CA LYS A 133 -8.74 0.67 -12.68
C LYS A 133 -8.57 1.47 -11.39
N PRO A 134 -8.28 0.77 -10.27
CA PRO A 134 -7.99 1.53 -9.05
C PRO A 134 -6.66 2.24 -9.17
N VAL A 135 -6.50 3.27 -8.36
CA VAL A 135 -5.27 4.06 -8.34
C VAL A 135 -4.81 4.32 -6.90
N LEU A 136 -3.59 4.81 -6.76
CA LEU A 136 -3.03 5.13 -5.45
C LEU A 136 -3.60 6.47 -4.95
N GLY A 137 -3.50 6.68 -3.65
CA GLY A 137 -4.06 7.87 -3.00
C GLY A 137 -3.07 8.95 -2.66
N GLU A 138 -3.44 9.72 -1.65
CA GLU A 138 -2.65 10.85 -1.19
C GLU A 138 -1.46 10.43 -0.33
N HIS A 139 -1.56 9.30 0.37
CA HIS A 139 -0.46 8.79 1.21
C HIS A 139 -0.18 7.29 1.01
N PRO A 140 0.15 6.85 -0.21
CA PRO A 140 0.39 5.43 -0.47
C PRO A 140 1.77 4.92 0.00
N LYS A 141 2.26 5.49 1.09
CA LYS A 141 3.55 5.14 1.65
C LYS A 141 3.60 5.62 3.07
N LEU A 142 4.36 4.91 3.91
CA LEU A 142 4.57 5.30 5.29
C LEU A 142 6.08 5.33 5.47
N GLU A 143 6.63 6.47 5.85
CA GLU A 143 8.06 6.62 6.06
C GLU A 143 8.41 6.26 7.49
N VAL A 144 9.33 5.33 7.68
CA VAL A 144 9.65 4.78 8.99
C VAL A 144 11.09 5.07 9.29
N ILE A 145 11.31 5.53 10.50
CA ILE A 145 12.64 5.79 11.02
C ILE A 145 12.83 4.72 12.08
N ILE A 146 13.96 4.05 12.06
CA ILE A 146 14.28 3.06 13.08
C ILE A 146 15.04 3.81 14.17
N GLU A 147 14.28 4.27 15.15
CA GLU A 147 14.75 5.09 16.29
C GLU A 147 13.55 5.24 17.22
N GLU A 148 13.70 4.94 18.50
CA GLU A 148 12.58 5.12 19.44
C GLU A 148 12.37 6.62 19.69
N SER A 149 11.13 7.06 19.68
CA SER A 149 10.81 8.47 19.95
C SER A 149 9.40 8.59 20.49
N TYR A 150 9.13 9.69 21.17
CA TYR A 150 7.79 9.96 21.70
C TYR A 150 6.93 10.57 20.58
N GLU A 151 5.67 10.19 20.54
CA GLU A 151 4.73 10.74 19.56
C GLU A 151 3.41 11.00 20.28
N PHE A 152 2.56 11.82 19.69
CA PHE A 152 1.27 12.18 20.26
C PHE A 152 0.26 12.44 19.16
N LYS A 153 -0.98 12.02 19.36
CA LYS A 153 -2.06 12.28 18.41
C LYS A 153 -3.18 12.99 19.14
N SER A 154 -3.76 13.98 18.49
CA SER A 154 -4.87 14.74 19.07
C SER A 154 -6.16 13.95 18.95
N THR A 155 -7.15 14.34 19.73
CA THR A 155 -8.48 13.72 19.69
C THR A 155 -9.43 14.85 20.05
N VAL A 156 -10.72 14.64 19.76
CA VAL A 156 -11.82 15.61 19.93
C VAL A 156 -11.57 17.01 19.32
N ASP A 157 -12.52 17.90 19.54
CA ASP A 157 -12.48 19.26 18.97
C ASP A 157 -11.51 20.16 19.74
N HIS A 10 -16.55 2.09 -9.87
CA HIS A 10 -15.20 2.65 -9.70
C HIS A 10 -14.54 2.01 -8.48
N ALA A 11 -13.41 1.35 -8.68
CA ALA A 11 -12.67 0.77 -7.55
C ALA A 11 -12.00 1.89 -6.74
N GLY A 12 -11.95 1.73 -5.43
CA GLY A 12 -11.46 2.79 -4.58
C GLY A 12 -9.95 3.03 -4.60
N ILE A 13 -9.61 4.26 -4.25
CA ILE A 13 -8.23 4.73 -4.11
C ILE A 13 -7.59 4.02 -2.91
N PHE A 14 -6.31 3.64 -3.05
CA PHE A 14 -5.54 3.06 -1.96
C PHE A 14 -4.53 4.05 -1.42
N THR A 15 -4.44 4.10 -0.11
CA THR A 15 -3.59 5.03 0.59
C THR A 15 -3.32 4.36 1.93
N PHE A 16 -2.41 4.89 2.73
CA PHE A 16 -2.17 4.39 4.07
C PHE A 16 -2.79 5.37 5.02
N GLU A 17 -2.84 4.99 6.28
CA GLU A 17 -3.35 5.83 7.35
C GLU A 17 -2.57 7.13 7.54
N CYS A 18 -1.26 7.02 7.50
CA CYS A 18 -0.37 8.14 7.75
C CYS A 18 0.83 7.92 6.86
N ASP A 19 1.72 8.90 6.82
CA ASP A 19 2.94 8.82 6.01
C ASP A 19 4.22 9.00 6.82
N THR A 20 4.11 9.07 8.15
CA THR A 20 5.25 9.23 9.03
C THR A 20 5.05 8.35 10.28
N ILE A 21 6.03 7.52 10.58
CA ILE A 21 6.02 6.58 11.73
C ILE A 21 7.45 6.41 12.27
N HIS A 22 7.59 5.96 13.51
CA HIS A 22 8.88 5.58 14.07
C HIS A 22 8.78 4.19 14.69
N VAL A 23 9.73 3.32 14.40
CA VAL A 23 9.84 2.00 15.07
C VAL A 23 11.21 1.85 15.70
N SER A 24 11.40 0.74 16.39
CA SER A 24 12.69 0.30 16.92
C SER A 24 12.88 -1.06 16.29
N GLU A 25 14.10 -1.56 16.27
CA GLU A 25 14.45 -2.88 15.76
C GLU A 25 13.73 -3.93 16.59
N SER A 26 13.66 -3.64 17.88
CA SER A 26 13.10 -4.53 18.90
C SER A 26 11.60 -4.78 18.74
N ILE A 27 10.96 -4.06 17.83
CA ILE A 27 9.56 -4.26 17.55
C ILE A 27 9.36 -5.64 16.89
N GLY A 28 10.40 -6.16 16.25
CA GLY A 28 10.28 -7.41 15.53
C GLY A 28 9.70 -7.24 14.16
N VAL A 29 8.44 -6.82 14.11
CA VAL A 29 7.72 -6.69 12.87
C VAL A 29 6.87 -5.42 12.87
N MET A 30 7.16 -4.53 11.94
CA MET A 30 6.41 -3.29 11.78
C MET A 30 5.15 -3.57 10.94
N GLU A 31 4.11 -2.77 11.13
CA GLU A 31 2.89 -2.89 10.34
C GLU A 31 2.37 -1.53 9.90
N VAL A 32 1.86 -1.45 8.69
CA VAL A 32 1.14 -0.26 8.22
C VAL A 32 -0.26 -0.69 7.90
N LYS A 33 -1.23 0.14 8.20
CA LYS A 33 -2.60 -0.14 7.81
C LYS A 33 -2.84 0.51 6.45
N VAL A 34 -3.29 -0.31 5.53
CA VAL A 34 -3.56 0.10 4.16
C VAL A 34 -5.05 0.27 4.07
N LEU A 35 -5.48 1.34 3.43
CA LEU A 35 -6.87 1.69 3.37
C LEU A 35 -7.36 1.75 1.94
N ARG A 36 -8.66 1.64 1.77
CA ARG A 36 -9.32 1.86 0.48
C ARG A 36 -10.52 2.74 0.77
N THR A 37 -10.75 3.75 -0.06
CA THR A 37 -11.88 4.67 0.13
C THR A 37 -13.22 3.93 -0.09
N SER A 38 -14.33 4.61 0.12
CA SER A 38 -15.68 4.05 -0.01
C SER A 38 -16.08 3.66 -1.44
N GLY A 39 -15.11 3.74 -2.35
CA GLY A 39 -15.24 3.27 -3.72
C GLY A 39 -14.98 1.78 -3.79
N ALA A 40 -15.06 1.08 -2.67
CA ALA A 40 -14.68 -0.33 -2.63
C ALA A 40 -15.64 -1.26 -3.36
N ARG A 41 -15.48 -1.33 -4.66
CA ARG A 41 -16.29 -2.18 -5.52
C ARG A 41 -15.45 -3.38 -5.95
N GLY A 42 -15.90 -4.56 -5.57
CA GLY A 42 -15.22 -5.78 -5.98
C GLY A 42 -13.93 -6.06 -5.25
N THR A 43 -13.16 -6.96 -5.84
CA THR A 43 -11.90 -7.43 -5.25
C THR A 43 -10.76 -6.94 -6.08
N VAL A 44 -9.75 -6.41 -5.42
CA VAL A 44 -8.53 -5.93 -6.04
C VAL A 44 -7.41 -6.54 -5.23
N ILE A 45 -6.27 -6.76 -5.87
CA ILE A 45 -5.09 -7.28 -5.20
C ILE A 45 -4.07 -6.14 -5.26
N VAL A 46 -3.29 -5.92 -4.21
CA VAL A 46 -2.35 -4.79 -4.18
C VAL A 46 -0.95 -5.17 -3.71
N PRO A 47 0.06 -5.07 -4.60
CA PRO A 47 1.44 -5.31 -4.15
C PRO A 47 2.07 -4.20 -3.37
N PHE A 48 3.03 -4.58 -2.54
CA PHE A 48 3.85 -3.66 -1.78
C PHE A 48 5.26 -4.20 -1.76
N ARG A 49 6.22 -3.38 -1.39
CA ARG A 49 7.59 -3.83 -1.17
C ARG A 49 8.27 -2.80 -0.27
N THR A 50 9.28 -3.22 0.46
CA THR A 50 10.00 -2.35 1.39
C THR A 50 11.02 -1.55 0.58
N VAL A 51 11.09 -0.25 0.80
CA VAL A 51 11.95 0.64 0.02
C VAL A 51 12.88 1.31 1.00
N GLU A 52 14.10 0.86 1.01
CA GLU A 52 15.10 1.40 1.90
C GLU A 52 15.61 2.75 1.40
N GLY A 53 15.82 3.66 2.34
CA GLY A 53 16.30 5.01 2.03
C GLY A 53 17.74 5.10 2.47
N THR A 54 17.96 5.25 3.77
CA THR A 54 19.29 5.04 4.34
C THR A 54 19.16 3.85 5.28
N ALA A 55 19.79 2.76 4.88
CA ALA A 55 19.80 1.49 5.59
C ALA A 55 20.63 0.62 4.66
N LYS A 56 21.05 -0.57 5.08
CA LYS A 56 21.74 -1.47 4.16
C LYS A 56 20.66 -2.14 3.30
N GLY A 57 19.52 -2.37 3.92
CA GLY A 57 18.38 -2.99 3.24
C GLY A 57 18.52 -4.48 3.04
N GLY A 58 17.70 -5.04 2.16
CA GLY A 58 17.81 -6.45 1.82
C GLY A 58 17.36 -7.37 2.94
N GLY A 59 18.31 -8.00 3.61
CA GLY A 59 18.02 -8.82 4.80
C GLY A 59 18.81 -8.34 6.00
N GLU A 60 19.44 -7.19 5.86
CA GLU A 60 20.47 -6.77 6.80
C GLU A 60 19.99 -5.84 7.93
N ASP A 61 19.20 -4.82 7.59
CA ASP A 61 18.65 -3.90 8.61
C ASP A 61 17.18 -4.23 8.84
N PHE A 62 16.57 -4.73 7.79
CA PHE A 62 15.20 -5.20 7.82
C PHE A 62 15.10 -5.99 6.56
N GLU A 63 14.09 -6.85 6.48
CA GLU A 63 13.88 -7.64 5.29
C GLU A 63 13.07 -6.88 4.26
N ASP A 64 13.44 -7.00 2.99
CA ASP A 64 12.60 -6.50 1.92
C ASP A 64 11.39 -7.37 1.92
N ALA A 65 10.32 -6.74 2.30
CA ALA A 65 9.11 -7.41 2.60
C ALA A 65 8.10 -7.04 1.53
N TYR A 66 7.93 -7.95 0.59
CA TYR A 66 7.09 -7.70 -0.56
C TYR A 66 6.12 -8.83 -0.76
N GLY A 67 4.90 -8.48 -1.15
CA GLY A 67 3.88 -9.47 -1.39
C GLY A 67 2.69 -8.77 -1.97
N GLU A 68 1.55 -9.46 -2.06
CA GLU A 68 0.32 -8.86 -2.53
C GLU A 68 -0.76 -9.00 -1.49
N LEU A 69 -1.67 -8.03 -1.48
CA LEU A 69 -2.73 -7.95 -0.50
C LEU A 69 -4.08 -8.08 -1.18
N GLU A 70 -4.84 -9.11 -0.83
CA GLU A 70 -6.17 -9.25 -1.37
C GLU A 70 -7.08 -8.27 -0.62
N PHE A 71 -7.81 -7.48 -1.38
CA PHE A 71 -8.75 -6.49 -0.85
C PHE A 71 -10.12 -6.75 -1.46
N LYS A 72 -11.10 -7.09 -0.63
CA LYS A 72 -12.47 -7.27 -1.09
C LYS A 72 -13.31 -6.10 -0.59
N ASN A 73 -14.58 -6.12 -0.91
CA ASN A 73 -15.54 -5.08 -0.54
C ASN A 73 -15.42 -4.47 0.86
N ASP A 74 -15.65 -5.24 1.92
CA ASP A 74 -15.63 -4.72 3.30
C ASP A 74 -14.21 -4.64 3.86
N GLU A 75 -13.36 -5.47 3.29
CA GLU A 75 -11.91 -5.60 3.58
C GLU A 75 -11.02 -4.36 3.41
N THR A 76 -11.60 -3.19 3.36
CA THR A 76 -10.89 -1.96 2.98
C THR A 76 -9.92 -1.49 4.05
N VAL A 77 -9.67 -2.34 5.03
CA VAL A 77 -8.60 -2.15 5.99
C VAL A 77 -7.75 -3.40 5.91
N LYS A 78 -6.47 -3.24 5.64
CA LYS A 78 -5.55 -4.35 5.48
C LYS A 78 -4.22 -3.93 6.04
N THR A 79 -3.24 -4.81 6.10
CA THR A 79 -1.97 -4.46 6.68
C THR A 79 -0.78 -5.05 5.94
N ILE A 80 0.37 -4.40 6.07
CA ILE A 80 1.64 -4.87 5.49
C ILE A 80 2.59 -5.09 6.64
N ARG A 81 3.26 -6.23 6.64
CA ARG A 81 4.24 -6.57 7.68
C ARG A 81 5.66 -6.63 7.13
N VAL A 82 6.57 -5.97 7.84
CA VAL A 82 7.99 -5.94 7.47
C VAL A 82 8.79 -6.34 8.70
N LYS A 83 9.65 -7.34 8.54
CA LYS A 83 10.47 -7.85 9.66
C LYS A 83 11.65 -6.91 9.79
N ILE A 84 12.00 -6.53 11.01
CA ILE A 84 13.17 -5.68 11.24
C ILE A 84 14.25 -6.63 11.75
N VAL A 85 15.46 -6.44 11.25
CA VAL A 85 16.59 -7.31 11.55
C VAL A 85 17.43 -6.53 12.58
N ASP A 86 18.03 -7.24 13.54
CA ASP A 86 18.59 -6.61 14.75
C ASP A 86 19.95 -7.21 15.16
N GLU A 87 21.04 -6.57 14.78
CA GLU A 87 22.41 -6.98 15.16
C GLU A 87 23.30 -5.72 15.08
N GLU A 88 24.37 -5.65 15.87
CA GLU A 88 25.20 -4.43 15.98
C GLU A 88 26.42 -4.36 15.06
N GLU A 89 26.57 -3.25 14.33
CA GLU A 89 27.80 -2.95 13.57
C GLU A 89 28.06 -1.43 13.43
N TYR A 90 27.19 -0.69 12.75
CA TYR A 90 27.46 0.74 12.44
C TYR A 90 26.19 1.61 12.32
N GLU A 91 25.14 1.22 13.01
CA GLU A 91 23.81 1.81 12.84
C GLU A 91 23.66 3.20 13.46
N ARG A 92 22.71 3.95 12.91
CA ARG A 92 22.37 5.31 13.35
C ARG A 92 20.84 5.37 13.27
N GLN A 93 20.29 6.55 13.07
CA GLN A 93 18.87 6.69 12.79
C GLN A 93 18.64 6.26 11.33
N GLU A 94 18.11 5.07 11.12
CA GLU A 94 17.88 4.58 9.76
C GLU A 94 16.51 5.01 9.27
N ASN A 95 16.29 4.94 7.97
CA ASN A 95 15.05 5.39 7.37
C ASN A 95 14.68 4.49 6.19
N PHE A 96 13.42 4.09 6.15
CA PHE A 96 12.90 3.34 5.03
C PHE A 96 11.41 3.61 4.91
N PHE A 97 10.82 3.22 3.80
CA PHE A 97 9.40 3.42 3.57
C PHE A 97 8.91 2.20 2.85
N ILE A 98 7.61 2.05 2.68
CA ILE A 98 7.06 0.93 1.93
C ILE A 98 6.17 1.54 0.89
N ALA A 99 6.37 1.18 -0.37
CA ALA A 99 5.57 1.72 -1.45
C ALA A 99 4.78 0.61 -2.09
N LEU A 100 3.60 0.96 -2.54
CA LEU A 100 2.71 0.03 -3.20
C LEU A 100 3.08 0.02 -4.67
N GLY A 101 2.98 -1.15 -5.30
CA GLY A 101 3.23 -1.27 -6.73
C GLY A 101 2.16 -0.54 -7.51
N GLU A 102 1.03 -1.21 -7.69
CA GLU A 102 -0.14 -0.60 -8.31
C GLU A 102 -1.31 -1.51 -7.95
N PRO A 103 -2.42 -0.94 -7.50
CA PRO A 103 -3.54 -1.84 -7.21
C PRO A 103 -4.09 -2.42 -8.52
N LYS A 104 -4.37 -3.72 -8.50
CA LYS A 104 -4.85 -4.44 -9.69
C LYS A 104 -6.18 -5.04 -9.33
N TRP A 105 -7.19 -4.86 -10.16
CA TRP A 105 -8.54 -5.31 -9.82
C TRP A 105 -8.68 -6.74 -10.20
N MET A 106 -8.79 -7.62 -9.21
CA MET A 106 -9.20 -8.93 -9.56
C MET A 106 -10.44 -9.41 -8.84
N GLU A 107 -11.47 -8.92 -9.45
CA GLU A 107 -12.76 -9.54 -9.62
C GLU A 107 -13.18 -8.86 -10.91
N ARG A 108 -12.91 -9.24 -12.14
CA ARG A 108 -13.43 -8.46 -13.34
C ARG A 108 -12.64 -8.88 -14.55
N GLY A 109 -11.33 -8.73 -14.46
CA GLY A 109 -10.47 -8.90 -15.62
C GLY A 109 -10.54 -7.63 -16.44
N ILE A 110 -9.92 -6.56 -15.93
CA ILE A 110 -9.99 -5.25 -16.59
C ILE A 110 -9.53 -5.36 -18.05
N SER A 111 -10.45 -5.01 -18.93
CA SER A 111 -10.29 -5.12 -20.38
C SER A 111 -11.48 -4.34 -20.89
N GLU A 112 -11.74 -4.36 -22.19
CA GLU A 112 -12.95 -3.78 -22.74
C GLU A 112 -13.56 -4.72 -23.76
N VAL A 113 -14.84 -4.51 -24.04
CA VAL A 113 -15.60 -5.34 -24.97
C VAL A 113 -15.96 -4.46 -26.16
N THR A 114 -15.68 -4.93 -27.37
CA THR A 114 -15.97 -4.15 -28.59
C THR A 114 -17.33 -4.54 -29.16
N ASP A 115 -17.80 -5.70 -28.76
CA ASP A 115 -19.05 -6.29 -29.26
C ASP A 115 -20.28 -5.48 -28.83
N ARG A 116 -20.18 -4.84 -27.67
CA ARG A 116 -21.26 -4.02 -27.15
C ARG A 116 -21.18 -2.63 -27.79
N LYS A 117 -22.33 -2.11 -28.20
CA LYS A 117 -22.41 -0.78 -28.81
C LYS A 117 -23.33 0.07 -27.95
N LEU A 118 -22.91 1.29 -27.70
CA LEU A 118 -23.66 2.24 -26.88
C LEU A 118 -23.68 3.53 -27.68
N THR A 119 -24.31 4.57 -27.15
CA THR A 119 -24.20 5.91 -27.74
C THR A 119 -22.76 6.31 -27.53
N VAL A 120 -22.29 7.21 -28.37
CA VAL A 120 -20.87 7.42 -28.54
C VAL A 120 -20.20 7.97 -27.29
N GLU A 121 -20.96 8.64 -26.46
CA GLU A 121 -20.47 9.15 -25.19
C GLU A 121 -20.21 7.99 -24.25
N GLU A 122 -21.18 7.11 -24.17
CA GLU A 122 -21.13 5.95 -23.29
C GLU A 122 -20.16 4.90 -23.80
N GLU A 123 -19.86 4.97 -25.09
CA GLU A 123 -18.95 4.02 -25.70
C GLU A 123 -17.59 4.10 -25.02
N GLU A 124 -17.11 5.29 -24.73
CA GLU A 124 -15.97 5.43 -23.83
C GLU A 124 -16.39 5.51 -22.35
N ALA A 125 -17.35 6.36 -22.01
CA ALA A 125 -17.65 6.64 -20.59
C ALA A 125 -18.01 5.40 -19.78
N LYS A 126 -18.94 4.60 -20.27
CA LYS A 126 -19.33 3.39 -19.55
C LYS A 126 -18.17 2.41 -19.58
N ARG A 127 -17.50 2.32 -20.71
CA ARG A 127 -16.37 1.41 -20.86
C ARG A 127 -15.26 1.69 -19.84
N ILE A 128 -14.90 2.95 -19.70
CA ILE A 128 -13.86 3.33 -18.76
C ILE A 128 -14.30 3.02 -17.33
N ALA A 129 -15.56 3.29 -17.04
CA ALA A 129 -16.10 3.02 -15.72
C ALA A 129 -16.08 1.51 -15.43
N GLU A 130 -16.33 0.71 -16.45
CA GLU A 130 -16.29 -0.75 -16.34
C GLU A 130 -14.86 -1.28 -16.23
N MET A 131 -13.89 -0.52 -16.75
CA MET A 131 -12.47 -0.89 -16.57
C MET A 131 -12.15 -0.71 -15.10
N GLY A 132 -12.68 0.36 -14.52
CA GLY A 132 -12.69 0.53 -13.07
C GLY A 132 -11.34 0.51 -12.39
N LYS A 133 -10.26 0.85 -13.10
CA LYS A 133 -8.92 0.68 -12.58
C LYS A 133 -8.68 1.45 -11.29
N PRO A 134 -8.39 0.74 -10.18
CA PRO A 134 -8.06 1.50 -8.97
C PRO A 134 -6.72 2.19 -9.13
N VAL A 135 -6.55 3.25 -8.36
CA VAL A 135 -5.32 4.06 -8.41
C VAL A 135 -4.82 4.36 -7.00
N LEU A 136 -3.62 4.91 -6.91
CA LEU A 136 -3.02 5.27 -5.63
C LEU A 136 -3.54 6.64 -5.19
N GLY A 137 -3.44 6.90 -3.90
CA GLY A 137 -3.89 8.16 -3.32
C GLY A 137 -2.76 9.10 -2.98
N GLU A 138 -3.00 9.93 -1.97
CA GLU A 138 -2.04 10.93 -1.53
C GLU A 138 -0.92 10.35 -0.68
N HIS A 139 -1.26 9.39 0.18
CA HIS A 139 -0.29 8.81 1.12
C HIS A 139 -0.18 7.29 0.99
N PRO A 140 0.09 6.74 -0.22
CA PRO A 140 0.23 5.29 -0.41
C PRO A 140 1.57 4.73 0.10
N LYS A 141 2.18 5.44 1.03
CA LYS A 141 3.49 5.11 1.55
C LYS A 141 3.54 5.55 2.99
N LEU A 142 4.34 4.86 3.79
CA LEU A 142 4.57 5.24 5.18
C LEU A 142 6.07 5.30 5.40
N GLU A 143 6.57 6.46 5.79
CA GLU A 143 7.99 6.65 6.08
C GLU A 143 8.26 6.29 7.53
N VAL A 144 9.16 5.34 7.73
CA VAL A 144 9.49 4.79 9.03
C VAL A 144 10.92 5.18 9.34
N ILE A 145 11.10 5.67 10.54
CA ILE A 145 12.40 6.04 11.05
C ILE A 145 12.66 5.03 12.14
N ILE A 146 13.84 4.47 12.16
CA ILE A 146 14.22 3.52 13.20
C ILE A 146 14.98 4.33 14.27
N GLU A 147 14.34 4.51 15.42
CA GLU A 147 14.82 5.38 16.50
C GLU A 147 14.02 5.07 17.77
N GLU A 148 14.61 5.23 18.94
CA GLU A 148 13.88 5.02 20.21
C GLU A 148 12.81 6.11 20.42
N SER A 149 13.04 7.26 19.82
CA SER A 149 12.14 8.41 19.95
C SER A 149 11.02 8.28 18.93
N TYR A 150 9.86 8.84 19.25
CA TYR A 150 8.71 8.79 18.37
C TYR A 150 7.90 10.06 18.57
N GLU A 151 7.03 10.37 17.61
CA GLU A 151 6.24 11.59 17.64
C GLU A 151 4.88 11.29 17.01
N PHE A 152 3.83 11.95 17.49
CA PHE A 152 2.50 11.81 16.92
C PHE A 152 1.91 13.21 16.85
N LYS A 153 1.34 13.57 15.71
CA LYS A 153 0.84 14.95 15.49
C LYS A 153 -0.59 15.06 14.97
N SER A 154 -1.25 13.94 14.70
CA SER A 154 -2.63 14.00 14.22
C SER A 154 -3.49 14.47 15.38
N THR A 155 -4.32 15.49 15.15
CA THR A 155 -5.09 16.11 16.22
C THR A 155 -6.53 16.44 15.80
N VAL A 156 -6.67 17.09 14.66
CA VAL A 156 -7.97 17.53 14.17
C VAL A 156 -7.84 17.56 12.64
N ASP A 157 -8.97 17.53 11.95
CA ASP A 157 -9.04 17.62 10.49
C ASP A 157 -10.33 18.39 10.25
N HIS A 10 -16.34 1.86 -9.97
CA HIS A 10 -14.97 2.31 -9.80
C HIS A 10 -14.39 1.59 -8.61
N ALA A 11 -13.19 1.05 -8.74
CA ALA A 11 -12.50 0.43 -7.62
C ALA A 11 -11.88 1.54 -6.75
N GLY A 12 -11.86 1.34 -5.44
CA GLY A 12 -11.39 2.39 -4.54
C GLY A 12 -9.91 2.69 -4.56
N ILE A 13 -9.59 3.93 -4.19
CA ILE A 13 -8.22 4.41 -4.04
C ILE A 13 -7.58 3.71 -2.83
N PHE A 14 -6.29 3.37 -2.92
CA PHE A 14 -5.57 2.76 -1.81
C PHE A 14 -4.51 3.69 -1.25
N THR A 15 -4.45 3.78 0.06
CA THR A 15 -3.55 4.74 0.72
C THR A 15 -3.27 4.22 2.13
N PHE A 16 -2.28 4.78 2.80
CA PHE A 16 -1.95 4.39 4.18
C PHE A 16 -2.48 5.44 5.14
N GLU A 17 -2.46 5.07 6.41
CA GLU A 17 -2.93 5.91 7.51
C GLU A 17 -2.06 7.14 7.74
N CYS A 18 -0.75 6.95 7.63
CA CYS A 18 0.21 8.00 7.91
C CYS A 18 1.32 7.91 6.88
N ASP A 19 2.17 8.92 6.82
CA ASP A 19 3.32 8.93 5.91
C ASP A 19 4.66 9.08 6.64
N THR A 20 4.63 9.12 7.98
CA THR A 20 5.83 9.21 8.81
C THR A 20 5.53 8.38 10.07
N ILE A 21 6.46 7.54 10.47
CA ILE A 21 6.34 6.65 11.64
C ILE A 21 7.74 6.38 12.24
N HIS A 22 7.78 5.94 13.49
CA HIS A 22 9.02 5.47 14.12
C HIS A 22 8.81 4.07 14.66
N VAL A 23 9.75 3.18 14.39
CA VAL A 23 9.81 1.89 15.10
C VAL A 23 11.19 1.73 15.74
N SER A 24 11.39 0.61 16.39
CA SER A 24 12.65 0.24 16.99
C SER A 24 12.80 -1.18 16.54
N GLU A 25 14.00 -1.71 16.48
CA GLU A 25 14.26 -3.11 16.11
C GLU A 25 13.51 -4.06 17.04
N SER A 26 13.37 -3.62 18.29
CA SER A 26 12.74 -4.41 19.35
C SER A 26 11.25 -4.67 19.09
N ILE A 27 10.67 -3.98 18.12
CA ILE A 27 9.29 -4.22 17.75
C ILE A 27 9.15 -5.59 17.05
N GLY A 28 10.22 -6.06 16.43
CA GLY A 28 10.16 -7.32 15.70
C GLY A 28 9.61 -7.16 14.31
N VAL A 29 8.35 -6.78 14.23
CA VAL A 29 7.66 -6.67 12.96
C VAL A 29 6.83 -5.39 12.93
N MET A 30 7.17 -4.51 11.99
CA MET A 30 6.45 -3.27 11.79
C MET A 30 5.19 -3.53 10.99
N GLU A 31 4.17 -2.69 11.15
CA GLU A 31 2.94 -2.80 10.38
C GLU A 31 2.44 -1.44 9.92
N VAL A 32 1.96 -1.36 8.69
CA VAL A 32 1.26 -0.16 8.20
C VAL A 32 -0.15 -0.59 7.92
N LYS A 33 -1.11 0.27 8.20
CA LYS A 33 -2.51 -0.03 7.92
C LYS A 33 -2.81 0.57 6.56
N VAL A 34 -3.41 -0.24 5.71
CA VAL A 34 -3.72 0.15 4.34
C VAL A 34 -5.22 0.28 4.21
N LEU A 35 -5.68 1.47 3.87
CA LEU A 35 -7.09 1.75 3.71
C LEU A 35 -7.42 1.76 2.24
N ARG A 36 -8.69 1.62 1.94
CA ARG A 36 -9.21 1.71 0.59
C ARG A 36 -10.49 2.52 0.75
N THR A 37 -10.69 3.51 -0.11
CA THR A 37 -11.82 4.43 0.05
C THR A 37 -13.18 3.73 -0.17
N SER A 38 -14.26 4.47 0.04
CA SER A 38 -15.64 3.98 -0.13
C SER A 38 -16.03 3.60 -1.56
N GLY A 39 -15.04 3.56 -2.43
CA GLY A 39 -15.19 3.10 -3.81
C GLY A 39 -14.91 1.61 -3.86
N ALA A 40 -14.95 0.93 -2.74
CA ALA A 40 -14.61 -0.50 -2.69
C ALA A 40 -15.61 -1.38 -3.44
N ARG A 41 -15.40 -1.52 -4.75
CA ARG A 41 -16.24 -2.34 -5.61
C ARG A 41 -15.42 -3.53 -6.05
N GLY A 42 -15.85 -4.71 -5.64
CA GLY A 42 -15.17 -5.93 -6.05
C GLY A 42 -13.85 -6.17 -5.36
N THR A 43 -13.08 -7.08 -5.92
CA THR A 43 -11.81 -7.49 -5.37
C THR A 43 -10.69 -6.92 -6.22
N VAL A 44 -9.77 -6.29 -5.53
CA VAL A 44 -8.56 -5.71 -6.12
C VAL A 44 -7.40 -6.31 -5.33
N ILE A 45 -6.31 -6.62 -6.02
CA ILE A 45 -5.12 -7.11 -5.37
C ILE A 45 -4.10 -5.96 -5.43
N VAL A 46 -3.36 -5.73 -4.36
CA VAL A 46 -2.40 -4.62 -4.33
C VAL A 46 -1.03 -5.04 -3.79
N PRO A 47 0.03 -5.00 -4.64
CA PRO A 47 1.37 -5.25 -4.14
C PRO A 47 1.98 -4.13 -3.34
N PHE A 48 2.95 -4.49 -2.52
CA PHE A 48 3.77 -3.55 -1.79
C PHE A 48 5.17 -4.08 -1.82
N ARG A 49 6.13 -3.23 -1.47
CA ARG A 49 7.52 -3.67 -1.31
C ARG A 49 8.25 -2.66 -0.43
N THR A 50 9.27 -3.12 0.28
CA THR A 50 10.04 -2.26 1.17
C THR A 50 11.07 -1.48 0.36
N VAL A 51 11.23 -0.22 0.67
CA VAL A 51 12.11 0.69 -0.07
C VAL A 51 12.98 1.40 0.93
N GLU A 52 14.23 1.03 0.96
CA GLU A 52 15.18 1.65 1.85
C GLU A 52 15.63 2.99 1.28
N GLY A 53 15.77 3.98 2.16
CA GLY A 53 16.18 5.32 1.75
C GLY A 53 17.62 5.51 2.12
N THR A 54 17.88 5.74 3.40
CA THR A 54 19.24 5.61 3.92
C THR A 54 19.18 4.48 4.94
N ALA A 55 19.81 3.38 4.58
CA ALA A 55 19.84 2.14 5.35
C ALA A 55 20.69 1.26 4.46
N LYS A 56 21.19 0.12 4.93
CA LYS A 56 21.87 -0.78 4.05
C LYS A 56 20.78 -1.68 3.44
N GLY A 57 19.72 -1.94 4.19
CA GLY A 57 18.57 -2.67 3.68
C GLY A 57 18.81 -4.12 3.33
N GLY A 58 17.86 -4.71 2.61
CA GLY A 58 17.99 -6.11 2.19
C GLY A 58 17.60 -7.09 3.27
N GLY A 59 18.60 -7.61 3.98
CA GLY A 59 18.38 -8.45 5.17
C GLY A 59 19.09 -7.85 6.37
N GLU A 60 19.55 -6.61 6.24
CA GLU A 60 20.40 -5.98 7.27
C GLU A 60 19.65 -5.12 8.28
N ASP A 61 18.93 -4.13 7.76
CA ASP A 61 18.17 -3.18 8.58
C ASP A 61 16.79 -3.77 8.87
N PHE A 62 16.31 -4.48 7.88
CA PHE A 62 15.01 -5.12 7.91
C PHE A 62 15.14 -6.17 6.83
N GLU A 63 14.14 -7.01 6.70
CA GLU A 63 14.05 -7.93 5.56
C GLU A 63 13.11 -7.35 4.52
N ASP A 64 13.58 -7.28 3.28
CA ASP A 64 12.79 -6.72 2.17
C ASP A 64 11.53 -7.51 2.02
N ALA A 65 10.48 -6.81 2.35
CA ALA A 65 9.19 -7.38 2.49
C ALA A 65 8.26 -6.93 1.38
N TYR A 66 8.00 -7.82 0.46
CA TYR A 66 7.13 -7.54 -0.66
C TYR A 66 6.16 -8.69 -0.87
N GLY A 67 4.93 -8.35 -1.22
CA GLY A 67 3.91 -9.36 -1.44
C GLY A 67 2.69 -8.67 -1.97
N GLU A 68 1.59 -9.40 -2.07
CA GLU A 68 0.33 -8.83 -2.53
C GLU A 68 -0.74 -8.98 -1.48
N LEU A 69 -1.65 -8.02 -1.48
CA LEU A 69 -2.72 -7.96 -0.51
C LEU A 69 -4.05 -8.03 -1.24
N GLU A 70 -4.89 -8.97 -0.87
CA GLU A 70 -6.23 -9.05 -1.46
C GLU A 70 -7.14 -8.09 -0.70
N PHE A 71 -7.80 -7.22 -1.44
CA PHE A 71 -8.81 -6.31 -0.88
C PHE A 71 -10.14 -6.62 -1.54
N LYS A 72 -11.09 -7.07 -0.74
CA LYS A 72 -12.44 -7.38 -1.20
C LYS A 72 -13.31 -6.25 -0.67
N ASN A 73 -14.60 -6.31 -0.95
CA ASN A 73 -15.56 -5.31 -0.47
C ASN A 73 -15.45 -4.99 1.03
N ASP A 74 -15.58 -6.01 1.88
CA ASP A 74 -15.53 -5.83 3.33
C ASP A 74 -14.08 -5.77 3.82
N GLU A 75 -13.25 -6.48 3.07
CA GLU A 75 -11.79 -6.59 3.27
C GLU A 75 -11.04 -5.32 2.86
N THR A 76 -11.78 -4.23 2.76
CA THR A 76 -11.29 -2.95 2.23
C THR A 76 -10.33 -2.26 3.23
N VAL A 77 -9.87 -3.00 4.23
CA VAL A 77 -8.81 -2.56 5.11
C VAL A 77 -7.83 -3.74 5.28
N LYS A 78 -6.54 -3.47 5.32
CA LYS A 78 -5.52 -4.52 5.41
C LYS A 78 -4.26 -3.95 6.04
N THR A 79 -3.23 -4.76 6.20
CA THR A 79 -1.98 -4.33 6.79
C THR A 79 -0.80 -4.96 6.06
N ILE A 80 0.34 -4.31 6.12
CA ILE A 80 1.59 -4.81 5.55
C ILE A 80 2.51 -5.04 6.71
N ARG A 81 3.23 -6.15 6.70
CA ARG A 81 4.20 -6.48 7.76
C ARG A 81 5.61 -6.55 7.20
N VAL A 82 6.57 -5.97 7.91
CA VAL A 82 8.00 -6.01 7.53
C VAL A 82 8.79 -6.38 8.78
N LYS A 83 9.64 -7.40 8.69
CA LYS A 83 10.44 -7.84 9.84
C LYS A 83 11.63 -6.91 9.97
N ILE A 84 11.90 -6.41 11.17
CA ILE A 84 13.04 -5.55 11.42
C ILE A 84 14.15 -6.47 11.92
N VAL A 85 15.34 -6.32 11.37
CA VAL A 85 16.47 -7.20 11.70
C VAL A 85 17.22 -6.63 12.90
N ASP A 86 17.66 -7.53 13.78
CA ASP A 86 18.40 -7.18 14.99
C ASP A 86 19.91 -7.35 14.78
N GLU A 87 20.68 -6.36 15.21
CA GLU A 87 22.14 -6.35 15.11
C GLU A 87 22.64 -5.33 16.14
N GLU A 88 23.95 -5.25 16.37
CA GLU A 88 24.54 -4.28 17.29
C GLU A 88 25.29 -3.16 16.56
N GLU A 89 25.83 -3.46 15.38
CA GLU A 89 26.61 -2.45 14.61
C GLU A 89 25.79 -1.90 13.44
N TYR A 90 24.54 -1.57 13.71
CA TYR A 90 23.62 -0.99 12.71
C TYR A 90 24.03 0.47 12.40
N GLU A 91 23.55 0.99 11.28
CA GLU A 91 23.93 2.34 10.81
C GLU A 91 23.07 3.44 11.47
N ARG A 92 22.95 3.33 12.80
CA ARG A 92 22.29 4.32 13.66
C ARG A 92 20.81 4.53 13.28
N GLN A 93 20.47 5.74 12.86
CA GLN A 93 19.10 6.10 12.50
C GLN A 93 18.86 5.68 11.04
N GLU A 94 18.42 4.45 10.84
CA GLU A 94 18.13 3.97 9.48
C GLU A 94 16.66 4.29 9.14
N ASN A 95 16.42 4.44 7.84
CA ASN A 95 15.16 4.98 7.30
C ASN A 95 14.77 4.17 6.08
N PHE A 96 13.53 3.75 6.08
CA PHE A 96 12.97 3.02 4.96
C PHE A 96 11.49 3.30 4.89
N PHE A 97 10.87 2.96 3.79
CA PHE A 97 9.47 3.21 3.58
C PHE A 97 8.93 2.03 2.81
N ILE A 98 7.61 1.93 2.65
CA ILE A 98 7.03 0.83 1.89
C ILE A 98 6.09 1.46 0.89
N ALA A 99 6.33 1.26 -0.39
CA ALA A 99 5.51 1.87 -1.42
C ALA A 99 4.66 0.76 -2.04
N LEU A 100 3.49 1.14 -2.50
CA LEU A 100 2.58 0.22 -3.16
C LEU A 100 2.94 0.17 -4.63
N GLY A 101 2.80 -1.01 -5.22
CA GLY A 101 3.15 -1.21 -6.61
C GLY A 101 2.11 -0.62 -7.55
N GLU A 102 1.09 -1.43 -7.82
CA GLU A 102 0.00 -1.04 -8.72
C GLU A 102 -1.24 -1.81 -8.31
N PRO A 103 -2.31 -1.11 -7.94
CA PRO A 103 -3.53 -1.86 -7.61
C PRO A 103 -4.15 -2.47 -8.88
N LYS A 104 -4.48 -3.76 -8.82
CA LYS A 104 -5.00 -4.48 -9.99
C LYS A 104 -6.32 -5.13 -9.63
N TRP A 105 -7.31 -4.99 -10.49
CA TRP A 105 -8.67 -5.45 -10.19
C TRP A 105 -8.76 -6.92 -10.48
N MET A 106 -8.82 -7.73 -9.43
CA MET A 106 -9.17 -9.09 -9.70
C MET A 106 -10.36 -9.54 -8.92
N GLU A 107 -11.40 -9.11 -9.53
CA GLU A 107 -12.71 -9.67 -9.60
C GLU A 107 -13.08 -9.10 -10.88
N ARG A 108 -12.97 -9.60 -12.09
CA ARG A 108 -13.44 -8.89 -13.37
C ARG A 108 -12.45 -9.31 -14.43
N GLY A 109 -11.17 -9.26 -14.09
CA GLY A 109 -10.12 -9.61 -15.06
C GLY A 109 -10.02 -8.57 -16.14
N ILE A 110 -10.24 -7.32 -15.78
CA ILE A 110 -10.32 -6.25 -16.78
C ILE A 110 -9.03 -6.10 -17.61
N SER A 111 -9.23 -5.92 -18.90
CA SER A 111 -8.16 -5.55 -19.82
C SER A 111 -8.75 -4.40 -20.62
N GLU A 112 -9.67 -4.74 -21.51
CA GLU A 112 -10.50 -3.77 -22.22
C GLU A 112 -11.82 -4.49 -22.46
N VAL A 113 -12.89 -3.74 -22.75
CA VAL A 113 -14.18 -4.33 -23.10
C VAL A 113 -14.67 -3.66 -24.39
N THR A 114 -14.04 -4.03 -25.50
CA THR A 114 -14.29 -3.40 -26.80
C THR A 114 -15.60 -3.89 -27.42
N ASP A 115 -16.19 -4.90 -26.81
CA ASP A 115 -17.46 -5.48 -27.27
C ASP A 115 -18.67 -4.67 -26.80
N ARG A 116 -18.44 -3.72 -25.91
CA ARG A 116 -19.54 -2.96 -25.28
C ARG A 116 -20.15 -1.88 -26.18
N LYS A 117 -20.79 -2.31 -27.25
CA LYS A 117 -21.55 -1.40 -28.12
C LYS A 117 -22.83 -1.03 -27.37
N LEU A 118 -22.98 0.25 -27.06
CA LEU A 118 -24.08 0.74 -26.23
C LEU A 118 -24.70 1.97 -26.91
N THR A 119 -25.54 2.70 -26.20
CA THR A 119 -26.03 4.00 -26.68
C THR A 119 -24.83 4.95 -26.64
N VAL A 120 -24.94 6.12 -27.25
CA VAL A 120 -23.80 7.01 -27.43
C VAL A 120 -23.17 7.39 -26.10
N GLU A 121 -24.02 7.75 -25.16
CA GLU A 121 -23.60 8.20 -23.84
C GLU A 121 -22.85 7.10 -23.11
N GLU A 122 -23.45 5.92 -23.12
CA GLU A 122 -22.91 4.79 -22.41
C GLU A 122 -21.70 4.20 -23.11
N GLU A 123 -21.53 4.48 -24.39
CA GLU A 123 -20.43 3.90 -25.13
C GLU A 123 -19.11 4.24 -24.46
N GLU A 124 -18.91 5.48 -24.05
CA GLU A 124 -17.78 5.77 -23.16
C GLU A 124 -18.16 5.60 -21.68
N ALA A 125 -19.27 6.18 -21.24
CA ALA A 125 -19.55 6.26 -19.80
C ALA A 125 -19.62 4.89 -19.10
N LYS A 126 -20.29 3.95 -19.71
CA LYS A 126 -20.42 2.61 -19.13
C LYS A 126 -19.11 1.88 -19.27
N ARG A 127 -18.43 2.09 -20.40
CA ARG A 127 -17.15 1.45 -20.66
C ARG A 127 -16.11 1.88 -19.64
N ILE A 128 -16.02 3.16 -19.37
CA ILE A 128 -15.09 3.70 -18.37
C ILE A 128 -15.41 3.10 -17.00
N ALA A 129 -16.70 3.05 -16.67
CA ALA A 129 -17.12 2.48 -15.39
C ALA A 129 -16.75 0.99 -15.32
N GLU A 130 -16.95 0.28 -16.41
CA GLU A 130 -16.62 -1.14 -16.50
C GLU A 130 -15.12 -1.39 -16.46
N MET A 131 -14.31 -0.39 -16.81
CA MET A 131 -12.86 -0.57 -16.70
C MET A 131 -12.52 -0.59 -15.23
N GLY A 132 -13.15 0.29 -14.46
CA GLY A 132 -13.08 0.25 -13.01
C GLY A 132 -11.70 0.37 -12.39
N LYS A 133 -10.70 0.70 -13.20
CA LYS A 133 -9.30 0.52 -12.79
C LYS A 133 -8.91 1.40 -11.59
N PRO A 134 -8.44 0.77 -10.49
CA PRO A 134 -8.07 1.55 -9.30
C PRO A 134 -6.76 2.29 -9.44
N VAL A 135 -6.55 3.23 -8.54
CA VAL A 135 -5.29 4.00 -8.47
C VAL A 135 -4.86 4.22 -7.02
N LEU A 136 -3.60 4.59 -6.82
CA LEU A 136 -3.07 4.92 -5.50
C LEU A 136 -3.54 6.30 -5.03
N GLY A 137 -3.41 6.54 -3.73
CA GLY A 137 -3.89 7.77 -3.11
C GLY A 137 -2.86 8.82 -2.81
N GLU A 138 -3.18 9.61 -1.81
CA GLU A 138 -2.37 10.74 -1.39
C GLU A 138 -1.19 10.30 -0.51
N HIS A 139 -1.37 9.21 0.24
CA HIS A 139 -0.31 8.68 1.12
C HIS A 139 -0.11 7.17 0.94
N PRO A 140 0.22 6.69 -0.28
CA PRO A 140 0.43 5.25 -0.48
C PRO A 140 1.79 4.73 0.01
N LYS A 141 2.34 5.40 1.01
CA LYS A 141 3.65 5.08 1.57
C LYS A 141 3.72 5.57 3.00
N LEU A 142 4.45 4.83 3.83
CA LEU A 142 4.66 5.20 5.22
C LEU A 142 6.16 5.20 5.44
N GLU A 143 6.72 6.33 5.83
CA GLU A 143 8.16 6.45 6.05
C GLU A 143 8.51 6.12 7.49
N VAL A 144 9.35 5.13 7.70
CA VAL A 144 9.68 4.61 9.01
C VAL A 144 11.13 4.91 9.32
N ILE A 145 11.34 5.35 10.53
CA ILE A 145 12.66 5.63 11.04
C ILE A 145 12.85 4.60 12.13
N ILE A 146 13.98 3.91 12.11
CA ILE A 146 14.30 2.97 13.17
C ILE A 146 15.15 3.74 14.19
N GLU A 147 14.49 4.15 15.26
CA GLU A 147 15.09 4.95 16.32
C GLU A 147 14.11 4.95 17.49
N GLU A 148 14.59 4.71 18.70
CA GLU A 148 13.72 4.74 19.89
C GLU A 148 13.43 6.19 20.28
N SER A 149 12.43 6.76 19.63
CA SER A 149 11.93 8.09 19.90
C SER A 149 10.56 8.13 19.27
N TYR A 150 9.71 9.04 19.71
CA TYR A 150 8.39 9.18 19.11
C TYR A 150 7.94 10.63 19.13
N GLU A 151 7.46 11.10 17.99
CA GLU A 151 6.92 12.43 17.85
C GLU A 151 5.92 12.34 16.70
N PHE A 152 5.03 13.31 16.60
CA PHE A 152 4.00 13.29 15.56
C PHE A 152 3.79 14.65 14.88
N LYS A 153 4.35 15.71 15.47
CA LYS A 153 4.29 17.07 14.91
C LYS A 153 2.88 17.62 14.67
N SER A 154 1.88 17.02 15.31
CA SER A 154 0.50 17.46 15.15
C SER A 154 0.30 18.83 15.80
N THR A 155 -0.20 19.77 15.03
CA THR A 155 -0.44 21.13 15.52
C THR A 155 -1.73 21.22 16.31
N VAL A 156 -2.59 20.21 16.11
CA VAL A 156 -3.96 20.14 16.65
C VAL A 156 -4.84 21.14 15.88
N ASP A 157 -6.13 20.86 15.84
CA ASP A 157 -7.14 21.61 15.05
C ASP A 157 -6.81 21.53 13.54
N HIS A 10 -16.47 0.19 -9.93
CA HIS A 10 -15.22 0.95 -9.93
C HIS A 10 -14.38 0.42 -8.78
N ALA A 11 -13.08 0.64 -8.81
CA ALA A 11 -12.24 0.27 -7.68
C ALA A 11 -11.78 1.57 -6.98
N GLY A 12 -11.59 1.49 -5.67
CA GLY A 12 -11.27 2.67 -4.89
C GLY A 12 -9.79 3.02 -4.78
N ILE A 13 -9.55 4.24 -4.32
CA ILE A 13 -8.20 4.76 -4.05
C ILE A 13 -7.59 4.00 -2.89
N PHE A 14 -6.29 3.71 -2.95
CA PHE A 14 -5.56 3.09 -1.84
C PHE A 14 -4.55 4.04 -1.25
N THR A 15 -4.45 4.06 0.06
CA THR A 15 -3.57 5.00 0.75
C THR A 15 -3.28 4.41 2.13
N PHE A 16 -2.31 4.94 2.85
CA PHE A 16 -1.99 4.44 4.19
C PHE A 16 -2.54 5.38 5.24
N GLU A 17 -2.42 4.96 6.49
CA GLU A 17 -2.88 5.75 7.64
C GLU A 17 -2.03 6.98 7.94
N CYS A 18 -0.71 6.81 7.98
CA CYS A 18 0.18 7.89 8.39
C CYS A 18 1.21 8.14 7.31
N ASP A 19 2.05 9.15 7.51
CA ASP A 19 3.07 9.52 6.54
C ASP A 19 4.45 9.32 7.12
N THR A 20 4.54 9.27 8.45
CA THR A 20 5.78 9.17 9.15
C THR A 20 5.51 8.38 10.43
N ILE A 21 6.43 7.48 10.76
CA ILE A 21 6.33 6.59 11.91
C ILE A 21 7.73 6.30 12.49
N HIS A 22 7.78 5.92 13.75
CA HIS A 22 9.00 5.40 14.37
C HIS A 22 8.75 3.99 14.84
N VAL A 23 9.62 3.08 14.46
CA VAL A 23 9.67 1.75 15.09
C VAL A 23 11.02 1.62 15.75
N SER A 24 11.21 0.56 16.50
CA SER A 24 12.49 0.20 17.08
C SER A 24 12.71 -1.19 16.54
N GLU A 25 13.93 -1.70 16.55
CA GLU A 25 14.19 -3.07 16.09
C GLU A 25 13.48 -4.07 16.98
N SER A 26 13.32 -3.67 18.23
CA SER A 26 12.72 -4.48 19.27
C SER A 26 11.24 -4.78 19.01
N ILE A 27 10.66 -4.10 18.04
CA ILE A 27 9.28 -4.34 17.66
C ILE A 27 9.16 -5.70 16.97
N GLY A 28 10.23 -6.15 16.33
CA GLY A 28 10.17 -7.39 15.58
C GLY A 28 9.63 -7.19 14.19
N VAL A 29 8.36 -6.85 14.12
CA VAL A 29 7.66 -6.71 12.86
C VAL A 29 6.82 -5.43 12.85
N MET A 30 7.16 -4.54 11.93
CA MET A 30 6.43 -3.28 11.74
C MET A 30 5.18 -3.54 10.91
N GLU A 31 4.16 -2.70 11.09
CA GLU A 31 2.93 -2.81 10.30
C GLU A 31 2.43 -1.45 9.86
N VAL A 32 1.94 -1.37 8.63
CA VAL A 32 1.22 -0.18 8.16
C VAL A 32 -0.17 -0.66 7.85
N LYS A 33 -1.17 0.18 8.12
CA LYS A 33 -2.54 -0.17 7.79
C LYS A 33 -2.80 0.49 6.45
N VAL A 34 -3.34 -0.30 5.53
CA VAL A 34 -3.67 0.16 4.19
C VAL A 34 -5.18 0.29 4.08
N LEU A 35 -5.64 1.47 3.71
CA LEU A 35 -7.06 1.75 3.59
C LEU A 35 -7.44 1.86 2.12
N ARG A 36 -8.73 1.73 1.86
CA ARG A 36 -9.29 1.96 0.52
C ARG A 36 -10.62 2.70 0.71
N THR A 37 -10.89 3.66 -0.16
CA THR A 37 -12.13 4.47 -0.06
C THR A 37 -13.39 3.63 -0.36
N SER A 38 -14.56 4.24 -0.20
CA SER A 38 -15.87 3.57 -0.42
C SER A 38 -16.17 3.21 -1.88
N GLY A 39 -15.16 3.35 -2.72
CA GLY A 39 -15.22 2.92 -4.10
C GLY A 39 -14.85 1.45 -4.21
N ALA A 40 -14.89 0.74 -3.10
CA ALA A 40 -14.46 -0.65 -3.02
C ALA A 40 -15.43 -1.66 -3.64
N ARG A 41 -15.68 -1.56 -4.93
CA ARG A 41 -16.59 -2.47 -5.60
C ARG A 41 -15.77 -3.64 -6.11
N GLY A 42 -15.94 -4.78 -5.48
CA GLY A 42 -15.19 -5.96 -5.86
C GLY A 42 -13.84 -6.11 -5.19
N THR A 43 -13.06 -7.04 -5.72
CA THR A 43 -11.78 -7.42 -5.16
C THR A 43 -10.68 -6.85 -6.00
N VAL A 44 -9.76 -6.24 -5.31
CA VAL A 44 -8.58 -5.62 -5.89
C VAL A 44 -7.39 -6.23 -5.15
N ILE A 45 -6.35 -6.60 -5.88
CA ILE A 45 -5.15 -7.11 -5.28
C ILE A 45 -4.12 -5.98 -5.36
N VAL A 46 -3.35 -5.76 -4.31
CA VAL A 46 -2.37 -4.68 -4.30
C VAL A 46 -1.00 -5.13 -3.76
N PRO A 47 0.03 -5.16 -4.60
CA PRO A 47 1.37 -5.44 -4.10
C PRO A 47 2.00 -4.33 -3.31
N PHE A 48 2.99 -4.70 -2.51
CA PHE A 48 3.81 -3.76 -1.79
C PHE A 48 5.23 -4.27 -1.82
N ARG A 49 6.17 -3.41 -1.45
CA ARG A 49 7.58 -3.77 -1.34
C ARG A 49 8.24 -2.76 -0.42
N THR A 50 9.37 -3.13 0.16
CA THR A 50 10.10 -2.22 1.06
C THR A 50 11.13 -1.44 0.25
N VAL A 51 11.27 -0.15 0.54
CA VAL A 51 12.11 0.77 -0.21
C VAL A 51 12.93 1.44 0.84
N GLU A 52 14.20 1.23 0.76
CA GLU A 52 15.12 1.82 1.69
C GLU A 52 15.44 3.26 1.27
N GLY A 53 15.60 4.12 2.26
CA GLY A 53 15.88 5.53 2.01
C GLY A 53 17.33 5.80 2.36
N THR A 54 17.60 5.90 3.65
CA THR A 54 18.98 5.82 4.13
C THR A 54 18.99 4.58 5.01
N ALA A 55 19.67 3.55 4.55
CA ALA A 55 19.75 2.25 5.20
C ALA A 55 20.62 1.45 4.26
N LYS A 56 21.14 0.31 4.69
CA LYS A 56 21.84 -0.57 3.79
C LYS A 56 20.78 -1.54 3.22
N GLY A 57 19.71 -1.77 3.97
CA GLY A 57 18.59 -2.56 3.49
C GLY A 57 18.88 -4.03 3.18
N GLY A 58 17.96 -4.66 2.46
CA GLY A 58 18.13 -6.05 2.08
C GLY A 58 17.73 -6.99 3.20
N GLY A 59 18.72 -7.50 3.92
CA GLY A 59 18.51 -8.28 5.14
C GLY A 59 19.23 -7.64 6.31
N GLU A 60 19.70 -6.41 6.13
CA GLU A 60 20.57 -5.76 7.10
C GLU A 60 19.85 -4.84 8.10
N ASP A 61 18.99 -3.98 7.57
CA ASP A 61 18.24 -3.00 8.39
C ASP A 61 16.84 -3.54 8.64
N PHE A 62 16.34 -4.22 7.65
CA PHE A 62 15.04 -4.85 7.68
C PHE A 62 15.20 -5.94 6.65
N GLU A 63 14.23 -6.84 6.61
CA GLU A 63 14.16 -7.83 5.52
C GLU A 63 13.18 -7.30 4.50
N ASP A 64 13.61 -7.17 3.24
CA ASP A 64 12.75 -6.61 2.19
C ASP A 64 11.50 -7.41 2.05
N ALA A 65 10.45 -6.75 2.46
CA ALA A 65 9.17 -7.34 2.58
C ALA A 65 8.28 -6.92 1.43
N TYR A 66 8.00 -7.87 0.55
CA TYR A 66 7.15 -7.63 -0.59
C TYR A 66 6.17 -8.78 -0.77
N GLY A 67 4.94 -8.44 -1.15
CA GLY A 67 3.92 -9.45 -1.34
C GLY A 67 2.70 -8.79 -1.91
N GLU A 68 1.58 -9.52 -2.00
CA GLU A 68 0.32 -8.96 -2.50
C GLU A 68 -0.75 -9.06 -1.44
N LEU A 69 -1.66 -8.10 -1.46
CA LEU A 69 -2.73 -7.99 -0.50
C LEU A 69 -4.08 -8.07 -1.20
N GLU A 70 -4.91 -8.99 -0.78
CA GLU A 70 -6.23 -9.20 -1.35
C GLU A 70 -7.31 -8.36 -0.65
N PHE A 71 -7.67 -7.24 -1.25
CA PHE A 71 -8.70 -6.36 -0.68
C PHE A 71 -10.05 -6.71 -1.27
N LYS A 72 -10.98 -7.16 -0.43
CA LYS A 72 -12.35 -7.45 -0.85
C LYS A 72 -13.23 -6.33 -0.30
N ASN A 73 -14.50 -6.35 -0.68
CA ASN A 73 -15.47 -5.30 -0.39
C ASN A 73 -15.39 -4.63 1.00
N ASP A 74 -15.62 -5.37 2.08
CA ASP A 74 -15.58 -4.80 3.45
C ASP A 74 -14.13 -4.72 3.95
N GLU A 75 -13.36 -5.68 3.46
CA GLU A 75 -11.92 -5.87 3.68
C GLU A 75 -10.95 -4.73 3.33
N THR A 76 -11.47 -3.53 3.17
CA THR A 76 -10.69 -2.40 2.64
C THR A 76 -9.66 -1.92 3.65
N VAL A 77 -9.62 -2.58 4.80
CA VAL A 77 -8.60 -2.38 5.80
C VAL A 77 -7.71 -3.61 5.76
N LYS A 78 -6.43 -3.43 5.46
CA LYS A 78 -5.47 -4.53 5.39
C LYS A 78 -4.17 -4.00 5.96
N THR A 79 -3.17 -4.84 6.10
CA THR A 79 -1.91 -4.42 6.67
C THR A 79 -0.73 -5.02 5.94
N ILE A 80 0.41 -4.34 6.02
CA ILE A 80 1.67 -4.81 5.46
C ILE A 80 2.59 -5.03 6.62
N ARG A 81 3.30 -6.15 6.62
CA ARG A 81 4.26 -6.49 7.68
C ARG A 81 5.68 -6.54 7.13
N VAL A 82 6.63 -5.97 7.88
CA VAL A 82 8.05 -5.98 7.51
C VAL A 82 8.87 -6.36 8.75
N LYS A 83 9.76 -7.34 8.63
CA LYS A 83 10.59 -7.74 9.78
C LYS A 83 11.76 -6.78 9.91
N ILE A 84 12.01 -6.29 11.11
CA ILE A 84 13.12 -5.38 11.36
C ILE A 84 14.29 -6.22 11.84
N VAL A 85 15.45 -6.00 11.27
CA VAL A 85 16.65 -6.78 11.60
C VAL A 85 17.29 -6.18 12.86
N ASP A 86 17.83 -7.04 13.70
CA ASP A 86 18.28 -6.70 15.06
C ASP A 86 19.78 -7.02 15.31
N GLU A 87 20.20 -6.80 16.55
CA GLU A 87 21.57 -7.04 17.08
C GLU A 87 22.69 -6.08 16.62
N GLU A 88 22.68 -5.62 15.37
CA GLU A 88 23.71 -4.70 14.87
C GLU A 88 23.12 -3.45 14.20
N GLU A 89 23.94 -2.42 14.03
CA GLU A 89 23.52 -1.14 13.40
C GLU A 89 24.41 -0.87 12.19
N TYR A 90 23.86 -0.29 11.13
CA TYR A 90 24.69 0.10 9.97
C TYR A 90 24.89 1.63 9.95
N GLU A 91 23.79 2.37 10.04
CA GLU A 91 23.83 3.85 10.09
C GLU A 91 23.01 4.34 11.30
N ARG A 92 22.56 3.38 12.10
CA ARG A 92 21.76 3.59 13.34
C ARG A 92 20.37 4.19 13.14
N GLN A 93 20.27 5.44 12.68
CA GLN A 93 18.95 6.04 12.45
C GLN A 93 18.62 5.78 10.99
N GLU A 94 18.30 4.53 10.73
CA GLU A 94 18.01 4.10 9.38
C GLU A 94 16.52 4.30 9.12
N ASN A 95 16.20 4.59 7.88
CA ASN A 95 14.87 5.01 7.49
C ASN A 95 14.50 4.36 6.18
N PHE A 96 13.31 3.78 6.14
CA PHE A 96 12.81 3.14 4.95
C PHE A 96 11.34 3.44 4.82
N PHE A 97 10.77 3.12 3.69
CA PHE A 97 9.35 3.31 3.46
C PHE A 97 8.84 2.15 2.64
N ILE A 98 7.53 2.01 2.54
CA ILE A 98 6.94 0.92 1.78
C ILE A 98 5.99 1.53 0.80
N ALA A 99 6.17 1.26 -0.48
CA ALA A 99 5.30 1.83 -1.51
C ALA A 99 4.51 0.68 -2.11
N LEU A 100 3.23 0.89 -2.40
CA LEU A 100 2.46 -0.11 -3.11
C LEU A 100 2.92 -0.12 -4.55
N GLY A 101 2.84 -1.28 -5.18
CA GLY A 101 3.27 -1.43 -6.57
C GLY A 101 2.31 -0.74 -7.52
N GLU A 102 1.22 -1.42 -7.82
CA GLU A 102 0.14 -0.87 -8.62
C GLU A 102 -1.11 -1.65 -8.21
N PRO A 103 -2.18 -0.96 -7.86
CA PRO A 103 -3.39 -1.70 -7.48
C PRO A 103 -4.06 -2.31 -8.72
N LYS A 104 -4.47 -3.57 -8.63
CA LYS A 104 -5.04 -4.30 -9.78
C LYS A 104 -6.37 -4.94 -9.41
N TRP A 105 -7.36 -4.81 -10.26
CA TRP A 105 -8.70 -5.31 -9.94
C TRP A 105 -8.76 -6.76 -10.26
N MET A 106 -8.84 -7.61 -9.24
CA MET A 106 -9.24 -8.94 -9.55
C MET A 106 -10.47 -9.39 -8.80
N GLU A 107 -11.51 -8.91 -9.37
CA GLU A 107 -12.81 -9.51 -9.46
C GLU A 107 -13.32 -8.90 -10.72
N ARG A 108 -13.25 -9.37 -11.96
CA ARG A 108 -13.88 -8.62 -13.13
C ARG A 108 -13.26 -9.13 -14.41
N GLY A 109 -11.94 -9.00 -14.49
CA GLY A 109 -11.23 -9.35 -15.71
C GLY A 109 -11.31 -8.20 -16.70
N ILE A 110 -10.63 -7.12 -16.36
CA ILE A 110 -10.61 -5.92 -17.19
C ILE A 110 -10.10 -6.24 -18.60
N SER A 111 -10.87 -5.84 -19.59
CA SER A 111 -10.53 -6.02 -20.99
C SER A 111 -11.40 -5.01 -21.73
N GLU A 112 -11.12 -4.78 -23.01
CA GLU A 112 -11.96 -3.91 -23.84
C GLU A 112 -12.04 -4.54 -25.22
N VAL A 113 -13.15 -4.32 -25.91
CA VAL A 113 -13.40 -4.95 -27.20
C VAL A 113 -13.91 -3.88 -28.17
N THR A 114 -13.39 -3.87 -29.38
CA THR A 114 -13.67 -2.81 -30.35
C THR A 114 -14.94 -3.00 -31.18
N ASP A 115 -15.56 -4.17 -31.15
CA ASP A 115 -16.80 -4.39 -31.91
C ASP A 115 -18.00 -3.90 -31.11
N ARG A 116 -17.75 -3.55 -29.86
CA ARG A 116 -18.77 -3.10 -28.93
C ARG A 116 -19.11 -1.63 -29.12
N LYS A 117 -19.58 -1.34 -30.33
CA LYS A 117 -20.00 0.01 -30.70
C LYS A 117 -21.21 0.39 -29.86
N LEU A 118 -21.20 1.61 -29.36
CA LEU A 118 -22.25 2.14 -28.50
C LEU A 118 -22.49 3.55 -29.01
N THR A 119 -23.36 4.31 -28.37
CA THR A 119 -23.42 5.75 -28.66
C THR A 119 -22.09 6.24 -28.16
N VAL A 120 -21.58 7.27 -28.80
CA VAL A 120 -20.16 7.58 -28.70
C VAL A 120 -19.75 7.98 -27.29
N GLU A 121 -20.72 8.47 -26.53
CA GLU A 121 -20.50 8.82 -25.14
C GLU A 121 -20.22 7.55 -24.33
N GLU A 122 -21.04 6.54 -24.57
CA GLU A 122 -20.95 5.27 -23.86
C GLU A 122 -19.77 4.44 -24.33
N GLU A 123 -19.35 4.67 -25.56
CA GLU A 123 -18.21 3.94 -26.09
C GLU A 123 -16.98 4.16 -25.25
N GLU A 124 -16.76 5.38 -24.76
CA GLU A 124 -15.73 5.58 -23.74
C GLU A 124 -16.31 5.37 -22.33
N ALA A 125 -17.44 5.97 -22.00
CA ALA A 125 -17.90 6.01 -20.61
C ALA A 125 -18.16 4.64 -20.01
N LYS A 126 -18.89 3.78 -20.72
CA LYS A 126 -19.17 2.44 -20.21
C LYS A 126 -17.88 1.67 -20.15
N ARG A 127 -17.05 1.83 -21.16
CA ARG A 127 -15.79 1.10 -21.23
C ARG A 127 -14.84 1.46 -20.09
N ILE A 128 -14.63 2.75 -19.88
CA ILE A 128 -13.77 3.22 -18.80
C ILE A 128 -14.30 2.74 -17.45
N ALA A 129 -15.62 2.79 -17.29
CA ALA A 129 -16.24 2.35 -16.06
C ALA A 129 -15.94 0.87 -15.83
N GLU A 130 -16.04 0.08 -16.89
CA GLU A 130 -15.76 -1.36 -16.81
C GLU A 130 -14.28 -1.67 -16.65
N MET A 131 -13.40 -0.74 -17.02
CA MET A 131 -11.98 -0.96 -16.76
C MET A 131 -11.80 -0.86 -15.26
N GLY A 132 -12.49 0.11 -14.65
CA GLY A 132 -12.56 0.23 -13.21
C GLY A 132 -11.22 0.38 -12.50
N LYS A 133 -10.17 0.72 -13.23
CA LYS A 133 -8.81 0.66 -12.69
C LYS A 133 -8.61 1.53 -11.45
N PRO A 134 -8.19 0.91 -10.33
CA PRO A 134 -7.90 1.71 -9.14
C PRO A 134 -6.63 2.49 -9.31
N VAL A 135 -6.44 3.45 -8.43
CA VAL A 135 -5.22 4.27 -8.41
C VAL A 135 -4.76 4.47 -6.98
N LEU A 136 -3.48 4.80 -6.82
CA LEU A 136 -2.93 5.15 -5.52
C LEU A 136 -3.42 6.55 -5.12
N GLY A 137 -3.46 6.78 -3.83
CA GLY A 137 -4.03 8.01 -3.28
C GLY A 137 -3.08 9.04 -2.74
N GLU A 138 -3.56 9.75 -1.72
CA GLU A 138 -2.84 10.89 -1.15
C GLU A 138 -1.50 10.48 -0.53
N HIS A 139 -1.51 9.38 0.23
CA HIS A 139 -0.27 8.84 0.80
C HIS A 139 -0.19 7.31 0.81
N PRO A 140 0.11 6.70 -0.34
CA PRO A 140 0.32 5.26 -0.49
C PRO A 140 1.70 4.79 0.00
N LYS A 141 2.20 5.45 1.02
CA LYS A 141 3.53 5.17 1.58
C LYS A 141 3.59 5.67 3.01
N LEU A 142 4.40 5.02 3.81
CA LEU A 142 4.62 5.39 5.20
C LEU A 142 6.14 5.40 5.39
N GLU A 143 6.69 6.50 5.89
CA GLU A 143 8.14 6.61 6.14
C GLU A 143 8.41 6.21 7.58
N VAL A 144 9.35 5.28 7.77
CA VAL A 144 9.59 4.66 9.08
C VAL A 144 11.04 4.84 9.43
N ILE A 145 11.27 5.39 10.62
CA ILE A 145 12.60 5.57 11.15
C ILE A 145 12.76 4.48 12.18
N ILE A 146 13.87 3.78 12.14
CA ILE A 146 14.19 2.79 13.17
C ILE A 146 15.05 3.51 14.21
N GLU A 147 14.48 3.71 15.39
CA GLU A 147 15.11 4.45 16.49
C GLU A 147 14.25 4.25 17.75
N GLU A 148 14.38 5.12 18.74
CA GLU A 148 13.53 5.06 19.93
C GLU A 148 12.05 5.23 19.55
N SER A 149 11.21 4.40 20.15
CA SER A 149 9.77 4.45 19.93
C SER A 149 9.11 3.77 21.13
N TYR A 150 7.83 4.05 21.35
CA TYR A 150 7.07 3.43 22.44
C TYR A 150 5.60 3.39 22.05
N GLU A 151 4.87 2.38 22.48
CA GLU A 151 3.46 2.25 22.13
C GLU A 151 2.56 3.18 22.94
N PHE A 152 1.34 3.36 22.48
CA PHE A 152 0.35 4.17 23.20
C PHE A 152 -1.02 3.55 22.99
N LYS A 153 -1.91 3.76 23.94
CA LYS A 153 -3.27 3.22 23.83
C LYS A 153 -4.07 4.16 22.93
N SER A 154 -4.65 3.62 21.87
CA SER A 154 -5.57 4.38 21.03
C SER A 154 -6.76 4.71 21.92
N THR A 155 -7.43 5.83 21.68
CA THR A 155 -8.48 6.31 22.59
C THR A 155 -9.54 5.26 22.90
N VAL A 156 -10.15 4.70 21.85
CA VAL A 156 -11.27 3.73 21.94
C VAL A 156 -12.53 4.40 22.54
N ASP A 157 -13.68 4.01 22.03
CA ASP A 157 -14.98 4.55 22.45
C ASP A 157 -15.32 4.11 23.87
N HIS A 10 -16.51 1.78 -9.74
CA HIS A 10 -15.09 2.03 -9.88
C HIS A 10 -14.50 1.21 -8.77
N ALA A 11 -13.19 0.95 -8.80
CA ALA A 11 -12.52 0.33 -7.66
C ALA A 11 -12.00 1.47 -6.76
N GLY A 12 -11.64 1.16 -5.53
CA GLY A 12 -11.22 2.19 -4.60
C GLY A 12 -9.78 2.65 -4.72
N ILE A 13 -9.52 3.81 -4.13
CA ILE A 13 -8.17 4.37 -4.02
C ILE A 13 -7.53 3.70 -2.82
N PHE A 14 -6.25 3.40 -2.90
CA PHE A 14 -5.51 2.78 -1.80
C PHE A 14 -4.43 3.72 -1.30
N THR A 15 -4.36 3.86 0.00
CA THR A 15 -3.48 4.84 0.64
C THR A 15 -3.21 4.30 2.04
N PHE A 16 -2.19 4.81 2.71
CA PHE A 16 -1.88 4.41 4.07
C PHE A 16 -2.40 5.49 5.00
N GLU A 17 -2.34 5.18 6.28
CA GLU A 17 -2.79 6.08 7.34
C GLU A 17 -1.98 7.38 7.42
N CYS A 18 -0.66 7.22 7.42
CA CYS A 18 0.27 8.33 7.61
C CYS A 18 1.39 8.14 6.61
N ASP A 19 2.27 9.13 6.50
CA ASP A 19 3.46 9.03 5.65
C ASP A 19 4.73 9.09 6.50
N THR A 20 4.60 9.16 7.83
CA THR A 20 5.74 9.22 8.73
C THR A 20 5.43 8.47 10.04
N ILE A 21 6.35 7.61 10.44
CA ILE A 21 6.25 6.77 11.65
C ILE A 21 7.67 6.55 12.21
N HIS A 22 7.79 6.17 13.47
CA HIS A 22 9.07 5.74 14.04
C HIS A 22 8.83 4.40 14.75
N VAL A 23 9.68 3.42 14.49
CA VAL A 23 9.66 2.13 15.23
C VAL A 23 11.01 1.95 15.91
N SER A 24 11.15 0.83 16.61
CA SER A 24 12.43 0.39 17.18
C SER A 24 12.63 -0.96 16.53
N GLU A 25 13.85 -1.45 16.43
CA GLU A 25 14.13 -2.80 15.92
C GLU A 25 13.46 -3.84 16.80
N SER A 26 13.36 -3.53 18.09
CA SER A 26 12.82 -4.41 19.10
C SER A 26 11.33 -4.67 18.93
N ILE A 27 10.69 -3.93 18.01
CA ILE A 27 9.30 -4.17 17.69
C ILE A 27 9.16 -5.54 17.00
N GLY A 28 10.23 -6.01 16.37
CA GLY A 28 10.18 -7.26 15.67
C GLY A 28 9.64 -7.12 14.28
N VAL A 29 8.37 -6.76 14.20
CA VAL A 29 7.67 -6.65 12.94
C VAL A 29 6.84 -5.36 12.94
N MET A 30 7.16 -4.47 12.01
CA MET A 30 6.43 -3.22 11.84
C MET A 30 5.18 -3.50 11.02
N GLU A 31 4.14 -2.69 11.19
CA GLU A 31 2.94 -2.80 10.38
C GLU A 31 2.46 -1.48 9.84
N VAL A 32 1.99 -1.56 8.61
CA VAL A 32 1.37 -0.45 7.92
C VAL A 32 -0.08 -0.84 7.77
N LYS A 33 -1.01 0.04 8.08
CA LYS A 33 -2.42 -0.22 7.79
C LYS A 33 -2.72 0.43 6.46
N VAL A 34 -3.27 -0.35 5.55
CA VAL A 34 -3.63 0.12 4.22
C VAL A 34 -5.14 0.30 4.17
N LEU A 35 -5.57 1.49 3.83
CA LEU A 35 -6.98 1.81 3.76
C LEU A 35 -7.39 1.85 2.29
N ARG A 36 -8.68 1.74 2.06
CA ARG A 36 -9.25 1.71 0.73
C ARG A 36 -10.52 2.55 0.79
N THR A 37 -10.68 3.47 -0.14
CA THR A 37 -11.83 4.39 -0.10
C THR A 37 -13.15 3.66 -0.39
N SER A 38 -14.26 4.38 -0.25
CA SER A 38 -15.62 3.87 -0.48
C SER A 38 -15.93 3.47 -1.94
N GLY A 39 -14.91 3.43 -2.77
CA GLY A 39 -14.99 2.94 -4.13
C GLY A 39 -14.77 1.45 -4.14
N ALA A 40 -14.76 0.83 -2.97
CA ALA A 40 -14.48 -0.58 -2.86
C ALA A 40 -15.58 -1.46 -3.45
N ARG A 41 -15.43 -1.79 -4.72
CA ARG A 41 -16.36 -2.64 -5.44
C ARG A 41 -15.57 -3.86 -5.90
N GLY A 42 -15.96 -5.03 -5.44
CA GLY A 42 -15.31 -6.25 -5.86
C GLY A 42 -13.96 -6.47 -5.19
N THR A 43 -13.14 -7.27 -5.84
CA THR A 43 -11.84 -7.66 -5.32
C THR A 43 -10.75 -7.00 -6.12
N VAL A 44 -9.85 -6.40 -5.40
CA VAL A 44 -8.67 -5.73 -5.94
C VAL A 44 -7.48 -6.38 -5.24
N ILE A 45 -6.39 -6.59 -5.95
CA ILE A 45 -5.17 -7.11 -5.36
C ILE A 45 -4.17 -5.95 -5.38
N VAL A 46 -3.40 -5.77 -4.31
CA VAL A 46 -2.43 -4.67 -4.25
C VAL A 46 -1.04 -5.07 -3.73
N PRO A 47 0.00 -5.00 -4.58
CA PRO A 47 1.39 -5.23 -4.13
C PRO A 47 2.01 -4.11 -3.32
N PHE A 48 2.98 -4.49 -2.51
CA PHE A 48 3.80 -3.54 -1.77
C PHE A 48 5.23 -4.05 -1.81
N ARG A 49 6.18 -3.20 -1.44
CA ARG A 49 7.57 -3.61 -1.26
C ARG A 49 8.24 -2.63 -0.32
N THR A 50 9.26 -3.09 0.39
CA THR A 50 10.02 -2.26 1.31
C THR A 50 11.02 -1.47 0.47
N VAL A 51 11.16 -0.19 0.74
CA VAL A 51 11.90 0.75 -0.06
C VAL A 51 12.84 1.38 0.89
N GLU A 52 14.09 1.09 0.69
CA GLU A 52 15.11 1.54 1.57
C GLU A 52 15.52 2.99 1.27
N GLY A 53 15.72 3.77 2.33
CA GLY A 53 16.13 5.15 2.19
C GLY A 53 17.61 5.17 2.50
N THR A 54 17.94 5.14 3.78
CA THR A 54 19.29 4.77 4.19
C THR A 54 19.14 3.50 5.01
N ALA A 55 19.61 2.39 4.46
CA ALA A 55 19.58 1.07 5.11
C ALA A 55 20.33 0.11 4.18
N LYS A 56 20.70 -1.06 4.69
CA LYS A 56 21.41 -2.07 3.93
C LYS A 56 20.43 -2.87 3.05
N GLY A 57 19.21 -3.02 3.55
CA GLY A 57 18.18 -3.80 2.87
C GLY A 57 18.41 -5.29 2.91
N GLY A 58 17.67 -6.02 2.09
CA GLY A 58 17.86 -7.45 1.96
C GLY A 58 17.37 -8.21 3.17
N GLY A 59 18.32 -8.74 3.93
CA GLY A 59 18.03 -9.40 5.20
C GLY A 59 18.81 -8.75 6.32
N GLU A 60 19.43 -7.61 6.04
CA GLU A 60 20.46 -7.06 6.93
C GLU A 60 19.98 -6.00 7.94
N ASP A 61 19.22 -5.01 7.48
CA ASP A 61 18.67 -3.99 8.40
C ASP A 61 17.20 -4.26 8.61
N PHE A 62 16.60 -4.84 7.59
CA PHE A 62 15.23 -5.27 7.66
C PHE A 62 15.16 -6.34 6.61
N GLU A 63 14.12 -7.14 6.66
CA GLU A 63 13.87 -8.12 5.60
C GLU A 63 13.05 -7.45 4.50
N ASP A 64 13.50 -7.61 3.25
CA ASP A 64 12.82 -7.07 2.07
C ASP A 64 11.41 -7.64 1.99
N ALA A 65 10.45 -6.88 2.49
CA ALA A 65 9.10 -7.35 2.59
C ALA A 65 8.26 -6.88 1.42
N TYR A 66 8.00 -7.80 0.51
CA TYR A 66 7.17 -7.52 -0.64
C TYR A 66 6.20 -8.65 -0.85
N GLY A 67 4.98 -8.31 -1.25
CA GLY A 67 3.98 -9.34 -1.49
C GLY A 67 2.75 -8.66 -2.04
N GLU A 68 1.68 -9.42 -2.21
CA GLU A 68 0.42 -8.85 -2.67
C GLU A 68 -0.66 -9.07 -1.64
N LEU A 69 -1.56 -8.11 -1.56
CA LEU A 69 -2.63 -8.13 -0.58
C LEU A 69 -3.93 -8.19 -1.34
N GLU A 70 -4.77 -9.14 -1.00
CA GLU A 70 -6.10 -9.20 -1.56
C GLU A 70 -6.98 -8.28 -0.72
N PHE A 71 -7.83 -7.56 -1.41
CA PHE A 71 -8.87 -6.76 -0.77
C PHE A 71 -10.19 -7.12 -1.44
N LYS A 72 -11.13 -7.68 -0.68
CA LYS A 72 -12.47 -8.02 -1.22
C LYS A 72 -13.59 -7.22 -0.55
N ASN A 73 -14.18 -6.34 -1.34
CA ASN A 73 -15.29 -5.45 -0.94
C ASN A 73 -15.16 -4.76 0.43
N ASP A 74 -15.58 -5.43 1.48
CA ASP A 74 -15.65 -4.88 2.85
C ASP A 74 -14.28 -4.82 3.54
N GLU A 75 -13.38 -5.66 3.05
CA GLU A 75 -11.93 -5.73 3.37
C GLU A 75 -11.10 -4.45 3.31
N THR A 76 -11.72 -3.28 3.32
CA THR A 76 -11.05 -2.02 3.00
C THR A 76 -10.08 -1.57 4.10
N VAL A 77 -9.75 -2.50 4.99
CA VAL A 77 -8.70 -2.31 5.98
C VAL A 77 -7.82 -3.57 5.88
N LYS A 78 -6.53 -3.38 5.65
CA LYS A 78 -5.60 -4.51 5.54
C LYS A 78 -4.27 -4.02 6.07
N THR A 79 -3.30 -4.90 6.23
CA THR A 79 -2.03 -4.52 6.80
C THR A 79 -0.85 -5.12 6.05
N ILE A 80 0.30 -4.46 6.16
CA ILE A 80 1.57 -4.91 5.59
C ILE A 80 2.52 -5.10 6.73
N ARG A 81 3.23 -6.22 6.74
CA ARG A 81 4.21 -6.54 7.79
C ARG A 81 5.62 -6.60 7.24
N VAL A 82 6.56 -6.03 7.99
CA VAL A 82 7.99 -6.04 7.62
C VAL A 82 8.81 -6.41 8.85
N LYS A 83 9.66 -7.43 8.77
CA LYS A 83 10.49 -7.81 9.92
C LYS A 83 11.72 -6.91 9.96
N ILE A 84 12.05 -6.40 11.14
CA ILE A 84 13.21 -5.53 11.31
C ILE A 84 14.36 -6.41 11.81
N VAL A 85 15.56 -6.18 11.29
CA VAL A 85 16.76 -6.96 11.64
C VAL A 85 17.70 -6.07 12.46
N ASP A 86 18.38 -6.66 13.44
CA ASP A 86 19.24 -5.94 14.38
C ASP A 86 20.75 -6.01 14.06
N GLU A 87 21.47 -4.93 14.39
CA GLU A 87 22.93 -4.85 14.24
C GLU A 87 23.49 -4.13 15.48
N GLU A 88 24.70 -4.51 15.91
CA GLU A 88 25.33 -3.88 17.08
C GLU A 88 26.01 -2.56 16.66
N GLU A 89 25.41 -1.45 17.07
CA GLU A 89 25.91 -0.11 16.73
C GLU A 89 25.38 0.88 17.79
N TYR A 90 25.54 2.18 17.56
CA TYR A 90 25.21 3.20 18.55
C TYR A 90 24.32 4.35 18.06
N GLU A 91 24.52 4.82 16.82
CA GLU A 91 23.83 6.04 16.35
C GLU A 91 23.06 5.84 15.03
N ARG A 92 22.51 4.64 14.85
CA ARG A 92 21.78 4.33 13.61
C ARG A 92 20.36 4.87 13.52
N GLN A 93 20.20 6.13 13.17
CA GLN A 93 18.87 6.65 12.81
C GLN A 93 18.64 6.31 11.32
N GLU A 94 18.40 5.04 11.06
CA GLU A 94 18.20 4.55 9.70
C GLU A 94 16.71 4.65 9.35
N ASN A 95 16.39 4.62 8.06
CA ASN A 95 15.02 4.78 7.64
C ASN A 95 14.68 4.03 6.35
N PHE A 96 13.42 3.65 6.23
CA PHE A 96 12.92 2.99 5.03
C PHE A 96 11.45 3.33 4.91
N PHE A 97 10.85 3.06 3.78
CA PHE A 97 9.43 3.30 3.57
C PHE A 97 8.88 2.07 2.88
N ILE A 98 7.57 1.97 2.72
CA ILE A 98 6.99 0.87 1.97
C ILE A 98 6.06 1.55 1.01
N ALA A 99 6.22 1.33 -0.27
CA ALA A 99 5.36 1.94 -1.28
C ALA A 99 4.60 0.81 -1.94
N LEU A 100 3.43 1.14 -2.44
CA LEU A 100 2.59 0.18 -3.14
C LEU A 100 2.99 0.16 -4.60
N GLY A 101 2.81 -0.99 -5.24
CA GLY A 101 3.10 -1.11 -6.66
C GLY A 101 2.04 -0.39 -7.46
N GLU A 102 0.96 -1.11 -7.71
CA GLU A 102 -0.22 -0.53 -8.33
C GLU A 102 -1.39 -1.45 -7.97
N PRO A 103 -2.50 -0.87 -7.54
CA PRO A 103 -3.63 -1.76 -7.28
C PRO A 103 -4.19 -2.29 -8.62
N LYS A 104 -4.59 -3.56 -8.63
CA LYS A 104 -5.11 -4.20 -9.83
C LYS A 104 -6.43 -4.86 -9.48
N TRP A 105 -7.43 -4.73 -10.31
CA TRP A 105 -8.76 -5.25 -10.01
C TRP A 105 -8.81 -6.70 -10.36
N MET A 106 -8.86 -7.57 -9.37
CA MET A 106 -9.23 -8.90 -9.73
C MET A 106 -10.43 -9.43 -8.99
N GLU A 107 -11.51 -8.99 -9.55
CA GLU A 107 -12.76 -9.65 -9.68
C GLU A 107 -13.30 -9.01 -10.91
N ARG A 108 -13.12 -9.39 -12.17
CA ARG A 108 -13.76 -8.64 -13.32
C ARG A 108 -13.17 -9.09 -14.63
N GLY A 109 -11.85 -9.09 -14.70
CA GLY A 109 -11.17 -9.43 -15.95
C GLY A 109 -11.12 -8.22 -16.87
N ILE A 110 -10.61 -7.11 -16.36
CA ILE A 110 -10.52 -5.87 -17.13
C ILE A 110 -9.65 -6.09 -18.39
N SER A 111 -10.21 -5.70 -19.53
CA SER A 111 -9.54 -5.79 -20.82
C SER A 111 -10.32 -4.82 -21.70
N GLU A 112 -9.80 -4.51 -22.87
CA GLU A 112 -10.57 -3.68 -23.81
C GLU A 112 -11.74 -4.54 -24.31
N VAL A 113 -12.90 -3.92 -24.49
CA VAL A 113 -14.09 -4.63 -24.92
C VAL A 113 -14.55 -4.16 -26.29
N THR A 114 -14.62 -5.09 -27.23
CA THR A 114 -15.08 -4.80 -28.58
C THR A 114 -16.60 -4.79 -28.59
N ASP A 115 -17.17 -4.36 -29.71
CA ASP A 115 -18.61 -4.47 -29.97
C ASP A 115 -19.51 -3.75 -28.96
N ARG A 116 -18.99 -2.75 -28.27
CA ARG A 116 -19.82 -1.99 -27.33
C ARG A 116 -20.70 -1.08 -28.16
N LYS A 117 -22.00 -1.19 -27.97
CA LYS A 117 -22.97 -0.39 -28.72
C LYS A 117 -23.91 0.28 -27.73
N LEU A 118 -23.57 1.51 -27.38
CA LEU A 118 -24.26 2.25 -26.33
C LEU A 118 -24.51 3.65 -26.86
N THR A 119 -25.25 4.46 -26.11
CA THR A 119 -25.36 5.88 -26.43
C THR A 119 -23.98 6.45 -26.18
N VAL A 120 -23.66 7.51 -26.87
CA VAL A 120 -22.28 7.92 -27.04
C VAL A 120 -21.62 8.33 -25.73
N GLU A 121 -22.44 8.78 -24.78
CA GLU A 121 -21.95 9.14 -23.46
C GLU A 121 -21.48 7.89 -22.74
N GLU A 122 -22.29 6.86 -22.82
CA GLU A 122 -22.02 5.61 -22.15
C GLU A 122 -20.94 4.83 -22.86
N GLU A 123 -20.74 5.09 -24.14
CA GLU A 123 -19.74 4.35 -24.90
C GLU A 123 -18.37 4.50 -24.24
N GLU A 124 -18.04 5.69 -23.77
CA GLU A 124 -16.87 5.81 -22.90
C GLU A 124 -17.23 5.61 -21.42
N ALA A 125 -18.26 6.28 -20.92
CA ALA A 125 -18.51 6.32 -19.47
C ALA A 125 -18.75 4.93 -18.85
N LYS A 126 -19.54 4.10 -19.52
CA LYS A 126 -19.83 2.77 -19.00
C LYS A 126 -18.59 1.92 -19.15
N ARG A 127 -17.93 2.05 -20.29
CA ARG A 127 -16.71 1.30 -20.58
C ARG A 127 -15.62 1.58 -19.55
N ILE A 128 -15.37 2.84 -19.26
CA ILE A 128 -14.35 3.23 -18.29
C ILE A 128 -14.72 2.69 -16.91
N ALA A 129 -15.99 2.77 -16.55
CA ALA A 129 -16.45 2.27 -15.27
C ALA A 129 -16.27 0.75 -15.18
N GLU A 130 -16.45 0.06 -16.30
CA GLU A 130 -16.23 -1.37 -16.37
C GLU A 130 -14.73 -1.73 -16.37
N MET A 131 -13.87 -0.79 -16.74
CA MET A 131 -12.43 -1.02 -16.59
C MET A 131 -12.12 -0.89 -15.11
N GLY A 132 -12.73 0.10 -14.49
CA GLY A 132 -12.72 0.24 -13.04
C GLY A 132 -11.35 0.34 -12.41
N LYS A 133 -10.33 0.73 -13.17
CA LYS A 133 -8.95 0.64 -12.70
C LYS A 133 -8.71 1.44 -11.41
N PRO A 134 -8.36 0.74 -10.32
CA PRO A 134 -8.05 1.50 -9.10
C PRO A 134 -6.74 2.25 -9.26
N VAL A 135 -6.59 3.29 -8.45
CA VAL A 135 -5.39 4.11 -8.47
C VAL A 135 -4.89 4.35 -7.05
N LEU A 136 -3.69 4.90 -6.93
CA LEU A 136 -3.08 5.16 -5.63
C LEU A 136 -3.64 6.45 -5.04
N GLY A 137 -3.46 6.60 -3.74
CA GLY A 137 -3.91 7.79 -3.04
C GLY A 137 -2.86 8.86 -2.96
N GLU A 138 -3.07 9.73 -1.99
CA GLU A 138 -2.16 10.84 -1.73
C GLU A 138 -0.98 10.32 -0.90
N HIS A 139 -1.22 9.28 -0.11
CA HIS A 139 -0.17 8.68 0.73
C HIS A 139 -0.09 7.15 0.67
N PRO A 140 0.20 6.57 -0.50
CA PRO A 140 0.33 5.11 -0.64
C PRO A 140 1.68 4.57 -0.12
N LYS A 141 2.19 5.23 0.90
CA LYS A 141 3.50 4.94 1.47
C LYS A 141 3.56 5.45 2.89
N LEU A 142 4.40 4.82 3.70
CA LEU A 142 4.69 5.26 5.07
C LEU A 142 6.20 5.21 5.26
N GLU A 143 6.79 6.33 5.65
CA GLU A 143 8.22 6.39 5.97
C GLU A 143 8.43 6.07 7.44
N VAL A 144 9.31 5.14 7.72
CA VAL A 144 9.58 4.64 9.06
C VAL A 144 11.02 4.92 9.37
N ILE A 145 11.25 5.47 10.56
CA ILE A 145 12.60 5.73 11.06
C ILE A 145 12.77 4.76 12.20
N ILE A 146 13.88 4.07 12.25
CA ILE A 146 14.17 3.17 13.36
C ILE A 146 14.93 4.01 14.38
N GLU A 147 14.26 4.26 15.50
CA GLU A 147 14.70 5.21 16.54
C GLU A 147 13.77 5.14 17.75
N GLU A 148 12.47 5.11 17.45
CA GLU A 148 11.38 5.27 18.42
C GLU A 148 11.45 6.62 19.18
N SER A 149 10.79 7.62 18.63
CA SER A 149 10.75 8.94 19.24
C SER A 149 9.76 8.96 20.40
N TYR A 150 10.21 8.47 21.55
CA TYR A 150 9.37 8.47 22.74
C TYR A 150 8.98 9.93 23.07
N GLU A 151 7.75 10.12 23.53
CA GLU A 151 7.18 11.45 23.80
C GLU A 151 7.16 12.35 22.54
N PHE A 152 6.87 11.76 21.39
CA PHE A 152 6.80 12.47 20.10
C PHE A 152 5.85 13.68 20.11
N LYS A 153 4.70 13.52 20.78
CA LYS A 153 3.72 14.60 21.02
C LYS A 153 3.28 15.43 19.79
N SER A 154 3.37 14.86 18.60
CA SER A 154 2.91 15.56 17.41
C SER A 154 1.40 15.38 17.28
N THR A 155 0.72 16.41 16.79
CA THR A 155 -0.73 16.39 16.63
C THR A 155 -1.06 17.29 15.43
N VAL A 156 -2.32 17.30 15.02
CA VAL A 156 -2.77 18.09 13.87
C VAL A 156 -3.85 19.09 14.29
N ASP A 157 -4.26 19.01 15.55
CA ASP A 157 -5.28 19.89 16.13
C ASP A 157 -4.95 19.96 17.61
N HIS A 10 -16.32 0.16 -10.13
CA HIS A 10 -14.96 0.71 -10.15
C HIS A 10 -14.22 0.26 -8.92
N ALA A 11 -12.90 0.38 -8.96
CA ALA A 11 -12.07 0.09 -7.81
C ALA A 11 -11.65 1.43 -7.18
N GLY A 12 -11.36 1.44 -5.87
CA GLY A 12 -11.08 2.69 -5.19
C GLY A 12 -9.63 3.10 -5.09
N ILE A 13 -9.42 4.26 -4.47
CA ILE A 13 -8.10 4.78 -4.13
C ILE A 13 -7.55 3.93 -2.98
N PHE A 14 -6.26 3.61 -3.01
CA PHE A 14 -5.59 2.94 -1.88
C PHE A 14 -4.51 3.85 -1.34
N THR A 15 -4.44 3.95 -0.03
CA THR A 15 -3.54 4.87 0.64
C THR A 15 -3.31 4.28 2.02
N PHE A 16 -2.38 4.84 2.79
CA PHE A 16 -2.11 4.38 4.13
C PHE A 16 -2.66 5.41 5.10
N GLU A 17 -2.64 5.04 6.37
CA GLU A 17 -3.06 5.92 7.45
C GLU A 17 -2.17 7.14 7.64
N CYS A 18 -0.87 6.95 7.51
CA CYS A 18 0.10 8.02 7.78
C CYS A 18 1.22 7.91 6.81
N ASP A 19 2.05 8.94 6.78
CA ASP A 19 3.25 8.99 5.94
C ASP A 19 4.52 9.15 6.77
N THR A 20 4.40 9.18 8.10
CA THR A 20 5.54 9.29 9.01
C THR A 20 5.30 8.42 10.25
N ILE A 21 6.25 7.56 10.57
CA ILE A 21 6.22 6.64 11.73
C ILE A 21 7.66 6.44 12.26
N HIS A 22 7.78 5.98 13.50
CA HIS A 22 9.07 5.57 14.06
C HIS A 22 8.89 4.17 14.63
N VAL A 23 9.83 3.27 14.38
CA VAL A 23 9.87 1.96 15.05
C VAL A 23 11.21 1.80 15.72
N SER A 24 11.37 0.70 16.43
CA SER A 24 12.65 0.29 17.00
C SER A 24 12.79 -1.13 16.49
N GLU A 25 14.00 -1.65 16.43
CA GLU A 25 14.23 -3.04 15.96
C GLU A 25 13.51 -4.04 16.85
N SER A 26 13.43 -3.72 18.13
CA SER A 26 12.84 -4.58 19.15
C SER A 26 11.33 -4.78 18.94
N ILE A 27 10.75 -4.06 18.00
CA ILE A 27 9.35 -4.25 17.63
C ILE A 27 9.18 -5.62 16.96
N GLY A 28 10.24 -6.12 16.33
CA GLY A 28 10.13 -7.37 15.61
C GLY A 28 9.59 -7.20 14.21
N VAL A 29 8.33 -6.81 14.15
CA VAL A 29 7.62 -6.69 12.90
C VAL A 29 6.82 -5.39 12.89
N MET A 30 7.14 -4.52 11.94
CA MET A 30 6.42 -3.27 11.77
C MET A 30 5.17 -3.53 10.94
N GLU A 31 4.14 -2.72 11.11
CA GLU A 31 2.92 -2.84 10.33
C GLU A 31 2.39 -1.49 9.90
N VAL A 32 1.88 -1.40 8.66
CA VAL A 32 1.18 -0.21 8.21
C VAL A 32 -0.24 -0.64 7.90
N LYS A 33 -1.20 0.19 8.26
CA LYS A 33 -2.59 -0.11 7.93
C LYS A 33 -2.91 0.54 6.59
N VAL A 34 -3.43 -0.29 5.70
CA VAL A 34 -3.74 0.11 4.33
C VAL A 34 -5.23 0.36 4.26
N LEU A 35 -5.61 1.45 3.63
CA LEU A 35 -6.98 1.90 3.57
C LEU A 35 -7.44 2.02 2.12
N ARG A 36 -8.75 2.00 1.92
CA ARG A 36 -9.34 2.15 0.58
C ARG A 36 -10.54 3.08 0.67
N THR A 37 -10.75 3.92 -0.34
CA THR A 37 -11.95 4.79 -0.37
C THR A 37 -13.19 3.99 -0.72
N SER A 38 -14.36 4.47 -0.32
CA SER A 38 -15.64 3.78 -0.59
C SER A 38 -16.09 3.81 -2.06
N GLY A 39 -15.14 3.71 -2.97
CA GLY A 39 -15.39 3.69 -4.38
C GLY A 39 -15.02 2.37 -4.97
N ALA A 40 -14.51 1.49 -4.12
CA ALA A 40 -14.11 0.16 -4.56
C ALA A 40 -15.31 -0.75 -4.56
N ARG A 41 -15.33 -1.63 -5.55
CA ARG A 41 -16.41 -2.54 -5.80
C ARG A 41 -15.73 -3.82 -6.27
N GLY A 42 -15.98 -4.95 -5.64
CA GLY A 42 -15.33 -6.18 -6.04
C GLY A 42 -14.00 -6.40 -5.36
N THR A 43 -13.18 -7.26 -5.94
CA THR A 43 -11.92 -7.67 -5.37
C THR A 43 -10.79 -7.03 -6.14
N VAL A 44 -9.90 -6.43 -5.38
CA VAL A 44 -8.72 -5.74 -5.89
C VAL A 44 -7.54 -6.42 -5.19
N ILE A 45 -6.41 -6.54 -5.85
CA ILE A 45 -5.20 -7.07 -5.24
C ILE A 45 -4.19 -5.91 -5.26
N VAL A 46 -3.41 -5.75 -4.20
CA VAL A 46 -2.44 -4.65 -4.14
C VAL A 46 -1.05 -5.07 -3.65
N PRO A 47 -0.05 -5.07 -4.54
CA PRO A 47 1.33 -5.33 -4.10
C PRO A 47 1.97 -4.23 -3.31
N PHE A 48 2.96 -4.60 -2.52
CA PHE A 48 3.79 -3.67 -1.79
C PHE A 48 5.19 -4.20 -1.79
N ARG A 49 6.16 -3.36 -1.44
CA ARG A 49 7.53 -3.80 -1.23
C ARG A 49 8.20 -2.76 -0.33
N THR A 50 9.27 -3.15 0.34
CA THR A 50 10.00 -2.24 1.23
C THR A 50 11.09 -1.51 0.44
N VAL A 51 11.19 -0.20 0.63
CA VAL A 51 12.03 0.68 -0.16
C VAL A 51 12.86 1.40 0.85
N GLU A 52 14.12 1.15 0.78
CA GLU A 52 15.06 1.76 1.68
C GLU A 52 15.44 3.16 1.20
N GLY A 53 15.68 4.05 2.16
CA GLY A 53 16.10 5.41 1.85
C GLY A 53 17.55 5.54 2.27
N THR A 54 17.77 5.54 3.57
CA THR A 54 19.11 5.33 4.11
C THR A 54 19.04 4.06 4.92
N ALA A 55 19.76 3.03 4.47
CA ALA A 55 19.84 1.73 5.14
C ALA A 55 20.87 0.94 4.35
N LYS A 56 21.20 -0.25 4.81
CA LYS A 56 22.03 -1.20 4.07
C LYS A 56 21.06 -1.98 3.19
N GLY A 57 19.90 -2.27 3.77
CA GLY A 57 18.82 -2.96 3.09
C GLY A 57 19.03 -4.44 2.88
N GLY A 58 18.10 -5.05 2.15
CA GLY A 58 18.19 -6.47 1.85
C GLY A 58 17.70 -7.29 3.00
N GLY A 59 18.62 -7.87 3.75
CA GLY A 59 18.31 -8.62 4.97
C GLY A 59 19.05 -8.08 6.17
N GLU A 60 19.60 -6.87 6.07
CA GLU A 60 20.56 -6.38 7.08
C GLU A 60 19.96 -5.51 8.21
N ASP A 61 19.13 -4.54 7.85
CA ASP A 61 18.45 -3.67 8.84
C ASP A 61 17.00 -4.10 8.92
N PHE A 62 16.48 -4.51 7.79
CA PHE A 62 15.15 -5.06 7.70
C PHE A 62 15.22 -6.05 6.57
N GLU A 63 14.25 -6.94 6.51
CA GLU A 63 14.12 -7.83 5.36
C GLU A 63 13.16 -7.17 4.38
N ASP A 64 13.57 -7.01 3.11
CA ASP A 64 12.68 -6.44 2.11
C ASP A 64 11.47 -7.29 2.00
N ALA A 65 10.41 -6.69 2.45
CA ALA A 65 9.16 -7.33 2.62
C ALA A 65 8.22 -6.93 1.51
N TYR A 66 7.95 -7.87 0.62
CA TYR A 66 7.10 -7.62 -0.52
C TYR A 66 6.12 -8.76 -0.71
N GLY A 67 4.91 -8.43 -1.13
CA GLY A 67 3.90 -9.42 -1.38
C GLY A 67 2.69 -8.75 -1.98
N GLU A 68 1.58 -9.46 -2.11
CA GLU A 68 0.34 -8.88 -2.58
C GLU A 68 -0.72 -9.04 -1.51
N LEU A 69 -1.64 -8.09 -1.50
CA LEU A 69 -2.70 -8.05 -0.50
C LEU A 69 -4.04 -8.14 -1.19
N GLU A 70 -4.83 -9.12 -0.82
CA GLU A 70 -6.17 -9.23 -1.34
C GLU A 70 -7.09 -8.28 -0.58
N PHE A 71 -7.87 -7.55 -1.34
CA PHE A 71 -8.94 -6.72 -0.77
C PHE A 71 -10.21 -7.14 -1.48
N LYS A 72 -11.17 -7.68 -0.75
CA LYS A 72 -12.48 -8.00 -1.30
C LYS A 72 -13.48 -7.00 -0.76
N ASN A 73 -13.55 -5.87 -1.46
CA ASN A 73 -14.46 -4.75 -1.17
C ASN A 73 -14.47 -4.15 0.26
N ASP A 74 -15.02 -4.88 1.22
CA ASP A 74 -15.20 -4.47 2.61
C ASP A 74 -13.92 -4.65 3.42
N GLU A 75 -13.07 -5.55 2.92
CA GLU A 75 -11.67 -5.80 3.36
C GLU A 75 -10.72 -4.58 3.39
N THR A 76 -11.28 -3.39 3.38
CA THR A 76 -10.54 -2.14 3.22
C THR A 76 -9.72 -1.78 4.45
N VAL A 77 -9.58 -2.73 5.35
CA VAL A 77 -8.62 -2.60 6.43
C VAL A 77 -7.70 -3.80 6.28
N LYS A 78 -6.49 -3.53 5.86
CA LYS A 78 -5.51 -4.59 5.62
C LYS A 78 -4.20 -4.03 6.10
N THR A 79 -3.17 -4.85 6.17
CA THR A 79 -1.91 -4.43 6.71
C THR A 79 -0.72 -5.00 5.95
N ILE A 80 0.42 -4.36 6.09
CA ILE A 80 1.68 -4.82 5.50
C ILE A 80 2.63 -5.05 6.63
N ARG A 81 3.28 -6.21 6.64
CA ARG A 81 4.25 -6.58 7.68
C ARG A 81 5.66 -6.64 7.14
N VAL A 82 6.59 -6.05 7.88
CA VAL A 82 8.01 -6.01 7.52
C VAL A 82 8.81 -6.44 8.74
N LYS A 83 9.73 -7.38 8.57
CA LYS A 83 10.56 -7.87 9.68
C LYS A 83 11.72 -6.91 9.84
N ILE A 84 12.03 -6.51 11.06
CA ILE A 84 13.17 -5.65 11.33
C ILE A 84 14.26 -6.59 11.86
N VAL A 85 15.46 -6.43 11.33
CA VAL A 85 16.58 -7.33 11.63
C VAL A 85 17.46 -6.76 12.75
N ASP A 86 17.92 -7.66 13.62
CA ASP A 86 18.80 -7.31 14.73
C ASP A 86 20.21 -6.99 14.17
N GLU A 87 20.82 -5.90 14.64
CA GLU A 87 22.11 -5.43 14.09
C GLU A 87 23.05 -5.02 15.23
N GLU A 88 24.34 -4.95 14.93
CA GLU A 88 25.35 -4.59 15.94
C GLU A 88 25.64 -3.09 15.94
N GLU A 89 25.18 -2.37 14.92
CA GLU A 89 25.43 -0.94 14.80
C GLU A 89 24.16 -0.13 14.55
N TYR A 90 24.23 1.16 14.84
CA TYR A 90 23.11 2.10 14.65
C TYR A 90 23.38 2.98 13.44
N GLU A 91 24.62 2.90 12.93
CA GLU A 91 25.05 3.60 11.72
C GLU A 91 24.74 5.13 11.73
N ARG A 92 23.66 5.60 11.11
CA ARG A 92 23.36 7.05 11.06
C ARG A 92 21.85 7.33 11.19
N GLN A 93 21.15 6.44 11.89
CA GLN A 93 19.69 6.40 12.00
C GLN A 93 19.08 6.09 10.64
N GLU A 94 18.64 4.85 10.51
CA GLU A 94 18.16 4.38 9.23
C GLU A 94 16.67 4.62 9.04
N ASN A 95 16.30 4.77 7.78
CA ASN A 95 14.95 5.14 7.39
C ASN A 95 14.56 4.40 6.13
N PHE A 96 13.37 3.85 6.12
CA PHE A 96 12.86 3.15 4.95
C PHE A 96 11.38 3.45 4.85
N PHE A 97 10.78 3.10 3.73
CA PHE A 97 9.37 3.29 3.52
C PHE A 97 8.86 2.10 2.72
N ILE A 98 7.55 1.98 2.57
CA ILE A 98 6.98 0.86 1.82
C ILE A 98 6.03 1.49 0.83
N ALA A 99 6.21 1.21 -0.45
CA ALA A 99 5.35 1.79 -1.48
C ALA A 99 4.54 0.67 -2.10
N LEU A 100 3.27 0.92 -2.38
CA LEU A 100 2.46 -0.06 -3.08
C LEU A 100 2.91 -0.03 -4.54
N GLY A 101 2.84 -1.17 -5.20
CA GLY A 101 3.20 -1.25 -6.62
C GLY A 101 2.18 -0.48 -7.43
N GLU A 102 1.03 -1.10 -7.61
CA GLU A 102 -0.12 -0.46 -8.23
C GLU A 102 -1.29 -1.35 -7.85
N PRO A 103 -2.38 -0.74 -7.39
CA PRO A 103 -3.53 -1.62 -7.12
C PRO A 103 -4.08 -2.17 -8.46
N LYS A 104 -4.55 -3.41 -8.45
CA LYS A 104 -5.05 -4.07 -9.66
C LYS A 104 -6.36 -4.75 -9.33
N TRP A 105 -7.35 -4.64 -10.18
CA TRP A 105 -8.68 -5.21 -9.91
C TRP A 105 -8.67 -6.65 -10.29
N MET A 106 -8.75 -7.54 -9.31
CA MET A 106 -9.09 -8.87 -9.70
C MET A 106 -10.31 -9.42 -9.01
N GLU A 107 -11.36 -8.99 -9.60
CA GLU A 107 -12.61 -9.67 -9.76
C GLU A 107 -13.13 -9.03 -11.02
N ARG A 108 -12.87 -9.40 -12.26
CA ARG A 108 -13.47 -8.67 -13.44
C ARG A 108 -12.73 -9.11 -14.69
N GLY A 109 -11.42 -8.94 -14.66
CA GLY A 109 -10.60 -9.22 -15.83
C GLY A 109 -10.64 -8.06 -16.79
N ILE A 110 -10.01 -6.97 -16.39
CA ILE A 110 -9.94 -5.75 -17.21
C ILE A 110 -9.42 -6.10 -18.60
N SER A 111 -10.24 -5.81 -19.60
CA SER A 111 -9.96 -6.16 -20.99
C SER A 111 -10.60 -5.07 -21.84
N GLU A 112 -10.30 -5.05 -23.13
CA GLU A 112 -10.97 -4.13 -24.04
C GLU A 112 -12.43 -4.53 -24.18
N VAL A 113 -13.30 -3.54 -24.34
CA VAL A 113 -14.75 -3.78 -24.41
C VAL A 113 -15.13 -4.63 -25.64
N THR A 114 -14.34 -4.54 -26.71
CA THR A 114 -14.62 -5.24 -27.98
C THR A 114 -16.03 -4.89 -28.50
N ASP A 115 -16.57 -5.67 -29.42
CA ASP A 115 -17.91 -5.38 -29.95
C ASP A 115 -19.00 -5.68 -28.93
N ARG A 116 -19.60 -4.62 -28.38
CA ARG A 116 -20.76 -4.73 -27.52
C ARG A 116 -21.71 -3.73 -28.11
N LYS A 117 -22.97 -4.09 -28.29
CA LYS A 117 -23.90 -3.15 -28.88
C LYS A 117 -24.43 -2.22 -27.82
N LEU A 118 -23.93 -1.00 -27.87
CA LEU A 118 -24.22 -0.01 -26.85
C LEU A 118 -24.61 1.31 -27.51
N THR A 119 -25.19 2.20 -26.72
CA THR A 119 -25.47 3.56 -27.18
C THR A 119 -24.15 4.33 -27.07
N VAL A 120 -24.09 5.54 -27.62
CA VAL A 120 -22.85 6.32 -27.70
C VAL A 120 -22.26 6.56 -26.32
N GLU A 121 -23.13 6.94 -25.40
CA GLU A 121 -22.73 7.25 -24.03
C GLU A 121 -22.07 6.05 -23.38
N GLU A 122 -22.69 4.90 -23.57
CA GLU A 122 -22.23 3.67 -22.94
C GLU A 122 -21.00 3.12 -23.62
N GLU A 123 -20.74 3.53 -24.85
CA GLU A 123 -19.57 3.03 -25.58
C GLU A 123 -18.32 3.33 -24.77
N GLU A 124 -18.20 4.54 -24.23
CA GLU A 124 -17.11 4.83 -23.29
C GLU A 124 -17.50 4.49 -21.85
N ALA A 125 -18.69 4.87 -21.41
CA ALA A 125 -19.05 4.74 -19.99
C ALA A 125 -18.96 3.30 -19.49
N LYS A 126 -19.45 2.35 -20.29
CA LYS A 126 -19.35 0.95 -19.91
C LYS A 126 -17.89 0.53 -20.01
N ARG A 127 -17.24 0.89 -21.10
CA ARG A 127 -15.83 0.50 -21.32
C ARG A 127 -14.92 0.92 -20.18
N ILE A 128 -15.05 2.16 -19.73
CA ILE A 128 -14.23 2.66 -18.64
C ILE A 128 -14.50 1.86 -17.37
N ALA A 129 -15.78 1.57 -17.12
CA ALA A 129 -16.19 0.80 -15.96
C ALA A 129 -15.64 -0.63 -16.00
N GLU A 130 -15.53 -1.18 -17.20
CA GLU A 130 -14.99 -2.51 -17.38
C GLU A 130 -13.50 -2.53 -17.09
N MET A 131 -12.83 -1.38 -17.22
CA MET A 131 -11.42 -1.34 -16.82
C MET A 131 -11.32 -1.11 -15.32
N GLY A 132 -12.17 -0.23 -14.80
CA GLY A 132 -12.33 -0.04 -13.36
C GLY A 132 -11.07 0.32 -12.59
N LYS A 133 -10.03 0.70 -13.31
CA LYS A 133 -8.66 0.68 -12.77
C LYS A 133 -8.48 1.53 -11.52
N PRO A 134 -8.09 0.90 -10.39
CA PRO A 134 -7.82 1.70 -9.19
C PRO A 134 -6.53 2.47 -9.31
N VAL A 135 -6.39 3.45 -8.44
CA VAL A 135 -5.22 4.32 -8.42
C VAL A 135 -4.70 4.51 -6.99
N LEU A 136 -3.50 5.05 -6.87
CA LEU A 136 -2.88 5.32 -5.58
C LEU A 136 -3.46 6.62 -5.01
N GLY A 137 -3.41 6.74 -3.70
CA GLY A 137 -3.94 7.91 -3.02
C GLY A 137 -2.94 8.98 -2.66
N GLU A 138 -3.31 9.77 -1.66
CA GLU A 138 -2.47 10.88 -1.18
C GLU A 138 -1.24 10.39 -0.39
N HIS A 139 -1.42 9.35 0.40
CA HIS A 139 -0.32 8.83 1.25
C HIS A 139 -0.14 7.32 1.06
N PRO A 140 0.21 6.87 -0.17
CA PRO A 140 0.38 5.44 -0.44
C PRO A 140 1.74 4.90 0.03
N LYS A 141 2.25 5.47 1.10
CA LYS A 141 3.56 5.14 1.63
C LYS A 141 3.63 5.60 3.06
N LEU A 142 4.43 4.93 3.86
CA LEU A 142 4.65 5.29 5.25
C LEU A 142 6.17 5.34 5.46
N GLU A 143 6.72 6.48 5.85
CA GLU A 143 8.16 6.62 6.09
C GLU A 143 8.46 6.25 7.54
N VAL A 144 9.40 5.33 7.73
CA VAL A 144 9.67 4.74 9.04
C VAL A 144 11.13 4.95 9.38
N ILE A 145 11.36 5.51 10.55
CA ILE A 145 12.70 5.73 11.06
C ILE A 145 12.89 4.64 12.10
N ILE A 146 14.03 3.99 12.08
CA ILE A 146 14.38 3.03 13.13
C ILE A 146 15.17 3.81 14.18
N GLU A 147 14.62 3.88 15.39
CA GLU A 147 15.11 4.76 16.45
C GLU A 147 15.03 4.07 17.82
N GLU A 148 15.63 4.69 18.83
CA GLU A 148 15.59 4.20 20.22
C GLU A 148 14.15 4.08 20.77
N SER A 149 13.22 4.82 20.18
CA SER A 149 11.83 4.77 20.61
C SER A 149 10.89 4.63 19.41
N TYR A 150 9.86 3.82 19.59
CA TYR A 150 8.86 3.61 18.56
C TYR A 150 7.63 4.48 18.84
N GLU A 151 6.82 4.67 17.82
CA GLU A 151 5.62 5.50 17.88
C GLU A 151 4.39 4.60 17.81
N PHE A 152 3.39 4.89 18.64
CA PHE A 152 2.14 4.14 18.62
C PHE A 152 0.96 5.11 18.65
N LYS A 153 0.43 5.41 17.47
CA LYS A 153 -0.67 6.37 17.36
C LYS A 153 -2.00 5.70 17.65
N SER A 154 -2.59 6.06 18.78
CA SER A 154 -3.90 5.53 19.18
C SER A 154 -4.96 6.57 18.82
N THR A 155 -6.21 6.13 18.73
CA THR A 155 -7.32 7.03 18.42
C THR A 155 -8.57 6.41 19.02
N VAL A 156 -9.63 7.19 19.11
CA VAL A 156 -10.94 6.72 19.60
C VAL A 156 -11.96 7.26 18.61
N ASP A 157 -13.18 6.76 18.68
CA ASP A 157 -14.29 7.25 17.85
C ASP A 157 -14.78 8.59 18.38
N HIS A 10 -16.53 2.67 -9.14
CA HIS A 10 -15.12 2.40 -9.41
C HIS A 10 -14.51 1.86 -8.14
N ALA A 11 -13.45 1.07 -8.28
CA ALA A 11 -12.73 0.49 -7.15
C ALA A 11 -12.10 1.59 -6.28
N GLY A 12 -11.90 1.29 -5.00
CA GLY A 12 -11.38 2.29 -4.09
C GLY A 12 -9.93 2.70 -4.30
N ILE A 13 -9.64 3.94 -3.95
CA ILE A 13 -8.28 4.46 -3.91
C ILE A 13 -7.64 3.82 -2.71
N PHE A 14 -6.37 3.43 -2.83
CA PHE A 14 -5.61 2.84 -1.71
C PHE A 14 -4.50 3.76 -1.26
N THR A 15 -4.40 3.93 0.05
CA THR A 15 -3.47 4.88 0.64
C THR A 15 -3.19 4.32 2.03
N PHE A 16 -2.24 4.88 2.76
CA PHE A 16 -1.92 4.45 4.11
C PHE A 16 -2.44 5.49 5.07
N GLU A 17 -2.34 5.14 6.35
CA GLU A 17 -2.72 6.02 7.45
C GLU A 17 -1.98 7.36 7.47
N CYS A 18 -0.67 7.30 7.29
CA CYS A 18 0.19 8.49 7.38
C CYS A 18 1.34 8.22 6.43
N ASP A 19 2.27 9.17 6.34
CA ASP A 19 3.47 9.01 5.52
C ASP A 19 4.73 9.05 6.38
N THR A 20 4.58 9.12 7.70
CA THR A 20 5.71 9.18 8.62
C THR A 20 5.37 8.43 9.91
N ILE A 21 6.28 7.57 10.34
CA ILE A 21 6.13 6.73 11.54
C ILE A 21 7.53 6.51 12.18
N HIS A 22 7.56 6.14 13.45
CA HIS A 22 8.79 5.73 14.14
C HIS A 22 8.56 4.35 14.75
N VAL A 23 9.46 3.41 14.47
CA VAL A 23 9.46 2.11 15.18
C VAL A 23 10.79 1.96 15.91
N SER A 24 10.96 0.84 16.59
CA SER A 24 12.22 0.45 17.22
C SER A 24 12.44 -0.94 16.68
N GLU A 25 13.67 -1.42 16.65
CA GLU A 25 13.98 -2.79 16.24
C GLU A 25 13.27 -3.80 17.13
N SER A 26 13.11 -3.42 18.39
CA SER A 26 12.51 -4.28 19.42
C SER A 26 11.04 -4.57 19.15
N ILE A 27 10.45 -3.88 18.17
CA ILE A 27 9.08 -4.15 17.78
C ILE A 27 8.99 -5.52 17.11
N GLY A 28 10.08 -5.99 16.51
CA GLY A 28 10.07 -7.25 15.82
C GLY A 28 9.58 -7.13 14.41
N VAL A 29 8.33 -6.73 14.28
CA VAL A 29 7.68 -6.63 12.98
C VAL A 29 6.85 -5.35 12.94
N MET A 30 7.15 -4.49 12.00
CA MET A 30 6.42 -3.24 11.81
C MET A 30 5.18 -3.53 10.98
N GLU A 31 4.14 -2.72 11.15
CA GLU A 31 2.94 -2.85 10.34
C GLU A 31 2.36 -1.50 9.95
N VAL A 32 1.89 -1.42 8.72
CA VAL A 32 1.16 -0.24 8.24
C VAL A 32 -0.24 -0.71 7.96
N LYS A 33 -1.23 0.08 8.33
CA LYS A 33 -2.60 -0.26 8.01
C LYS A 33 -2.89 0.39 6.68
N VAL A 34 -3.37 -0.41 5.76
CA VAL A 34 -3.63 0.02 4.40
C VAL A 34 -5.10 0.36 4.35
N LEU A 35 -5.40 1.54 3.86
CA LEU A 35 -6.73 2.11 3.91
C LEU A 35 -7.27 2.27 2.51
N ARG A 36 -8.58 2.41 2.40
CA ARG A 36 -9.22 2.53 1.11
C ARG A 36 -10.41 3.51 1.17
N THR A 37 -10.67 4.25 0.09
CA THR A 37 -11.83 5.16 0.02
C THR A 37 -13.12 4.38 -0.23
N SER A 38 -14.29 5.01 -0.12
CA SER A 38 -15.60 4.34 -0.31
C SER A 38 -15.92 3.72 -1.69
N GLY A 39 -14.89 3.48 -2.49
CA GLY A 39 -15.02 2.87 -3.79
C GLY A 39 -14.94 1.35 -3.76
N ALA A 40 -15.07 0.72 -2.61
CA ALA A 40 -14.89 -0.74 -2.58
C ALA A 40 -15.97 -1.47 -3.37
N ARG A 41 -15.56 -2.06 -4.49
CA ARG A 41 -16.46 -2.79 -5.37
C ARG A 41 -15.69 -4.02 -5.82
N GLY A 42 -16.16 -5.20 -5.48
CA GLY A 42 -15.50 -6.42 -5.91
C GLY A 42 -14.23 -6.70 -5.14
N THR A 43 -13.28 -7.29 -5.85
CA THR A 43 -12.01 -7.72 -5.29
C THR A 43 -10.90 -7.13 -6.14
N VAL A 44 -9.88 -6.61 -5.49
CA VAL A 44 -8.74 -6.01 -6.15
C VAL A 44 -7.52 -6.51 -5.37
N ILE A 45 -6.37 -6.58 -6.02
CA ILE A 45 -5.14 -7.05 -5.39
C ILE A 45 -4.16 -5.87 -5.43
N VAL A 46 -3.37 -5.69 -4.38
CA VAL A 46 -2.43 -4.56 -4.33
C VAL A 46 -1.03 -4.99 -3.79
N PRO A 47 0.01 -4.92 -4.64
CA PRO A 47 1.37 -5.22 -4.17
C PRO A 47 2.03 -4.13 -3.36
N PHE A 48 3.00 -4.53 -2.55
CA PHE A 48 3.84 -3.61 -1.80
C PHE A 48 5.26 -4.13 -1.83
N ARG A 49 6.20 -3.29 -1.45
CA ARG A 49 7.61 -3.68 -1.29
C ARG A 49 8.29 -2.71 -0.35
N THR A 50 9.39 -3.12 0.27
CA THR A 50 10.13 -2.26 1.20
C THR A 50 11.20 -1.51 0.40
N VAL A 51 11.36 -0.23 0.67
CA VAL A 51 12.22 0.68 -0.08
C VAL A 51 13.10 1.29 0.95
N GLU A 52 14.36 0.98 0.83
CA GLU A 52 15.33 1.46 1.75
C GLU A 52 15.79 2.88 1.38
N GLY A 53 15.98 3.71 2.40
CA GLY A 53 16.41 5.10 2.21
C GLY A 53 17.83 5.24 2.69
N THR A 54 18.01 5.24 4.00
CA THR A 54 19.34 5.04 4.59
C THR A 54 19.20 3.76 5.38
N ALA A 55 19.85 2.71 4.90
CA ALA A 55 19.80 1.37 5.48
C ALA A 55 20.67 0.48 4.61
N LYS A 56 20.99 -0.70 5.13
CA LYS A 56 21.69 -1.73 4.38
C LYS A 56 20.66 -2.52 3.57
N GLY A 57 19.46 -2.60 4.11
CA GLY A 57 18.38 -3.33 3.47
C GLY A 57 18.60 -4.82 3.43
N GLY A 58 17.95 -5.47 2.48
CA GLY A 58 18.13 -6.90 2.28
C GLY A 58 17.56 -7.68 3.43
N GLY A 59 18.46 -8.28 4.21
CA GLY A 59 18.11 -8.98 5.44
C GLY A 59 18.87 -8.43 6.63
N GLU A 60 19.49 -7.27 6.47
CA GLU A 60 20.45 -6.76 7.47
C GLU A 60 19.87 -5.80 8.51
N ASP A 61 19.14 -4.78 8.08
CA ASP A 61 18.53 -3.82 9.05
C ASP A 61 17.06 -4.19 9.21
N PHE A 62 16.52 -4.71 8.14
CA PHE A 62 15.15 -5.18 8.10
C PHE A 62 15.10 -6.04 6.86
N GLU A 63 14.09 -6.87 6.76
CA GLU A 63 13.94 -7.73 5.61
C GLU A 63 13.12 -7.01 4.53
N ASP A 64 13.55 -7.09 3.28
CA ASP A 64 12.74 -6.54 2.19
C ASP A 64 11.52 -7.39 2.04
N ALA A 65 10.46 -6.76 2.43
CA ALA A 65 9.19 -7.39 2.56
C ALA A 65 8.28 -6.94 1.44
N TYR A 66 7.99 -7.85 0.55
CA TYR A 66 7.14 -7.57 -0.60
C TYR A 66 6.16 -8.70 -0.83
N GLY A 67 4.98 -8.36 -1.29
CA GLY A 67 3.97 -9.36 -1.55
C GLY A 67 2.75 -8.69 -2.11
N GLU A 68 1.66 -9.42 -2.27
CA GLU A 68 0.40 -8.84 -2.74
C GLU A 68 -0.69 -9.01 -1.71
N LEU A 69 -1.53 -8.00 -1.62
CA LEU A 69 -2.61 -7.98 -0.65
C LEU A 69 -3.94 -8.07 -1.35
N GLU A 70 -4.70 -9.12 -1.06
CA GLU A 70 -6.03 -9.24 -1.61
C GLU A 70 -6.94 -8.32 -0.83
N PHE A 71 -7.66 -7.47 -1.55
CA PHE A 71 -8.61 -6.53 -0.98
C PHE A 71 -9.98 -6.86 -1.54
N LYS A 72 -10.91 -7.24 -0.69
CA LYS A 72 -12.29 -7.50 -1.12
C LYS A 72 -13.14 -6.35 -0.63
N ASN A 73 -14.43 -6.43 -0.93
CA ASN A 73 -15.41 -5.41 -0.57
C ASN A 73 -15.35 -4.93 0.89
N ASP A 74 -15.55 -5.82 1.85
CA ASP A 74 -15.57 -5.47 3.28
C ASP A 74 -14.16 -5.37 3.86
N GLU A 75 -13.27 -6.10 3.22
CA GLU A 75 -11.82 -6.25 3.57
C GLU A 75 -10.94 -5.01 3.50
N THR A 76 -11.56 -3.85 3.50
CA THR A 76 -10.91 -2.59 3.19
C THR A 76 -9.98 -2.09 4.28
N VAL A 77 -9.70 -2.97 5.23
CA VAL A 77 -8.67 -2.73 6.24
C VAL A 77 -7.71 -3.88 6.05
N LYS A 78 -6.47 -3.56 5.77
CA LYS A 78 -5.46 -4.58 5.50
C LYS A 78 -4.16 -4.08 6.08
N THR A 79 -3.14 -4.91 6.10
CA THR A 79 -1.88 -4.53 6.72
C THR A 79 -0.68 -5.10 5.97
N ILE A 80 0.46 -4.45 6.15
CA ILE A 80 1.73 -4.91 5.56
C ILE A 80 2.70 -5.09 6.69
N ARG A 81 3.31 -6.27 6.75
CA ARG A 81 4.29 -6.60 7.79
C ARG A 81 5.70 -6.63 7.24
N VAL A 82 6.62 -6.02 7.98
CA VAL A 82 8.04 -6.00 7.61
C VAL A 82 8.86 -6.35 8.87
N LYS A 83 9.71 -7.37 8.79
CA LYS A 83 10.48 -7.81 9.96
C LYS A 83 11.69 -6.89 10.12
N ILE A 84 11.90 -6.38 11.33
CA ILE A 84 13.05 -5.51 11.62
C ILE A 84 14.13 -6.41 12.20
N VAL A 85 15.32 -6.36 11.62
CA VAL A 85 16.40 -7.28 11.97
C VAL A 85 17.17 -6.75 13.18
N ASP A 86 17.60 -7.67 14.03
CA ASP A 86 18.17 -7.38 15.34
C ASP A 86 19.53 -6.67 15.28
N GLU A 87 19.70 -5.66 16.10
CA GLU A 87 20.93 -4.85 16.17
C GLU A 87 22.06 -5.55 16.94
N GLU A 88 23.31 -5.41 16.47
CA GLU A 88 24.48 -5.86 17.24
C GLU A 88 25.49 -4.71 17.40
N GLU A 89 25.90 -4.09 16.29
CA GLU A 89 26.76 -2.89 16.34
C GLU A 89 26.65 -2.10 15.02
N TYR A 90 27.11 -0.84 15.08
CA TYR A 90 27.12 0.15 13.96
C TYR A 90 25.75 0.76 13.61
N GLU A 91 25.80 1.78 12.77
CA GLU A 91 24.62 2.56 12.32
C GLU A 91 23.86 3.22 13.49
N ARG A 92 22.74 3.90 13.22
CA ARG A 92 22.01 4.60 14.30
C ARG A 92 20.54 4.90 14.04
N GLN A 93 20.24 5.71 13.02
CA GLN A 93 18.88 6.20 12.78
C GLN A 93 18.54 5.86 11.35
N GLU A 94 18.23 4.61 11.11
CA GLU A 94 18.00 4.15 9.76
C GLU A 94 16.54 4.33 9.41
N ASN A 95 16.28 4.50 8.13
CA ASN A 95 14.98 4.89 7.62
C ASN A 95 14.66 4.18 6.33
N PHE A 96 13.44 3.70 6.24
CA PHE A 96 12.95 3.06 5.03
C PHE A 96 11.50 3.37 4.86
N PHE A 97 10.93 3.05 3.72
CA PHE A 97 9.52 3.26 3.48
C PHE A 97 8.98 2.06 2.75
N ILE A 98 7.67 1.92 2.65
CA ILE A 98 7.07 0.82 1.89
C ILE A 98 6.13 1.51 0.94
N ALA A 99 6.30 1.29 -0.34
CA ALA A 99 5.45 1.93 -1.34
C ALA A 99 4.67 0.82 -2.02
N LEU A 100 3.47 1.15 -2.48
CA LEU A 100 2.62 0.19 -3.15
C LEU A 100 2.96 0.17 -4.63
N GLY A 101 2.80 -1.00 -5.25
CA GLY A 101 3.13 -1.16 -6.65
C GLY A 101 2.10 -0.52 -7.57
N GLU A 102 1.01 -1.24 -7.80
CA GLU A 102 -0.08 -0.75 -8.62
C GLU A 102 -1.33 -1.57 -8.23
N PRO A 103 -2.42 -0.91 -7.88
CA PRO A 103 -3.62 -1.66 -7.51
C PRO A 103 -4.31 -2.22 -8.76
N LYS A 104 -4.67 -3.49 -8.73
CA LYS A 104 -5.24 -4.18 -9.89
C LYS A 104 -6.54 -4.84 -9.50
N TRP A 105 -7.55 -4.77 -10.34
CA TRP A 105 -8.85 -5.35 -10.01
C TRP A 105 -8.82 -6.82 -10.33
N MET A 106 -8.94 -7.67 -9.32
CA MET A 106 -9.29 -9.03 -9.64
C MET A 106 -10.54 -9.49 -8.93
N GLU A 107 -11.52 -9.02 -9.62
CA GLU A 107 -12.89 -9.39 -9.77
C GLU A 107 -12.95 -8.82 -11.20
N ARG A 108 -13.97 -9.14 -11.99
CA ARG A 108 -14.23 -8.48 -13.29
C ARG A 108 -13.37 -8.91 -14.46
N GLY A 109 -12.05 -8.87 -14.30
CA GLY A 109 -11.17 -9.13 -15.42
C GLY A 109 -11.25 -7.99 -16.41
N ILE A 110 -10.78 -6.82 -16.00
CA ILE A 110 -10.83 -5.60 -16.82
C ILE A 110 -10.34 -5.88 -18.26
N SER A 111 -11.23 -5.62 -19.22
CA SER A 111 -10.98 -5.90 -20.63
C SER A 111 -11.63 -4.78 -21.43
N GLU A 112 -11.41 -4.77 -22.74
CA GLU A 112 -12.06 -3.79 -23.60
C GLU A 112 -13.49 -4.24 -23.93
N VAL A 113 -14.17 -3.47 -24.78
CA VAL A 113 -15.59 -3.68 -25.06
C VAL A 113 -15.91 -3.84 -26.55
N THR A 114 -15.06 -4.53 -27.29
CA THR A 114 -15.28 -4.72 -28.74
C THR A 114 -16.59 -5.44 -29.05
N ASP A 115 -17.11 -6.17 -28.08
CA ASP A 115 -18.39 -6.87 -28.22
C ASP A 115 -19.60 -6.00 -27.85
N ARG A 116 -19.38 -4.95 -27.08
CA ARG A 116 -20.49 -4.12 -26.61
C ARG A 116 -20.86 -3.15 -27.72
N LYS A 117 -22.14 -3.07 -28.05
CA LYS A 117 -22.61 -2.07 -29.01
C LYS A 117 -23.55 -1.14 -28.28
N LEU A 118 -23.17 0.12 -28.21
CA LEU A 118 -23.80 1.09 -27.33
C LEU A 118 -24.07 2.39 -28.10
N THR A 119 -24.72 3.34 -27.45
CA THR A 119 -24.88 4.68 -28.01
C THR A 119 -23.55 5.40 -27.74
N VAL A 120 -23.34 6.56 -28.37
CA VAL A 120 -22.04 7.25 -28.31
C VAL A 120 -21.64 7.59 -26.89
N GLU A 121 -22.60 8.06 -26.13
CA GLU A 121 -22.37 8.45 -24.75
C GLU A 121 -21.90 7.27 -23.92
N GLU A 122 -22.56 6.15 -24.12
CA GLU A 122 -22.28 4.94 -23.36
C GLU A 122 -21.02 4.26 -23.86
N GLU A 123 -20.63 4.54 -25.09
CA GLU A 123 -19.44 3.92 -25.67
C GLU A 123 -18.24 4.23 -24.80
N GLU A 124 -18.11 5.45 -24.32
CA GLU A 124 -17.13 5.72 -23.27
C GLU A 124 -17.69 5.48 -21.87
N ALA A 125 -18.88 5.98 -21.56
CA ALA A 125 -19.38 5.99 -20.19
C ALA A 125 -19.50 4.58 -19.58
N LYS A 126 -20.03 3.64 -20.35
CA LYS A 126 -20.14 2.27 -19.87
C LYS A 126 -18.77 1.64 -19.86
N ARG A 127 -17.98 1.88 -20.88
CA ARG A 127 -16.65 1.29 -20.98
C ARG A 127 -15.77 1.68 -19.81
N ILE A 128 -15.70 2.96 -19.50
CA ILE A 128 -14.90 3.44 -18.39
C ILE A 128 -15.40 2.82 -17.08
N ALA A 129 -16.71 2.77 -16.92
CA ALA A 129 -17.31 2.20 -15.72
C ALA A 129 -16.99 0.70 -15.60
N GLU A 130 -16.94 0.02 -16.73
CA GLU A 130 -16.59 -1.40 -16.77
C GLU A 130 -15.12 -1.60 -16.47
N MET A 131 -14.27 -0.61 -16.78
CA MET A 131 -12.85 -0.77 -16.44
C MET A 131 -12.73 -0.69 -14.93
N GLY A 132 -13.48 0.24 -14.33
CA GLY A 132 -13.69 0.30 -12.89
C GLY A 132 -12.44 0.42 -12.03
N LYS A 133 -11.30 0.58 -12.67
CA LYS A 133 -10.02 0.29 -12.03
C LYS A 133 -9.59 1.25 -10.92
N PRO A 134 -8.92 0.72 -9.88
CA PRO A 134 -8.44 1.56 -8.78
C PRO A 134 -7.17 2.31 -9.13
N VAL A 135 -6.83 3.27 -8.28
CA VAL A 135 -5.57 4.02 -8.36
C VAL A 135 -5.08 4.27 -6.94
N LEU A 136 -3.82 4.65 -6.79
CA LEU A 136 -3.26 5.00 -5.48
C LEU A 136 -3.72 6.35 -4.98
N GLY A 137 -3.53 6.59 -3.69
CA GLY A 137 -3.92 7.83 -3.04
C GLY A 137 -2.83 8.85 -2.93
N GLU A 138 -3.03 9.72 -1.96
CA GLU A 138 -2.10 10.81 -1.70
C GLU A 138 -0.90 10.28 -0.92
N HIS A 139 -1.12 9.19 -0.19
CA HIS A 139 -0.08 8.59 0.66
C HIS A 139 -0.01 7.06 0.59
N PRO A 140 0.26 6.48 -0.58
CA PRO A 140 0.40 5.03 -0.71
C PRO A 140 1.77 4.51 -0.22
N LYS A 141 2.29 5.19 0.80
CA LYS A 141 3.60 4.91 1.35
C LYS A 141 3.67 5.42 2.78
N LEU A 142 4.50 4.78 3.59
CA LEU A 142 4.76 5.20 4.97
C LEU A 142 6.27 5.17 5.20
N GLU A 143 6.85 6.30 5.59
CA GLU A 143 8.27 6.41 5.92
C GLU A 143 8.47 6.11 7.39
N VAL A 144 9.41 5.22 7.69
CA VAL A 144 9.61 4.70 9.05
C VAL A 144 11.05 4.92 9.46
N ILE A 145 11.21 5.51 10.63
CA ILE A 145 12.53 5.74 11.20
C ILE A 145 12.66 4.73 12.33
N ILE A 146 13.78 4.05 12.36
CA ILE A 146 14.08 3.12 13.46
C ILE A 146 14.79 3.94 14.55
N GLU A 147 14.03 4.26 15.58
CA GLU A 147 14.46 5.15 16.69
C GLU A 147 13.40 5.22 17.81
N GLU A 148 12.14 5.10 17.41
CA GLU A 148 10.94 5.23 18.28
C GLU A 148 10.68 6.66 18.79
N SER A 149 11.70 7.31 19.33
CA SER A 149 11.59 8.65 19.93
C SER A 149 10.58 9.62 19.28
N TYR A 150 9.49 9.84 19.98
CA TYR A 150 8.37 10.65 19.49
C TYR A 150 8.49 12.12 19.88
N GLU A 151 9.51 12.79 19.39
CA GLU A 151 9.71 14.21 19.69
C GLU A 151 8.86 15.12 18.80
N PHE A 152 8.09 14.54 17.89
CA PHE A 152 7.11 15.27 17.09
C PHE A 152 5.84 15.47 17.96
N LYS A 153 6.03 16.16 19.08
CA LYS A 153 5.02 16.26 20.12
C LYS A 153 3.74 16.99 19.72
N SER A 154 3.84 17.95 18.82
CA SER A 154 2.68 18.74 18.40
C SER A 154 2.95 19.46 17.08
N THR A 155 1.89 20.01 16.51
CA THR A 155 1.96 20.86 15.32
C THR A 155 0.98 21.98 15.63
N VAL A 156 1.30 23.20 15.23
CA VAL A 156 0.46 24.37 15.56
C VAL A 156 0.09 25.13 14.30
N ASP A 157 1.06 25.19 13.41
CA ASP A 157 0.95 25.84 12.10
C ASP A 157 1.88 24.96 11.27
N HIS A 10 -16.26 1.81 -10.13
CA HIS A 10 -14.90 2.30 -9.92
C HIS A 10 -14.35 1.75 -8.62
N ALA A 11 -13.20 1.11 -8.69
CA ALA A 11 -12.51 0.61 -7.51
C ALA A 11 -11.84 1.80 -6.80
N GLY A 12 -11.83 1.79 -5.47
CA GLY A 12 -11.34 2.92 -4.72
C GLY A 12 -9.84 3.17 -4.65
N ILE A 13 -9.52 4.36 -4.20
CA ILE A 13 -8.16 4.83 -3.94
C ILE A 13 -7.55 3.99 -2.82
N PHE A 14 -6.26 3.69 -2.92
CA PHE A 14 -5.52 2.99 -1.84
C PHE A 14 -4.46 3.90 -1.27
N THR A 15 -4.39 3.97 0.05
CA THR A 15 -3.50 4.90 0.73
C THR A 15 -3.23 4.36 2.14
N PHE A 16 -2.25 4.89 2.84
CA PHE A 16 -1.92 4.41 4.19
C PHE A 16 -2.50 5.35 5.22
N GLU A 17 -2.39 4.95 6.48
CA GLU A 17 -2.92 5.73 7.61
C GLU A 17 -2.13 7.00 7.89
N CYS A 18 -0.81 6.89 7.97
CA CYS A 18 0.05 8.01 8.35
C CYS A 18 1.06 8.22 7.25
N ASP A 19 1.94 9.20 7.45
CA ASP A 19 3.02 9.49 6.52
C ASP A 19 4.40 9.32 7.16
N THR A 20 4.45 9.31 8.49
CA THR A 20 5.67 9.17 9.25
C THR A 20 5.36 8.28 10.45
N ILE A 21 6.22 7.30 10.69
CA ILE A 21 6.12 6.37 11.81
C ILE A 21 7.51 6.22 12.40
N HIS A 22 7.58 5.75 13.64
CA HIS A 22 8.86 5.38 14.25
C HIS A 22 8.72 3.94 14.71
N VAL A 23 9.62 3.08 14.28
CA VAL A 23 9.71 1.72 14.84
C VAL A 23 11.08 1.61 15.46
N SER A 24 11.32 0.51 16.16
CA SER A 24 12.62 0.22 16.74
C SER A 24 12.79 -1.24 16.42
N GLU A 25 14.00 -1.73 16.30
CA GLU A 25 14.28 -3.12 15.96
C GLU A 25 13.57 -4.11 16.88
N SER A 26 13.49 -3.76 18.15
CA SER A 26 12.88 -4.59 19.19
C SER A 26 11.38 -4.84 18.97
N ILE A 27 10.78 -4.13 18.02
CA ILE A 27 9.39 -4.34 17.69
C ILE A 27 9.21 -5.71 17.02
N GLY A 28 10.26 -6.21 16.36
CA GLY A 28 10.14 -7.44 15.63
C GLY A 28 9.53 -7.28 14.27
N VAL A 29 8.28 -6.85 14.25
CA VAL A 29 7.53 -6.72 13.02
C VAL A 29 6.79 -5.38 12.99
N MET A 30 7.10 -4.58 11.97
CA MET A 30 6.46 -3.29 11.75
C MET A 30 5.17 -3.54 10.97
N GLU A 31 4.18 -2.66 11.11
CA GLU A 31 2.98 -2.74 10.29
C GLU A 31 2.53 -1.42 9.73
N VAL A 32 2.07 -1.51 8.49
CA VAL A 32 1.45 -0.40 7.80
C VAL A 32 0.01 -0.82 7.66
N LYS A 33 -0.92 0.06 7.97
CA LYS A 33 -2.33 -0.22 7.70
C LYS A 33 -2.69 0.46 6.40
N VAL A 34 -3.26 -0.30 5.49
CA VAL A 34 -3.65 0.18 4.17
C VAL A 34 -5.16 0.30 4.11
N LEU A 35 -5.63 1.48 3.75
CA LEU A 35 -7.04 1.76 3.63
C LEU A 35 -7.40 1.87 2.17
N ARG A 36 -8.68 1.74 1.89
CA ARG A 36 -9.23 1.90 0.55
C ARG A 36 -10.45 2.78 0.74
N THR A 37 -10.64 3.76 -0.12
CA THR A 37 -11.76 4.69 0.03
C THR A 37 -13.10 3.97 -0.21
N SER A 38 -14.21 4.68 0.00
CA SER A 38 -15.57 4.12 -0.18
C SER A 38 -15.93 3.74 -1.62
N GLY A 39 -14.94 3.81 -2.49
CA GLY A 39 -15.05 3.32 -3.86
C GLY A 39 -14.82 1.83 -3.88
N ALA A 40 -14.91 1.17 -2.74
CA ALA A 40 -14.60 -0.25 -2.65
C ALA A 40 -15.64 -1.12 -3.37
N ARG A 41 -15.36 -1.38 -4.64
CA ARG A 41 -16.21 -2.18 -5.50
C ARG A 41 -15.41 -3.40 -5.93
N GLY A 42 -15.87 -4.56 -5.52
CA GLY A 42 -15.21 -5.79 -5.90
C GLY A 42 -13.90 -6.04 -5.20
N THR A 43 -13.10 -6.91 -5.80
CA THR A 43 -11.84 -7.35 -5.23
C THR A 43 -10.69 -6.81 -6.05
N VAL A 44 -9.74 -6.25 -5.35
CA VAL A 44 -8.52 -5.67 -5.91
C VAL A 44 -7.35 -6.30 -5.17
N ILE A 45 -6.30 -6.64 -5.88
CA ILE A 45 -5.09 -7.15 -5.27
C ILE A 45 -4.08 -6.00 -5.35
N VAL A 46 -3.30 -5.79 -4.29
CA VAL A 46 -2.34 -4.69 -4.30
C VAL A 46 -0.95 -5.13 -3.78
N PRO A 47 0.07 -5.13 -4.64
CA PRO A 47 1.42 -5.39 -4.14
C PRO A 47 2.03 -4.27 -3.36
N PHE A 48 3.02 -4.63 -2.56
CA PHE A 48 3.84 -3.68 -1.83
C PHE A 48 5.25 -4.20 -1.83
N ARG A 49 6.21 -3.36 -1.48
CA ARG A 49 7.59 -3.77 -1.32
C ARG A 49 8.28 -2.72 -0.46
N THR A 50 9.32 -3.10 0.25
CA THR A 50 10.05 -2.20 1.12
C THR A 50 11.04 -1.41 0.30
N VAL A 51 11.14 -0.11 0.54
CA VAL A 51 12.01 0.77 -0.21
C VAL A 51 12.89 1.40 0.82
N GLU A 52 14.13 0.98 0.85
CA GLU A 52 15.08 1.47 1.82
C GLU A 52 15.51 2.88 1.43
N GLY A 53 15.60 3.76 2.42
CA GLY A 53 15.97 5.15 2.18
C GLY A 53 17.43 5.32 2.57
N THR A 54 17.67 5.36 3.88
CA THR A 54 19.02 5.20 4.39
C THR A 54 18.96 3.93 5.24
N ALA A 55 19.63 2.89 4.73
CA ALA A 55 19.67 1.55 5.30
C ALA A 55 20.51 0.85 4.24
N LYS A 56 21.03 -0.34 4.51
CA LYS A 56 21.74 -1.08 3.46
C LYS A 56 20.70 -1.98 2.80
N GLY A 57 19.69 -2.33 3.59
CA GLY A 57 18.50 -3.00 3.09
C GLY A 57 18.63 -4.49 2.83
N GLY A 58 17.61 -5.05 2.20
CA GLY A 58 17.61 -6.47 1.88
C GLY A 58 17.32 -7.36 3.06
N GLY A 59 18.37 -7.80 3.75
CA GLY A 59 18.26 -8.59 4.97
C GLY A 59 18.95 -7.96 6.16
N GLU A 60 19.40 -6.72 6.02
CA GLU A 60 20.32 -6.13 7.02
C GLU A 60 19.63 -5.33 8.12
N ASP A 61 19.00 -4.21 7.78
CA ASP A 61 18.27 -3.39 8.77
C ASP A 61 16.90 -4.02 8.99
N PHE A 62 16.37 -4.56 7.92
CA PHE A 62 15.08 -5.20 7.92
C PHE A 62 15.08 -6.12 6.73
N GLU A 63 14.14 -7.04 6.71
CA GLU A 63 13.96 -7.91 5.56
C GLU A 63 13.00 -7.24 4.60
N ASP A 64 13.31 -7.27 3.31
CA ASP A 64 12.44 -6.69 2.30
C ASP A 64 11.11 -7.38 2.33
N ALA A 65 10.17 -6.59 2.77
CA ALA A 65 8.84 -7.01 2.96
C ALA A 65 8.04 -6.64 1.74
N TYR A 66 7.74 -7.66 0.97
CA TYR A 66 7.01 -7.51 -0.28
C TYR A 66 6.05 -8.66 -0.46
N GLY A 67 4.91 -8.38 -1.05
CA GLY A 67 3.92 -9.41 -1.30
C GLY A 67 2.72 -8.77 -1.94
N GLU A 68 1.63 -9.50 -2.02
CA GLU A 68 0.38 -8.96 -2.54
C GLU A 68 -0.70 -9.09 -1.50
N LEU A 69 -1.59 -8.10 -1.49
CA LEU A 69 -2.67 -8.02 -0.52
C LEU A 69 -4.00 -8.11 -1.24
N GLU A 70 -4.81 -9.09 -0.90
CA GLU A 70 -6.14 -9.17 -1.46
C GLU A 70 -7.08 -8.28 -0.66
N PHE A 71 -7.69 -7.30 -1.32
CA PHE A 71 -8.71 -6.47 -0.68
C PHE A 71 -10.02 -6.89 -1.33
N LYS A 72 -10.92 -7.44 -0.54
CA LYS A 72 -12.20 -7.96 -1.03
C LYS A 72 -13.36 -7.26 -0.35
N ASN A 73 -13.91 -6.28 -1.05
CA ASN A 73 -15.00 -5.40 -0.59
C ASN A 73 -14.86 -4.82 0.83
N ASP A 74 -15.26 -5.56 1.84
CA ASP A 74 -15.26 -5.11 3.25
C ASP A 74 -13.87 -5.25 3.89
N GLU A 75 -13.09 -6.15 3.30
CA GLU A 75 -11.65 -6.38 3.59
C GLU A 75 -10.75 -5.19 3.22
N THR A 76 -11.40 -4.05 3.05
CA THR A 76 -10.84 -2.83 2.47
C THR A 76 -9.85 -2.22 3.47
N VAL A 77 -9.79 -2.81 4.65
CA VAL A 77 -8.77 -2.51 5.63
C VAL A 77 -7.81 -3.70 5.63
N LYS A 78 -6.53 -3.45 5.41
CA LYS A 78 -5.53 -4.51 5.36
C LYS A 78 -4.22 -4.00 5.92
N THR A 79 -3.24 -4.87 6.09
CA THR A 79 -1.97 -4.47 6.66
C THR A 79 -0.78 -5.08 5.93
N ILE A 80 0.35 -4.39 6.00
CA ILE A 80 1.63 -4.84 5.44
C ILE A 80 2.55 -5.03 6.62
N ARG A 81 3.22 -6.17 6.66
CA ARG A 81 4.14 -6.51 7.74
C ARG A 81 5.56 -6.63 7.21
N VAL A 82 6.52 -6.15 7.98
CA VAL A 82 7.95 -6.21 7.63
C VAL A 82 8.66 -6.75 8.86
N LYS A 83 9.65 -7.60 8.70
CA LYS A 83 10.42 -8.11 9.84
C LYS A 83 11.67 -7.24 9.98
N ILE A 84 11.89 -6.71 11.16
CA ILE A 84 13.04 -5.85 11.42
C ILE A 84 14.14 -6.77 11.96
N VAL A 85 15.35 -6.57 11.49
CA VAL A 85 16.48 -7.48 11.76
C VAL A 85 17.32 -6.94 12.92
N ASP A 86 17.83 -7.85 13.76
CA ASP A 86 18.61 -7.49 14.94
C ASP A 86 19.90 -8.32 15.07
N GLU A 87 21.01 -7.67 15.40
CA GLU A 87 22.30 -8.36 15.67
C GLU A 87 23.18 -7.54 16.63
N GLU A 88 22.53 -6.95 17.64
CA GLU A 88 23.19 -6.19 18.74
C GLU A 88 24.03 -4.95 18.37
N GLU A 89 24.02 -4.50 17.12
CA GLU A 89 24.71 -3.26 16.74
C GLU A 89 23.79 -2.06 16.99
N TYR A 90 24.30 -0.85 16.74
CA TYR A 90 23.58 0.39 17.03
C TYR A 90 23.54 1.40 15.89
N GLU A 91 24.57 1.40 15.04
CA GLU A 91 24.71 2.35 13.92
C GLU A 91 24.20 3.78 14.22
N ARG A 92 23.06 4.16 13.65
CA ARG A 92 22.47 5.49 13.81
C ARG A 92 21.01 5.34 13.34
N GLN A 93 20.26 6.44 13.35
CA GLN A 93 18.91 6.48 12.79
C GLN A 93 18.97 6.06 11.33
N GLU A 94 18.25 5.00 11.01
CA GLU A 94 18.11 4.56 9.63
C GLU A 94 16.63 4.75 9.32
N ASN A 95 16.26 4.76 8.06
CA ASN A 95 14.90 5.11 7.65
C ASN A 95 14.50 4.34 6.40
N PHE A 96 13.23 3.96 6.33
CA PHE A 96 12.75 3.32 5.11
C PHE A 96 11.33 3.72 4.82
N PHE A 97 10.77 3.23 3.73
CA PHE A 97 9.37 3.47 3.42
C PHE A 97 8.86 2.27 2.64
N ILE A 98 7.54 2.12 2.51
CA ILE A 98 6.98 0.99 1.78
C ILE A 98 6.04 1.56 0.76
N ALA A 99 6.26 1.24 -0.51
CA ALA A 99 5.40 1.78 -1.56
C ALA A 99 4.61 0.65 -2.19
N LEU A 100 3.33 0.89 -2.46
CA LEU A 100 2.53 -0.09 -3.17
C LEU A 100 2.98 -0.10 -4.62
N GLY A 101 2.91 -1.26 -5.25
CA GLY A 101 3.26 -1.39 -6.66
C GLY A 101 2.22 -0.73 -7.55
N GLU A 102 1.17 -1.48 -7.85
CA GLU A 102 0.06 -1.00 -8.66
C GLU A 102 -1.18 -1.77 -8.22
N PRO A 103 -2.24 -1.08 -7.82
CA PRO A 103 -3.44 -1.83 -7.48
C PRO A 103 -4.07 -2.44 -8.73
N LYS A 104 -4.38 -3.73 -8.69
CA LYS A 104 -4.90 -4.45 -9.85
C LYS A 104 -6.22 -5.08 -9.47
N TRP A 105 -7.22 -4.91 -10.30
CA TRP A 105 -8.58 -5.34 -9.98
C TRP A 105 -8.73 -6.78 -10.28
N MET A 106 -8.80 -7.60 -9.25
CA MET A 106 -9.22 -8.92 -9.53
C MET A 106 -10.43 -9.35 -8.75
N GLU A 107 -11.46 -8.93 -9.39
CA GLU A 107 -12.73 -9.59 -9.50
C GLU A 107 -13.14 -9.01 -10.81
N ARG A 108 -12.81 -9.45 -12.02
CA ARG A 108 -13.29 -8.76 -13.29
C ARG A 108 -12.38 -9.25 -14.40
N GLY A 109 -11.07 -9.25 -14.13
CA GLY A 109 -10.11 -9.59 -15.16
C GLY A 109 -10.06 -8.48 -16.19
N ILE A 110 -10.18 -7.24 -15.71
CA ILE A 110 -10.37 -6.11 -16.59
C ILE A 110 -9.18 -5.82 -17.53
N SER A 111 -9.53 -5.39 -18.73
CA SER A 111 -8.59 -4.93 -19.73
C SER A 111 -9.40 -3.91 -20.50
N GLU A 112 -8.74 -3.01 -21.22
CA GLU A 112 -9.44 -2.07 -22.08
C GLU A 112 -10.17 -2.88 -23.15
N VAL A 113 -11.42 -2.56 -23.41
CA VAL A 113 -12.25 -3.34 -24.33
C VAL A 113 -13.05 -2.39 -25.23
N THR A 114 -12.86 -2.53 -26.54
CA THR A 114 -13.48 -1.64 -27.52
C THR A 114 -14.87 -2.13 -27.91
N ASP A 115 -15.13 -3.40 -27.66
CA ASP A 115 -16.36 -4.07 -28.07
C ASP A 115 -17.62 -3.57 -27.38
N ARG A 116 -17.46 -2.68 -26.41
CA ARG A 116 -18.58 -2.07 -25.70
C ARG A 116 -19.21 -0.94 -26.51
N LYS A 117 -19.69 -1.27 -27.69
CA LYS A 117 -20.37 -0.30 -28.54
C LYS A 117 -21.75 -0.02 -27.94
N LEU A 118 -22.01 1.25 -27.69
CA LEU A 118 -23.20 1.70 -26.96
C LEU A 118 -23.66 2.98 -27.66
N THR A 119 -24.64 3.68 -27.11
CA THR A 119 -24.96 5.04 -27.58
C THR A 119 -23.76 5.88 -27.20
N VAL A 120 -23.56 6.97 -27.91
CA VAL A 120 -22.28 7.64 -27.93
C VAL A 120 -21.87 8.22 -26.59
N GLU A 121 -22.84 8.49 -25.73
CA GLU A 121 -22.58 8.98 -24.39
C GLU A 121 -22.06 7.85 -23.54
N GLU A 122 -22.79 6.75 -23.61
CA GLU A 122 -22.50 5.55 -22.82
C GLU A 122 -21.24 4.87 -23.30
N GLU A 123 -20.86 5.12 -24.54
CA GLU A 123 -19.66 4.52 -25.11
C GLU A 123 -18.48 4.79 -24.22
N GLU A 124 -18.23 6.04 -23.86
CA GLU A 124 -17.17 6.29 -22.89
C GLU A 124 -17.70 6.21 -21.46
N ALA A 125 -18.85 6.81 -21.17
CA ALA A 125 -19.32 6.93 -19.78
C ALA A 125 -19.51 5.58 -19.09
N LYS A 126 -20.10 4.62 -19.78
CA LYS A 126 -20.29 3.31 -19.18
C LYS A 126 -19.00 2.51 -19.27
N ARG A 127 -18.28 2.61 -20.37
CA ARG A 127 -17.02 1.87 -20.51
C ARG A 127 -16.05 2.25 -19.41
N ILE A 128 -15.81 3.55 -19.21
CA ILE A 128 -14.87 4.00 -18.17
C ILE A 128 -15.29 3.49 -16.79
N ALA A 129 -16.58 3.60 -16.48
CA ALA A 129 -17.09 3.14 -15.19
C ALA A 129 -16.90 1.63 -15.04
N GLU A 130 -17.03 0.90 -16.13
CA GLU A 130 -16.83 -0.54 -16.15
C GLU A 130 -15.35 -0.93 -16.10
N MET A 131 -14.46 -0.06 -16.58
CA MET A 131 -13.02 -0.33 -16.52
C MET A 131 -12.64 -0.31 -15.06
N GLY A 132 -13.19 0.66 -14.34
CA GLY A 132 -13.16 0.64 -12.88
C GLY A 132 -11.80 0.60 -12.23
N LYS A 133 -10.73 0.87 -12.98
CA LYS A 133 -9.38 0.61 -12.49
C LYS A 133 -9.03 1.43 -11.24
N PRO A 134 -8.53 0.76 -10.18
CA PRO A 134 -8.14 1.50 -8.98
C PRO A 134 -6.85 2.26 -9.17
N VAL A 135 -6.61 3.21 -8.29
CA VAL A 135 -5.37 4.00 -8.33
C VAL A 135 -4.85 4.25 -6.91
N LEU A 136 -3.58 4.61 -6.81
CA LEU A 136 -2.99 5.01 -5.54
C LEU A 136 -3.50 6.39 -5.10
N GLY A 137 -3.41 6.65 -3.81
CA GLY A 137 -4.00 7.83 -3.21
C GLY A 137 -3.09 8.95 -2.78
N GLU A 138 -3.53 9.63 -1.72
CA GLU A 138 -2.87 10.81 -1.19
C GLU A 138 -1.53 10.46 -0.55
N HIS A 139 -1.50 9.36 0.19
CA HIS A 139 -0.24 8.84 0.76
C HIS A 139 -0.15 7.33 0.73
N PRO A 140 0.14 6.73 -0.45
CA PRO A 140 0.33 5.29 -0.62
C PRO A 140 1.71 4.81 -0.15
N LYS A 141 2.20 5.45 0.90
CA LYS A 141 3.51 5.15 1.47
C LYS A 141 3.51 5.63 2.91
N LEU A 142 4.38 5.04 3.71
CA LEU A 142 4.61 5.47 5.09
C LEU A 142 6.12 5.51 5.26
N GLU A 143 6.64 6.62 5.73
CA GLU A 143 8.05 6.74 6.04
C GLU A 143 8.29 6.28 7.46
N VAL A 144 9.33 5.49 7.67
CA VAL A 144 9.68 4.96 8.98
C VAL A 144 11.03 5.50 9.35
N ILE A 145 11.18 5.76 10.64
CA ILE A 145 12.43 6.16 11.22
C ILE A 145 12.71 5.11 12.28
N ILE A 146 13.90 4.54 12.31
CA ILE A 146 14.23 3.57 13.34
C ILE A 146 14.81 4.33 14.54
N GLU A 147 14.09 4.18 15.64
CA GLU A 147 14.30 4.87 16.92
C GLU A 147 14.39 6.41 16.83
N GLU A 148 15.60 6.93 16.71
CA GLU A 148 15.94 8.35 16.97
C GLU A 148 14.79 9.33 16.74
N SER A 149 14.28 9.84 17.85
CA SER A 149 13.12 10.71 17.87
C SER A 149 13.39 12.13 17.33
N TYR A 150 14.59 12.36 16.82
CA TYR A 150 14.91 13.63 16.20
C TYR A 150 14.30 13.70 14.81
N GLU A 151 13.39 14.65 14.62
CA GLU A 151 12.77 14.91 13.34
C GLU A 151 12.41 16.38 13.33
N PHE A 152 12.09 16.92 12.17
CA PHE A 152 11.75 18.34 12.05
C PHE A 152 10.54 18.54 11.13
N LYS A 153 9.62 17.57 11.19
CA LYS A 153 8.43 17.57 10.32
C LYS A 153 7.58 18.82 10.50
N SER A 154 7.29 19.19 11.73
CA SER A 154 6.39 20.31 11.99
C SER A 154 7.11 21.51 12.59
N THR A 155 6.84 22.66 12.01
CA THR A 155 7.33 23.95 12.52
C THR A 155 6.11 24.87 12.50
N VAL A 156 5.42 24.82 11.38
CA VAL A 156 4.10 25.39 11.19
C VAL A 156 3.46 24.35 10.29
N ASP A 157 2.14 24.32 10.23
CA ASP A 157 1.39 23.39 9.39
C ASP A 157 0.07 24.11 9.16
N HIS A 10 -16.60 1.94 -9.72
CA HIS A 10 -15.20 2.38 -9.75
C HIS A 10 -14.51 1.77 -8.54
N ALA A 11 -13.39 1.08 -8.74
CA ALA A 11 -12.65 0.46 -7.64
C ALA A 11 -12.00 1.55 -6.75
N GLY A 12 -11.78 1.23 -5.48
CA GLY A 12 -11.25 2.23 -4.57
C GLY A 12 -9.80 2.64 -4.73
N ILE A 13 -9.50 3.79 -4.16
CA ILE A 13 -8.14 4.31 -4.04
C ILE A 13 -7.61 3.67 -2.77
N PHE A 14 -6.33 3.34 -2.74
CA PHE A 14 -5.69 2.78 -1.56
C PHE A 14 -4.56 3.68 -1.12
N THR A 15 -4.45 3.88 0.18
CA THR A 15 -3.50 4.82 0.74
C THR A 15 -3.21 4.33 2.17
N PHE A 16 -2.19 4.85 2.82
CA PHE A 16 -1.84 4.43 4.18
C PHE A 16 -2.37 5.43 5.17
N GLU A 17 -2.20 5.12 6.44
CA GLU A 17 -2.66 6.00 7.52
C GLU A 17 -1.95 7.35 7.54
N CYS A 18 -0.64 7.30 7.40
CA CYS A 18 0.22 8.49 7.42
C CYS A 18 1.33 8.19 6.45
N ASP A 19 2.26 9.12 6.29
CA ASP A 19 3.48 8.86 5.50
C ASP A 19 4.70 9.14 6.37
N THR A 20 4.57 8.98 7.69
CA THR A 20 5.71 9.01 8.62
C THR A 20 5.34 8.22 9.90
N ILE A 21 6.28 7.43 10.38
CA ILE A 21 6.15 6.59 11.58
C ILE A 21 7.56 6.41 12.19
N HIS A 22 7.62 6.05 13.47
CA HIS A 22 8.88 5.64 14.10
C HIS A 22 8.70 4.27 14.74
N VAL A 23 9.59 3.34 14.42
CA VAL A 23 9.66 2.05 15.12
C VAL A 23 11.00 1.94 15.82
N SER A 24 11.21 0.81 16.49
CA SER A 24 12.48 0.43 17.05
C SER A 24 12.68 -0.95 16.50
N GLU A 25 13.90 -1.47 16.45
CA GLU A 25 14.17 -2.83 15.98
C GLU A 25 13.46 -3.83 16.89
N SER A 26 13.35 -3.43 18.15
CA SER A 26 12.76 -4.24 19.22
C SER A 26 11.28 -4.54 19.00
N ILE A 27 10.68 -3.89 18.02
CA ILE A 27 9.29 -4.15 17.67
C ILE A 27 9.15 -5.54 17.05
N GLY A 28 10.22 -6.05 16.45
CA GLY A 28 10.15 -7.34 15.80
C GLY A 28 9.70 -7.21 14.37
N VAL A 29 8.45 -6.84 14.17
CA VAL A 29 7.90 -6.66 12.83
C VAL A 29 6.94 -5.48 12.83
N MET A 30 7.21 -4.56 11.93
CA MET A 30 6.44 -3.33 11.77
C MET A 30 5.18 -3.61 10.96
N GLU A 31 4.15 -2.80 11.17
CA GLU A 31 2.92 -2.89 10.39
C GLU A 31 2.39 -1.54 10.00
N VAL A 32 1.89 -1.44 8.77
CA VAL A 32 1.18 -0.25 8.31
C VAL A 32 -0.21 -0.74 8.02
N LYS A 33 -1.20 0.09 8.30
CA LYS A 33 -2.57 -0.25 7.95
C LYS A 33 -2.85 0.41 6.61
N VAL A 34 -3.45 -0.35 5.72
CA VAL A 34 -3.79 0.13 4.38
C VAL A 34 -5.30 0.36 4.33
N LEU A 35 -5.69 1.60 4.04
CA LEU A 35 -7.08 2.02 4.02
C LEU A 35 -7.52 2.24 2.58
N ARG A 36 -8.83 2.26 2.35
CA ARG A 36 -9.39 2.39 1.02
C ARG A 36 -10.54 3.40 1.03
N THR A 37 -10.74 4.11 -0.08
CA THR A 37 -11.88 5.06 -0.25
C THR A 37 -13.19 4.32 -0.52
N SER A 38 -14.32 5.01 -0.55
CA SER A 38 -15.65 4.41 -0.78
C SER A 38 -15.89 3.69 -2.14
N GLY A 39 -14.83 3.41 -2.87
CA GLY A 39 -14.91 2.77 -4.18
C GLY A 39 -14.82 1.26 -4.13
N ALA A 40 -15.01 0.61 -3.00
CA ALA A 40 -14.79 -0.83 -2.97
C ALA A 40 -15.83 -1.61 -3.76
N ARG A 41 -15.41 -2.10 -4.91
CA ARG A 41 -16.25 -2.85 -5.82
C ARG A 41 -15.49 -4.13 -6.15
N GLY A 42 -15.99 -5.27 -5.69
CA GLY A 42 -15.31 -6.51 -5.99
C GLY A 42 -14.01 -6.70 -5.26
N THR A 43 -13.11 -7.42 -5.89
CA THR A 43 -11.81 -7.76 -5.35
C THR A 43 -10.74 -7.14 -6.21
N VAL A 44 -9.80 -6.49 -5.56
CA VAL A 44 -8.64 -5.90 -6.20
C VAL A 44 -7.44 -6.35 -5.37
N ILE A 45 -6.33 -6.59 -6.04
CA ILE A 45 -5.12 -7.06 -5.39
C ILE A 45 -4.13 -5.89 -5.39
N VAL A 46 -3.38 -5.71 -4.31
CA VAL A 46 -2.44 -4.58 -4.22
C VAL A 46 -1.04 -4.97 -3.71
N PRO A 47 0.00 -4.92 -4.55
CA PRO A 47 1.37 -5.18 -4.10
C PRO A 47 2.00 -4.10 -3.27
N PHE A 48 2.96 -4.49 -2.45
CA PHE A 48 3.79 -3.57 -1.69
C PHE A 48 5.22 -4.08 -1.75
N ARG A 49 6.16 -3.23 -1.37
CA ARG A 49 7.57 -3.59 -1.32
C ARG A 49 8.29 -2.63 -0.39
N THR A 50 9.43 -3.04 0.13
CA THR A 50 10.24 -2.17 0.97
C THR A 50 11.08 -1.27 0.10
N VAL A 51 11.17 -0.01 0.47
CA VAL A 51 11.92 1.00 -0.24
C VAL A 51 12.88 1.53 0.75
N GLU A 52 14.11 1.18 0.53
CA GLU A 52 15.16 1.59 1.42
C GLU A 52 15.60 3.02 1.09
N GLY A 53 15.84 3.81 2.14
CA GLY A 53 16.26 5.19 1.94
C GLY A 53 17.77 5.21 1.90
N THR A 54 18.37 5.12 3.07
CA THR A 54 19.80 4.82 3.16
C THR A 54 19.87 3.49 3.90
N ALA A 55 20.25 2.43 3.20
CA ALA A 55 20.33 1.08 3.78
C ALA A 55 21.04 0.22 2.75
N LYS A 56 21.21 -1.06 3.06
CA LYS A 56 21.75 -2.03 2.12
C LYS A 56 20.60 -2.98 1.72
N GLY A 57 19.66 -3.21 2.63
CA GLY A 57 18.50 -4.03 2.35
C GLY A 57 18.76 -5.53 2.33
N GLY A 58 17.72 -6.26 1.95
CA GLY A 58 17.81 -7.72 1.91
C GLY A 58 17.44 -8.29 3.25
N GLY A 59 18.43 -8.68 4.04
CA GLY A 59 18.23 -9.13 5.41
C GLY A 59 19.07 -8.31 6.37
N GLU A 60 19.64 -7.22 5.87
CA GLU A 60 20.75 -6.56 6.57
C GLU A 60 20.34 -5.56 7.64
N ASP A 61 19.41 -4.69 7.28
CA ASP A 61 18.90 -3.63 8.16
C ASP A 61 17.42 -3.84 8.42
N PHE A 62 16.79 -4.56 7.53
CA PHE A 62 15.43 -5.07 7.71
C PHE A 62 15.32 -6.24 6.76
N GLU A 63 14.26 -7.02 6.87
CA GLU A 63 13.99 -8.06 5.88
C GLU A 63 13.11 -7.50 4.78
N ASP A 64 13.58 -7.59 3.55
CA ASP A 64 12.85 -7.06 2.40
C ASP A 64 11.55 -7.80 2.24
N ALA A 65 10.53 -7.03 2.51
CA ALA A 65 9.19 -7.52 2.60
C ALA A 65 8.30 -6.98 1.49
N TYR A 66 7.99 -7.85 0.55
CA TYR A 66 7.14 -7.51 -0.57
C TYR A 66 6.14 -8.64 -0.80
N GLY A 67 4.94 -8.28 -1.20
CA GLY A 67 3.91 -9.29 -1.42
C GLY A 67 2.69 -8.61 -1.98
N GLU A 68 1.58 -9.33 -2.11
CA GLU A 68 0.34 -8.76 -2.59
C GLU A 68 -0.77 -8.93 -1.57
N LEU A 69 -1.68 -7.96 -1.56
CA LEU A 69 -2.76 -7.92 -0.60
C LEU A 69 -4.10 -8.05 -1.29
N GLU A 70 -4.85 -9.08 -0.95
CA GLU A 70 -6.20 -9.28 -1.49
C GLU A 70 -7.20 -8.35 -0.79
N PHE A 71 -7.56 -7.28 -1.47
CA PHE A 71 -8.53 -6.30 -0.96
C PHE A 71 -9.90 -6.60 -1.55
N LYS A 72 -10.91 -6.74 -0.70
CA LYS A 72 -12.26 -7.08 -1.16
C LYS A 72 -13.27 -6.11 -0.59
N ASN A 73 -14.53 -6.34 -0.93
CA ASN A 73 -15.65 -5.49 -0.52
C ASN A 73 -15.69 -5.05 0.95
N ASP A 74 -15.76 -5.99 1.89
CA ASP A 74 -15.77 -5.66 3.34
C ASP A 74 -14.33 -5.43 3.87
N GLU A 75 -13.44 -6.19 3.27
CA GLU A 75 -11.96 -6.24 3.51
C GLU A 75 -11.15 -4.96 3.36
N THR A 76 -11.84 -3.84 3.38
CA THR A 76 -11.31 -2.56 3.01
C THR A 76 -10.32 -1.98 4.01
N VAL A 77 -9.94 -2.80 4.98
CA VAL A 77 -8.81 -2.49 5.84
C VAL A 77 -7.86 -3.69 5.78
N LYS A 78 -6.59 -3.41 5.65
CA LYS A 78 -5.58 -4.47 5.48
C LYS A 78 -4.31 -3.97 6.13
N THR A 79 -3.28 -4.80 6.17
CA THR A 79 -2.03 -4.43 6.79
C THR A 79 -0.84 -5.00 6.01
N ILE A 80 0.33 -4.42 6.21
CA ILE A 80 1.59 -4.87 5.60
C ILE A 80 2.58 -5.09 6.71
N ARG A 81 3.26 -6.23 6.69
CA ARG A 81 4.26 -6.56 7.70
C ARG A 81 5.69 -6.62 7.16
N VAL A 82 6.61 -5.98 7.86
CA VAL A 82 8.04 -5.97 7.53
C VAL A 82 8.87 -6.28 8.78
N LYS A 83 9.57 -7.40 8.79
CA LYS A 83 10.39 -7.79 9.95
C LYS A 83 11.64 -6.90 10.03
N ILE A 84 12.03 -6.54 11.25
CA ILE A 84 13.20 -5.71 11.47
C ILE A 84 14.26 -6.61 12.10
N VAL A 85 15.50 -6.43 11.69
CA VAL A 85 16.62 -7.23 12.20
C VAL A 85 17.30 -6.47 13.35
N ASP A 86 17.75 -7.22 14.35
CA ASP A 86 18.27 -6.67 15.60
C ASP A 86 19.67 -7.18 15.97
N GLU A 87 20.43 -6.33 16.65
CA GLU A 87 21.81 -6.60 17.16
C GLU A 87 22.92 -7.00 16.15
N GLU A 88 22.59 -7.21 14.88
CA GLU A 88 23.60 -7.54 13.87
C GLU A 88 24.53 -6.34 13.58
N GLU A 89 23.99 -5.13 13.65
CA GLU A 89 24.77 -3.91 13.44
C GLU A 89 24.19 -2.79 14.32
N TYR A 90 24.95 -1.72 14.47
CA TYR A 90 24.62 -0.65 15.42
C TYR A 90 24.75 0.75 14.80
N GLU A 91 23.82 1.08 13.91
CA GLU A 91 23.79 2.40 13.29
C GLU A 91 23.09 3.42 14.20
N ARG A 92 22.99 4.65 13.74
CA ARG A 92 22.40 5.75 14.51
C ARG A 92 20.92 5.90 14.19
N GLN A 93 20.58 5.75 12.92
CA GLN A 93 19.20 5.89 12.47
C GLN A 93 19.04 5.18 11.13
N GLU A 94 18.07 4.28 11.03
CA GLU A 94 17.76 3.60 9.78
C GLU A 94 16.47 4.23 9.26
N ASN A 95 16.32 4.33 7.95
CA ASN A 95 15.18 4.99 7.32
C ASN A 95 14.77 4.23 6.07
N PHE A 96 13.51 3.82 6.02
CA PHE A 96 12.99 3.08 4.89
C PHE A 96 11.50 3.35 4.84
N PHE A 97 10.87 3.04 3.73
CA PHE A 97 9.44 3.23 3.57
C PHE A 97 8.88 2.03 2.85
N ILE A 98 7.58 1.91 2.76
CA ILE A 98 6.97 0.84 1.99
C ILE A 98 6.04 1.52 1.03
N ALA A 99 6.27 1.38 -0.25
CA ALA A 99 5.41 1.98 -1.26
C ALA A 99 4.63 0.85 -1.92
N LEU A 100 3.44 1.17 -2.38
CA LEU A 100 2.60 0.21 -3.07
C LEU A 100 2.97 0.21 -4.54
N GLY A 101 2.78 -0.95 -5.19
CA GLY A 101 3.07 -1.06 -6.62
C GLY A 101 2.01 -0.35 -7.43
N GLU A 102 0.91 -1.05 -7.65
CA GLU A 102 -0.25 -0.49 -8.31
C GLU A 102 -1.42 -1.40 -7.96
N PRO A 103 -2.54 -0.83 -7.53
CA PRO A 103 -3.67 -1.72 -7.28
C PRO A 103 -4.21 -2.25 -8.62
N LYS A 104 -4.59 -3.52 -8.64
CA LYS A 104 -5.08 -4.17 -9.86
C LYS A 104 -6.38 -4.86 -9.51
N TRP A 105 -7.40 -4.76 -10.34
CA TRP A 105 -8.70 -5.32 -10.02
C TRP A 105 -8.71 -6.76 -10.38
N MET A 106 -8.75 -7.65 -9.40
CA MET A 106 -9.07 -8.99 -9.78
C MET A 106 -10.27 -9.56 -9.05
N GLU A 107 -11.33 -9.14 -9.63
CA GLU A 107 -12.59 -9.80 -9.77
C GLU A 107 -13.09 -9.17 -11.03
N ARG A 108 -12.91 -9.56 -12.28
CA ARG A 108 -13.53 -8.82 -13.46
C ARG A 108 -12.80 -9.25 -14.71
N GLY A 109 -11.48 -9.19 -14.66
CA GLY A 109 -10.68 -9.46 -15.84
C GLY A 109 -10.75 -8.25 -16.76
N ILE A 110 -10.26 -7.12 -16.27
CA ILE A 110 -10.33 -5.85 -17.00
C ILE A 110 -9.80 -6.02 -18.44
N SER A 111 -10.69 -5.75 -19.38
CA SER A 111 -10.41 -5.85 -20.80
C SER A 111 -11.25 -4.76 -21.42
N GLU A 112 -10.87 -4.24 -22.58
CA GLU A 112 -11.62 -3.16 -23.20
C GLU A 112 -12.80 -3.71 -24.03
N VAL A 113 -13.85 -4.10 -23.31
CA VAL A 113 -15.15 -4.54 -23.89
C VAL A 113 -15.12 -5.80 -24.79
N THR A 114 -15.88 -6.81 -24.37
CA THR A 114 -16.12 -7.98 -25.22
C THR A 114 -17.37 -7.70 -26.07
N ASP A 115 -18.44 -7.26 -25.42
CA ASP A 115 -19.66 -6.81 -26.10
C ASP A 115 -20.40 -5.83 -25.20
N ARG A 116 -20.49 -4.58 -25.64
CA ARG A 116 -21.25 -3.54 -24.94
C ARG A 116 -21.83 -2.59 -25.97
N LYS A 117 -22.93 -2.98 -26.59
CA LYS A 117 -23.62 -2.07 -27.50
C LYS A 117 -24.30 -1.00 -26.65
N LEU A 118 -23.91 0.25 -26.83
CA LEU A 118 -24.33 1.35 -25.97
C LEU A 118 -24.66 2.59 -26.79
N THR A 119 -25.10 3.65 -26.13
CA THR A 119 -25.26 4.96 -26.78
C THR A 119 -23.86 5.59 -26.86
N VAL A 120 -23.73 6.70 -27.57
CA VAL A 120 -22.43 7.30 -27.87
C VAL A 120 -21.71 7.72 -26.60
N GLU A 121 -22.45 8.34 -25.71
CA GLU A 121 -21.90 8.86 -24.46
C GLU A 121 -21.36 7.73 -23.61
N GLU A 122 -22.12 6.65 -23.58
CA GLU A 122 -21.77 5.50 -22.77
C GLU A 122 -20.66 4.69 -23.42
N GLU A 123 -20.44 4.87 -24.71
CA GLU A 123 -19.42 4.09 -25.40
C GLU A 123 -18.07 4.29 -24.73
N GLU A 124 -17.74 5.52 -24.34
CA GLU A 124 -16.60 5.71 -23.44
C GLU A 124 -17.01 5.62 -21.95
N ALA A 125 -18.07 6.30 -21.55
CA ALA A 125 -18.39 6.44 -20.11
C ALA A 125 -18.58 5.09 -19.40
N LYS A 126 -19.24 4.16 -20.05
CA LYS A 126 -19.47 2.83 -19.47
C LYS A 126 -18.20 2.01 -19.63
N ARG A 127 -17.52 2.15 -20.75
CA ARG A 127 -16.28 1.40 -21.02
C ARG A 127 -15.23 1.70 -19.96
N ILE A 128 -15.05 2.97 -19.63
CA ILE A 128 -14.06 3.36 -18.64
C ILE A 128 -14.44 2.77 -17.27
N ALA A 129 -15.73 2.83 -16.95
CA ALA A 129 -16.22 2.29 -15.69
C ALA A 129 -16.05 0.77 -15.64
N GLU A 130 -16.18 0.11 -16.78
CA GLU A 130 -15.99 -1.34 -16.88
C GLU A 130 -14.52 -1.70 -16.70
N MET A 131 -13.61 -0.79 -17.05
CA MET A 131 -12.20 -1.05 -16.78
C MET A 131 -12.01 -0.97 -15.28
N GLY A 132 -12.66 0.02 -14.67
CA GLY A 132 -12.72 0.13 -13.22
C GLY A 132 -11.38 0.23 -12.53
N LYS A 133 -10.34 0.60 -13.26
CA LYS A 133 -8.97 0.52 -12.74
C LYS A 133 -8.76 1.32 -11.46
N PRO A 134 -8.45 0.63 -10.35
CA PRO A 134 -8.12 1.41 -9.14
C PRO A 134 -6.81 2.13 -9.32
N VAL A 135 -6.61 3.17 -8.53
CA VAL A 135 -5.38 3.96 -8.58
C VAL A 135 -4.82 4.19 -7.19
N LEU A 136 -3.58 4.68 -7.14
CA LEU A 136 -2.90 4.94 -5.88
C LEU A 136 -3.47 6.20 -5.26
N GLY A 137 -3.36 6.31 -3.95
CA GLY A 137 -3.81 7.49 -3.24
C GLY A 137 -2.80 8.59 -3.10
N GLU A 138 -3.11 9.49 -2.19
CA GLU A 138 -2.32 10.68 -1.92
C GLU A 138 -1.06 10.33 -1.12
N HIS A 139 -1.19 9.35 -0.23
CA HIS A 139 -0.06 8.86 0.57
C HIS A 139 -0.03 7.32 0.66
N PRO A 140 0.23 6.63 -0.47
CA PRO A 140 0.29 5.16 -0.55
C PRO A 140 1.63 4.60 -0.09
N LYS A 141 2.22 5.26 0.89
CA LYS A 141 3.53 4.93 1.41
C LYS A 141 3.62 5.39 2.84
N LEU A 142 4.47 4.74 3.63
CA LEU A 142 4.74 5.13 5.00
C LEU A 142 6.24 5.14 5.25
N GLU A 143 6.78 6.30 5.58
CA GLU A 143 8.19 6.47 5.93
C GLU A 143 8.40 6.06 7.37
N VAL A 144 9.30 5.14 7.62
CA VAL A 144 9.58 4.65 8.95
C VAL A 144 11.01 5.01 9.28
N ILE A 145 11.19 5.52 10.48
CA ILE A 145 12.48 5.84 11.01
C ILE A 145 12.66 4.87 12.14
N ILE A 146 13.79 4.19 12.20
CA ILE A 146 14.07 3.31 13.31
C ILE A 146 14.80 4.14 14.36
N GLU A 147 14.00 4.68 15.28
CA GLU A 147 14.47 5.60 16.32
C GLU A 147 13.36 5.73 17.38
N GLU A 148 13.41 4.86 18.38
CA GLU A 148 12.45 4.86 19.50
C GLU A 148 10.97 4.91 18.99
N SER A 149 10.20 5.86 19.45
CA SER A 149 8.81 6.04 19.05
C SER A 149 8.56 7.53 18.83
N TYR A 150 9.65 8.21 18.48
CA TYR A 150 9.68 9.68 18.36
C TYR A 150 8.94 10.23 17.10
N GLU A 151 7.65 9.93 16.99
CA GLU A 151 6.83 10.39 15.88
C GLU A 151 5.95 11.56 16.32
N PHE A 152 5.78 12.56 15.47
CA PHE A 152 4.96 13.73 15.80
C PHE A 152 4.27 14.43 14.61
N LYS A 153 4.37 13.88 13.40
CA LYS A 153 3.73 14.50 12.23
C LYS A 153 2.25 14.10 12.12
N SER A 154 1.53 14.12 13.23
CA SER A 154 0.13 13.72 13.27
C SER A 154 -0.79 14.83 12.74
N THR A 155 -1.93 14.44 12.20
CA THR A 155 -2.93 15.39 11.70
C THR A 155 -4.30 14.75 11.86
N VAL A 156 -5.36 15.56 11.81
CA VAL A 156 -6.73 15.07 11.97
C VAL A 156 -7.59 16.03 11.15
N ASP A 157 -8.80 15.63 10.79
CA ASP A 157 -9.76 16.48 10.07
C ASP A 157 -10.28 17.57 11.02
N HIS A 10 -15.43 4.14 -9.25
CA HIS A 10 -14.39 3.23 -9.70
C HIS A 10 -13.91 2.44 -8.49
N ALA A 11 -13.07 1.44 -8.71
CA ALA A 11 -12.42 0.72 -7.62
C ALA A 11 -11.67 1.71 -6.72
N GLY A 12 -11.63 1.44 -5.43
CA GLY A 12 -11.07 2.39 -4.49
C GLY A 12 -9.61 2.76 -4.67
N ILE A 13 -9.33 4.02 -4.31
CA ILE A 13 -7.99 4.53 -4.19
C ILE A 13 -7.40 3.87 -2.96
N PHE A 14 -6.13 3.48 -3.00
CA PHE A 14 -5.46 2.89 -1.83
C PHE A 14 -4.38 3.81 -1.32
N THR A 15 -4.33 3.95 0.00
CA THR A 15 -3.45 4.89 0.67
C THR A 15 -3.24 4.35 2.08
N PHE A 16 -2.34 4.92 2.86
CA PHE A 16 -2.09 4.48 4.22
C PHE A 16 -2.64 5.52 5.18
N GLU A 17 -2.64 5.16 6.45
CA GLU A 17 -3.06 6.06 7.53
C GLU A 17 -2.23 7.32 7.64
N CYS A 18 -0.92 7.12 7.73
CA CYS A 18 0.03 8.20 7.99
C CYS A 18 1.16 8.05 7.00
N ASP A 19 2.05 9.03 6.98
CA ASP A 19 3.22 9.00 6.13
C ASP A 19 4.54 9.15 6.92
N THR A 20 4.48 9.16 8.24
CA THR A 20 5.67 9.23 9.08
C THR A 20 5.44 8.40 10.36
N ILE A 21 6.40 7.54 10.68
CA ILE A 21 6.34 6.63 11.85
C ILE A 21 7.77 6.36 12.39
N HIS A 22 7.86 5.94 13.65
CA HIS A 22 9.11 5.44 14.23
C HIS A 22 8.89 4.03 14.76
N VAL A 23 9.79 3.12 14.41
CA VAL A 23 9.83 1.81 15.07
C VAL A 23 11.20 1.62 15.70
N SER A 24 11.27 0.59 16.53
CA SER A 24 12.51 0.12 17.12
C SER A 24 12.88 -1.11 16.32
N GLU A 25 14.11 -1.56 16.38
CA GLU A 25 14.44 -2.87 15.82
C GLU A 25 13.80 -3.93 16.72
N SER A 26 13.77 -3.62 18.01
CA SER A 26 13.24 -4.50 19.04
C SER A 26 11.75 -4.81 18.91
N ILE A 27 11.06 -4.11 18.03
CA ILE A 27 9.66 -4.36 17.77
C ILE A 27 9.48 -5.71 17.07
N GLY A 28 10.49 -6.14 16.33
CA GLY A 28 10.36 -7.37 15.58
C GLY A 28 9.76 -7.14 14.22
N VAL A 29 8.49 -6.78 14.22
CA VAL A 29 7.74 -6.63 12.99
C VAL A 29 6.93 -5.34 12.99
N MET A 30 7.20 -4.49 12.02
CA MET A 30 6.46 -3.24 11.83
C MET A 30 5.19 -3.52 11.02
N GLU A 31 4.17 -2.70 11.19
CA GLU A 31 2.95 -2.82 10.40
C GLU A 31 2.41 -1.46 9.98
N VAL A 32 1.85 -1.39 8.77
CA VAL A 32 1.15 -0.18 8.32
C VAL A 32 -0.28 -0.60 8.03
N LYS A 33 -1.23 0.24 8.39
CA LYS A 33 -2.62 -0.03 8.07
C LYS A 33 -2.87 0.53 6.68
N VAL A 34 -3.44 -0.28 5.82
CA VAL A 34 -3.73 0.12 4.44
C VAL A 34 -5.21 0.42 4.36
N LEU A 35 -5.52 1.56 3.77
CA LEU A 35 -6.88 2.09 3.73
C LEU A 35 -7.32 2.27 2.28
N ARG A 36 -8.63 2.38 2.08
CA ARG A 36 -9.18 2.57 0.75
C ARG A 36 -10.37 3.56 0.83
N THR A 37 -10.64 4.28 -0.26
CA THR A 37 -11.76 5.26 -0.36
C THR A 37 -13.12 4.60 -0.66
N SER A 38 -14.19 5.38 -0.83
CA SER A 38 -15.53 4.87 -1.16
C SER A 38 -15.67 4.29 -2.59
N GLY A 39 -14.63 3.65 -3.08
CA GLY A 39 -14.60 3.05 -4.41
C GLY A 39 -14.71 1.54 -4.37
N ALA A 40 -14.94 0.98 -3.21
CA ALA A 40 -14.88 -0.48 -3.08
C ALA A 40 -15.98 -1.22 -3.83
N ARG A 41 -15.60 -1.79 -4.97
CA ARG A 41 -16.52 -2.58 -5.77
C ARG A 41 -15.75 -3.77 -6.33
N GLY A 42 -15.96 -4.95 -5.77
CA GLY A 42 -15.27 -6.14 -6.25
C GLY A 42 -14.01 -6.46 -5.49
N THR A 43 -13.16 -7.27 -6.10
CA THR A 43 -11.94 -7.75 -5.49
C THR A 43 -10.78 -7.14 -6.26
N VAL A 44 -9.87 -6.57 -5.51
CA VAL A 44 -8.70 -5.85 -6.03
C VAL A 44 -7.48 -6.44 -5.33
N ILE A 45 -6.38 -6.63 -6.05
CA ILE A 45 -5.15 -7.11 -5.44
C ILE A 45 -4.16 -5.93 -5.48
N VAL A 46 -3.41 -5.73 -4.40
CA VAL A 46 -2.45 -4.61 -4.34
C VAL A 46 -1.09 -5.05 -3.78
N PRO A 47 -0.03 -5.00 -4.60
CA PRO A 47 1.32 -5.29 -4.09
C PRO A 47 1.94 -4.18 -3.28
N PHE A 48 2.93 -4.55 -2.48
CA PHE A 48 3.74 -3.62 -1.74
C PHE A 48 5.16 -4.14 -1.76
N ARG A 49 6.12 -3.30 -1.41
CA ARG A 49 7.51 -3.74 -1.22
C ARG A 49 8.20 -2.75 -0.30
N THR A 50 9.23 -3.19 0.39
CA THR A 50 9.97 -2.34 1.31
C THR A 50 10.96 -1.53 0.47
N VAL A 51 11.02 -0.23 0.71
CA VAL A 51 11.72 0.73 -0.12
C VAL A 51 12.69 1.38 0.80
N GLU A 52 13.93 1.09 0.56
CA GLU A 52 14.98 1.61 1.36
C GLU A 52 15.33 3.03 0.94
N GLY A 53 15.59 3.88 1.94
CA GLY A 53 15.92 5.29 1.68
C GLY A 53 17.38 5.48 1.98
N THR A 54 17.70 5.68 3.25
CA THR A 54 19.08 5.52 3.70
C THR A 54 19.03 4.38 4.70
N ALA A 55 19.61 3.27 4.30
CA ALA A 55 19.63 2.01 5.06
C ALA A 55 20.41 1.08 4.15
N LYS A 56 20.31 -0.22 4.40
CA LYS A 56 21.06 -1.20 3.63
C LYS A 56 20.13 -2.08 2.80
N GLY A 57 18.99 -2.41 3.38
CA GLY A 57 18.02 -3.27 2.73
C GLY A 57 18.42 -4.73 2.74
N GLY A 58 17.69 -5.53 1.96
CA GLY A 58 18.00 -6.94 1.86
C GLY A 58 17.61 -7.67 3.13
N GLY A 59 18.62 -8.07 3.90
CA GLY A 59 18.42 -8.70 5.19
C GLY A 59 19.14 -7.97 6.32
N GLU A 60 19.62 -6.76 6.08
CA GLU A 60 20.54 -6.13 7.04
C GLU A 60 19.92 -5.17 8.07
N ASP A 61 19.15 -4.18 7.66
CA ASP A 61 18.47 -3.30 8.64
C ASP A 61 17.00 -3.70 8.70
N PHE A 62 16.53 -4.26 7.60
CA PHE A 62 15.21 -4.87 7.55
C PHE A 62 15.30 -6.03 6.59
N GLU A 63 14.33 -6.91 6.67
CA GLU A 63 14.15 -7.95 5.65
C GLU A 63 13.18 -7.41 4.61
N ASP A 64 13.61 -7.35 3.35
CA ASP A 64 12.78 -6.79 2.28
C ASP A 64 11.51 -7.58 2.13
N ALA A 65 10.48 -6.89 2.53
CA ALA A 65 9.19 -7.46 2.64
C ALA A 65 8.29 -6.97 1.53
N TYR A 66 7.96 -7.89 0.64
CA TYR A 66 7.10 -7.59 -0.50
C TYR A 66 6.11 -8.71 -0.71
N GLY A 67 4.91 -8.36 -1.12
CA GLY A 67 3.91 -9.37 -1.38
C GLY A 67 2.69 -8.71 -1.98
N GLU A 68 1.63 -9.47 -2.18
CA GLU A 68 0.38 -8.93 -2.67
C GLU A 68 -0.69 -9.10 -1.62
N LEU A 69 -1.56 -8.10 -1.54
CA LEU A 69 -2.63 -8.09 -0.57
C LEU A 69 -3.95 -8.19 -1.32
N GLU A 70 -4.74 -9.18 -0.98
CA GLU A 70 -6.06 -9.31 -1.56
C GLU A 70 -7.00 -8.40 -0.78
N PHE A 71 -7.68 -7.51 -1.49
CA PHE A 71 -8.69 -6.64 -0.91
C PHE A 71 -10.00 -7.01 -1.56
N LYS A 72 -11.05 -7.09 -0.77
CA LYS A 72 -12.39 -7.37 -1.30
C LYS A 72 -13.25 -6.22 -0.87
N ASN A 73 -14.53 -6.28 -1.23
CA ASN A 73 -15.49 -5.22 -0.95
C ASN A 73 -15.47 -4.72 0.51
N ASP A 74 -15.67 -5.63 1.45
CA ASP A 74 -15.68 -5.31 2.88
C ASP A 74 -14.25 -5.24 3.44
N GLU A 75 -13.41 -6.10 2.88
CA GLU A 75 -12.00 -6.32 3.32
C GLU A 75 -11.01 -5.17 3.13
N THR A 76 -11.53 -3.98 2.92
CA THR A 76 -10.77 -2.79 2.57
C THR A 76 -9.94 -2.22 3.71
N VAL A 77 -9.81 -3.01 4.76
CA VAL A 77 -8.93 -2.71 5.88
C VAL A 77 -7.88 -3.82 5.83
N LYS A 78 -6.62 -3.45 5.76
CA LYS A 78 -5.57 -4.45 5.62
C LYS A 78 -4.30 -3.92 6.23
N THR A 79 -3.28 -4.75 6.26
CA THR A 79 -2.01 -4.37 6.84
C THR A 79 -0.84 -4.96 6.06
N ILE A 80 0.33 -4.36 6.24
CA ILE A 80 1.58 -4.83 5.63
C ILE A 80 2.57 -5.04 6.74
N ARG A 81 3.19 -6.22 6.77
CA ARG A 81 4.19 -6.55 7.80
C ARG A 81 5.60 -6.63 7.22
N VAL A 82 6.55 -6.05 7.95
CA VAL A 82 7.97 -6.04 7.56
C VAL A 82 8.80 -6.39 8.79
N LYS A 83 9.74 -7.34 8.67
CA LYS A 83 10.57 -7.72 9.82
C LYS A 83 11.78 -6.79 9.90
N ILE A 84 12.05 -6.28 11.08
CA ILE A 84 13.18 -5.38 11.30
C ILE A 84 14.35 -6.20 11.81
N VAL A 85 15.54 -5.90 11.33
CA VAL A 85 16.75 -6.63 11.70
C VAL A 85 17.58 -5.78 12.67
N ASP A 86 18.21 -6.45 13.63
CA ASP A 86 19.01 -5.82 14.69
C ASP A 86 20.18 -5.00 14.12
N GLU A 87 20.50 -3.87 14.74
CA GLU A 87 21.61 -3.02 14.26
C GLU A 87 23.00 -3.62 14.61
N GLU A 88 23.87 -3.71 13.60
CA GLU A 88 25.23 -4.27 13.77
C GLU A 88 26.14 -3.34 14.57
N GLU A 89 25.85 -2.04 14.51
CA GLU A 89 26.58 -1.05 15.28
C GLU A 89 25.53 -0.08 15.77
N TYR A 90 25.62 0.29 17.03
CA TYR A 90 24.58 1.05 17.71
C TYR A 90 24.37 2.47 17.22
N GLU A 91 23.22 3.01 17.62
CA GLU A 91 22.81 4.40 17.35
C GLU A 91 22.70 4.67 15.85
N ARG A 92 22.21 3.68 15.10
CA ARG A 92 22.04 3.84 13.66
C ARG A 92 20.59 4.17 13.30
N GLN A 93 20.36 5.44 12.96
CA GLN A 93 19.05 5.88 12.50
C GLN A 93 18.84 5.43 11.04
N GLU A 94 18.29 4.25 10.85
CA GLU A 94 18.05 3.74 9.49
C GLU A 94 16.65 4.21 9.08
N ASN A 95 16.44 4.37 7.78
CA ASN A 95 15.19 4.92 7.25
C ASN A 95 14.75 4.16 6.01
N PHE A 96 13.48 3.81 6.02
CA PHE A 96 12.88 3.11 4.90
C PHE A 96 11.40 3.45 4.85
N PHE A 97 10.76 3.10 3.76
CA PHE A 97 9.34 3.34 3.57
C PHE A 97 8.82 2.13 2.82
N ILE A 98 7.52 2.00 2.67
CA ILE A 98 6.96 0.87 1.91
C ILE A 98 6.04 1.50 0.90
N ALA A 99 6.24 1.19 -0.36
CA ALA A 99 5.40 1.73 -1.42
C ALA A 99 4.60 0.62 -2.02
N LEU A 100 3.39 0.97 -2.43
CA LEU A 100 2.52 0.04 -3.09
C LEU A 100 2.93 0.02 -4.56
N GLY A 101 2.78 -1.13 -5.19
CA GLY A 101 3.15 -1.27 -6.60
C GLY A 101 2.14 -0.57 -7.46
N GLU A 102 1.03 -1.26 -7.74
CA GLU A 102 -0.08 -0.68 -8.46
C GLU A 102 -1.31 -1.53 -8.12
N PRO A 103 -2.41 -0.90 -7.72
CA PRO A 103 -3.60 -1.72 -7.43
C PRO A 103 -4.21 -2.27 -8.73
N LYS A 104 -4.64 -3.53 -8.72
CA LYS A 104 -5.15 -4.19 -9.92
C LYS A 104 -6.46 -4.87 -9.59
N TRP A 105 -7.41 -4.87 -10.51
CA TRP A 105 -8.72 -5.47 -10.23
C TRP A 105 -8.62 -6.94 -10.47
N MET A 106 -8.75 -7.76 -9.43
CA MET A 106 -9.10 -9.12 -9.75
C MET A 106 -10.37 -9.56 -9.06
N GLU A 107 -11.34 -9.10 -9.77
CA GLU A 107 -12.67 -9.51 -9.93
C GLU A 107 -12.81 -8.95 -11.35
N ARG A 108 -13.81 -9.33 -12.13
CA ARG A 108 -14.13 -8.71 -13.45
C ARG A 108 -13.23 -9.17 -14.60
N GLY A 109 -11.92 -9.09 -14.42
CA GLY A 109 -11.01 -9.43 -15.50
C GLY A 109 -11.14 -8.42 -16.62
N ILE A 110 -10.86 -7.17 -16.30
CA ILE A 110 -11.02 -6.01 -17.21
C ILE A 110 -10.70 -6.28 -18.70
N SER A 111 -9.56 -6.89 -19.00
CA SER A 111 -9.17 -7.22 -20.39
C SER A 111 -9.27 -5.97 -21.29
N GLU A 112 -9.80 -6.14 -22.49
CA GLU A 112 -10.07 -5.00 -23.38
C GLU A 112 -11.57 -5.04 -23.68
N VAL A 113 -12.19 -3.86 -23.73
CA VAL A 113 -13.63 -3.74 -23.91
C VAL A 113 -13.89 -2.85 -25.11
N THR A 114 -13.88 -3.43 -26.30
CA THR A 114 -14.00 -2.64 -27.55
C THR A 114 -15.25 -2.94 -28.38
N ASP A 115 -15.65 -4.20 -28.44
CA ASP A 115 -16.79 -4.64 -29.27
C ASP A 115 -18.16 -4.18 -28.76
N ARG A 116 -18.17 -3.48 -27.63
CA ARG A 116 -19.43 -3.09 -26.99
C ARG A 116 -20.00 -1.83 -27.61
N LYS A 117 -20.66 -1.99 -28.76
CA LYS A 117 -21.34 -0.86 -29.39
C LYS A 117 -22.53 -0.48 -28.52
N LEU A 118 -22.59 0.78 -28.15
CA LEU A 118 -23.61 1.33 -27.27
C LEU A 118 -24.01 2.64 -27.92
N THR A 119 -24.86 3.42 -27.27
CA THR A 119 -25.11 4.80 -27.70
C THR A 119 -23.80 5.52 -27.46
N VAL A 120 -23.59 6.58 -28.20
CA VAL A 120 -22.26 7.13 -28.36
C VAL A 120 -21.68 7.70 -27.06
N GLU A 121 -22.56 8.05 -26.15
CA GLU A 121 -22.15 8.54 -24.83
C GLU A 121 -21.61 7.36 -24.03
N GLU A 122 -22.39 6.29 -24.00
CA GLU A 122 -22.06 5.09 -23.26
C GLU A 122 -20.90 4.34 -23.88
N GLU A 123 -20.64 4.57 -25.15
CA GLU A 123 -19.57 3.89 -25.84
C GLU A 123 -18.24 4.09 -25.12
N GLU A 124 -17.92 5.33 -24.74
CA GLU A 124 -16.81 5.52 -23.82
C GLU A 124 -17.24 5.45 -22.35
N ALA A 125 -18.33 6.11 -21.97
CA ALA A 125 -18.66 6.28 -20.55
C ALA A 125 -18.85 4.94 -19.83
N LYS A 126 -19.65 4.05 -20.40
CA LYS A 126 -19.87 2.75 -19.78
C LYS A 126 -18.57 1.99 -19.82
N ARG A 127 -17.88 2.06 -20.95
CA ARG A 127 -16.63 1.32 -21.11
C ARG A 127 -15.60 1.69 -20.06
N ILE A 128 -15.41 2.97 -19.82
CA ILE A 128 -14.47 3.45 -18.81
C ILE A 128 -14.90 2.96 -17.43
N ALA A 129 -16.20 3.02 -17.15
CA ALA A 129 -16.71 2.58 -15.86
C ALA A 129 -16.53 1.06 -15.68
N GLU A 130 -16.62 0.31 -16.77
CA GLU A 130 -16.43 -1.15 -16.73
C GLU A 130 -14.94 -1.48 -16.54
N MET A 131 -14.04 -0.56 -16.89
CA MET A 131 -12.61 -0.80 -16.67
C MET A 131 -12.36 -0.76 -15.18
N GLY A 132 -12.98 0.21 -14.51
CA GLY A 132 -12.97 0.29 -13.06
C GLY A 132 -11.61 0.40 -12.41
N LYS A 133 -10.57 0.73 -13.16
CA LYS A 133 -9.18 0.64 -12.69
C LYS A 133 -8.89 1.47 -11.43
N PRO A 134 -8.46 0.81 -10.33
CA PRO A 134 -8.08 1.59 -9.16
C PRO A 134 -6.77 2.31 -9.38
N VAL A 135 -6.52 3.31 -8.54
CA VAL A 135 -5.27 4.09 -8.59
C VAL A 135 -4.72 4.34 -7.18
N LEU A 136 -3.50 4.86 -7.11
CA LEU A 136 -2.84 5.14 -5.83
C LEU A 136 -3.35 6.45 -5.25
N GLY A 137 -3.25 6.60 -3.93
CA GLY A 137 -3.70 7.80 -3.24
C GLY A 137 -2.65 8.85 -3.00
N GLU A 138 -2.95 9.70 -2.02
CA GLU A 138 -2.09 10.81 -1.64
C GLU A 138 -0.97 10.34 -0.73
N HIS A 139 -1.23 9.30 0.06
CA HIS A 139 -0.22 8.73 0.97
C HIS A 139 -0.11 7.21 0.83
N PRO A 140 0.23 6.68 -0.36
CA PRO A 140 0.37 5.22 -0.54
C PRO A 140 1.70 4.67 0.00
N LYS A 141 2.23 5.36 1.01
CA LYS A 141 3.53 5.07 1.56
C LYS A 141 3.58 5.56 2.99
N LEU A 142 4.41 4.92 3.80
CA LEU A 142 4.66 5.33 5.18
C LEU A 142 6.15 5.32 5.40
N GLU A 143 6.72 6.46 5.80
CA GLU A 143 8.15 6.56 6.09
C GLU A 143 8.41 6.18 7.54
N VAL A 144 9.29 5.22 7.74
CA VAL A 144 9.61 4.66 9.06
C VAL A 144 11.06 4.93 9.32
N ILE A 145 11.31 5.39 10.53
CA ILE A 145 12.65 5.62 11.02
C ILE A 145 12.84 4.53 12.05
N ILE A 146 13.96 3.85 12.00
CA ILE A 146 14.28 2.82 12.97
C ILE A 146 15.14 3.53 14.02
N GLU A 147 14.46 4.00 15.06
CA GLU A 147 15.07 4.79 16.14
C GLU A 147 14.03 4.92 17.25
N GLU A 148 14.50 4.89 18.49
CA GLU A 148 13.69 5.01 19.72
C GLU A 148 12.48 4.08 19.84
N SER A 149 11.67 4.28 20.87
CA SER A 149 10.55 3.39 21.13
C SER A 149 9.34 3.75 20.28
N TYR A 150 8.60 2.73 19.89
CA TYR A 150 7.38 2.92 19.12
C TYR A 150 6.23 3.27 20.06
N GLU A 151 5.21 3.92 19.52
CA GLU A 151 3.99 4.20 20.27
C GLU A 151 3.01 3.06 19.96
N PHE A 152 2.70 2.90 18.68
CA PHE A 152 1.82 1.86 18.15
C PHE A 152 0.38 1.88 18.72
N LYS A 153 -0.49 1.10 18.11
CA LYS A 153 -1.93 1.10 18.47
C LYS A 153 -2.58 -0.24 18.14
N SER A 154 -1.82 -1.31 18.25
CA SER A 154 -2.30 -2.67 17.93
C SER A 154 -3.17 -3.27 19.03
N THR A 155 -4.01 -2.43 19.64
CA THR A 155 -4.94 -2.86 20.68
C THR A 155 -6.36 -2.62 20.21
N VAL A 156 -6.48 -2.03 19.03
CA VAL A 156 -7.77 -1.70 18.41
C VAL A 156 -7.60 -1.93 16.91
N ASP A 157 -8.71 -1.90 16.17
CA ASP A 157 -8.69 -2.02 14.71
C ASP A 157 -9.51 -0.85 14.18
N HIS A 10 -16.74 1.44 -10.07
CA HIS A 10 -15.35 1.89 -10.04
C HIS A 10 -14.70 1.38 -8.76
N ALA A 11 -13.47 0.90 -8.87
CA ALA A 11 -12.70 0.47 -7.71
C ALA A 11 -12.08 1.71 -7.03
N GLY A 12 -11.84 1.63 -5.72
CA GLY A 12 -11.40 2.79 -4.96
C GLY A 12 -9.91 3.09 -4.87
N ILE A 13 -9.64 4.22 -4.23
CA ILE A 13 -8.29 4.72 -3.92
C ILE A 13 -7.69 3.84 -2.83
N PHE A 14 -6.38 3.59 -2.90
CA PHE A 14 -5.64 2.88 -1.85
C PHE A 14 -4.57 3.80 -1.28
N THR A 15 -4.50 3.87 0.03
CA THR A 15 -3.61 4.81 0.71
C THR A 15 -3.32 4.27 2.10
N PHE A 16 -2.34 4.84 2.81
CA PHE A 16 -2.00 4.41 4.16
C PHE A 16 -2.50 5.43 5.15
N GLU A 17 -2.47 5.01 6.41
CA GLU A 17 -2.90 5.84 7.54
C GLU A 17 -2.02 7.06 7.79
N CYS A 18 -0.72 6.87 7.68
CA CYS A 18 0.25 7.92 7.97
C CYS A 18 1.37 7.85 6.95
N ASP A 19 2.20 8.88 6.92
CA ASP A 19 3.33 8.95 6.00
C ASP A 19 4.68 9.12 6.71
N THR A 20 4.69 9.13 8.04
CA THR A 20 5.92 9.19 8.83
C THR A 20 5.70 8.37 10.13
N ILE A 21 6.60 7.43 10.42
CA ILE A 21 6.53 6.58 11.60
C ILE A 21 7.94 6.36 12.13
N HIS A 22 8.05 5.96 13.38
CA HIS A 22 9.33 5.54 13.97
C HIS A 22 9.08 4.17 14.55
N VAL A 23 9.91 3.22 14.14
CA VAL A 23 9.86 1.86 14.66
C VAL A 23 11.19 1.69 15.39
N SER A 24 11.37 0.57 16.06
CA SER A 24 12.64 0.27 16.74
C SER A 24 12.89 -1.18 16.43
N GLU A 25 14.10 -1.65 16.58
CA GLU A 25 14.47 -3.04 16.29
C GLU A 25 13.62 -4.02 17.11
N SER A 26 13.40 -3.64 18.34
CA SER A 26 12.71 -4.47 19.34
C SER A 26 11.24 -4.68 19.04
N ILE A 27 10.72 -3.97 18.06
CA ILE A 27 9.32 -4.12 17.66
C ILE A 27 9.11 -5.50 17.02
N GLY A 28 10.16 -6.07 16.45
CA GLY A 28 10.04 -7.33 15.77
C GLY A 28 9.51 -7.20 14.36
N VAL A 29 8.26 -6.79 14.27
CA VAL A 29 7.58 -6.68 12.99
C VAL A 29 6.77 -5.39 12.95
N MET A 30 7.10 -4.53 12.01
CA MET A 30 6.37 -3.27 11.82
C MET A 30 5.14 -3.54 10.98
N GLU A 31 4.12 -2.71 11.15
CA GLU A 31 2.92 -2.81 10.32
C GLU A 31 2.48 -1.49 9.76
N VAL A 32 2.02 -1.57 8.52
CA VAL A 32 1.44 -0.45 7.83
C VAL A 32 -0.01 -0.80 7.66
N LYS A 33 -0.90 0.13 7.98
CA LYS A 33 -2.33 -0.08 7.76
C LYS A 33 -2.66 0.54 6.42
N VAL A 34 -3.29 -0.25 5.57
CA VAL A 34 -3.67 0.16 4.22
C VAL A 34 -5.18 0.31 4.15
N LEU A 35 -5.66 1.46 3.77
CA LEU A 35 -7.07 1.73 3.66
C LEU A 35 -7.48 1.73 2.19
N ARG A 36 -8.78 1.58 1.97
CA ARG A 36 -9.37 1.64 0.64
C ARG A 36 -10.63 2.46 0.79
N THR A 37 -10.84 3.43 -0.09
CA THR A 37 -12.00 4.33 0.04
C THR A 37 -13.32 3.59 -0.25
N SER A 38 -14.45 4.28 -0.08
CA SER A 38 -15.79 3.70 -0.29
C SER A 38 -16.12 3.38 -1.75
N GLY A 39 -15.12 3.52 -2.60
CA GLY A 39 -15.17 3.07 -3.98
C GLY A 39 -14.87 1.58 -4.04
N ALA A 40 -14.97 0.90 -2.91
CA ALA A 40 -14.56 -0.49 -2.83
C ALA A 40 -15.51 -1.52 -3.48
N ARG A 41 -15.63 -1.45 -4.79
CA ARG A 41 -16.48 -2.34 -5.55
C ARG A 41 -15.62 -3.49 -6.05
N GLY A 42 -15.95 -4.69 -5.60
CA GLY A 42 -15.24 -5.89 -6.03
C GLY A 42 -13.92 -6.13 -5.33
N THR A 43 -13.17 -7.08 -5.84
CA THR A 43 -11.91 -7.52 -5.26
C THR A 43 -10.79 -7.04 -6.14
N VAL A 44 -9.77 -6.51 -5.50
CA VAL A 44 -8.58 -6.00 -6.15
C VAL A 44 -7.41 -6.56 -5.35
N ILE A 45 -6.26 -6.67 -5.97
CA ILE A 45 -5.06 -7.16 -5.32
C ILE A 45 -4.06 -6.00 -5.36
N VAL A 46 -3.29 -5.82 -4.30
CA VAL A 46 -2.36 -4.68 -4.23
C VAL A 46 -0.95 -5.06 -3.75
N PRO A 47 0.07 -4.98 -4.62
CA PRO A 47 1.45 -5.22 -4.18
C PRO A 47 2.07 -4.10 -3.37
N PHE A 48 3.04 -4.47 -2.55
CA PHE A 48 3.86 -3.54 -1.82
C PHE A 48 5.28 -4.06 -1.82
N ARG A 49 6.22 -3.22 -1.44
CA ARG A 49 7.61 -3.63 -1.24
C ARG A 49 8.29 -2.64 -0.30
N THR A 50 9.32 -3.07 0.40
CA THR A 50 10.04 -2.20 1.32
C THR A 50 11.09 -1.45 0.51
N VAL A 51 11.22 -0.15 0.75
CA VAL A 51 12.02 0.75 -0.06
C VAL A 51 12.95 1.38 0.89
N GLU A 52 14.19 1.05 0.72
CA GLU A 52 15.22 1.55 1.58
C GLU A 52 15.64 2.96 1.14
N GLY A 53 15.75 3.86 2.11
CA GLY A 53 16.18 5.22 1.81
C GLY A 53 17.65 5.32 2.14
N THR A 54 17.95 5.43 3.43
CA THR A 54 19.32 5.16 3.90
C THR A 54 19.21 3.96 4.83
N ALA A 55 19.75 2.84 4.39
CA ALA A 55 19.77 1.58 5.13
C ALA A 55 20.56 0.65 4.23
N LYS A 56 20.83 -0.55 4.71
CA LYS A 56 21.57 -1.57 3.97
C LYS A 56 20.60 -2.42 3.15
N GLY A 57 19.43 -2.64 3.72
CA GLY A 57 18.39 -3.43 3.09
C GLY A 57 18.69 -4.91 3.07
N GLY A 58 17.93 -5.65 2.27
CA GLY A 58 18.12 -7.07 2.15
C GLY A 58 17.63 -7.77 3.39
N GLY A 59 18.56 -8.25 4.20
CA GLY A 59 18.26 -8.85 5.50
C GLY A 59 18.99 -8.19 6.65
N GLU A 60 19.53 -6.98 6.44
CA GLU A 60 20.48 -6.41 7.40
C GLU A 60 19.88 -5.46 8.46
N ASP A 61 19.06 -4.49 8.04
CA ASP A 61 18.34 -3.63 9.01
C ASP A 61 16.89 -4.09 9.08
N PHE A 62 16.42 -4.59 7.95
CA PHE A 62 15.08 -5.11 7.87
C PHE A 62 15.11 -6.18 6.79
N GLU A 63 14.13 -7.05 6.78
CA GLU A 63 13.96 -7.98 5.67
C GLU A 63 13.09 -7.30 4.64
N ASP A 64 13.55 -7.18 3.40
CA ASP A 64 12.75 -6.56 2.34
C ASP A 64 11.50 -7.35 2.14
N ALA A 65 10.45 -6.69 2.55
CA ALA A 65 9.16 -7.28 2.64
C ALA A 65 8.29 -6.82 1.49
N TYR A 66 8.02 -7.75 0.58
CA TYR A 66 7.19 -7.48 -0.57
C TYR A 66 6.21 -8.62 -0.78
N GLY A 67 5.02 -8.29 -1.22
CA GLY A 67 4.01 -9.31 -1.47
C GLY A 67 2.79 -8.63 -2.02
N GLU A 68 1.69 -9.36 -2.14
CA GLU A 68 0.43 -8.79 -2.61
C GLU A 68 -0.65 -8.96 -1.55
N LEU A 69 -1.56 -8.01 -1.53
CA LEU A 69 -2.63 -7.98 -0.56
C LEU A 69 -3.96 -8.09 -1.27
N GLU A 70 -4.74 -9.10 -0.94
CA GLU A 70 -6.08 -9.21 -1.48
C GLU A 70 -6.94 -8.21 -0.73
N PHE A 71 -7.75 -7.51 -1.49
CA PHE A 71 -8.69 -6.52 -0.97
C PHE A 71 -10.07 -6.76 -1.55
N LYS A 72 -11.03 -7.09 -0.70
CA LYS A 72 -12.43 -7.27 -1.11
C LYS A 72 -13.25 -6.07 -0.63
N ASN A 73 -14.54 -6.14 -0.88
CA ASN A 73 -15.49 -5.11 -0.49
C ASN A 73 -15.43 -4.64 0.97
N ASP A 74 -15.52 -5.57 1.90
CA ASP A 74 -15.54 -5.32 3.35
C ASP A 74 -14.12 -5.11 3.89
N GLU A 75 -13.20 -5.74 3.19
CA GLU A 75 -11.76 -5.77 3.50
C GLU A 75 -10.98 -4.45 3.39
N THR A 76 -11.65 -3.31 3.40
CA THR A 76 -11.02 -2.04 3.07
C THR A 76 -10.07 -1.54 4.16
N VAL A 77 -9.74 -2.43 5.09
CA VAL A 77 -8.68 -2.23 6.05
C VAL A 77 -7.79 -3.47 5.93
N LYS A 78 -6.52 -3.29 5.63
CA LYS A 78 -5.58 -4.40 5.48
C LYS A 78 -4.26 -3.94 6.02
N THR A 79 -3.29 -4.82 6.17
CA THR A 79 -2.02 -4.45 6.73
C THR A 79 -0.84 -5.10 6.01
N ILE A 80 0.30 -4.41 6.06
CA ILE A 80 1.57 -4.89 5.50
C ILE A 80 2.48 -5.11 6.68
N ARG A 81 3.17 -6.23 6.71
CA ARG A 81 4.11 -6.55 7.79
C ARG A 81 5.54 -6.63 7.25
N VAL A 82 6.48 -6.04 7.99
CA VAL A 82 7.91 -6.07 7.63
C VAL A 82 8.71 -6.42 8.87
N LYS A 83 9.62 -7.39 8.78
CA LYS A 83 10.46 -7.73 9.93
C LYS A 83 11.54 -6.69 10.09
N ILE A 84 11.86 -6.34 11.33
CA ILE A 84 13.00 -5.47 11.61
C ILE A 84 14.05 -6.39 12.17
N VAL A 85 15.26 -6.30 11.63
CA VAL A 85 16.36 -7.17 12.00
C VAL A 85 17.08 -6.52 13.20
N ASP A 86 17.52 -7.34 14.14
CA ASP A 86 18.13 -6.88 15.40
C ASP A 86 19.41 -7.68 15.66
N GLU A 87 20.54 -6.98 15.73
CA GLU A 87 21.83 -7.61 16.06
C GLU A 87 22.68 -6.62 16.89
N GLU A 88 22.14 -6.27 18.05
CA GLU A 88 22.78 -5.38 19.04
C GLU A 88 22.99 -3.95 18.51
N GLU A 89 24.17 -3.35 18.76
CA GLU A 89 24.43 -1.95 18.39
C GLU A 89 24.72 -1.78 16.88
N TYR A 90 23.72 -2.08 16.07
CA TYR A 90 23.87 -2.03 14.62
C TYR A 90 23.49 -0.67 14.02
N GLU A 91 24.50 0.01 13.46
CA GLU A 91 24.34 1.33 12.82
C GLU A 91 23.62 2.33 13.76
N ARG A 92 22.68 3.15 13.29
CA ARG A 92 22.04 4.14 14.22
C ARG A 92 20.64 4.68 13.90
N GLN A 93 20.37 5.06 12.67
CA GLN A 93 19.08 5.67 12.32
C GLN A 93 18.76 5.34 10.88
N GLU A 94 18.28 4.14 10.67
CA GLU A 94 18.02 3.69 9.32
C GLU A 94 16.60 4.06 8.93
N ASN A 95 16.40 4.31 7.66
CA ASN A 95 15.18 4.91 7.13
C ASN A 95 14.70 4.03 5.99
N PHE A 96 13.44 3.63 6.06
CA PHE A 96 12.87 2.90 4.94
C PHE A 96 11.46 3.33 4.78
N PHE A 97 10.81 2.94 3.70
CA PHE A 97 9.42 3.25 3.48
C PHE A 97 8.85 2.02 2.82
N ILE A 98 7.54 1.94 2.66
CA ILE A 98 6.94 0.84 1.92
C ILE A 98 5.99 1.45 0.93
N ALA A 99 6.29 1.30 -0.33
CA ALA A 99 5.48 1.91 -1.38
C ALA A 99 4.69 0.79 -2.03
N LEU A 100 3.52 1.14 -2.51
CA LEU A 100 2.66 0.19 -3.19
C LEU A 100 3.03 0.16 -4.66
N GLY A 101 2.81 -0.97 -5.30
CA GLY A 101 3.06 -1.08 -6.73
C GLY A 101 1.97 -0.36 -7.50
N GLU A 102 0.88 -1.07 -7.70
CA GLU A 102 -0.31 -0.49 -8.29
C GLU A 102 -1.46 -1.42 -7.94
N PRO A 103 -2.59 -0.87 -7.48
CA PRO A 103 -3.70 -1.79 -7.22
C PRO A 103 -4.25 -2.33 -8.55
N LYS A 104 -4.60 -3.60 -8.59
CA LYS A 104 -5.10 -4.26 -9.80
C LYS A 104 -6.39 -4.98 -9.45
N TRP A 105 -7.41 -4.85 -10.28
CA TRP A 105 -8.73 -5.39 -9.96
C TRP A 105 -8.80 -6.84 -10.31
N MET A 106 -8.86 -7.70 -9.30
CA MET A 106 -9.22 -9.03 -9.62
C MET A 106 -10.43 -9.55 -8.86
N GLU A 107 -11.49 -9.13 -9.44
CA GLU A 107 -12.75 -9.79 -9.56
C GLU A 107 -13.23 -9.18 -10.84
N ARG A 108 -13.02 -9.58 -12.07
CA ARG A 108 -13.59 -8.85 -13.28
C ARG A 108 -12.83 -9.29 -14.50
N GLY A 109 -11.52 -9.06 -14.47
CA GLY A 109 -10.70 -9.31 -15.63
C GLY A 109 -10.76 -8.14 -16.59
N ILE A 110 -10.14 -7.04 -16.21
CA ILE A 110 -10.13 -5.81 -17.02
C ILE A 110 -9.54 -6.13 -18.40
N SER A 111 -10.34 -5.88 -19.43
CA SER A 111 -9.97 -6.15 -20.82
C SER A 111 -11.00 -5.38 -21.64
N GLU A 112 -10.93 -5.46 -22.95
CA GLU A 112 -11.92 -4.86 -23.83
C GLU A 112 -12.47 -5.92 -24.77
N VAL A 113 -13.74 -5.80 -25.12
CA VAL A 113 -14.42 -6.78 -25.97
C VAL A 113 -14.85 -6.16 -27.30
N THR A 114 -14.95 -4.82 -27.33
CA THR A 114 -15.41 -4.08 -28.51
C THR A 114 -16.82 -4.54 -28.93
N ASP A 115 -17.28 -4.12 -30.11
CA ASP A 115 -18.59 -4.51 -30.69
C ASP A 115 -19.86 -4.08 -29.91
N ARG A 116 -19.71 -3.67 -28.66
CA ARG A 116 -20.86 -3.26 -27.84
C ARG A 116 -21.28 -1.84 -28.13
N LYS A 117 -22.01 -1.66 -29.23
CA LYS A 117 -22.59 -0.36 -29.54
C LYS A 117 -23.63 -0.08 -28.48
N LEU A 118 -23.62 1.13 -27.96
CA LEU A 118 -24.49 1.56 -26.88
C LEU A 118 -24.95 2.94 -27.30
N THR A 119 -25.60 3.68 -26.42
CA THR A 119 -25.81 5.11 -26.68
C THR A 119 -24.42 5.67 -26.55
N VAL A 120 -24.14 6.72 -27.27
CA VAL A 120 -22.76 7.12 -27.52
C VAL A 120 -22.05 7.56 -26.25
N GLU A 121 -22.82 7.96 -25.26
CA GLU A 121 -22.29 8.31 -23.95
C GLU A 121 -21.75 7.06 -23.27
N GLU A 122 -22.56 6.01 -23.30
CA GLU A 122 -22.23 4.74 -22.66
C GLU A 122 -21.18 3.97 -23.40
N GLU A 123 -20.98 4.27 -24.68
CA GLU A 123 -19.97 3.56 -25.46
C GLU A 123 -18.59 3.71 -24.82
N GLU A 124 -18.21 4.91 -24.41
CA GLU A 124 -17.01 5.04 -23.58
C GLU A 124 -17.31 4.90 -22.09
N ALA A 125 -18.38 5.52 -21.59
CA ALA A 125 -18.60 5.56 -20.14
C ALA A 125 -18.74 4.18 -19.51
N LYS A 126 -19.54 3.31 -20.13
CA LYS A 126 -19.71 1.96 -19.60
C LYS A 126 -18.41 1.22 -19.74
N ARG A 127 -17.74 1.39 -20.87
CA ARG A 127 -16.46 0.73 -21.13
C ARG A 127 -15.40 1.12 -20.10
N ILE A 128 -15.27 2.39 -19.80
CA ILE A 128 -14.31 2.87 -18.80
C ILE A 128 -14.69 2.30 -17.43
N ALA A 129 -15.98 2.27 -17.14
CA ALA A 129 -16.46 1.74 -15.87
C ALA A 129 -16.14 0.25 -15.74
N GLU A 130 -16.16 -0.45 -16.87
CA GLU A 130 -15.82 -1.87 -16.91
C GLU A 130 -14.33 -2.10 -16.71
N MET A 131 -13.50 -1.10 -17.03
CA MET A 131 -12.07 -1.23 -16.74
C MET A 131 -11.88 -1.07 -15.24
N GLY A 132 -12.61 -0.11 -14.67
CA GLY A 132 -12.72 0.02 -13.22
C GLY A 132 -11.41 0.20 -12.47
N LYS A 133 -10.36 0.63 -13.16
CA LYS A 133 -9.01 0.59 -12.63
C LYS A 133 -8.83 1.37 -11.32
N PRO A 134 -8.50 0.68 -10.22
CA PRO A 134 -8.21 1.42 -8.99
C PRO A 134 -6.92 2.19 -9.11
N VAL A 135 -6.77 3.19 -8.25
CA VAL A 135 -5.59 4.07 -8.26
C VAL A 135 -5.04 4.27 -6.85
N LEU A 136 -3.86 4.88 -6.78
CA LEU A 136 -3.21 5.17 -5.50
C LEU A 136 -3.80 6.47 -4.95
N GLY A 137 -3.58 6.70 -3.66
CA GLY A 137 -4.10 7.88 -2.98
C GLY A 137 -3.05 8.92 -2.67
N GLU A 138 -3.33 9.69 -1.63
CA GLU A 138 -2.46 10.80 -1.21
C GLU A 138 -1.26 10.32 -0.40
N HIS A 139 -1.45 9.26 0.38
CA HIS A 139 -0.37 8.70 1.22
C HIS A 139 -0.15 7.20 0.99
N PRO A 140 0.15 6.76 -0.23
CA PRO A 140 0.34 5.31 -0.47
C PRO A 140 1.69 4.75 0.03
N LYS A 141 2.26 5.41 1.04
CA LYS A 141 3.57 5.06 1.57
C LYS A 141 3.69 5.60 2.99
N LEU A 142 4.34 4.83 3.83
CA LEU A 142 4.62 5.24 5.20
C LEU A 142 6.14 5.31 5.30
N GLU A 143 6.69 6.45 5.67
CA GLU A 143 8.14 6.57 5.87
C GLU A 143 8.44 6.11 7.27
N VAL A 144 9.49 5.33 7.42
CA VAL A 144 9.87 4.72 8.68
C VAL A 144 11.29 5.11 9.01
N ILE A 145 11.54 5.23 10.31
CA ILE A 145 12.87 5.47 10.83
C ILE A 145 13.02 4.45 11.95
N ILE A 146 14.15 3.78 12.01
CA ILE A 146 14.45 2.89 13.13
C ILE A 146 15.12 3.77 14.19
N GLU A 147 14.45 3.98 15.32
CA GLU A 147 14.91 4.88 16.39
C GLU A 147 14.13 4.68 17.69
N GLU A 148 14.70 5.14 18.79
CA GLU A 148 13.96 5.27 20.05
C GLU A 148 13.31 6.65 20.06
N SER A 149 14.09 7.66 19.64
CA SER A 149 13.65 9.05 19.70
C SER A 149 12.55 9.36 18.71
N TYR A 150 11.39 9.75 19.23
CA TYR A 150 10.25 10.16 18.41
C TYR A 150 9.48 11.25 19.14
N GLU A 151 8.90 12.18 18.39
CA GLU A 151 8.04 13.21 18.96
C GLU A 151 6.81 13.35 18.08
N PHE A 152 5.63 13.32 18.67
CA PHE A 152 4.40 13.55 17.93
C PHE A 152 4.19 15.06 17.87
N LYS A 153 3.86 15.58 16.70
CA LYS A 153 3.68 17.04 16.54
C LYS A 153 2.33 17.45 15.95
N SER A 154 2.01 16.91 14.77
CA SER A 154 0.81 17.28 14.01
C SER A 154 0.83 18.79 13.69
N THR A 155 -0.28 19.31 13.19
CA THR A 155 -0.40 20.74 12.87
C THR A 155 -1.87 21.19 12.86
N VAL A 156 -2.76 20.28 12.45
CA VAL A 156 -4.21 20.54 12.30
C VAL A 156 -4.45 21.48 11.10
N ASP A 157 -5.61 21.33 10.47
CA ASP A 157 -6.02 22.11 9.30
C ASP A 157 -7.53 22.13 9.43
N HIS A 10 -16.11 1.27 -10.46
CA HIS A 10 -14.67 1.46 -10.39
C HIS A 10 -14.22 0.79 -9.13
N ALA A 11 -12.92 0.60 -9.01
CA ALA A 11 -12.30 0.16 -7.79
C ALA A 11 -11.78 1.43 -7.08
N GLY A 12 -11.54 1.37 -5.78
CA GLY A 12 -11.19 2.56 -5.03
C GLY A 12 -9.73 2.95 -4.94
N ILE A 13 -9.50 4.09 -4.32
CA ILE A 13 -8.17 4.60 -3.97
C ILE A 13 -7.67 3.75 -2.80
N PHE A 14 -6.39 3.43 -2.77
CA PHE A 14 -5.75 2.75 -1.65
C PHE A 14 -4.62 3.62 -1.12
N THR A 15 -4.53 3.76 0.20
CA THR A 15 -3.60 4.67 0.81
C THR A 15 -3.30 4.20 2.23
N PHE A 16 -2.25 4.72 2.85
CA PHE A 16 -1.89 4.36 4.22
C PHE A 16 -2.41 5.42 5.17
N GLU A 17 -2.30 5.11 6.45
CA GLU A 17 -2.73 6.00 7.54
C GLU A 17 -1.94 7.29 7.62
N CYS A 18 -0.63 7.17 7.61
CA CYS A 18 0.27 8.30 7.80
C CYS A 18 1.39 8.18 6.80
N ASP A 19 2.32 9.12 6.84
CA ASP A 19 3.49 9.12 5.96
C ASP A 19 4.81 9.29 6.73
N THR A 20 4.77 9.26 8.06
CA THR A 20 5.97 9.27 8.89
C THR A 20 5.66 8.50 10.19
N ILE A 21 6.55 7.59 10.57
CA ILE A 21 6.40 6.74 11.77
C ILE A 21 7.80 6.47 12.36
N HIS A 22 7.87 6.10 13.63
CA HIS A 22 9.11 5.63 14.24
C HIS A 22 8.92 4.23 14.79
N VAL A 23 9.81 3.32 14.43
CA VAL A 23 9.89 2.02 15.09
C VAL A 23 11.26 1.86 15.73
N SER A 24 11.42 0.78 16.48
CA SER A 24 12.69 0.36 17.05
C SER A 24 12.85 -1.02 16.49
N GLU A 25 14.07 -1.52 16.38
CA GLU A 25 14.32 -2.91 15.94
C GLU A 25 13.62 -3.91 16.85
N SER A 26 13.54 -3.54 18.13
CA SER A 26 12.95 -4.38 19.17
C SER A 26 11.45 -4.62 18.98
N ILE A 27 10.84 -3.91 18.03
CA ILE A 27 9.45 -4.13 17.70
C ILE A 27 9.27 -5.50 17.04
N GLY A 28 10.32 -6.01 16.40
CA GLY A 28 10.23 -7.28 15.72
C GLY A 28 9.67 -7.16 14.33
N VAL A 29 8.43 -6.71 14.24
CA VAL A 29 7.73 -6.60 12.97
C VAL A 29 6.93 -5.31 12.94
N MET A 30 7.21 -4.47 11.97
CA MET A 30 6.47 -3.22 11.78
C MET A 30 5.22 -3.51 10.97
N GLU A 31 4.19 -2.69 11.14
CA GLU A 31 2.97 -2.81 10.34
C GLU A 31 2.42 -1.45 9.92
N VAL A 32 1.89 -1.38 8.71
CA VAL A 32 1.16 -0.20 8.25
C VAL A 32 -0.23 -0.70 7.95
N LYS A 33 -1.24 0.11 8.22
CA LYS A 33 -2.61 -0.27 7.88
C LYS A 33 -2.93 0.41 6.56
N VAL A 34 -3.52 -0.37 5.66
CA VAL A 34 -3.90 0.13 4.34
C VAL A 34 -5.41 0.35 4.32
N LEU A 35 -5.81 1.58 4.05
CA LEU A 35 -7.22 1.99 4.01
C LEU A 35 -7.61 2.24 2.56
N ARG A 36 -8.90 2.25 2.29
CA ARG A 36 -9.42 2.44 0.95
C ARG A 36 -10.64 3.38 0.98
N THR A 37 -10.86 4.13 -0.10
CA THR A 37 -12.03 5.03 -0.24
C THR A 37 -13.32 4.27 -0.55
N SER A 38 -14.46 4.94 -0.61
CA SER A 38 -15.76 4.30 -0.92
C SER A 38 -15.93 3.72 -2.35
N GLY A 39 -14.84 3.32 -2.97
CA GLY A 39 -14.86 2.76 -4.31
C GLY A 39 -14.70 1.26 -4.37
N ALA A 40 -14.85 0.55 -3.26
CA ALA A 40 -14.65 -0.91 -3.29
C ALA A 40 -15.82 -1.61 -3.93
N ARG A 41 -15.62 -2.05 -5.15
CA ARG A 41 -16.59 -2.83 -5.88
C ARG A 41 -15.86 -4.06 -6.37
N GLY A 42 -16.18 -5.22 -5.81
CA GLY A 42 -15.46 -6.44 -6.18
C GLY A 42 -14.18 -6.65 -5.41
N THR A 43 -13.29 -7.41 -6.01
CA THR A 43 -12.02 -7.80 -5.40
C THR A 43 -10.90 -7.14 -6.17
N VAL A 44 -9.97 -6.60 -5.41
CA VAL A 44 -8.81 -5.88 -5.90
C VAL A 44 -7.59 -6.49 -5.20
N ILE A 45 -6.47 -6.58 -5.91
CA ILE A 45 -5.23 -7.07 -5.31
C ILE A 45 -4.23 -5.89 -5.36
N VAL A 46 -3.43 -5.72 -4.33
CA VAL A 46 -2.45 -4.61 -4.30
C VAL A 46 -1.07 -5.02 -3.80
N PRO A 47 -0.02 -4.92 -4.64
CA PRO A 47 1.34 -5.17 -4.16
C PRO A 47 1.96 -4.07 -3.35
N PHE A 48 2.92 -4.46 -2.53
CA PHE A 48 3.74 -3.55 -1.78
C PHE A 48 5.14 -4.09 -1.82
N ARG A 49 6.11 -3.28 -1.45
CA ARG A 49 7.48 -3.74 -1.29
C ARG A 49 8.19 -2.78 -0.36
N THR A 50 9.20 -3.26 0.34
CA THR A 50 9.96 -2.46 1.27
C THR A 50 10.95 -1.69 0.44
N VAL A 51 11.03 -0.39 0.66
CA VAL A 51 11.87 0.51 -0.12
C VAL A 51 12.83 1.12 0.86
N GLU A 52 14.04 0.67 0.78
CA GLU A 52 15.09 1.14 1.66
C GLU A 52 15.53 2.53 1.21
N GLY A 53 15.72 3.43 2.18
CA GLY A 53 16.14 4.79 1.88
C GLY A 53 17.59 4.92 2.29
N THR A 54 17.82 4.99 3.59
CA THR A 54 19.15 4.77 4.13
C THR A 54 18.99 3.53 5.00
N ALA A 55 19.59 2.45 4.52
CA ALA A 55 19.51 1.10 5.09
C ALA A 55 20.19 0.26 4.02
N LYS A 56 20.59 -0.98 4.33
CA LYS A 56 21.19 -1.84 3.33
C LYS A 56 20.13 -2.85 2.81
N GLY A 57 19.02 -3.00 3.54
CA GLY A 57 17.93 -3.87 3.09
C GLY A 57 18.31 -5.33 3.02
N GLY A 58 17.51 -6.15 2.37
CA GLY A 58 17.84 -7.56 2.23
C GLY A 58 17.50 -8.36 3.47
N GLY A 59 18.52 -8.72 4.23
CA GLY A 59 18.36 -9.42 5.50
C GLY A 59 19.02 -8.65 6.64
N GLU A 60 19.38 -7.40 6.40
CA GLU A 60 20.34 -6.70 7.25
C GLU A 60 19.74 -5.82 8.35
N ASP A 61 19.02 -4.80 7.94
CA ASP A 61 18.39 -3.82 8.84
C ASP A 61 16.93 -4.25 9.02
N PHE A 62 16.39 -4.78 7.95
CA PHE A 62 15.05 -5.31 7.92
C PHE A 62 15.05 -6.21 6.73
N GLU A 63 14.03 -7.05 6.65
CA GLU A 63 13.92 -7.98 5.54
C GLU A 63 13.21 -7.35 4.33
N ASP A 64 13.58 -7.83 3.15
CA ASP A 64 12.94 -7.41 1.88
C ASP A 64 11.51 -7.94 1.85
N ALA A 65 10.60 -7.16 2.39
CA ALA A 65 9.23 -7.58 2.54
C ALA A 65 8.34 -7.07 1.41
N TYR A 66 8.01 -7.95 0.50
CA TYR A 66 7.13 -7.61 -0.62
C TYR A 66 6.12 -8.70 -0.82
N GLY A 67 4.92 -8.33 -1.22
CA GLY A 67 3.90 -9.32 -1.49
C GLY A 67 2.69 -8.63 -2.05
N GLU A 68 1.61 -9.38 -2.22
CA GLU A 68 0.35 -8.80 -2.68
C GLU A 68 -0.70 -9.00 -1.62
N LEU A 69 -1.60 -8.05 -1.55
CA LEU A 69 -2.66 -8.04 -0.57
C LEU A 69 -3.99 -8.16 -1.28
N GLU A 70 -4.76 -9.15 -0.92
CA GLU A 70 -6.11 -9.28 -1.46
C GLU A 70 -7.02 -8.37 -0.66
N PHE A 71 -7.74 -7.52 -1.35
CA PHE A 71 -8.78 -6.70 -0.74
C PHE A 71 -10.08 -7.17 -1.38
N LYS A 72 -10.98 -7.72 -0.58
CA LYS A 72 -12.19 -8.37 -1.08
C LYS A 72 -13.43 -7.71 -0.50
N ASN A 73 -14.05 -6.83 -1.29
CA ASN A 73 -15.24 -6.05 -0.94
C ASN A 73 -15.28 -5.36 0.45
N ASP A 74 -15.52 -6.11 1.52
CA ASP A 74 -15.54 -5.57 2.90
C ASP A 74 -14.14 -5.45 3.53
N GLU A 75 -13.25 -6.38 3.15
CA GLU A 75 -11.83 -6.53 3.62
C GLU A 75 -10.88 -5.35 3.41
N THR A 76 -11.44 -4.20 3.15
CA THR A 76 -10.74 -3.01 2.74
C THR A 76 -9.94 -2.35 3.86
N VAL A 77 -9.78 -3.09 4.94
CA VAL A 77 -8.86 -2.74 6.01
C VAL A 77 -7.84 -3.87 6.00
N LYS A 78 -6.60 -3.54 5.72
CA LYS A 78 -5.56 -4.57 5.56
C LYS A 78 -4.26 -4.03 6.10
N THR A 79 -3.24 -4.86 6.17
CA THR A 79 -1.97 -4.45 6.73
C THR A 79 -0.79 -5.02 5.97
N ILE A 80 0.36 -4.37 6.12
CA ILE A 80 1.63 -4.82 5.53
C ILE A 80 2.59 -5.01 6.66
N ARG A 81 3.24 -6.17 6.68
CA ARG A 81 4.23 -6.49 7.71
C ARG A 81 5.64 -6.53 7.14
N VAL A 82 6.57 -5.96 7.88
CA VAL A 82 8.01 -5.97 7.52
C VAL A 82 8.80 -6.34 8.78
N LYS A 83 9.61 -7.39 8.71
CA LYS A 83 10.38 -7.85 9.87
C LYS A 83 11.62 -6.98 10.01
N ILE A 84 11.88 -6.46 11.19
CA ILE A 84 13.06 -5.63 11.45
C ILE A 84 14.11 -6.55 12.04
N VAL A 85 15.31 -6.53 11.47
CA VAL A 85 16.37 -7.46 11.85
C VAL A 85 17.09 -6.95 13.11
N ASP A 86 17.47 -7.87 13.99
CA ASP A 86 18.03 -7.55 15.29
C ASP A 86 19.31 -8.36 15.59
N GLU A 87 20.34 -7.65 16.06
CA GLU A 87 21.62 -8.23 16.51
C GLU A 87 22.38 -7.08 17.21
N GLU A 88 22.75 -6.08 16.42
CA GLU A 88 23.32 -4.82 16.91
C GLU A 88 22.90 -3.81 15.84
N GLU A 89 22.87 -2.53 16.15
CA GLU A 89 22.28 -1.53 15.24
C GLU A 89 23.30 -0.64 14.50
N TYR A 90 24.45 -0.40 15.13
CA TYR A 90 25.56 0.43 14.62
C TYR A 90 25.25 1.93 14.36
N GLU A 91 24.29 2.23 13.51
CA GLU A 91 23.91 3.61 13.21
C GLU A 91 22.88 4.10 14.23
N ARG A 92 22.49 5.36 14.15
CA ARG A 92 21.58 5.95 15.12
C ARG A 92 20.23 6.35 14.54
N GLN A 93 20.14 6.52 13.23
CA GLN A 93 18.88 6.90 12.60
C GLN A 93 18.77 6.43 11.13
N GLU A 94 18.35 5.19 10.93
CA GLU A 94 18.11 4.69 9.57
C GLU A 94 16.65 4.96 9.21
N ASN A 95 16.35 5.00 7.92
CA ASN A 95 15.01 5.35 7.43
C ASN A 95 14.66 4.56 6.18
N PHE A 96 13.48 3.97 6.17
CA PHE A 96 13.00 3.23 5.02
C PHE A 96 11.52 3.46 4.88
N PHE A 97 10.93 3.02 3.79
CA PHE A 97 9.51 3.21 3.58
C PHE A 97 8.95 2.02 2.84
N ILE A 98 7.64 1.93 2.70
CA ILE A 98 7.03 0.84 1.94
C ILE A 98 6.10 1.48 0.95
N ALA A 99 6.36 1.29 -0.33
CA ALA A 99 5.53 1.88 -1.37
C ALA A 99 4.70 0.78 -1.99
N LEU A 100 3.53 1.15 -2.45
CA LEU A 100 2.63 0.24 -3.12
C LEU A 100 2.99 0.22 -4.59
N GLY A 101 2.84 -0.93 -5.22
CA GLY A 101 3.15 -1.07 -6.63
C GLY A 101 2.07 -0.42 -7.47
N GLU A 102 1.06 -1.23 -7.75
CA GLU A 102 -0.09 -0.84 -8.52
C GLU A 102 -1.29 -1.64 -8.09
N PRO A 103 -2.33 -0.97 -7.60
CA PRO A 103 -3.52 -1.74 -7.29
C PRO A 103 -4.14 -2.25 -8.60
N LYS A 104 -4.61 -3.49 -8.59
CA LYS A 104 -5.16 -4.13 -9.78
C LYS A 104 -6.47 -4.78 -9.40
N TRP A 105 -7.45 -4.68 -10.26
CA TRP A 105 -8.78 -5.22 -9.97
C TRP A 105 -8.77 -6.67 -10.32
N MET A 106 -8.84 -7.55 -9.33
CA MET A 106 -9.15 -8.89 -9.73
C MET A 106 -10.37 -9.46 -9.03
N GLU A 107 -11.41 -9.03 -9.66
CA GLU A 107 -12.66 -9.71 -9.86
C GLU A 107 -13.14 -9.07 -11.12
N ARG A 108 -12.95 -9.46 -12.38
CA ARG A 108 -13.59 -8.69 -13.53
C ARG A 108 -13.00 -9.09 -14.86
N GLY A 109 -11.81 -8.59 -15.12
CA GLY A 109 -11.26 -8.56 -16.47
C GLY A 109 -11.61 -7.19 -17.02
N ILE A 110 -10.61 -6.33 -17.10
CA ILE A 110 -10.81 -4.93 -17.46
C ILE A 110 -11.33 -4.83 -18.89
N SER A 111 -12.45 -4.11 -19.04
CA SER A 111 -13.18 -3.88 -20.32
C SER A 111 -13.75 -5.08 -21.06
N GLU A 112 -13.10 -6.23 -21.00
CA GLU A 112 -13.52 -7.45 -21.70
C GLU A 112 -13.51 -7.25 -23.24
N VAL A 113 -14.07 -8.23 -23.93
CA VAL A 113 -14.19 -8.29 -25.40
C VAL A 113 -14.40 -6.92 -26.08
N THR A 114 -13.54 -6.63 -27.05
CA THR A 114 -13.52 -5.35 -27.73
C THR A 114 -14.69 -5.12 -28.69
N ASP A 115 -15.40 -6.18 -29.01
CA ASP A 115 -16.53 -6.12 -29.96
C ASP A 115 -17.80 -5.54 -29.34
N ARG A 116 -17.67 -4.94 -28.16
CA ARG A 116 -18.80 -4.32 -27.47
C ARG A 116 -19.11 -2.94 -28.00
N LYS A 117 -19.51 -2.92 -29.26
CA LYS A 117 -19.96 -1.68 -29.90
C LYS A 117 -21.24 -1.24 -29.19
N LEU A 118 -21.34 0.05 -28.92
CA LEU A 118 -22.44 0.62 -28.14
C LEU A 118 -22.80 1.94 -28.82
N THR A 119 -23.67 2.73 -28.20
CA THR A 119 -23.84 4.11 -28.64
C THR A 119 -22.55 4.76 -28.25
N VAL A 120 -22.16 5.78 -28.99
CA VAL A 120 -20.79 6.24 -28.97
C VAL A 120 -20.35 6.80 -27.62
N GLU A 121 -21.33 7.25 -26.85
CA GLU A 121 -21.09 7.74 -25.50
C GLU A 121 -20.67 6.59 -24.61
N GLU A 122 -21.43 5.50 -24.71
CA GLU A 122 -21.21 4.32 -23.88
C GLU A 122 -19.99 3.54 -24.34
N GLU A 123 -19.62 3.69 -25.60
CA GLU A 123 -18.46 3.00 -26.12
C GLU A 123 -17.21 3.35 -25.34
N GLU A 124 -17.06 4.62 -24.94
CA GLU A 124 -16.04 4.93 -23.93
C GLU A 124 -16.60 4.79 -22.51
N ALA A 125 -17.73 5.41 -22.20
CA ALA A 125 -18.18 5.53 -20.81
C ALA A 125 -18.38 4.19 -20.09
N LYS A 126 -19.09 3.27 -20.73
CA LYS A 126 -19.35 1.97 -20.13
C LYS A 126 -18.04 1.21 -20.03
N ARG A 127 -17.24 1.34 -21.08
CA ARG A 127 -15.97 0.63 -21.17
C ARG A 127 -14.99 1.07 -20.10
N ILE A 128 -14.85 2.38 -19.90
CA ILE A 128 -14.01 2.93 -18.83
C ILE A 128 -14.49 2.45 -17.46
N ALA A 129 -15.79 2.40 -17.27
CA ALA A 129 -16.34 1.93 -16.00
C ALA A 129 -15.96 0.45 -15.77
N GLU A 130 -15.93 -0.31 -16.84
CA GLU A 130 -15.51 -1.70 -16.77
C GLU A 130 -13.99 -1.86 -16.70
N MET A 131 -13.23 -0.82 -17.08
CA MET A 131 -11.78 -0.91 -16.88
C MET A 131 -11.56 -0.85 -15.38
N GLY A 132 -12.31 0.02 -14.72
CA GLY A 132 -12.43 0.03 -13.27
C GLY A 132 -11.15 0.21 -12.48
N LYS A 133 -10.06 0.55 -13.13
CA LYS A 133 -8.75 0.47 -12.54
C LYS A 133 -8.58 1.29 -11.27
N PRO A 134 -8.24 0.61 -10.15
CA PRO A 134 -7.96 1.39 -8.94
C PRO A 134 -6.67 2.15 -9.11
N VAL A 135 -6.52 3.17 -8.29
CA VAL A 135 -5.33 4.02 -8.33
C VAL A 135 -4.75 4.24 -6.93
N LEU A 136 -3.53 4.73 -6.90
CA LEU A 136 -2.84 5.03 -5.64
C LEU A 136 -3.45 6.28 -5.03
N GLY A 137 -3.38 6.38 -3.71
CA GLY A 137 -3.97 7.51 -3.01
C GLY A 137 -3.04 8.66 -2.75
N GLU A 138 -3.45 9.46 -1.78
CA GLU A 138 -2.75 10.66 -1.38
C GLU A 138 -1.54 10.35 -0.48
N HIS A 139 -1.60 9.26 0.28
CA HIS A 139 -0.45 8.82 1.12
C HIS A 139 -0.20 7.31 0.96
N PRO A 140 0.15 6.85 -0.25
CA PRO A 140 0.34 5.40 -0.50
C PRO A 140 1.68 4.84 -0.03
N LYS A 141 2.27 5.49 0.97
CA LYS A 141 3.58 5.11 1.50
C LYS A 141 3.70 5.62 2.92
N LEU A 142 4.42 4.91 3.76
CA LEU A 142 4.69 5.32 5.12
C LEU A 142 6.19 5.28 5.32
N GLU A 143 6.76 6.41 5.72
CA GLU A 143 8.19 6.51 6.00
C GLU A 143 8.44 6.14 7.44
N VAL A 144 9.41 5.29 7.70
CA VAL A 144 9.66 4.74 9.03
C VAL A 144 11.10 4.98 9.36
N ILE A 145 11.30 5.55 10.53
CA ILE A 145 12.63 5.85 11.03
C ILE A 145 12.83 4.80 12.09
N ILE A 146 13.98 4.14 12.04
CA ILE A 146 14.34 3.15 13.03
C ILE A 146 15.18 3.87 14.09
N GLU A 147 14.50 4.30 15.14
CA GLU A 147 15.08 5.08 16.24
C GLU A 147 14.06 5.02 17.38
N GLU A 148 14.52 4.77 18.60
CA GLU A 148 13.64 4.62 19.77
C GLU A 148 12.89 5.89 20.19
N SER A 149 13.20 7.04 19.61
CA SER A 149 12.44 8.25 19.92
C SER A 149 11.03 8.10 19.32
N TYR A 150 10.04 8.74 19.90
CA TYR A 150 8.66 8.56 19.46
C TYR A 150 8.14 9.73 18.63
N GLU A 151 7.21 9.42 17.74
CA GLU A 151 6.61 10.42 16.86
C GLU A 151 5.21 10.79 17.37
N PHE A 152 4.78 12.01 17.06
CA PHE A 152 3.45 12.48 17.44
C PHE A 152 3.01 13.60 16.51
N LYS A 153 1.75 13.56 16.09
CA LYS A 153 1.18 14.61 15.23
C LYS A 153 -0.07 15.16 15.89
N SER A 154 -0.35 16.43 15.63
CA SER A 154 -1.54 17.09 16.14
C SER A 154 -2.15 17.87 14.98
N THR A 155 -2.07 17.26 13.80
CA THR A 155 -2.54 17.87 12.57
C THR A 155 -4.03 17.56 12.38
N VAL A 156 -4.61 18.12 11.33
CA VAL A 156 -5.99 17.85 10.95
C VAL A 156 -5.95 17.83 9.43
N ASP A 157 -6.84 17.05 8.83
CA ASP A 157 -6.92 16.86 7.37
C ASP A 157 -5.61 16.32 6.76
N HIS A 10 -16.51 0.94 -9.84
CA HIS A 10 -15.16 1.45 -9.98
C HIS A 10 -14.46 0.99 -8.74
N ALA A 11 -13.20 0.65 -8.84
CA ALA A 11 -12.41 0.24 -7.69
C ALA A 11 -11.82 1.50 -7.03
N GLY A 12 -11.62 1.45 -5.71
CA GLY A 12 -11.23 2.63 -4.97
C GLY A 12 -9.75 2.96 -4.83
N ILE A 13 -9.51 4.11 -4.23
CA ILE A 13 -8.17 4.61 -3.89
C ILE A 13 -7.57 3.74 -2.80
N PHE A 14 -6.26 3.48 -2.87
CA PHE A 14 -5.53 2.78 -1.81
C PHE A 14 -4.46 3.68 -1.22
N THR A 15 -4.44 3.79 0.09
CA THR A 15 -3.57 4.75 0.76
C THR A 15 -3.31 4.24 2.18
N PHE A 16 -2.32 4.79 2.86
CA PHE A 16 -2.01 4.42 4.23
C PHE A 16 -2.53 5.48 5.17
N GLU A 17 -2.52 5.13 6.45
CA GLU A 17 -3.01 5.99 7.52
C GLU A 17 -2.12 7.19 7.79
N CYS A 18 -0.81 6.99 7.70
CA CYS A 18 0.17 8.01 8.00
C CYS A 18 1.26 7.96 6.94
N ASP A 19 2.11 8.98 6.93
CA ASP A 19 3.26 9.02 6.00
C ASP A 19 4.58 9.04 6.78
N THR A 20 4.52 9.05 8.11
CA THR A 20 5.70 9.07 8.96
C THR A 20 5.42 8.24 10.22
N ILE A 21 6.36 7.36 10.56
CA ILE A 21 6.30 6.45 11.71
C ILE A 21 7.73 6.23 12.24
N HIS A 22 7.85 5.78 13.48
CA HIS A 22 9.14 5.34 14.04
C HIS A 22 8.92 3.94 14.61
N VAL A 23 9.80 3.01 14.29
CA VAL A 23 9.82 1.70 14.98
C VAL A 23 11.18 1.53 15.62
N SER A 24 11.29 0.53 16.47
CA SER A 24 12.54 0.12 17.08
C SER A 24 12.70 -1.28 16.55
N GLU A 25 13.92 -1.79 16.48
CA GLU A 25 14.19 -3.18 16.08
C GLU A 25 13.45 -4.16 16.99
N SER A 26 13.33 -3.78 18.25
CA SER A 26 12.71 -4.59 19.29
C SER A 26 11.22 -4.83 19.06
N ILE A 27 10.64 -4.13 18.10
CA ILE A 27 9.25 -4.35 17.73
C ILE A 27 9.11 -5.73 17.06
N GLY A 28 10.17 -6.20 16.42
CA GLY A 28 10.10 -7.46 15.70
C GLY A 28 9.54 -7.31 14.32
N VAL A 29 8.29 -6.89 14.26
CA VAL A 29 7.56 -6.78 13.01
C VAL A 29 6.81 -5.45 12.95
N MET A 30 7.17 -4.63 11.98
CA MET A 30 6.53 -3.33 11.78
C MET A 30 5.24 -3.58 10.99
N GLU A 31 4.25 -2.71 11.14
CA GLU A 31 3.01 -2.81 10.37
C GLU A 31 2.53 -1.44 9.90
N VAL A 32 1.99 -1.38 8.69
CA VAL A 32 1.32 -0.18 8.20
C VAL A 32 -0.11 -0.55 7.93
N LYS A 33 -1.04 0.34 8.24
CA LYS A 33 -2.45 0.10 7.98
C LYS A 33 -2.77 0.67 6.61
N VAL A 34 -3.38 -0.14 5.77
CA VAL A 34 -3.75 0.25 4.40
C VAL A 34 -5.25 0.39 4.32
N LEU A 35 -5.72 1.55 3.89
CA LEU A 35 -7.12 1.80 3.73
C LEU A 35 -7.50 1.77 2.27
N ARG A 36 -8.77 1.61 2.01
CA ARG A 36 -9.32 1.66 0.65
C ARG A 36 -10.54 2.57 0.74
N THR A 37 -10.71 3.47 -0.22
CA THR A 37 -11.83 4.43 -0.14
C THR A 37 -13.18 3.74 -0.31
N SER A 38 -14.25 4.50 -0.13
CA SER A 38 -15.64 4.02 -0.23
C SER A 38 -16.08 3.52 -1.61
N GLY A 39 -15.14 3.60 -2.53
CA GLY A 39 -15.29 3.12 -3.90
C GLY A 39 -14.85 1.67 -4.01
N ALA A 40 -14.92 0.92 -2.92
CA ALA A 40 -14.35 -0.43 -2.88
C ALA A 40 -15.18 -1.50 -3.61
N ARG A 41 -15.48 -1.28 -4.88
CA ARG A 41 -16.31 -2.20 -5.63
C ARG A 41 -15.47 -3.29 -6.24
N GLY A 42 -15.76 -4.50 -5.81
CA GLY A 42 -15.07 -5.68 -6.31
C GLY A 42 -13.79 -5.93 -5.55
N THR A 43 -13.10 -6.98 -5.94
CA THR A 43 -11.85 -7.39 -5.31
C THR A 43 -10.70 -6.89 -6.14
N VAL A 44 -9.77 -6.30 -5.44
CA VAL A 44 -8.54 -5.74 -6.01
C VAL A 44 -7.39 -6.39 -5.28
N ILE A 45 -6.30 -6.67 -5.98
CA ILE A 45 -5.09 -7.17 -5.37
C ILE A 45 -4.09 -6.00 -5.44
N VAL A 46 -3.33 -5.79 -4.37
CA VAL A 46 -2.38 -4.67 -4.33
C VAL A 46 -1.01 -5.09 -3.80
N PRO A 47 0.04 -5.05 -4.65
CA PRO A 47 1.40 -5.30 -4.15
C PRO A 47 2.00 -4.17 -3.37
N PHE A 48 2.98 -4.53 -2.55
CA PHE A 48 3.78 -3.58 -1.81
C PHE A 48 5.22 -4.05 -1.83
N ARG A 49 6.14 -3.16 -1.49
CA ARG A 49 7.56 -3.50 -1.39
C ARG A 49 8.22 -2.48 -0.48
N THR A 50 9.29 -2.88 0.18
CA THR A 50 10.04 -1.97 1.04
C THR A 50 11.00 -1.20 0.14
N VAL A 51 11.19 0.08 0.44
CA VAL A 51 12.00 1.00 -0.34
C VAL A 51 12.89 1.60 0.67
N GLU A 52 14.14 1.37 0.50
CA GLU A 52 15.13 1.84 1.43
C GLU A 52 15.47 3.30 1.14
N GLY A 53 15.66 4.06 2.21
CA GLY A 53 15.98 5.49 2.08
C GLY A 53 17.44 5.64 2.38
N THR A 54 17.78 5.62 3.66
CA THR A 54 19.15 5.37 4.06
C THR A 54 19.10 4.06 4.85
N ALA A 55 19.66 3.03 4.24
CA ALA A 55 19.72 1.66 4.76
C ALA A 55 20.41 0.92 3.61
N LYS A 56 20.70 -0.36 3.78
CA LYS A 56 21.27 -1.19 2.75
C LYS A 56 20.18 -2.17 2.24
N GLY A 57 19.27 -2.59 3.12
CA GLY A 57 18.18 -3.46 2.73
C GLY A 57 18.54 -4.92 2.57
N GLY A 58 17.59 -5.71 2.10
CA GLY A 58 17.81 -7.14 1.94
C GLY A 58 17.45 -7.86 3.21
N GLY A 59 18.46 -8.25 3.97
CA GLY A 59 18.27 -8.84 5.29
C GLY A 59 19.02 -8.04 6.34
N GLU A 60 19.52 -6.88 5.95
CA GLU A 60 20.61 -6.22 6.69
C GLU A 60 20.17 -5.34 7.85
N ASP A 61 19.21 -4.48 7.59
CA ASP A 61 18.66 -3.54 8.57
C ASP A 61 17.18 -3.86 8.80
N PHE A 62 16.61 -4.53 7.83
CA PHE A 62 15.28 -5.12 7.94
C PHE A 62 15.26 -6.19 6.87
N GLU A 63 14.26 -7.05 6.93
CA GLU A 63 14.05 -8.00 5.83
C GLU A 63 13.13 -7.35 4.81
N ASP A 64 13.52 -7.43 3.54
CA ASP A 64 12.73 -6.86 2.43
C ASP A 64 11.32 -7.40 2.44
N ALA A 65 10.41 -6.54 2.83
CA ALA A 65 9.02 -6.90 2.92
C ALA A 65 8.29 -6.51 1.65
N TYR A 66 7.85 -7.51 0.94
CA TYR A 66 7.10 -7.35 -0.29
C TYR A 66 6.12 -8.50 -0.46
N GLY A 67 4.99 -8.22 -1.09
CA GLY A 67 4.00 -9.26 -1.32
C GLY A 67 2.78 -8.64 -1.94
N GLU A 68 1.70 -9.39 -2.05
CA GLU A 68 0.44 -8.87 -2.56
C GLU A 68 -0.64 -9.04 -1.51
N LEU A 69 -1.57 -8.09 -1.49
CA LEU A 69 -2.65 -8.08 -0.53
C LEU A 69 -3.96 -8.11 -1.29
N GLU A 70 -4.83 -9.02 -0.95
CA GLU A 70 -6.16 -9.03 -1.54
C GLU A 70 -7.03 -8.08 -0.73
N PHE A 71 -7.83 -7.33 -1.44
CA PHE A 71 -8.83 -6.44 -0.83
C PHE A 71 -10.17 -6.70 -1.49
N LYS A 72 -11.14 -7.16 -0.73
CA LYS A 72 -12.51 -7.32 -1.21
C LYS A 72 -13.29 -6.10 -0.75
N ASN A 73 -14.58 -6.09 -1.01
CA ASN A 73 -15.46 -4.96 -0.70
C ASN A 73 -15.34 -4.38 0.72
N ASP A 74 -15.66 -5.17 1.74
CA ASP A 74 -15.70 -4.69 3.13
C ASP A 74 -14.31 -4.60 3.74
N GLU A 75 -13.42 -5.37 3.13
CA GLU A 75 -11.98 -5.49 3.45
C GLU A 75 -11.11 -4.24 3.39
N THR A 76 -11.71 -3.06 3.40
CA THR A 76 -11.02 -1.81 3.12
C THR A 76 -10.10 -1.38 4.26
N VAL A 77 -9.80 -2.31 5.16
CA VAL A 77 -8.78 -2.14 6.17
C VAL A 77 -7.87 -3.36 6.07
N LYS A 78 -6.58 -3.14 5.89
CA LYS A 78 -5.61 -4.22 5.70
C LYS A 78 -4.30 -3.76 6.28
N THR A 79 -3.30 -4.62 6.31
CA THR A 79 -2.01 -4.27 6.86
C THR A 79 -0.85 -4.91 6.09
N ILE A 80 0.33 -4.32 6.21
CA ILE A 80 1.57 -4.83 5.58
C ILE A 80 2.54 -5.05 6.72
N ARG A 81 3.23 -6.19 6.69
CA ARG A 81 4.20 -6.55 7.73
C ARG A 81 5.62 -6.65 7.20
N VAL A 82 6.57 -6.14 7.97
CA VAL A 82 7.99 -6.19 7.62
C VAL A 82 8.69 -6.71 8.87
N LYS A 83 9.70 -7.54 8.73
CA LYS A 83 10.46 -8.03 9.89
C LYS A 83 11.70 -7.15 10.03
N ILE A 84 12.03 -6.80 11.25
CA ILE A 84 13.18 -5.94 11.53
C ILE A 84 14.23 -6.85 12.17
N VAL A 85 15.48 -6.67 11.78
CA VAL A 85 16.59 -7.50 12.26
C VAL A 85 17.28 -6.83 13.44
N ASP A 86 17.72 -7.63 14.41
CA ASP A 86 18.31 -7.14 15.66
C ASP A 86 19.81 -7.48 15.81
N GLU A 87 20.58 -6.49 16.24
CA GLU A 87 22.03 -6.59 16.48
C GLU A 87 22.33 -5.36 17.35
N GLU A 88 23.49 -5.28 17.99
CA GLU A 88 23.86 -4.10 18.79
C GLU A 88 24.39 -2.97 17.88
N GLU A 89 25.71 -2.86 17.78
CA GLU A 89 26.40 -1.81 16.98
C GLU A 89 26.06 -0.37 17.44
N TYR A 90 26.72 0.62 16.85
CA TYR A 90 26.59 2.03 17.26
C TYR A 90 26.52 2.93 16.03
N GLU A 91 25.67 2.59 15.07
CA GLU A 91 25.66 3.30 13.78
C GLU A 91 24.67 4.49 13.61
N ARG A 92 23.70 4.41 12.71
CA ARG A 92 22.94 5.60 12.26
C ARG A 92 21.45 5.50 12.52
N GLN A 93 20.77 6.63 12.41
CA GLN A 93 19.32 6.68 12.46
C GLN A 93 18.82 6.37 11.04
N GLU A 94 18.60 5.10 10.75
CA GLU A 94 18.27 4.68 9.38
C GLU A 94 16.77 4.70 9.13
N ASN A 95 16.39 4.75 7.86
CA ASN A 95 15.02 4.94 7.48
C ASN A 95 14.66 4.22 6.17
N PHE A 96 13.40 3.85 6.06
CA PHE A 96 12.90 3.19 4.85
C PHE A 96 11.43 3.52 4.74
N PHE A 97 10.83 3.21 3.61
CA PHE A 97 9.39 3.40 3.43
C PHE A 97 8.86 2.18 2.69
N ILE A 98 7.55 2.05 2.56
CA ILE A 98 6.97 0.94 1.81
C ILE A 98 6.01 1.58 0.85
N ALA A 99 6.22 1.38 -0.44
CA ALA A 99 5.34 1.96 -1.44
C ALA A 99 4.56 0.82 -2.08
N LEU A 100 3.36 1.14 -2.54
CA LEU A 100 2.51 0.17 -3.20
C LEU A 100 2.89 0.12 -4.67
N GLY A 101 2.80 -1.07 -5.26
CA GLY A 101 3.18 -1.26 -6.65
C GLY A 101 2.19 -0.63 -7.60
N GLU A 102 1.11 -1.34 -7.87
CA GLU A 102 0.02 -0.84 -8.68
C GLU A 102 -1.21 -1.66 -8.29
N PRO A 103 -2.31 -1.01 -7.92
CA PRO A 103 -3.49 -1.80 -7.56
C PRO A 103 -4.15 -2.40 -8.81
N LYS A 104 -4.52 -3.68 -8.75
CA LYS A 104 -5.07 -4.39 -9.91
C LYS A 104 -6.39 -5.04 -9.55
N TRP A 105 -7.39 -4.92 -10.40
CA TRP A 105 -8.73 -5.41 -10.08
C TRP A 105 -8.81 -6.87 -10.38
N MET A 106 -8.88 -7.70 -9.35
CA MET A 106 -9.28 -9.04 -9.63
C MET A 106 -10.48 -9.49 -8.85
N GLU A 107 -11.54 -9.06 -9.42
CA GLU A 107 -12.82 -9.69 -9.49
C GLU A 107 -13.33 -9.12 -10.76
N ARG A 108 -13.20 -9.61 -11.98
CA ARG A 108 -13.80 -8.90 -13.18
C ARG A 108 -13.14 -9.42 -14.42
N GLY A 109 -11.81 -9.36 -14.42
CA GLY A 109 -11.05 -9.68 -15.61
C GLY A 109 -11.16 -8.52 -16.58
N ILE A 110 -10.51 -7.42 -16.21
CA ILE A 110 -10.53 -6.21 -17.02
C ILE A 110 -10.00 -6.53 -18.42
N SER A 111 -10.81 -6.20 -19.41
CA SER A 111 -10.51 -6.45 -20.81
C SER A 111 -11.48 -5.55 -21.57
N GLU A 112 -11.45 -5.61 -22.89
CA GLU A 112 -12.39 -4.87 -23.72
C GLU A 112 -12.63 -5.71 -24.97
N VAL A 113 -13.68 -5.40 -25.72
CA VAL A 113 -14.02 -6.15 -26.91
C VAL A 113 -14.45 -5.17 -27.99
N THR A 114 -13.94 -5.37 -29.20
CA THR A 114 -14.26 -4.51 -30.34
C THR A 114 -15.41 -5.15 -31.12
N ASP A 115 -16.61 -5.01 -30.57
CA ASP A 115 -17.82 -5.61 -31.15
C ASP A 115 -19.03 -4.79 -30.74
N ARG A 116 -19.43 -4.92 -29.48
CA ARG A 116 -20.55 -4.16 -28.94
C ARG A 116 -20.23 -2.67 -29.00
N LYS A 117 -21.16 -1.90 -29.53
CA LYS A 117 -20.99 -0.46 -29.67
C LYS A 117 -22.18 0.22 -29.01
N LEU A 118 -21.97 1.43 -28.53
CA LEU A 118 -22.96 2.18 -27.77
C LEU A 118 -23.03 3.56 -28.40
N THR A 119 -23.77 4.48 -27.80
CA THR A 119 -23.72 5.89 -28.22
C THR A 119 -22.33 6.36 -27.88
N VAL A 120 -21.89 7.39 -28.57
CA VAL A 120 -20.47 7.70 -28.63
C VAL A 120 -19.89 8.12 -27.28
N GLU A 121 -20.74 8.59 -26.39
CA GLU A 121 -20.33 8.94 -25.05
C GLU A 121 -20.07 7.66 -24.27
N GLU A 122 -21.02 6.74 -24.37
CA GLU A 122 -20.97 5.47 -23.66
C GLU A 122 -19.94 4.52 -24.22
N GLU A 123 -19.51 4.77 -25.45
CA GLU A 123 -18.50 3.94 -26.08
C GLU A 123 -17.27 3.87 -25.20
N GLU A 124 -16.74 5.02 -24.81
CA GLU A 124 -15.64 5.01 -23.85
C GLU A 124 -16.14 5.01 -22.42
N ALA A 125 -17.20 5.72 -22.09
CA ALA A 125 -17.62 5.84 -20.69
C ALA A 125 -17.95 4.48 -20.07
N LYS A 126 -18.68 3.64 -20.78
CA LYS A 126 -19.00 2.31 -20.26
C LYS A 126 -17.75 1.44 -20.29
N ARG A 127 -16.94 1.58 -21.32
CA ARG A 127 -15.69 0.83 -21.43
C ARG A 127 -14.77 1.12 -20.25
N ILE A 128 -14.62 2.39 -19.90
CA ILE A 128 -13.78 2.77 -18.77
C ILE A 128 -14.36 2.23 -17.47
N ALA A 129 -15.68 2.26 -17.32
CA ALA A 129 -16.32 1.73 -16.12
C ALA A 129 -16.15 0.20 -16.03
N GLU A 130 -16.11 -0.45 -17.18
CA GLU A 130 -15.84 -1.89 -17.23
C GLU A 130 -14.39 -2.18 -16.86
N MET A 131 -13.48 -1.25 -17.17
CA MET A 131 -12.08 -1.41 -16.79
C MET A 131 -11.93 -1.19 -15.30
N GLY A 132 -12.64 -0.18 -14.78
CA GLY A 132 -12.79 0.02 -13.34
C GLY A 132 -11.51 0.19 -12.55
N LYS A 133 -10.41 0.51 -13.23
CA LYS A 133 -9.09 0.43 -12.62
C LYS A 133 -8.91 1.28 -11.37
N PRO A 134 -8.45 0.67 -10.27
CA PRO A 134 -8.15 1.46 -9.08
C PRO A 134 -6.88 2.28 -9.25
N VAL A 135 -6.67 3.20 -8.34
CA VAL A 135 -5.46 4.03 -8.33
C VAL A 135 -4.98 4.20 -6.90
N LEU A 136 -3.74 4.63 -6.74
CA LEU A 136 -3.18 4.96 -5.44
C LEU A 136 -3.71 6.30 -4.93
N GLY A 137 -3.58 6.51 -3.63
CA GLY A 137 -4.09 7.71 -2.99
C GLY A 137 -3.09 8.81 -2.79
N GLU A 138 -3.39 9.61 -1.79
CA GLU A 138 -2.58 10.76 -1.41
C GLU A 138 -1.36 10.28 -0.62
N HIS A 139 -1.51 9.16 0.09
CA HIS A 139 -0.42 8.61 0.91
C HIS A 139 -0.22 7.09 0.76
N PRO A 140 0.08 6.58 -0.44
CA PRO A 140 0.27 5.14 -0.61
C PRO A 140 1.64 4.63 -0.11
N LYS A 141 2.14 5.29 0.92
CA LYS A 141 3.46 5.01 1.46
C LYS A 141 3.54 5.52 2.89
N LEU A 142 4.39 4.87 3.68
CA LEU A 142 4.66 5.28 5.06
C LEU A 142 6.17 5.25 5.26
N GLU A 143 6.75 6.36 5.69
CA GLU A 143 8.17 6.44 6.01
C GLU A 143 8.41 6.05 7.45
N VAL A 144 9.30 5.09 7.66
CA VAL A 144 9.62 4.56 8.98
C VAL A 144 11.08 4.87 9.25
N ILE A 145 11.35 5.25 10.49
CA ILE A 145 12.70 5.50 10.95
C ILE A 145 12.88 4.44 12.01
N ILE A 146 14.03 3.80 12.04
CA ILE A 146 14.34 2.83 13.07
C ILE A 146 15.16 3.57 14.14
N GLU A 147 14.52 3.82 15.28
CA GLU A 147 15.10 4.65 16.35
C GLU A 147 14.27 4.45 17.64
N GLU A 148 14.84 4.75 18.80
CA GLU A 148 14.14 4.59 20.09
C GLU A 148 12.96 5.55 20.24
N SER A 149 13.16 6.83 19.93
CA SER A 149 12.13 7.83 20.16
C SER A 149 10.94 7.63 19.23
N TYR A 150 9.77 7.99 19.71
CA TYR A 150 8.54 7.91 18.93
C TYR A 150 7.74 9.16 19.20
N GLU A 151 7.21 9.76 18.14
CA GLU A 151 6.40 10.96 18.26
C GLU A 151 4.97 10.66 17.81
N PHE A 152 4.00 11.06 18.61
CA PHE A 152 2.60 11.01 18.21
C PHE A 152 2.18 12.46 18.00
N LYS A 153 1.76 12.80 16.80
CA LYS A 153 1.43 14.18 16.47
C LYS A 153 0.18 14.23 15.63
N SER A 154 -0.76 15.08 16.02
CA SER A 154 -2.04 15.22 15.36
C SER A 154 -2.44 16.68 15.40
N THR A 155 -3.52 17.03 14.73
CA THR A 155 -4.07 18.38 14.75
C THR A 155 -5.51 18.26 15.26
N VAL A 156 -6.25 19.37 15.31
CA VAL A 156 -7.59 19.39 15.91
C VAL A 156 -8.65 19.82 14.88
N ASP A 157 -8.29 19.75 13.62
CA ASP A 157 -9.17 20.13 12.51
C ASP A 157 -9.06 19.07 11.41
N HIS A 10 -15.64 3.35 -9.48
CA HIS A 10 -14.42 2.63 -9.81
C HIS A 10 -13.86 1.97 -8.58
N ALA A 11 -12.93 1.05 -8.79
CA ALA A 11 -12.23 0.39 -7.71
C ALA A 11 -11.57 1.42 -6.79
N GLY A 12 -11.56 1.14 -5.48
CA GLY A 12 -11.05 2.10 -4.53
C GLY A 12 -9.61 2.53 -4.66
N ILE A 13 -9.37 3.76 -4.22
CA ILE A 13 -8.02 4.30 -4.06
C ILE A 13 -7.50 3.68 -2.78
N PHE A 14 -6.21 3.36 -2.73
CA PHE A 14 -5.58 2.81 -1.53
C PHE A 14 -4.49 3.75 -1.05
N THR A 15 -4.41 3.92 0.24
CA THR A 15 -3.48 4.86 0.84
C THR A 15 -3.22 4.40 2.28
N PHE A 16 -2.16 4.91 2.90
CA PHE A 16 -1.80 4.50 4.26
C PHE A 16 -2.32 5.51 5.28
N GLU A 17 -2.24 5.11 6.54
CA GLU A 17 -2.70 5.92 7.68
C GLU A 17 -1.89 7.19 7.90
N CYS A 18 -0.58 7.04 7.80
CA CYS A 18 0.36 8.09 8.14
C CYS A 18 1.35 8.20 7.01
N ASP A 19 2.15 9.26 7.02
CA ASP A 19 3.23 9.43 6.06
C ASP A 19 4.58 9.29 6.77
N THR A 20 4.58 9.35 8.10
CA THR A 20 5.78 9.22 8.91
C THR A 20 5.42 8.47 10.18
N ILE A 21 6.26 7.51 10.52
CA ILE A 21 6.11 6.62 11.68
C ILE A 21 7.51 6.42 12.29
N HIS A 22 7.55 6.00 13.55
CA HIS A 22 8.78 5.57 14.19
C HIS A 22 8.57 4.17 14.76
N VAL A 23 9.51 3.27 14.51
CA VAL A 23 9.53 1.96 15.20
C VAL A 23 10.88 1.82 15.89
N SER A 24 11.06 0.72 16.58
CA SER A 24 12.33 0.33 17.16
C SER A 24 12.55 -1.06 16.61
N GLU A 25 13.77 -1.56 16.56
CA GLU A 25 14.04 -2.91 16.03
C GLU A 25 13.39 -3.98 16.89
N SER A 26 13.26 -3.70 18.18
CA SER A 26 12.71 -4.63 19.16
C SER A 26 11.22 -4.90 18.93
N ILE A 27 10.62 -4.16 18.02
CA ILE A 27 9.23 -4.41 17.64
C ILE A 27 9.15 -5.75 16.90
N GLY A 28 10.25 -6.18 16.29
CA GLY A 28 10.26 -7.43 15.58
C GLY A 28 9.80 -7.27 14.15
N VAL A 29 8.56 -6.82 14.00
CA VAL A 29 7.97 -6.63 12.69
C VAL A 29 6.97 -5.47 12.72
N MET A 30 7.23 -4.51 11.84
CA MET A 30 6.44 -3.27 11.73
C MET A 30 5.18 -3.51 10.91
N GLU A 31 4.15 -2.70 11.14
CA GLU A 31 2.93 -2.77 10.35
C GLU A 31 2.42 -1.39 9.94
N VAL A 32 1.89 -1.31 8.73
CA VAL A 32 1.17 -0.14 8.26
C VAL A 32 -0.22 -0.65 7.98
N LYS A 33 -1.22 0.15 8.25
CA LYS A 33 -2.59 -0.24 7.90
C LYS A 33 -2.91 0.45 6.60
N VAL A 34 -3.52 -0.30 5.69
CA VAL A 34 -3.88 0.20 4.37
C VAL A 34 -5.39 0.45 4.33
N LEU A 35 -5.77 1.69 4.05
CA LEU A 35 -7.15 2.12 4.00
C LEU A 35 -7.55 2.31 2.54
N ARG A 36 -8.85 2.33 2.29
CA ARG A 36 -9.36 2.43 0.94
C ARG A 36 -10.59 3.38 0.91
N THR A 37 -10.80 4.06 -0.20
CA THR A 37 -11.98 4.96 -0.39
C THR A 37 -13.25 4.16 -0.74
N SER A 38 -14.40 4.82 -0.84
CA SER A 38 -15.69 4.16 -1.14
C SER A 38 -15.84 3.59 -2.58
N GLY A 39 -14.72 3.16 -3.16
CA GLY A 39 -14.69 2.55 -4.48
C GLY A 39 -14.71 1.03 -4.43
N ALA A 40 -14.97 0.46 -3.27
CA ALA A 40 -14.84 -1.00 -3.11
C ALA A 40 -15.94 -1.81 -3.78
N ARG A 41 -15.67 -2.17 -5.02
CA ARG A 41 -16.59 -2.96 -5.81
C ARG A 41 -15.83 -4.16 -6.29
N GLY A 42 -16.17 -5.34 -5.79
CA GLY A 42 -15.45 -6.54 -6.16
C GLY A 42 -14.17 -6.73 -5.38
N THR A 43 -13.25 -7.45 -6.00
CA THR A 43 -11.98 -7.82 -5.41
C THR A 43 -10.88 -7.14 -6.19
N VAL A 44 -9.98 -6.55 -5.43
CA VAL A 44 -8.82 -5.82 -5.94
C VAL A 44 -7.61 -6.43 -5.24
N ILE A 45 -6.48 -6.55 -5.93
CA ILE A 45 -5.25 -7.04 -5.33
C ILE A 45 -4.24 -5.89 -5.35
N VAL A 46 -3.46 -5.72 -4.30
CA VAL A 46 -2.48 -4.62 -4.24
C VAL A 46 -1.09 -5.03 -3.72
N PRO A 47 -0.05 -4.98 -4.57
CA PRO A 47 1.31 -5.24 -4.09
C PRO A 47 1.95 -4.14 -3.28
N PHE A 48 2.91 -4.53 -2.47
CA PHE A 48 3.74 -3.61 -1.72
C PHE A 48 5.16 -4.14 -1.76
N ARG A 49 6.12 -3.30 -1.38
CA ARG A 49 7.53 -3.70 -1.29
C ARG A 49 8.22 -2.73 -0.37
N THR A 50 9.35 -3.11 0.19
CA THR A 50 10.12 -2.25 1.09
C THR A 50 11.12 -1.44 0.27
N VAL A 51 11.27 -0.16 0.59
CA VAL A 51 12.08 0.78 -0.16
C VAL A 51 12.95 1.39 0.88
N GLU A 52 14.22 1.17 0.71
CA GLU A 52 15.18 1.69 1.64
C GLU A 52 15.53 3.13 1.30
N GLY A 53 15.74 3.94 2.34
CA GLY A 53 16.07 5.34 2.16
C GLY A 53 17.55 5.50 2.49
N THR A 54 17.86 5.53 3.78
CA THR A 54 19.24 5.32 4.20
C THR A 54 19.22 4.05 5.05
N ALA A 55 19.82 3.01 4.49
CA ALA A 55 19.93 1.67 5.08
C ALA A 55 20.68 0.94 3.97
N LYS A 56 20.90 -0.36 4.09
CA LYS A 56 21.51 -1.16 3.06
C LYS A 56 20.41 -2.09 2.49
N GLY A 57 19.49 -2.52 3.34
CA GLY A 57 18.35 -3.31 2.89
C GLY A 57 18.63 -4.75 2.53
N GLY A 58 17.57 -5.47 2.22
CA GLY A 58 17.69 -6.87 1.85
C GLY A 58 17.33 -7.76 3.02
N GLY A 59 18.33 -8.23 3.75
CA GLY A 59 18.13 -8.97 4.99
C GLY A 59 18.85 -8.29 6.13
N GLU A 60 19.31 -7.06 5.90
CA GLU A 60 20.32 -6.43 6.74
C GLU A 60 19.78 -5.65 7.94
N ASP A 61 18.99 -4.65 7.63
CA ASP A 61 18.45 -3.71 8.62
C ASP A 61 16.94 -3.93 8.68
N PHE A 62 16.44 -4.56 7.65
CA PHE A 62 15.08 -5.05 7.59
C PHE A 62 15.12 -6.15 6.56
N GLU A 63 14.10 -6.99 6.57
CA GLU A 63 13.93 -7.98 5.50
C GLU A 63 13.01 -7.34 4.46
N ASP A 64 13.44 -7.31 3.21
CA ASP A 64 12.64 -6.70 2.14
C ASP A 64 11.38 -7.47 1.98
N ALA A 65 10.34 -6.79 2.41
CA ALA A 65 9.06 -7.36 2.54
C ALA A 65 8.18 -6.91 1.40
N TYR A 66 7.90 -7.84 0.50
CA TYR A 66 7.05 -7.57 -0.64
C TYR A 66 6.06 -8.70 -0.83
N GLY A 67 4.85 -8.36 -1.18
CA GLY A 67 3.84 -9.37 -1.42
C GLY A 67 2.62 -8.69 -1.99
N GLU A 68 1.54 -9.44 -2.18
CA GLU A 68 0.29 -8.85 -2.65
C GLU A 68 -0.78 -9.02 -1.60
N LEU A 69 -1.65 -8.04 -1.54
CA LEU A 69 -2.73 -8.00 -0.57
C LEU A 69 -4.06 -8.13 -1.26
N GLU A 70 -4.83 -9.13 -0.90
CA GLU A 70 -6.20 -9.24 -1.38
C GLU A 70 -7.02 -8.22 -0.62
N PHE A 71 -7.80 -7.47 -1.36
CA PHE A 71 -8.83 -6.62 -0.77
C PHE A 71 -10.12 -7.12 -1.43
N LYS A 72 -11.02 -7.64 -0.63
CA LYS A 72 -12.20 -8.34 -1.12
C LYS A 72 -13.45 -7.73 -0.52
N ASN A 73 -14.07 -6.82 -1.26
CA ASN A 73 -15.25 -6.05 -0.86
C ASN A 73 -15.26 -5.40 0.54
N ASP A 74 -15.49 -6.18 1.59
CA ASP A 74 -15.52 -5.69 2.98
C ASP A 74 -14.12 -5.57 3.62
N GLU A 75 -13.20 -6.40 3.14
CA GLU A 75 -11.78 -6.50 3.59
C GLU A 75 -10.90 -5.26 3.44
N THR A 76 -11.51 -4.11 3.26
CA THR A 76 -10.82 -2.89 2.90
C THR A 76 -9.97 -2.30 4.01
N VAL A 77 -9.77 -3.08 5.05
CA VAL A 77 -8.85 -2.74 6.12
C VAL A 77 -7.84 -3.87 6.08
N LYS A 78 -6.59 -3.53 5.78
CA LYS A 78 -5.57 -4.55 5.59
C LYS A 78 -4.27 -4.00 6.12
N THR A 79 -3.24 -4.81 6.20
CA THR A 79 -1.98 -4.39 6.76
C THR A 79 -0.80 -4.94 5.98
N ILE A 80 0.36 -4.33 6.17
CA ILE A 80 1.61 -4.79 5.56
C ILE A 80 2.59 -4.99 6.69
N ARG A 81 3.26 -6.14 6.69
CA ARG A 81 4.25 -6.48 7.71
C ARG A 81 5.67 -6.57 7.17
N VAL A 82 6.61 -5.94 7.87
CA VAL A 82 8.03 -5.93 7.50
C VAL A 82 8.90 -6.26 8.72
N LYS A 83 9.65 -7.36 8.67
CA LYS A 83 10.54 -7.76 9.78
C LYS A 83 11.73 -6.79 9.87
N ILE A 84 12.03 -6.33 11.07
CA ILE A 84 13.16 -5.41 11.29
C ILE A 84 14.35 -6.23 11.77
N VAL A 85 15.52 -6.03 11.17
CA VAL A 85 16.70 -6.82 11.50
C VAL A 85 17.69 -5.97 12.31
N ASP A 86 18.26 -6.61 13.32
CA ASP A 86 19.17 -5.98 14.27
C ASP A 86 20.64 -6.26 13.94
N GLU A 87 21.46 -5.21 13.99
CA GLU A 87 22.91 -5.27 13.73
C GLU A 87 23.63 -4.48 14.84
N GLU A 88 22.94 -4.39 15.99
CA GLU A 88 23.37 -3.58 17.16
C GLU A 88 23.44 -2.07 16.83
N GLU A 89 23.97 -1.29 17.78
CA GLU A 89 24.03 0.18 17.71
C GLU A 89 22.63 0.85 17.67
N TYR A 90 22.60 2.17 17.65
CA TYR A 90 21.35 2.94 17.64
C TYR A 90 21.53 4.40 17.18
N GLU A 91 22.73 4.95 17.32
CA GLU A 91 22.99 6.35 16.94
C GLU A 91 22.91 6.51 15.41
N ARG A 92 23.02 5.39 14.72
CA ARG A 92 23.04 5.37 13.25
C ARG A 92 21.71 5.75 12.62
N GLN A 93 20.60 5.44 13.29
CA GLN A 93 19.23 5.68 12.82
C GLN A 93 18.91 5.29 11.36
N GLU A 94 18.24 4.16 11.20
CA GLU A 94 17.93 3.65 9.88
C GLU A 94 16.57 4.21 9.43
N ASN A 95 16.39 4.36 8.13
CA ASN A 95 15.17 4.92 7.59
C ASN A 95 14.80 4.21 6.30
N PHE A 96 13.53 3.83 6.21
CA PHE A 96 13.01 3.13 5.04
C PHE A 96 11.52 3.41 4.93
N PHE A 97 10.92 3.05 3.82
CA PHE A 97 9.50 3.25 3.60
C PHE A 97 8.96 2.06 2.83
N ILE A 98 7.65 1.95 2.69
CA ILE A 98 7.05 0.85 1.93
C ILE A 98 6.13 1.48 0.93
N ALA A 99 6.37 1.24 -0.35
CA ALA A 99 5.55 1.80 -1.40
C ALA A 99 4.72 0.69 -1.99
N LEU A 100 3.54 1.06 -2.46
CA LEU A 100 2.66 0.11 -3.12
C LEU A 100 3.05 0.08 -4.58
N GLY A 101 2.83 -1.06 -5.23
CA GLY A 101 3.14 -1.20 -6.64
C GLY A 101 2.10 -0.45 -7.45
N GLU A 102 0.99 -1.13 -7.69
CA GLU A 102 -0.17 -0.52 -8.32
C GLU A 102 -1.36 -1.41 -7.96
N PRO A 103 -2.45 -0.81 -7.51
CA PRO A 103 -3.60 -1.67 -7.24
C PRO A 103 -4.17 -2.19 -8.56
N LYS A 104 -4.64 -3.44 -8.56
CA LYS A 104 -5.16 -4.08 -9.77
C LYS A 104 -6.47 -4.76 -9.42
N TRP A 105 -7.46 -4.66 -10.28
CA TRP A 105 -8.78 -5.22 -10.00
C TRP A 105 -8.76 -6.67 -10.36
N MET A 106 -8.83 -7.56 -9.38
CA MET A 106 -9.14 -8.90 -9.78
C MET A 106 -10.35 -9.47 -9.10
N GLU A 107 -11.40 -9.05 -9.69
CA GLU A 107 -12.65 -9.72 -9.88
C GLU A 107 -13.17 -9.07 -11.12
N ARG A 108 -13.01 -9.45 -12.39
CA ARG A 108 -13.68 -8.69 -13.51
C ARG A 108 -13.11 -9.11 -14.85
N GLY A 109 -11.90 -8.66 -15.13
CA GLY A 109 -11.30 -8.84 -16.43
C GLY A 109 -11.36 -7.51 -17.17
N ILE A 110 -10.37 -6.67 -16.89
CA ILE A 110 -10.30 -5.31 -17.43
C ILE A 110 -10.02 -5.32 -18.95
N SER A 111 -9.47 -6.41 -19.44
CA SER A 111 -9.18 -6.57 -20.86
C SER A 111 -10.45 -6.37 -21.69
N GLU A 112 -10.31 -5.71 -22.83
CA GLU A 112 -11.47 -5.39 -23.67
C GLU A 112 -12.17 -6.65 -24.17
N VAL A 113 -13.49 -6.58 -24.21
CA VAL A 113 -14.33 -7.71 -24.59
C VAL A 113 -15.22 -7.29 -25.76
N THR A 114 -15.21 -8.10 -26.81
CA THR A 114 -15.87 -7.75 -28.07
C THR A 114 -17.39 -7.90 -28.04
N ASP A 115 -17.92 -8.58 -27.04
CA ASP A 115 -19.37 -8.76 -26.91
C ASP A 115 -20.03 -7.51 -26.36
N ARG A 116 -19.24 -6.58 -25.86
CA ARG A 116 -19.75 -5.34 -25.25
C ARG A 116 -20.12 -4.29 -26.28
N LYS A 117 -20.64 -4.71 -27.42
CA LYS A 117 -21.09 -3.77 -28.46
C LYS A 117 -22.33 -3.05 -27.96
N LEU A 118 -22.23 -1.74 -27.89
CA LEU A 118 -23.28 -0.89 -27.33
C LEU A 118 -23.42 0.31 -28.28
N THR A 119 -24.16 1.34 -27.87
CA THR A 119 -24.21 2.59 -28.63
C THR A 119 -22.81 3.22 -28.50
N VAL A 120 -22.50 4.23 -29.31
CA VAL A 120 -21.14 4.77 -29.38
C VAL A 120 -20.67 5.26 -28.03
N GLU A 121 -21.54 5.98 -27.36
CA GLU A 121 -21.23 6.57 -26.07
C GLU A 121 -20.92 5.51 -25.05
N GLU A 122 -21.77 4.49 -25.01
CA GLU A 122 -21.62 3.42 -24.05
C GLU A 122 -20.46 2.51 -24.41
N GLU A 123 -20.08 2.46 -25.67
CA GLU A 123 -19.01 1.58 -26.09
C GLU A 123 -17.74 1.93 -25.35
N GLU A 124 -17.45 3.22 -25.16
CA GLU A 124 -16.35 3.60 -24.28
C GLU A 124 -16.82 3.73 -22.82
N ALA A 125 -17.92 4.41 -22.56
CA ALA A 125 -18.33 4.73 -21.19
C ALA A 125 -18.53 3.48 -20.31
N LYS A 126 -19.13 2.44 -20.87
CA LYS A 126 -19.36 1.20 -20.12
C LYS A 126 -18.04 0.46 -19.98
N ARG A 127 -17.28 0.43 -21.07
CA ARG A 127 -16.00 -0.27 -21.12
C ARG A 127 -15.00 0.29 -20.13
N ILE A 128 -14.88 1.62 -20.06
CA ILE A 128 -13.97 2.25 -19.11
C ILE A 128 -14.37 1.90 -17.68
N ALA A 129 -15.67 1.88 -17.41
CA ALA A 129 -16.16 1.52 -16.08
C ALA A 129 -15.88 0.03 -15.78
N GLU A 130 -15.90 -0.80 -16.82
CA GLU A 130 -15.56 -2.22 -16.69
C GLU A 130 -14.05 -2.42 -16.56
N MET A 131 -13.24 -1.46 -16.97
CA MET A 131 -11.81 -1.55 -16.75
C MET A 131 -11.58 -1.25 -15.27
N GLY A 132 -12.29 -0.26 -14.76
CA GLY A 132 -12.40 -0.03 -13.32
C GLY A 132 -11.10 0.19 -12.60
N LYS A 133 -10.06 0.59 -13.32
CA LYS A 133 -8.70 0.58 -12.79
C LYS A 133 -8.53 1.43 -11.53
N PRO A 134 -8.20 0.79 -10.39
CA PRO A 134 -7.92 1.59 -9.21
C PRO A 134 -6.62 2.33 -9.35
N VAL A 135 -6.46 3.35 -8.54
CA VAL A 135 -5.24 4.17 -8.54
C VAL A 135 -4.72 4.37 -7.12
N LEU A 136 -3.49 4.88 -7.03
CA LEU A 136 -2.83 5.11 -5.75
C LEU A 136 -3.39 6.38 -5.11
N GLY A 137 -3.28 6.46 -3.79
CA GLY A 137 -3.75 7.64 -3.07
C GLY A 137 -2.74 8.74 -2.90
N GLU A 138 -3.04 9.59 -1.93
CA GLU A 138 -2.22 10.74 -1.60
C GLU A 138 -1.03 10.31 -0.76
N HIS A 139 -1.22 9.28 0.06
CA HIS A 139 -0.16 8.73 0.92
C HIS A 139 0.00 7.21 0.79
N PRO A 140 0.32 6.69 -0.41
CA PRO A 140 0.48 5.23 -0.60
C PRO A 140 1.82 4.70 -0.10
N LYS A 141 2.39 5.39 0.88
CA LYS A 141 3.70 5.06 1.42
C LYS A 141 3.82 5.62 2.82
N LEU A 142 4.55 4.92 3.68
CA LEU A 142 4.78 5.34 5.05
C LEU A 142 6.28 5.31 5.31
N GLU A 143 6.84 6.44 5.73
CA GLU A 143 8.26 6.55 6.06
C GLU A 143 8.47 6.19 7.52
N VAL A 144 9.34 5.21 7.76
CA VAL A 144 9.60 4.68 9.10
C VAL A 144 11.04 4.98 9.44
N ILE A 145 11.23 5.44 10.66
CA ILE A 145 12.54 5.67 11.21
C ILE A 145 12.67 4.60 12.28
N ILE A 146 13.80 3.93 12.30
CA ILE A 146 14.08 2.95 13.33
C ILE A 146 14.91 3.72 14.39
N GLU A 147 14.29 3.89 15.55
CA GLU A 147 14.79 4.74 16.63
C GLU A 147 13.94 4.37 17.88
N GLU A 148 13.15 5.30 18.39
CA GLU A 148 12.22 5.03 19.48
C GLU A 148 10.85 5.43 18.94
N SER A 149 9.79 4.78 19.42
CA SER A 149 8.43 5.02 18.94
C SER A 149 7.81 6.27 19.59
N TYR A 150 8.58 7.35 19.62
CA TYR A 150 8.20 8.59 20.26
C TYR A 150 6.98 9.28 19.65
N GLU A 151 6.91 9.34 18.33
CA GLU A 151 5.81 10.06 17.66
C GLU A 151 5.27 9.36 16.42
N PHE A 152 3.98 9.57 16.18
CA PHE A 152 3.28 9.02 15.03
C PHE A 152 2.45 10.18 14.47
N LYS A 153 2.31 10.24 13.15
CA LYS A 153 1.50 11.31 12.54
C LYS A 153 0.02 11.04 12.76
N SER A 154 -0.63 11.94 13.49
CA SER A 154 -2.06 11.82 13.76
C SER A 154 -2.88 12.42 12.62
N THR A 155 -4.19 12.19 12.65
CA THR A 155 -5.10 12.72 11.65
C THR A 155 -6.38 13.09 12.39
N VAL A 156 -7.31 13.78 11.72
CA VAL A 156 -8.56 14.23 12.33
C VAL A 156 -9.75 13.83 11.48
N ASP A 157 -10.93 13.86 12.07
CA ASP A 157 -12.20 13.53 11.40
C ASP A 157 -12.47 14.52 10.26
N HIS A 10 -16.27 2.88 -9.78
CA HIS A 10 -14.83 3.09 -9.63
C HIS A 10 -14.31 2.30 -8.44
N ALA A 11 -13.33 1.44 -8.66
CA ALA A 11 -12.65 0.71 -7.58
C ALA A 11 -11.95 1.71 -6.63
N GLY A 12 -11.75 1.31 -5.38
CA GLY A 12 -11.20 2.22 -4.39
C GLY A 12 -9.76 2.64 -4.58
N ILE A 13 -9.47 3.85 -4.11
CA ILE A 13 -8.12 4.38 -4.05
C ILE A 13 -7.49 3.79 -2.80
N PHE A 14 -6.22 3.41 -2.87
CA PHE A 14 -5.51 2.84 -1.72
C PHE A 14 -4.40 3.79 -1.27
N THR A 15 -4.27 3.90 0.04
CA THR A 15 -3.36 4.86 0.65
C THR A 15 -3.09 4.31 2.06
N PHE A 16 -2.15 4.87 2.80
CA PHE A 16 -1.84 4.39 4.15
C PHE A 16 -2.39 5.37 5.16
N GLU A 17 -2.32 4.98 6.43
CA GLU A 17 -2.76 5.81 7.55
C GLU A 17 -2.01 7.13 7.68
N CYS A 18 -0.70 7.02 7.90
CA CYS A 18 0.12 8.18 8.20
C CYS A 18 1.12 8.39 7.08
N ASP A 19 1.97 9.37 7.27
CA ASP A 19 3.04 9.71 6.36
C ASP A 19 4.41 9.35 6.95
N THR A 20 4.50 9.42 8.27
CA THR A 20 5.73 9.23 9.00
C THR A 20 5.34 8.41 10.22
N ILE A 21 6.16 7.43 10.51
CA ILE A 21 6.00 6.49 11.63
C ILE A 21 7.39 6.28 12.25
N HIS A 22 7.42 5.85 13.49
CA HIS A 22 8.67 5.49 14.17
C HIS A 22 8.49 4.11 14.79
N VAL A 23 9.42 3.22 14.50
CA VAL A 23 9.49 1.91 15.18
C VAL A 23 10.83 1.77 15.86
N SER A 24 10.97 0.71 16.62
CA SER A 24 12.22 0.31 17.25
C SER A 24 12.46 -1.08 16.72
N GLU A 25 13.69 -1.54 16.66
CA GLU A 25 14.01 -2.92 16.25
C GLU A 25 13.30 -3.92 17.14
N SER A 26 13.11 -3.55 18.40
CA SER A 26 12.50 -4.40 19.42
C SER A 26 11.04 -4.71 19.12
N ILE A 27 10.46 -4.02 18.14
CA ILE A 27 9.08 -4.29 17.73
C ILE A 27 9.02 -5.65 17.02
N GLY A 28 10.12 -6.08 16.43
CA GLY A 28 10.14 -7.33 15.71
C GLY A 28 9.64 -7.18 14.29
N VAL A 29 8.38 -6.82 14.18
CA VAL A 29 7.73 -6.71 12.89
C VAL A 29 6.89 -5.43 12.85
N MET A 30 7.27 -4.53 11.96
CA MET A 30 6.56 -3.27 11.77
C MET A 30 5.29 -3.52 10.95
N GLU A 31 4.29 -2.67 11.13
CA GLU A 31 3.07 -2.75 10.36
C GLU A 31 2.57 -1.40 9.92
N VAL A 32 2.03 -1.35 8.71
CA VAL A 32 1.29 -0.18 8.23
C VAL A 32 -0.09 -0.69 7.99
N LYS A 33 -1.08 0.12 8.29
CA LYS A 33 -2.47 -0.24 8.00
C LYS A 33 -2.73 0.40 6.64
N VAL A 34 -3.33 -0.38 5.77
CA VAL A 34 -3.58 0.04 4.41
C VAL A 34 -5.06 0.36 4.32
N LEU A 35 -5.36 1.53 3.81
CA LEU A 35 -6.70 2.08 3.82
C LEU A 35 -7.22 2.22 2.40
N ARG A 36 -8.53 2.35 2.28
CA ARG A 36 -9.18 2.43 0.98
C ARG A 36 -10.34 3.43 1.03
N THR A 37 -10.57 4.18 -0.05
CA THR A 37 -11.73 5.10 -0.14
C THR A 37 -13.02 4.34 -0.43
N SER A 38 -14.18 4.97 -0.31
CA SER A 38 -15.49 4.33 -0.54
C SER A 38 -15.80 3.79 -1.96
N GLY A 39 -14.76 3.59 -2.77
CA GLY A 39 -14.88 3.05 -4.10
C GLY A 39 -14.80 1.54 -4.12
N ALA A 40 -14.97 0.86 -3.00
CA ALA A 40 -14.79 -0.60 -3.02
C ALA A 40 -15.86 -1.27 -3.89
N ARG A 41 -15.40 -1.82 -5.02
CA ARG A 41 -16.26 -2.50 -5.97
C ARG A 41 -15.52 -3.77 -6.36
N GLY A 42 -16.00 -4.92 -5.92
CA GLY A 42 -15.33 -6.17 -6.22
C GLY A 42 -14.06 -6.40 -5.43
N THR A 43 -13.20 -7.21 -6.03
CA THR A 43 -11.94 -7.61 -5.45
C THR A 43 -10.82 -6.99 -6.26
N VAL A 44 -9.90 -6.42 -5.54
CA VAL A 44 -8.72 -5.74 -6.08
C VAL A 44 -7.53 -6.36 -5.35
N ILE A 45 -6.42 -6.56 -6.02
CA ILE A 45 -5.21 -7.04 -5.37
C ILE A 45 -4.23 -5.87 -5.35
N VAL A 46 -3.45 -5.71 -4.28
CA VAL A 46 -2.50 -4.59 -4.19
C VAL A 46 -1.11 -5.01 -3.67
N PRO A 47 -0.08 -5.03 -4.52
CA PRO A 47 1.28 -5.31 -4.06
C PRO A 47 1.94 -4.19 -3.29
N PHE A 48 2.92 -4.56 -2.48
CA PHE A 48 3.76 -3.62 -1.77
C PHE A 48 5.19 -4.12 -1.83
N ARG A 49 6.13 -3.27 -1.49
CA ARG A 49 7.52 -3.69 -1.33
C ARG A 49 8.22 -2.67 -0.44
N THR A 50 9.22 -3.14 0.29
CA THR A 50 9.98 -2.31 1.21
C THR A 50 11.01 -1.56 0.39
N VAL A 51 11.22 -0.28 0.68
CA VAL A 51 12.02 0.61 -0.12
C VAL A 51 12.89 1.29 0.89
N GLU A 52 14.16 1.09 0.72
CA GLU A 52 15.14 1.61 1.62
C GLU A 52 15.47 3.08 1.30
N GLY A 53 15.75 3.85 2.33
CA GLY A 53 16.13 5.26 2.17
C GLY A 53 17.59 5.40 2.51
N THR A 54 17.91 5.39 3.78
CA THR A 54 19.28 5.14 4.22
C THR A 54 19.18 3.86 5.04
N ALA A 55 19.73 2.79 4.50
CA ALA A 55 19.67 1.45 5.09
C ALA A 55 20.42 0.53 4.13
N LYS A 56 20.72 -0.70 4.55
CA LYS A 56 21.34 -1.69 3.66
C LYS A 56 20.26 -2.50 2.93
N GLY A 57 19.13 -2.72 3.59
CA GLY A 57 18.02 -3.47 2.99
C GLY A 57 18.24 -4.97 2.95
N GLY A 58 17.51 -5.66 2.08
CA GLY A 58 17.69 -7.09 1.92
C GLY A 58 17.25 -7.91 3.11
N GLY A 59 18.21 -8.44 3.84
CA GLY A 59 17.97 -9.15 5.10
C GLY A 59 18.75 -8.52 6.23
N GLU A 60 19.28 -7.33 5.98
CA GLU A 60 20.33 -6.76 6.84
C GLU A 60 19.84 -5.80 7.94
N ASP A 61 19.24 -4.67 7.57
CA ASP A 61 18.69 -3.74 8.58
C ASP A 61 17.24 -4.13 8.89
N PHE A 62 16.57 -4.60 7.86
CA PHE A 62 15.20 -5.02 7.90
C PHE A 62 15.05 -5.83 6.64
N GLU A 63 13.98 -6.57 6.53
CA GLU A 63 13.78 -7.40 5.36
C GLU A 63 13.16 -6.66 4.19
N ASP A 64 13.58 -7.03 2.98
CA ASP A 64 12.92 -6.60 1.75
C ASP A 64 11.66 -7.41 1.67
N ALA A 65 10.66 -6.86 2.28
CA ALA A 65 9.40 -7.51 2.44
C ALA A 65 8.45 -6.99 1.36
N TYR A 66 8.07 -7.90 0.49
CA TYR A 66 7.18 -7.57 -0.61
C TYR A 66 6.18 -8.70 -0.79
N GLY A 67 4.98 -8.35 -1.20
CA GLY A 67 3.94 -9.34 -1.40
C GLY A 67 2.71 -8.68 -1.97
N GLU A 68 1.62 -9.43 -2.11
CA GLU A 68 0.37 -8.88 -2.61
C GLU A 68 -0.72 -8.99 -1.56
N LEU A 69 -1.57 -7.99 -1.52
CA LEU A 69 -2.64 -7.92 -0.54
C LEU A 69 -4.00 -8.06 -1.22
N GLU A 70 -4.75 -9.06 -0.82
CA GLU A 70 -6.11 -9.24 -1.29
C GLU A 70 -7.01 -8.22 -0.61
N PHE A 71 -7.69 -7.43 -1.42
CA PHE A 71 -8.64 -6.42 -0.94
C PHE A 71 -10.00 -6.71 -1.58
N LYS A 72 -11.06 -6.67 -0.79
CA LYS A 72 -12.41 -6.94 -1.28
C LYS A 72 -13.34 -5.90 -0.74
N ASN A 73 -14.61 -6.01 -1.07
CA ASN A 73 -15.64 -5.06 -0.65
C ASN A 73 -15.60 -4.67 0.84
N ASP A 74 -15.75 -5.63 1.75
CA ASP A 74 -15.73 -5.39 3.21
C ASP A 74 -14.31 -5.33 3.77
N GLU A 75 -13.45 -6.06 3.08
CA GLU A 75 -12.00 -6.26 3.38
C GLU A 75 -11.10 -5.04 3.33
N THR A 76 -11.69 -3.87 3.37
CA THR A 76 -11.00 -2.61 3.09
C THR A 76 -10.02 -2.20 4.18
N VAL A 77 -9.72 -3.12 5.08
CA VAL A 77 -8.70 -2.89 6.10
C VAL A 77 -7.70 -4.02 5.97
N LYS A 78 -6.45 -3.68 5.72
CA LYS A 78 -5.39 -4.67 5.57
C LYS A 78 -4.13 -4.09 6.13
N THR A 79 -3.10 -4.89 6.24
CA THR A 79 -1.85 -4.46 6.81
C THR A 79 -0.68 -5.03 6.04
N ILE A 80 0.46 -4.39 6.17
CA ILE A 80 1.72 -4.85 5.58
C ILE A 80 2.64 -5.06 6.74
N ARG A 81 3.30 -6.20 6.76
CA ARG A 81 4.26 -6.55 7.80
C ARG A 81 5.67 -6.64 7.23
N VAL A 82 6.63 -6.06 7.93
CA VAL A 82 8.05 -6.10 7.52
C VAL A 82 8.86 -6.42 8.77
N LYS A 83 9.71 -7.45 8.71
CA LYS A 83 10.54 -7.79 9.88
C LYS A 83 11.68 -6.78 9.99
N ILE A 84 11.95 -6.33 11.20
CA ILE A 84 13.11 -5.48 11.46
C ILE A 84 14.17 -6.47 11.93
N VAL A 85 15.35 -6.41 11.35
CA VAL A 85 16.42 -7.37 11.62
C VAL A 85 17.17 -6.89 12.86
N ASP A 86 17.59 -7.84 13.67
CA ASP A 86 18.11 -7.60 15.01
C ASP A 86 19.48 -8.26 15.23
N GLU A 87 20.19 -7.75 16.26
CA GLU A 87 21.54 -8.19 16.69
C GLU A 87 22.72 -7.93 15.74
N GLU A 88 22.50 -7.92 14.43
CA GLU A 88 23.58 -7.71 13.44
C GLU A 88 23.94 -6.22 13.23
N GLU A 89 24.34 -5.55 14.31
CA GLU A 89 24.75 -4.12 14.31
C GLU A 89 23.59 -3.18 13.88
N TYR A 90 23.90 -1.90 13.63
CA TYR A 90 22.90 -0.88 13.29
C TYR A 90 23.64 0.32 12.70
N GLU A 91 22.93 1.32 12.20
CA GLU A 91 23.57 2.54 11.69
C GLU A 91 22.84 3.82 12.13
N ARG A 92 22.97 4.14 13.43
CA ARG A 92 22.49 5.41 14.04
C ARG A 92 20.97 5.65 14.06
N GLN A 93 20.32 5.59 12.91
CA GLN A 93 18.88 5.84 12.75
C GLN A 93 18.59 5.45 11.32
N GLU A 94 17.89 4.35 11.12
CA GLU A 94 17.60 3.87 9.79
C GLU A 94 16.30 4.51 9.33
N ASN A 95 16.16 4.70 8.03
CA ASN A 95 14.99 5.34 7.43
C ASN A 95 14.64 4.52 6.22
N PHE A 96 13.41 4.06 6.18
CA PHE A 96 12.92 3.30 5.03
C PHE A 96 11.43 3.52 4.91
N PHE A 97 10.85 3.07 3.82
CA PHE A 97 9.43 3.25 3.58
C PHE A 97 8.93 2.05 2.80
N ILE A 98 7.62 1.93 2.63
CA ILE A 98 7.06 0.82 1.86
C ILE A 98 6.09 1.44 0.88
N ALA A 99 6.34 1.24 -0.40
CA ALA A 99 5.49 1.81 -1.43
C ALA A 99 4.65 0.69 -2.02
N LEU A 100 3.48 1.05 -2.50
CA LEU A 100 2.60 0.10 -3.15
C LEU A 100 2.94 0.05 -4.62
N GLY A 101 2.78 -1.11 -5.22
CA GLY A 101 3.08 -1.29 -6.64
C GLY A 101 2.02 -0.60 -7.50
N GLU A 102 0.91 -1.27 -7.71
CA GLU A 102 -0.21 -0.71 -8.44
C GLU A 102 -1.42 -1.54 -8.04
N PRO A 103 -2.52 -0.89 -7.67
CA PRO A 103 -3.71 -1.70 -7.38
C PRO A 103 -4.29 -2.29 -8.68
N LYS A 104 -4.55 -3.58 -8.69
CA LYS A 104 -5.05 -4.26 -9.90
C LYS A 104 -6.36 -4.92 -9.56
N TRP A 105 -7.33 -4.82 -10.44
CA TRP A 105 -8.67 -5.35 -10.16
C TRP A 105 -8.70 -6.81 -10.46
N MET A 106 -8.80 -7.65 -9.43
CA MET A 106 -9.16 -8.98 -9.76
C MET A 106 -10.40 -9.46 -9.05
N GLU A 107 -11.43 -9.03 -9.67
CA GLU A 107 -12.71 -9.66 -9.80
C GLU A 107 -13.15 -9.09 -11.09
N ARG A 108 -13.00 -9.55 -12.31
CA ARG A 108 -13.58 -8.83 -13.51
C ARG A 108 -12.85 -9.35 -14.72
N GLY A 109 -11.53 -9.38 -14.63
CA GLY A 109 -10.72 -9.78 -15.76
C GLY A 109 -10.81 -8.73 -16.85
N ILE A 110 -10.53 -7.49 -16.47
CA ILE A 110 -10.66 -6.36 -17.37
C ILE A 110 -9.88 -6.62 -18.68
N SER A 111 -10.63 -6.68 -19.76
CA SER A 111 -10.10 -6.88 -21.10
C SER A 111 -11.04 -6.08 -21.97
N GLU A 112 -10.59 -5.65 -23.14
CA GLU A 112 -11.43 -4.80 -23.99
C GLU A 112 -12.52 -5.64 -24.64
N VAL A 113 -13.75 -5.16 -24.56
CA VAL A 113 -14.88 -5.86 -25.17
C VAL A 113 -14.94 -5.42 -26.63
N THR A 114 -14.97 -6.37 -27.55
CA THR A 114 -14.91 -6.09 -28.97
C THR A 114 -16.16 -5.36 -29.50
N ASP A 115 -17.29 -5.51 -28.83
CA ASP A 115 -18.51 -4.82 -29.25
C ASP A 115 -19.26 -4.23 -28.04
N ARG A 116 -19.16 -2.92 -27.91
CA ARG A 116 -19.87 -2.16 -26.87
C ARG A 116 -20.64 -1.04 -27.56
N LYS A 117 -21.15 -1.36 -28.75
CA LYS A 117 -21.97 -0.44 -29.54
C LYS A 117 -23.24 -0.10 -28.76
N LEU A 118 -23.35 1.14 -28.34
CA LEU A 118 -24.38 1.60 -27.42
C LEU A 118 -24.71 3.03 -27.83
N THR A 119 -25.66 3.66 -27.13
CA THR A 119 -25.87 5.10 -27.32
C THR A 119 -24.58 5.76 -26.88
N VAL A 120 -24.27 6.87 -27.51
CA VAL A 120 -22.95 7.44 -27.45
C VAL A 120 -22.49 7.80 -26.04
N GLU A 121 -23.42 8.06 -25.13
CA GLU A 121 -23.06 8.29 -23.74
C GLU A 121 -22.49 7.03 -23.14
N GLU A 122 -23.18 5.92 -23.40
CA GLU A 122 -22.84 4.63 -22.82
C GLU A 122 -21.68 3.98 -23.52
N GLU A 123 -21.42 4.38 -24.75
CA GLU A 123 -20.32 3.82 -25.50
C GLU A 123 -19.00 4.07 -24.79
N GLU A 124 -18.82 5.26 -24.23
CA GLU A 124 -17.69 5.47 -23.34
C GLU A 124 -18.04 5.11 -21.90
N ALA A 125 -19.18 5.55 -21.38
CA ALA A 125 -19.46 5.39 -19.96
C ALA A 125 -19.48 3.93 -19.51
N LYS A 126 -20.10 3.05 -20.27
CA LYS A 126 -20.14 1.64 -19.90
C LYS A 126 -18.75 1.04 -20.07
N ARG A 127 -18.04 1.45 -21.10
CA ARG A 127 -16.69 0.95 -21.33
C ARG A 127 -15.76 1.36 -20.20
N ILE A 128 -15.82 2.60 -19.78
CA ILE A 128 -15.02 3.11 -18.66
C ILE A 128 -15.41 2.39 -17.37
N ALA A 129 -16.71 2.18 -17.18
CA ALA A 129 -17.22 1.49 -16.00
C ALA A 129 -16.72 0.04 -15.96
N GLU A 130 -16.61 -0.57 -17.13
CA GLU A 130 -16.08 -1.93 -17.23
C GLU A 130 -14.59 -1.94 -16.96
N MET A 131 -13.88 -0.83 -17.18
CA MET A 131 -12.47 -0.82 -16.83
C MET A 131 -12.34 -0.71 -15.34
N GLY A 132 -13.17 0.15 -14.75
CA GLY A 132 -13.41 0.20 -13.30
C GLY A 132 -12.20 0.45 -12.41
N LYS A 133 -11.05 0.55 -13.03
CA LYS A 133 -9.77 0.37 -12.38
C LYS A 133 -9.39 1.37 -11.29
N PRO A 134 -8.78 0.86 -10.20
CA PRO A 134 -8.36 1.71 -9.08
C PRO A 134 -7.07 2.46 -9.38
N VAL A 135 -6.77 3.41 -8.53
CA VAL A 135 -5.52 4.19 -8.62
C VAL A 135 -4.90 4.41 -7.23
N LEU A 136 -3.65 4.86 -7.21
CA LEU A 136 -2.94 5.13 -5.95
C LEU A 136 -3.46 6.43 -5.32
N GLY A 137 -3.32 6.53 -4.01
CA GLY A 137 -3.79 7.71 -3.28
C GLY A 137 -2.79 8.81 -2.99
N GLU A 138 -3.17 9.60 -2.01
CA GLU A 138 -2.39 10.74 -1.52
C GLU A 138 -1.07 10.28 -0.89
N HIS A 139 -1.13 9.24 -0.08
CA HIS A 139 0.09 8.68 0.54
C HIS A 139 0.05 7.15 0.58
N PRO A 140 0.31 6.49 -0.56
CA PRO A 140 0.43 5.02 -0.67
C PRO A 140 1.79 4.53 -0.17
N LYS A 141 2.33 5.25 0.81
CA LYS A 141 3.63 4.98 1.37
C LYS A 141 3.65 5.55 2.77
N LEU A 142 4.42 4.93 3.65
CA LEU A 142 4.58 5.37 5.02
C LEU A 142 6.07 5.33 5.30
N GLU A 143 6.60 6.44 5.78
CA GLU A 143 8.02 6.57 6.06
C GLU A 143 8.31 6.18 7.51
N VAL A 144 9.24 5.27 7.73
CA VAL A 144 9.52 4.71 9.05
C VAL A 144 10.94 5.01 9.43
N ILE A 145 11.07 5.46 10.65
CA ILE A 145 12.35 5.77 11.25
C ILE A 145 12.53 4.69 12.29
N ILE A 146 13.69 4.04 12.30
CA ILE A 146 14.01 3.06 13.33
C ILE A 146 14.82 3.81 14.38
N GLU A 147 14.34 3.80 15.62
CA GLU A 147 14.85 4.67 16.68
C GLU A 147 14.34 4.10 18.02
N GLU A 148 14.81 4.63 19.15
CA GLU A 148 14.30 4.26 20.48
C GLU A 148 12.91 4.93 20.72
N SER A 149 11.97 4.68 19.81
CA SER A 149 10.66 5.31 19.88
C SER A 149 9.57 4.39 19.31
N TYR A 150 8.33 4.67 19.69
CA TYR A 150 7.18 3.95 19.16
C TYR A 150 6.14 5.02 18.84
N GLU A 151 5.59 4.95 17.65
CA GLU A 151 4.66 5.96 17.17
C GLU A 151 3.23 5.80 17.69
N PHE A 152 2.62 6.90 18.09
CA PHE A 152 1.22 6.91 18.49
C PHE A 152 0.52 8.06 17.78
N LYS A 153 -0.54 7.74 17.04
CA LYS A 153 -1.29 8.74 16.27
C LYS A 153 -2.77 8.46 16.50
N SER A 154 -3.60 9.48 16.41
CA SER A 154 -5.04 9.35 16.61
C SER A 154 -5.72 10.54 15.95
N THR A 155 -7.04 10.52 15.91
CA THR A 155 -7.83 11.61 15.35
C THR A 155 -9.15 11.60 16.11
N VAL A 156 -9.96 12.63 15.92
CA VAL A 156 -11.29 12.73 16.53
C VAL A 156 -12.23 13.11 15.40
N ASP A 157 -13.53 13.00 15.64
CA ASP A 157 -14.55 13.41 14.68
C ASP A 157 -14.68 14.93 14.70
N HIS A 10 -16.45 1.11 -10.37
CA HIS A 10 -15.05 1.54 -10.26
C HIS A 10 -14.42 0.80 -9.09
N ALA A 11 -13.10 0.82 -9.02
CA ALA A 11 -12.37 0.30 -7.87
C ALA A 11 -11.98 1.50 -6.99
N GLY A 12 -11.55 1.24 -5.76
CA GLY A 12 -11.23 2.32 -4.84
C GLY A 12 -9.79 2.82 -4.87
N ILE A 13 -9.57 3.94 -4.20
CA ILE A 13 -8.23 4.49 -3.98
C ILE A 13 -7.68 3.78 -2.75
N PHE A 14 -6.39 3.47 -2.77
CA PHE A 14 -5.72 2.84 -1.63
C PHE A 14 -4.63 3.73 -1.12
N THR A 15 -4.56 3.86 0.20
CA THR A 15 -3.64 4.79 0.83
C THR A 15 -3.36 4.28 2.23
N PHE A 16 -2.31 4.77 2.86
CA PHE A 16 -1.95 4.36 4.21
C PHE A 16 -2.46 5.38 5.20
N GLU A 17 -2.37 5.03 6.47
CA GLU A 17 -2.80 5.88 7.58
C GLU A 17 -2.04 7.19 7.66
N CYS A 18 -0.72 7.10 7.59
CA CYS A 18 0.15 8.25 7.77
C CYS A 18 1.25 8.15 6.74
N ASP A 19 2.11 9.15 6.71
CA ASP A 19 3.27 9.17 5.81
C ASP A 19 4.57 9.30 6.61
N THR A 20 4.49 9.27 7.94
CA THR A 20 5.65 9.34 8.81
C THR A 20 5.35 8.46 10.03
N ILE A 21 6.30 7.62 10.40
CA ILE A 21 6.21 6.68 11.53
C ILE A 21 7.62 6.45 12.09
N HIS A 22 7.70 5.97 13.32
CA HIS A 22 8.96 5.59 13.95
C HIS A 22 8.79 4.19 14.50
N VAL A 23 9.76 3.33 14.26
CA VAL A 23 9.80 2.02 14.94
C VAL A 23 11.14 1.87 15.63
N SER A 24 11.20 0.94 16.55
CA SER A 24 12.43 0.51 17.20
C SER A 24 12.62 -0.88 16.67
N GLU A 25 13.84 -1.35 16.61
CA GLU A 25 14.16 -2.72 16.19
C GLU A 25 13.44 -3.74 17.07
N SER A 26 13.29 -3.40 18.34
CA SER A 26 12.67 -4.26 19.35
C SER A 26 11.19 -4.54 19.06
N ILE A 27 10.62 -3.86 18.08
CA ILE A 27 9.24 -4.11 17.68
C ILE A 27 9.13 -5.48 17.01
N GLY A 28 10.22 -5.96 16.42
CA GLY A 28 10.19 -7.25 15.75
C GLY A 28 9.69 -7.17 14.33
N VAL A 29 8.48 -6.66 14.16
CA VAL A 29 7.89 -6.50 12.84
C VAL A 29 6.96 -5.29 12.83
N MET A 30 7.22 -4.39 11.90
CA MET A 30 6.45 -3.16 11.75
C MET A 30 5.20 -3.46 10.93
N GLU A 31 4.16 -2.66 11.13
CA GLU A 31 2.97 -2.78 10.31
C GLU A 31 2.48 -1.46 9.76
N VAL A 32 2.03 -1.55 8.53
CA VAL A 32 1.39 -0.47 7.84
C VAL A 32 -0.03 -0.92 7.70
N LYS A 33 -1.00 -0.09 8.05
CA LYS A 33 -2.40 -0.42 7.80
C LYS A 33 -2.79 0.28 6.52
N VAL A 34 -3.38 -0.48 5.62
CA VAL A 34 -3.80 0.05 4.33
C VAL A 34 -5.32 0.25 4.34
N LEU A 35 -5.74 1.47 4.03
CA LEU A 35 -7.14 1.83 4.00
C LEU A 35 -7.55 2.06 2.56
N ARG A 36 -8.84 2.05 2.29
CA ARG A 36 -9.35 2.21 0.94
C ARG A 36 -10.62 3.07 0.98
N THR A 37 -10.84 3.92 -0.03
CA THR A 37 -12.08 4.72 -0.13
C THR A 37 -13.24 3.79 -0.44
N SER A 38 -14.48 4.22 -0.25
CA SER A 38 -15.68 3.38 -0.47
C SER A 38 -15.93 2.83 -1.90
N GLY A 39 -14.90 2.78 -2.72
CA GLY A 39 -14.99 2.31 -4.09
C GLY A 39 -14.72 0.83 -4.29
N ALA A 40 -14.74 0.01 -3.25
CA ALA A 40 -14.45 -1.44 -3.41
C ALA A 40 -15.63 -2.21 -4.00
N ARG A 41 -15.90 -1.96 -5.26
CA ARG A 41 -16.91 -2.69 -5.98
C ARG A 41 -16.21 -3.95 -6.47
N GLY A 42 -16.23 -4.99 -5.67
CA GLY A 42 -15.50 -6.20 -6.02
C GLY A 42 -14.20 -6.37 -5.27
N THR A 43 -13.30 -7.13 -5.88
CA THR A 43 -12.01 -7.49 -5.29
C THR A 43 -10.89 -6.84 -6.08
N VAL A 44 -9.98 -6.27 -5.35
CA VAL A 44 -8.80 -5.59 -5.87
C VAL A 44 -7.58 -6.22 -5.19
N ILE A 45 -6.49 -6.41 -5.92
CA ILE A 45 -5.25 -6.92 -5.34
C ILE A 45 -4.23 -5.78 -5.38
N VAL A 46 -3.41 -5.63 -4.34
CA VAL A 46 -2.42 -4.55 -4.29
C VAL A 46 -1.05 -5.03 -3.78
N PRO A 47 0.00 -5.00 -4.63
CA PRO A 47 1.35 -5.29 -4.15
C PRO A 47 1.99 -4.19 -3.35
N PHE A 48 2.97 -4.58 -2.54
CA PHE A 48 3.80 -3.66 -1.80
C PHE A 48 5.21 -4.17 -1.83
N ARG A 49 6.17 -3.33 -1.44
CA ARG A 49 7.54 -3.78 -1.27
C ARG A 49 8.17 -2.81 -0.31
N THR A 50 9.19 -3.25 0.39
CA THR A 50 9.89 -2.42 1.34
C THR A 50 10.85 -1.62 0.49
N VAL A 51 10.79 -0.31 0.61
CA VAL A 51 11.65 0.59 -0.14
C VAL A 51 12.65 1.09 0.88
N GLU A 52 13.82 0.56 0.78
CA GLU A 52 14.91 0.92 1.64
C GLU A 52 15.50 2.25 1.18
N GLY A 53 15.91 3.07 2.15
CA GLY A 53 16.56 4.34 1.86
C GLY A 53 18.01 4.08 1.54
N THR A 54 18.87 4.17 2.55
CA THR A 54 20.23 3.66 2.42
C THR A 54 20.29 2.56 3.47
N ALA A 55 20.34 1.30 3.06
CA ALA A 55 20.27 0.23 4.05
C ALA A 55 20.91 -1.01 3.49
N LYS A 56 21.14 -1.98 4.36
CA LYS A 56 21.71 -3.25 3.96
C LYS A 56 20.67 -4.10 3.21
N GLY A 57 19.40 -3.89 3.54
CA GLY A 57 18.32 -4.65 2.94
C GLY A 57 18.40 -6.14 3.15
N GLY A 58 17.71 -6.90 2.31
CA GLY A 58 17.76 -8.34 2.36
C GLY A 58 17.15 -8.91 3.62
N GLY A 59 18.02 -9.44 4.47
CA GLY A 59 17.64 -9.92 5.79
C GLY A 59 18.45 -9.22 6.87
N GLU A 60 19.17 -8.17 6.48
CA GLU A 60 20.15 -7.52 7.36
C GLU A 60 19.67 -6.29 8.16
N ASP A 61 19.18 -5.26 7.48
CA ASP A 61 18.74 -4.03 8.18
C ASP A 61 17.31 -4.24 8.65
N PHE A 62 16.61 -4.95 7.80
CA PHE A 62 15.22 -5.30 7.99
C PHE A 62 14.99 -6.21 6.81
N GLU A 63 13.89 -6.92 6.81
CA GLU A 63 13.60 -7.81 5.69
C GLU A 63 13.10 -7.07 4.44
N ASP A 64 13.51 -7.57 3.28
CA ASP A 64 12.95 -7.14 1.99
C ASP A 64 11.55 -7.72 1.91
N ALA A 65 10.61 -7.02 2.48
CA ALA A 65 9.26 -7.51 2.62
C ALA A 65 8.36 -7.04 1.49
N TYR A 66 8.06 -7.94 0.58
CA TYR A 66 7.19 -7.63 -0.55
C TYR A 66 6.19 -8.74 -0.78
N GLY A 67 5.00 -8.38 -1.24
CA GLY A 67 3.99 -9.37 -1.53
C GLY A 67 2.77 -8.70 -2.09
N GLU A 68 1.69 -9.45 -2.26
CA GLU A 68 0.41 -8.90 -2.71
C GLU A 68 -0.62 -9.10 -1.63
N LEU A 69 -1.53 -8.13 -1.55
CA LEU A 69 -2.60 -8.13 -0.57
C LEU A 69 -3.89 -8.13 -1.33
N GLU A 70 -4.80 -9.03 -1.00
CA GLU A 70 -6.11 -9.00 -1.61
C GLU A 70 -7.02 -8.17 -0.71
N PHE A 71 -7.83 -7.35 -1.36
CA PHE A 71 -8.80 -6.51 -0.68
C PHE A 71 -10.14 -6.86 -1.31
N LYS A 72 -11.05 -7.38 -0.51
CA LYS A 72 -12.33 -7.88 -1.00
C LYS A 72 -13.48 -7.22 -0.27
N ASN A 73 -14.01 -6.18 -0.90
CA ASN A 73 -15.09 -5.35 -0.38
C ASN A 73 -14.92 -4.83 1.07
N ASP A 74 -15.33 -5.63 2.04
CA ASP A 74 -15.28 -5.29 3.46
C ASP A 74 -13.88 -5.51 4.07
N GLU A 75 -13.12 -6.38 3.42
CA GLU A 75 -11.71 -6.68 3.73
C GLU A 75 -10.74 -5.52 3.47
N THR A 76 -11.29 -4.32 3.34
CA THR A 76 -10.58 -3.14 2.89
C THR A 76 -9.59 -2.68 3.95
N VAL A 77 -9.66 -3.31 5.10
CA VAL A 77 -8.69 -3.08 6.16
C VAL A 77 -7.68 -4.20 6.04
N LYS A 78 -6.48 -3.87 5.64
CA LYS A 78 -5.43 -4.87 5.48
C LYS A 78 -4.14 -4.28 5.95
N THR A 79 -3.12 -5.11 6.09
CA THR A 79 -1.89 -4.67 6.66
C THR A 79 -0.66 -5.23 5.95
N ILE A 80 0.43 -4.48 6.01
CA ILE A 80 1.72 -4.89 5.47
C ILE A 80 2.65 -5.06 6.63
N ARG A 81 3.31 -6.21 6.70
CA ARG A 81 4.27 -6.51 7.76
C ARG A 81 5.69 -6.58 7.23
N VAL A 82 6.60 -5.86 7.90
CA VAL A 82 8.02 -5.87 7.54
C VAL A 82 8.85 -6.13 8.81
N LYS A 83 9.54 -7.28 8.86
CA LYS A 83 10.37 -7.59 10.04
C LYS A 83 11.54 -6.64 10.13
N ILE A 84 11.88 -6.25 11.35
CA ILE A 84 13.04 -5.41 11.61
C ILE A 84 14.06 -6.36 12.21
N VAL A 85 15.26 -6.35 11.68
CA VAL A 85 16.28 -7.33 12.05
C VAL A 85 17.13 -6.84 13.25
N ASP A 86 17.49 -7.80 14.10
CA ASP A 86 18.25 -7.58 15.34
C ASP A 86 19.76 -7.42 15.11
N GLU A 87 20.26 -6.19 15.20
CA GLU A 87 21.69 -5.89 15.07
C GLU A 87 21.98 -4.65 15.95
N GLU A 88 23.23 -4.44 16.31
CA GLU A 88 23.63 -3.25 17.08
C GLU A 88 23.90 -2.11 16.09
N GLU A 89 24.24 -2.50 14.87
CA GLU A 89 24.56 -1.60 13.76
C GLU A 89 25.77 -0.67 14.01
N TYR A 90 26.15 0.09 12.98
CA TYR A 90 27.41 0.80 12.96
C TYR A 90 27.33 2.18 12.29
N GLU A 91 26.23 2.45 11.61
CA GLU A 91 26.10 3.65 10.76
C GLU A 91 25.30 4.82 11.41
N ARG A 92 23.98 4.83 11.30
CA ARG A 92 23.15 6.00 11.66
C ARG A 92 21.71 5.61 11.97
N GLN A 93 20.92 6.62 12.35
CA GLN A 93 19.47 6.55 12.27
C GLN A 93 19.13 6.30 10.80
N GLU A 94 18.36 5.26 10.53
CA GLU A 94 18.03 4.92 9.15
C GLU A 94 16.55 5.17 8.86
N ASN A 95 16.23 5.26 7.59
CA ASN A 95 14.93 5.63 7.09
C ASN A 95 14.57 4.67 5.95
N PHE A 96 13.42 4.05 6.07
CA PHE A 96 12.94 3.14 5.04
C PHE A 96 11.45 3.32 4.97
N PHE A 97 10.85 2.94 3.87
CA PHE A 97 9.44 3.20 3.64
C PHE A 97 8.85 2.02 2.92
N ILE A 98 7.54 1.96 2.75
CA ILE A 98 6.93 0.87 1.99
C ILE A 98 5.99 1.49 0.97
N ALA A 99 6.25 1.30 -0.31
CA ALA A 99 5.41 1.87 -1.36
C ALA A 99 4.61 0.74 -2.00
N LEU A 100 3.36 0.98 -2.38
CA LEU A 100 2.60 -0.01 -3.11
C LEU A 100 3.05 0.01 -4.57
N GLY A 101 2.92 -1.13 -5.23
CA GLY A 101 3.24 -1.24 -6.65
C GLY A 101 2.22 -0.51 -7.48
N GLU A 102 1.11 -1.18 -7.74
CA GLU A 102 -0.03 -0.57 -8.42
C GLU A 102 -1.24 -1.40 -8.02
N PRO A 103 -2.32 -0.75 -7.58
CA PRO A 103 -3.51 -1.55 -7.27
C PRO A 103 -4.14 -2.07 -8.56
N LYS A 104 -4.64 -3.29 -8.55
CA LYS A 104 -5.20 -3.93 -9.75
C LYS A 104 -6.52 -4.58 -9.39
N TRP A 105 -7.51 -4.46 -10.23
CA TRP A 105 -8.85 -4.99 -9.93
C TRP A 105 -8.86 -6.44 -10.30
N MET A 106 -8.92 -7.33 -9.32
CA MET A 106 -9.27 -8.66 -9.72
C MET A 106 -10.48 -9.21 -9.02
N GLU A 107 -11.53 -8.76 -9.59
CA GLU A 107 -12.80 -9.42 -9.74
C GLU A 107 -13.33 -8.76 -10.98
N ARG A 108 -13.22 -9.14 -12.25
CA ARG A 108 -13.95 -8.36 -13.33
C ARG A 108 -13.58 -8.79 -14.74
N GLY A 109 -12.30 -8.80 -15.04
CA GLY A 109 -11.86 -9.04 -16.41
C GLY A 109 -11.82 -7.75 -17.20
N ILE A 110 -10.92 -6.89 -16.79
CA ILE A 110 -10.73 -5.58 -17.40
C ILE A 110 -10.40 -5.75 -18.89
N SER A 111 -11.17 -5.06 -19.72
CA SER A 111 -11.00 -5.05 -21.19
C SER A 111 -11.10 -6.41 -21.89
N GLU A 112 -11.65 -7.42 -21.22
CA GLU A 112 -11.86 -8.71 -21.86
C GLU A 112 -12.96 -8.55 -22.91
N VAL A 113 -12.81 -9.29 -24.01
CA VAL A 113 -13.77 -9.30 -25.13
C VAL A 113 -13.98 -7.90 -25.72
N THR A 114 -13.18 -7.56 -26.72
CA THR A 114 -13.31 -6.29 -27.41
C THR A 114 -14.55 -6.27 -28.31
N ASP A 115 -15.16 -7.43 -28.48
CA ASP A 115 -16.36 -7.60 -29.33
C ASP A 115 -17.65 -7.25 -28.58
N ARG A 116 -17.52 -6.59 -27.44
CA ARG A 116 -18.69 -6.15 -26.67
C ARG A 116 -19.28 -4.88 -27.28
N LYS A 117 -19.95 -5.06 -28.40
CA LYS A 117 -20.60 -3.94 -29.08
C LYS A 117 -21.74 -3.43 -28.21
N LEU A 118 -21.79 -2.12 -28.04
CA LEU A 118 -22.79 -1.45 -27.21
C LEU A 118 -23.27 -0.26 -28.03
N THR A 119 -24.15 0.55 -27.47
CA THR A 119 -24.51 1.82 -28.09
C THR A 119 -23.26 2.68 -28.02
N VAL A 120 -23.18 3.66 -28.91
CA VAL A 120 -21.92 4.30 -29.20
C VAL A 120 -21.37 5.09 -28.03
N GLU A 121 -22.25 5.50 -27.14
CA GLU A 121 -21.85 6.19 -25.92
C GLU A 121 -21.16 5.22 -25.00
N GLU A 122 -21.80 4.07 -24.82
CA GLU A 122 -21.33 3.03 -23.93
C GLU A 122 -20.11 2.32 -24.47
N GLU A 123 -19.93 2.36 -25.78
CA GLU A 123 -18.84 1.64 -26.42
C GLU A 123 -17.51 2.00 -25.78
N GLU A 124 -17.24 3.28 -25.56
CA GLU A 124 -16.13 3.63 -24.67
C GLU A 124 -16.59 3.74 -23.19
N ALA A 125 -17.66 4.48 -22.91
CA ALA A 125 -17.96 4.85 -21.53
C ALA A 125 -18.19 3.66 -20.57
N LYS A 126 -19.01 2.71 -21.01
CA LYS A 126 -19.27 1.52 -20.18
C LYS A 126 -18.01 0.70 -20.13
N ARG A 127 -17.30 0.60 -21.24
CA ARG A 127 -16.07 -0.17 -21.30
C ARG A 127 -15.04 0.35 -20.31
N ILE A 128 -14.82 1.65 -20.30
CA ILE A 128 -13.88 2.29 -19.37
C ILE A 128 -14.30 2.04 -17.91
N ALA A 129 -15.59 2.15 -17.64
CA ALA A 129 -16.08 1.92 -16.28
C ALA A 129 -15.82 0.47 -15.85
N GLU A 130 -15.94 -0.45 -16.80
CA GLU A 130 -15.66 -1.87 -16.54
C GLU A 130 -14.16 -2.15 -16.49
N MET A 131 -13.31 -1.26 -17.00
CA MET A 131 -11.88 -1.45 -16.82
C MET A 131 -11.56 -1.15 -15.37
N GLY A 132 -12.20 -0.10 -14.84
CA GLY A 132 -12.24 0.14 -13.40
C GLY A 132 -10.92 0.29 -12.69
N LYS A 133 -9.84 0.52 -13.41
CA LYS A 133 -8.50 0.46 -12.84
C LYS A 133 -8.30 1.40 -11.65
N PRO A 134 -8.01 0.86 -10.46
CA PRO A 134 -7.79 1.72 -9.30
C PRO A 134 -6.48 2.46 -9.35
N VAL A 135 -6.36 3.47 -8.49
CA VAL A 135 -5.15 4.28 -8.39
C VAL A 135 -4.77 4.48 -6.92
N LEU A 136 -3.54 4.90 -6.67
CA LEU A 136 -3.05 5.18 -5.33
C LEU A 136 -3.60 6.50 -4.79
N GLY A 137 -3.52 6.65 -3.48
CA GLY A 137 -4.03 7.84 -2.81
C GLY A 137 -3.01 8.91 -2.52
N GLU A 138 -3.32 9.70 -1.51
CA GLU A 138 -2.51 10.84 -1.10
C GLU A 138 -1.30 10.40 -0.27
N HIS A 139 -1.45 9.30 0.45
CA HIS A 139 -0.34 8.76 1.27
C HIS A 139 -0.14 7.25 1.05
N PRO A 140 0.20 6.82 -0.17
CA PRO A 140 0.41 5.39 -0.45
C PRO A 140 1.79 4.88 0.01
N LYS A 141 2.30 5.46 1.07
CA LYS A 141 3.60 5.11 1.63
C LYS A 141 3.65 5.63 3.03
N LEU A 142 4.37 4.93 3.88
CA LEU A 142 4.57 5.32 5.26
C LEU A 142 6.07 5.36 5.42
N GLU A 143 6.61 6.49 5.84
CA GLU A 143 8.05 6.66 6.01
C GLU A 143 8.43 6.31 7.43
N VAL A 144 9.31 5.35 7.60
CA VAL A 144 9.64 4.78 8.90
C VAL A 144 11.07 5.10 9.21
N ILE A 145 11.27 5.58 10.41
CA ILE A 145 12.59 5.89 10.91
C ILE A 145 12.85 4.83 11.95
N ILE A 146 14.03 4.24 11.91
CA ILE A 146 14.41 3.26 12.90
C ILE A 146 15.07 4.06 14.05
N GLU A 147 14.22 4.41 15.02
CA GLU A 147 14.55 5.22 16.20
C GLU A 147 13.26 5.21 17.03
N GLU A 148 13.32 4.90 18.31
CA GLU A 148 12.10 4.89 19.14
C GLU A 148 11.60 6.31 19.39
N SER A 149 10.41 6.61 18.91
CA SER A 149 9.75 7.89 19.16
C SER A 149 8.27 7.68 18.88
N TYR A 150 7.41 8.47 19.51
CA TYR A 150 5.97 8.39 19.26
C TYR A 150 5.36 9.79 19.36
N GLU A 151 4.27 10.00 18.65
CA GLU A 151 3.58 11.29 18.59
C GLU A 151 2.14 11.00 18.22
N PHE A 152 1.25 11.97 18.40
CA PHE A 152 -0.16 11.79 18.03
C PHE A 152 -0.75 13.07 17.45
N LYS A 153 -1.52 12.93 16.38
CA LYS A 153 -2.21 14.05 15.74
C LYS A 153 -3.58 13.54 15.32
N SER A 154 -4.52 14.44 15.10
CA SER A 154 -5.86 14.09 14.66
C SER A 154 -6.38 15.24 13.83
N THR A 155 -7.46 15.01 13.10
CA THR A 155 -8.06 16.01 12.21
C THR A 155 -9.56 16.04 12.45
N VAL A 156 -10.26 16.81 11.63
CA VAL A 156 -11.72 16.86 11.65
C VAL A 156 -12.12 16.43 10.24
N ASP A 157 -13.35 16.00 10.05
CA ASP A 157 -13.88 15.58 8.76
C ASP A 157 -14.36 16.79 7.94
#